data_8DUN
#
_entry.id   8DUN
#
_cell.length_a   1.00
_cell.length_b   1.00
_cell.length_c   1.00
_cell.angle_alpha   90.00
_cell.angle_beta   90.00
_cell.angle_gamma   90.00
#
_symmetry.space_group_name_H-M   'P 1'
#
loop_
_entity.id
_entity.type
_entity.pdbx_description
1 polymer 'Antibody SKW11 heavy chain'
2 polymer 'Antibody SKW11 light chain'
3 polymer 'Spike glycoprotein E1'
4 polymer 'Spike glycoprotein E2'
5 branched 2-acetamido-2-deoxy-beta-D-glucopyranose-(1-4)-2-acetamido-2-deoxy-beta-D-glucopyranose
6 non-polymer 2-acetamido-2-deoxy-beta-D-glucopyranose
#
loop_
_entity_poly.entity_id
_entity_poly.type
_entity_poly.pdbx_seq_one_letter_code
_entity_poly.pdbx_strand_id
1 'polypeptide(L)'
;QVQLQESGPGLVKPSETLSLTCAVSGDSISNNYWTWIRHFPGKGLEWIGRIYGDAGSTDYNPSLKSRVTISMDLSKNQFS
LDLTSVTVADTALYYCASRTTVADNWFDVWGPGVLVTVSSASTKGPSVFPLAPSSRSTSESTAALGCLVKDYFPEPVTVS
WNSGSLTSGVHTFPAVLQSSGLYSLSSVVTVPSSSLGTQTYVCNVNHKPSNTKVDKRVEIKTCGGLEVLFQ
;
H,I,N
2 'polypeptide(L)'
;DIQMTQSPSSLSASVGDTVTITCRATQSISSLLAWYQYKPGKAPKLLIYQASSLHIGVPSRFSGSGSGTDFTLTISSLQS
EDFATYYCQQHDSRPWTFGQGTKVDIKRTVAAPSVFIFPPSEDQVKSGTVSVVCLLNNFYPREASVKWKVDGALKTGNSQ
ESVTEQDSKDNTYSLSSTLTLSSTEYQSHKVYACEVTHQGLSSPVTKSFNRGEC
;
L,M,O
3 'polypeptide(L)'
;RPTNAETFGETLNHLWFNNQPFLWAQLCIPLAALVILFRCFSCCMPFLLVAGVCLGKVDAFEHATTVPNVPGIPYKALVE
RAGYAPLNLEITVVSSELTPSTNKEYVTCRFHTVIPSPQVKCCGSLECKASSKADYTCRVFGGVYPFMWGGAQCFCDSEN
TQLSEAYVEFAPDCTIDHAVALKVHTAALKVGLRIVYGNTTAHLDTFVNGVTPGSSRDLKVIAGPISAAFSPFDHKVVIR
KGLVYNYDFPEYGAMKPGAFGDIQASSLDATDIVARTDIRLLKPSVKNIHVPYTQAVSGYEMWKNNSGRPLQETAPFGCK
IEVEPLRASNCAYGHIPISIDIPDAAFVRSSESPTILEVSCTVADCIYSADFGGSLTLQYKADREGHCPVHSHSTTAVLK
EATTHVTAVGSITLHFSTSSPQANFIVSLCGKKTTCNAECKPPADHIIGEPHKVDQEFQAAVSKTSWNWLLALFGGASSL
IVVGLIVLV
;
A,F,J
4 'polypeptide(L)'
;PYLGFCPYCRHSAPCFSPIKIENVWDESDDGSIRIQVSAQFGYNQAGTADVTKFRYMSFDHDHDIKEDSMDKIAISTSGP
CRRLGHKGYFLLAQCPPGDSVTVSITSGASENSCTVEKKIRRKFVGREEYLFPPVHGKLVKCHVYDHLKETSAGYITMHR
PGPHAYKSYLEEASGEVYIKPPSGKNVTYECKCGDYSTGIVSTRTKMNGCTKAKQCIAYKSDQTKWVFNSPDLIRHTDHS
VQGKLHIPFRLTPTVCPVPLAHTPTVTKWFKGITLHLTATRPTLLTTRKLGLRADATAEWITGTTSRNFSVGREGLEYVW
GNHEPVRVWAQESAPGDPHGWPHEIIIHYYHRHPVYTVIVLCGVALAILVGTASSAACIAKARRDCLTPYALAPNATVPT
ALAVLCCI
;
B,G,K
#
# COMPACT_ATOMS: atom_id res chain seq x y z
N GLN A 1 -6.92 -44.43 38.21
CA GLN A 1 -8.16 -43.69 38.41
C GLN A 1 -8.12 -42.89 39.71
N VAL A 2 -9.08 -41.99 39.87
CA VAL A 2 -9.13 -41.15 41.06
C VAL A 2 -10.08 -41.77 42.08
N GLN A 3 -9.59 -41.99 43.29
CA GLN A 3 -10.40 -42.53 44.37
C GLN A 3 -10.37 -41.57 45.56
N LEU A 4 -11.53 -41.39 46.18
CA LEU A 4 -11.68 -40.53 47.34
C LEU A 4 -12.22 -41.34 48.51
N GLN A 5 -11.76 -41.01 49.71
CA GLN A 5 -12.23 -41.69 50.92
C GLN A 5 -12.37 -40.66 52.03
N GLU A 6 -13.58 -40.57 52.59
CA GLU A 6 -13.85 -39.70 53.73
C GLU A 6 -13.46 -40.37 55.02
N SER A 7 -12.99 -39.57 55.99
CA SER A 7 -12.55 -40.10 57.30
C SER A 7 -12.73 -39.02 58.37
N GLY A 8 -13.89 -38.96 59.01
CA GLY A 8 -14.17 -37.94 60.03
C GLY A 8 -14.87 -38.53 61.24
N PRO A 9 -14.83 -37.87 62.43
CA PRO A 9 -15.56 -38.36 63.60
C PRO A 9 -17.08 -38.37 63.32
N GLY A 10 -17.78 -39.41 63.78
CA GLY A 10 -19.22 -39.53 63.46
C GLY A 10 -20.12 -38.84 64.46
N LEU A 11 -19.60 -38.48 65.64
CA LEU A 11 -20.46 -37.89 66.67
C LEU A 11 -19.72 -36.73 67.30
N VAL A 12 -20.20 -35.52 67.03
CA VAL A 12 -19.52 -34.29 67.55
C VAL A 12 -20.52 -33.47 68.36
N LYS A 13 -20.05 -32.84 69.44
CA LYS A 13 -20.93 -31.99 70.28
C LYS A 13 -21.31 -30.72 69.51
N PRO A 14 -22.47 -30.10 69.76
CA PRO A 14 -22.82 -28.82 69.12
C PRO A 14 -21.92 -27.68 69.62
N SER A 15 -21.81 -26.60 68.86
CA SER A 15 -20.92 -25.45 69.22
C SER A 15 -19.47 -25.93 69.31
N GLU A 16 -19.07 -26.85 68.42
CA GLU A 16 -17.66 -27.35 68.40
C GLU A 16 -17.15 -27.29 66.96
N THR A 17 -15.82 -27.17 66.80
CA THR A 17 -15.22 -27.08 65.44
C THR A 17 -15.21 -28.47 64.80
N LEU A 18 -15.92 -28.65 63.68
CA LEU A 18 -15.95 -29.92 62.97
C LEU A 18 -14.81 -29.98 61.97
N SER A 19 -14.00 -31.04 62.07
CA SER A 19 -12.86 -31.26 61.17
C SER A 19 -13.04 -32.61 60.49
N LEU A 20 -13.10 -32.61 59.16
CA LEU A 20 -13.29 -33.82 58.38
C LEU A 20 -12.21 -33.92 57.31
N THR A 21 -11.85 -35.16 56.98
CA THR A 21 -10.71 -35.45 56.13
C THR A 21 -11.11 -36.27 54.92
N CYS A 22 -10.69 -35.84 53.74
CA CYS A 22 -10.79 -36.61 52.51
C CYS A 22 -9.40 -36.72 51.88
N ALA A 23 -8.91 -37.94 51.74
CA ALA A 23 -7.63 -38.19 51.09
C ALA A 23 -7.82 -38.53 49.63
N VAL A 24 -6.84 -38.17 48.81
CA VAL A 24 -6.90 -38.35 47.36
C VAL A 24 -5.84 -39.37 46.96
N SER A 25 -6.24 -40.37 46.18
CA SER A 25 -5.32 -41.37 45.67
C SER A 25 -5.50 -41.52 44.17
N GLY A 26 -4.39 -41.79 43.48
CA GLY A 26 -4.39 -42.03 42.06
C GLY A 26 -4.14 -40.80 41.20
N ASP A 27 -4.15 -39.61 41.77
CA ASP A 27 -3.88 -38.39 41.01
C ASP A 27 -3.35 -37.33 41.95
N SER A 28 -2.67 -36.35 41.37
CA SER A 28 -2.08 -35.25 42.13
C SER A 28 -3.15 -34.29 42.63
N ILE A 29 -2.81 -33.51 43.64
CA ILE A 29 -3.78 -32.62 44.28
C ILE A 29 -3.86 -31.26 43.59
N SER A 30 -2.84 -30.89 42.81
CA SER A 30 -2.67 -29.51 42.37
C SER A 30 -3.30 -29.19 41.02
N ASN A 31 -3.94 -30.14 40.36
CA ASN A 31 -4.45 -29.92 39.01
C ASN A 31 -5.93 -30.29 38.86
N ASN A 32 -6.71 -30.19 39.94
CA ASN A 32 -8.13 -30.51 39.87
C ASN A 32 -8.83 -29.71 40.96
N TYR A 33 -10.12 -29.45 40.75
CA TYR A 33 -10.96 -28.80 41.73
C TYR A 33 -11.43 -29.82 42.75
N TRP A 34 -11.47 -29.40 44.01
CA TRP A 34 -11.77 -30.28 45.14
C TRP A 34 -12.93 -29.70 45.92
N THR A 35 -13.92 -30.54 46.22
CA THR A 35 -15.25 -30.08 46.58
C THR A 35 -15.82 -30.89 47.75
N TRP A 36 -16.45 -30.20 48.69
CA TRP A 36 -17.22 -30.82 49.77
C TRP A 36 -18.71 -30.65 49.51
N ILE A 37 -19.48 -31.72 49.72
CA ILE A 37 -20.92 -31.72 49.52
C ILE A 37 -21.58 -32.40 50.72
N ARG A 38 -22.60 -31.75 51.29
CA ARG A 38 -23.38 -32.27 52.41
C ARG A 38 -24.70 -32.84 51.90
N HIS A 39 -25.32 -33.72 52.70
CA HIS A 39 -26.62 -34.34 52.31
C HIS A 39 -27.39 -34.75 53.56
N PHE A 40 -28.17 -33.82 54.13
CA PHE A 40 -28.95 -34.11 55.35
C PHE A 40 -29.99 -35.20 55.06
N PRO A 41 -30.16 -36.20 55.96
CA PRO A 41 -31.20 -37.22 55.77
C PRO A 41 -32.60 -36.59 55.84
N GLY A 42 -33.50 -37.03 54.96
CA GLY A 42 -34.87 -36.46 54.92
C GLY A 42 -34.88 -35.14 54.17
N LYS A 43 -33.75 -34.76 53.56
CA LYS A 43 -33.66 -33.50 52.79
C LYS A 43 -32.86 -33.77 51.50
N GLY A 44 -32.19 -32.76 50.95
CA GLY A 44 -31.41 -32.96 49.75
C GLY A 44 -29.99 -32.47 49.91
N LEU A 45 -29.27 -32.48 48.79
CA LEU A 45 -27.87 -32.06 48.75
C LEU A 45 -27.77 -30.54 48.85
N GLU A 46 -26.65 -30.06 49.37
CA GLU A 46 -26.40 -28.63 49.50
C GLU A 46 -24.90 -28.38 49.30
N TRP A 47 -24.57 -27.23 48.73
CA TRP A 47 -23.19 -26.87 48.46
C TRP A 47 -22.49 -26.46 49.76
N ILE A 48 -21.21 -26.79 49.88
CA ILE A 48 -20.38 -26.31 50.98
C ILE A 48 -19.32 -25.32 50.50
N GLY A 49 -18.44 -25.76 49.62
CA GLY A 49 -17.36 -24.92 49.14
C GLY A 49 -16.43 -25.72 48.26
N ARG A 50 -15.41 -25.04 47.75
CA ARG A 50 -14.43 -25.70 46.90
C ARG A 50 -13.07 -25.00 47.05
N ILE A 51 -12.03 -25.72 46.66
CA ILE A 51 -10.67 -25.20 46.66
C ILE A 51 -10.00 -25.63 45.34
N TYR A 52 -9.06 -24.84 44.87
CA TYR A 52 -8.21 -25.20 43.74
C TYR A 52 -6.85 -25.63 44.29
N GLY A 53 -6.17 -26.51 43.55
CA GLY A 53 -5.01 -27.20 44.12
C GLY A 53 -3.79 -26.32 44.28
N ASP A 54 -3.19 -25.90 43.15
CA ASP A 54 -1.94 -25.16 43.20
C ASP A 54 -2.11 -23.67 43.50
N ALA A 55 -3.35 -23.18 43.58
CA ALA A 55 -3.61 -21.77 43.82
C ALA A 55 -4.18 -21.49 45.20
N GLY A 56 -4.94 -22.41 45.78
CA GLY A 56 -5.53 -22.19 47.09
C GLY A 56 -6.71 -21.24 47.07
N SER A 57 -7.29 -21.02 45.89
CA SER A 57 -8.46 -20.16 45.78
C SER A 57 -9.69 -20.88 46.30
N THR A 58 -10.46 -20.19 47.15
CA THR A 58 -11.63 -20.76 47.78
C THR A 58 -12.87 -19.94 47.45
N ASP A 59 -13.93 -20.62 47.02
CA ASP A 59 -15.25 -20.03 46.87
C ASP A 59 -16.23 -20.81 47.73
N TYR A 60 -17.00 -20.12 48.57
CA TYR A 60 -17.90 -20.84 49.51
C TYR A 60 -19.33 -20.30 49.42
N ASN A 61 -20.30 -21.06 49.93
CA ASN A 61 -21.71 -20.60 49.94
C ASN A 61 -21.79 -19.36 50.83
N PRO A 62 -22.54 -18.30 50.45
CA PRO A 62 -22.58 -17.07 51.23
C PRO A 62 -23.15 -17.30 52.63
N SER A 63 -24.17 -18.16 52.74
CA SER A 63 -24.81 -18.44 54.04
C SER A 63 -23.80 -19.05 55.01
N LEU A 64 -22.95 -19.96 54.51
CA LEU A 64 -21.99 -20.66 55.41
C LEU A 64 -20.59 -20.06 55.28
N LYS A 65 -20.43 -18.97 54.53
CA LYS A 65 -19.09 -18.41 54.33
C LYS A 65 -18.41 -18.08 55.65
N SER A 66 -19.16 -17.64 56.65
CA SER A 66 -18.58 -17.22 57.93
C SER A 66 -18.10 -18.38 58.79
N ARG A 67 -18.45 -19.62 58.45
CA ARG A 67 -18.11 -20.77 59.28
C ARG A 67 -17.42 -21.91 58.53
N VAL A 68 -17.08 -21.73 57.26
CA VAL A 68 -16.40 -22.75 56.47
C VAL A 68 -15.07 -22.20 56.01
N THR A 69 -13.98 -22.91 56.34
CA THR A 69 -12.64 -22.58 55.90
C THR A 69 -11.99 -23.84 55.37
N ILE A 70 -11.40 -23.76 54.17
CA ILE A 70 -10.82 -24.91 53.49
C ILE A 70 -9.32 -24.71 53.36
N SER A 71 -8.55 -25.70 53.81
CA SER A 71 -7.11 -25.72 53.61
C SER A 71 -6.73 -27.02 52.92
N MET A 72 -5.56 -27.01 52.27
CA MET A 72 -5.06 -28.18 51.58
C MET A 72 -3.63 -28.48 52.01
N ASP A 73 -3.26 -29.75 51.92
CA ASP A 73 -1.90 -30.20 52.25
C ASP A 73 -1.38 -30.99 51.05
N LEU A 74 -0.42 -30.39 50.35
CA LEU A 74 0.13 -31.02 49.14
C LEU A 74 1.06 -32.18 49.48
N SER A 75 1.68 -32.16 50.67
CA SER A 75 2.58 -33.23 51.05
C SER A 75 1.84 -34.52 51.38
N LYS A 76 0.65 -34.42 51.97
CA LYS A 76 -0.14 -35.58 52.34
C LYS A 76 -1.20 -35.96 51.31
N ASN A 77 -1.19 -35.29 50.14
CA ASN A 77 -2.24 -35.38 49.11
C ASN A 77 -3.61 -35.11 49.72
N GLN A 78 -3.70 -34.01 50.46
CA GLN A 78 -4.76 -33.80 51.43
C GLN A 78 -5.44 -32.45 51.23
N PHE A 79 -6.77 -32.46 51.38
CA PHE A 79 -7.57 -31.25 51.53
C PHE A 79 -8.59 -31.51 52.63
N SER A 80 -8.92 -30.47 53.39
CA SER A 80 -9.63 -30.63 54.64
C SER A 80 -10.83 -29.68 54.74
N LEU A 81 -11.68 -29.96 55.72
CA LEU A 81 -12.88 -29.19 56.01
C LEU A 81 -12.86 -28.72 57.47
N ASP A 82 -13.15 -27.45 57.69
CA ASP A 82 -13.31 -26.89 59.03
C ASP A 82 -14.66 -26.20 59.13
N LEU A 83 -15.50 -26.66 60.05
CA LEU A 83 -16.82 -26.07 60.29
C LEU A 83 -16.92 -25.68 61.77
N THR A 84 -16.98 -24.39 62.03
CA THR A 84 -16.95 -23.85 63.38
C THR A 84 -18.36 -23.62 63.90
N SER A 85 -18.56 -23.96 65.19
CA SER A 85 -19.81 -23.77 65.94
C SER A 85 -20.98 -24.49 65.28
N VAL A 86 -20.89 -25.83 65.27
CA VAL A 86 -21.91 -26.65 64.63
C VAL A 86 -23.21 -26.64 65.44
N THR A 87 -24.33 -26.82 64.73
CA THR A 87 -25.65 -26.87 65.34
C THR A 87 -26.31 -28.19 65.00
N VAL A 88 -27.54 -28.37 65.49
CA VAL A 88 -28.29 -29.59 65.23
C VAL A 88 -28.76 -29.65 63.78
N ALA A 89 -28.85 -28.51 63.09
CA ALA A 89 -29.18 -28.50 61.68
C ALA A 89 -28.00 -28.89 60.79
N ASP A 90 -26.79 -28.98 61.34
CA ASP A 90 -25.61 -29.36 60.59
C ASP A 90 -25.39 -30.87 60.54
N THR A 91 -26.31 -31.66 61.11
CA THR A 91 -26.25 -33.11 60.98
C THR A 91 -26.54 -33.52 59.55
N ALA A 92 -25.54 -34.07 58.87
CA ALA A 92 -25.66 -34.37 57.45
C ALA A 92 -24.67 -35.46 57.08
N LEU A 93 -24.92 -36.10 55.94
CA LEU A 93 -23.99 -37.04 55.33
C LEU A 93 -23.05 -36.25 54.42
N TYR A 94 -21.75 -36.45 54.59
CA TYR A 94 -20.77 -35.56 53.98
C TYR A 94 -20.01 -36.29 52.88
N TYR A 95 -19.95 -35.65 51.71
CA TYR A 95 -19.25 -36.19 50.54
C TYR A 95 -18.11 -35.26 50.16
N CYS A 96 -16.98 -35.84 49.75
CA CYS A 96 -15.93 -35.08 49.10
C CYS A 96 -15.95 -35.40 47.61
N ALA A 97 -15.83 -34.39 46.74
CA ALA A 97 -16.00 -34.64 45.29
C ALA A 97 -14.83 -34.15 44.45
N SER A 98 -14.57 -34.82 43.32
CA SER A 98 -13.49 -34.41 42.38
C SER A 98 -14.00 -34.68 40.95
N ARG A 99 -13.41 -34.06 39.94
CA ARG A 99 -13.96 -34.22 38.56
C ARG A 99 -12.84 -34.52 37.56
N THR A 100 -13.14 -35.24 36.48
CA THR A 100 -12.13 -35.50 35.42
C THR A 100 -11.75 -34.15 34.81
N THR A 101 -12.73 -33.27 34.58
CA THR A 101 -12.43 -31.91 34.09
C THR A 101 -11.68 -31.17 35.19
N VAL A 102 -10.75 -30.27 34.83
CA VAL A 102 -9.92 -29.63 35.88
C VAL A 102 -10.84 -28.85 36.83
N ALA A 103 -11.80 -28.09 36.30
CA ALA A 103 -12.79 -27.42 37.17
C ALA A 103 -14.20 -27.58 36.59
N ASP A 104 -15.10 -28.23 37.33
CA ASP A 104 -16.52 -28.33 36.88
C ASP A 104 -17.40 -28.42 38.13
N ASN A 105 -18.60 -27.82 38.10
CA ASN A 105 -19.52 -28.00 39.25
C ASN A 105 -19.90 -29.48 39.35
N TRP A 106 -20.17 -30.12 38.20
CA TRP A 106 -20.47 -31.57 38.20
C TRP A 106 -19.20 -32.34 38.56
N PHE A 107 -19.31 -33.36 39.40
CA PHE A 107 -18.09 -34.10 39.85
C PHE A 107 -18.11 -35.53 39.31
N ASP A 108 -17.12 -35.88 38.50
CA ASP A 108 -17.01 -37.26 37.97
C ASP A 108 -16.74 -38.23 39.13
N VAL A 109 -15.89 -37.84 40.08
CA VAL A 109 -15.50 -38.76 41.20
C VAL A 109 -16.28 -38.39 42.46
N TRP A 110 -16.30 -39.30 43.45
CA TRP A 110 -17.04 -39.08 44.73
C TRP A 110 -16.64 -40.14 45.76
N GLY A 111 -16.21 -39.72 46.95
CA GLY A 111 -15.93 -40.66 48.05
C GLY A 111 -17.18 -41.39 48.51
N PRO A 112 -17.07 -42.52 49.25
CA PRO A 112 -18.24 -43.20 49.79
C PRO A 112 -18.99 -42.24 50.72
N GLY A 113 -18.24 -41.43 51.48
CA GLY A 113 -18.88 -40.43 52.37
C GLY A 113 -18.89 -40.88 53.81
N VAL A 114 -19.01 -39.93 54.74
CA VAL A 114 -19.03 -40.26 56.20
C VAL A 114 -20.24 -39.58 56.83
N LEU A 115 -20.85 -40.22 57.84
CA LEU A 115 -22.02 -39.65 58.48
C LEU A 115 -21.60 -38.89 59.74
N VAL A 116 -22.10 -37.68 59.90
CA VAL A 116 -21.82 -36.83 61.05
C VAL A 116 -23.14 -36.51 61.74
N THR A 117 -23.24 -36.84 63.03
CA THR A 117 -24.43 -36.58 63.83
C THR A 117 -24.07 -35.59 64.93
N VAL A 118 -24.82 -34.50 64.99
CA VAL A 118 -24.62 -33.47 66.02
C VAL A 118 -25.76 -33.60 67.02
N SER A 119 -25.43 -34.01 68.24
CA SER A 119 -26.42 -34.20 69.29
C SER A 119 -25.72 -34.11 70.64
N SER A 120 -26.52 -33.95 71.69
CA SER A 120 -25.99 -33.88 73.04
C SER A 120 -26.08 -35.22 73.75
N ILE B 2 -30.94 -18.67 42.49
CA ILE B 2 -31.95 -19.33 41.67
C ILE B 2 -32.45 -20.57 42.41
N GLN B 3 -33.74 -20.61 42.70
CA GLN B 3 -34.32 -21.67 43.51
C GLN B 3 -34.99 -22.71 42.63
N MET B 4 -35.26 -23.87 43.20
CA MET B 4 -35.70 -25.05 42.46
C MET B 4 -37.04 -25.58 42.96
N THR B 5 -37.88 -26.01 42.02
CA THR B 5 -39.17 -26.67 42.38
C THR B 5 -39.19 -28.02 41.66
N GLN B 6 -38.71 -29.08 42.32
CA GLN B 6 -38.61 -30.42 41.65
C GLN B 6 -40.01 -30.95 41.29
N SER B 7 -40.12 -31.60 40.13
CA SER B 7 -41.42 -32.17 39.68
C SER B 7 -41.21 -33.61 39.21
N PRO B 8 -42.23 -34.51 39.29
CA PRO B 8 -43.09 -34.60 40.46
C PRO B 8 -42.37 -35.18 41.69
N SER B 9 -42.91 -34.95 42.89
CA SER B 9 -42.25 -35.43 44.13
C SER B 9 -42.19 -36.95 44.16
N SER B 10 -43.26 -37.63 43.73
CA SER B 10 -43.30 -39.11 43.78
C SER B 10 -44.03 -39.67 42.55
N LEU B 11 -43.73 -40.93 42.18
CA LEU B 11 -44.40 -41.58 41.02
C LEU B 11 -44.11 -43.09 41.08
N SER B 12 -45.14 -43.93 41.22
CA SER B 12 -44.91 -45.36 41.21
C SER B 12 -45.18 -45.92 39.82
N ALA B 13 -44.23 -46.69 39.29
CA ALA B 13 -44.36 -47.26 37.96
C ALA B 13 -43.72 -48.64 37.94
N SER B 14 -44.14 -49.45 36.98
CA SER B 14 -43.66 -50.81 36.82
C SER B 14 -42.53 -50.88 35.81
N VAL B 15 -42.06 -52.10 35.55
CA VAL B 15 -40.95 -52.30 34.63
C VAL B 15 -41.43 -52.15 33.20
N GLY B 16 -40.78 -51.28 32.43
CA GLY B 16 -41.10 -51.07 31.04
C GLY B 16 -41.88 -49.79 30.75
N ASP B 17 -42.37 -49.12 31.78
CA ASP B 17 -43.16 -47.92 31.58
C ASP B 17 -42.26 -46.72 31.28
N THR B 18 -42.89 -45.62 30.88
CA THR B 18 -42.20 -44.37 30.60
C THR B 18 -42.65 -43.32 31.60
N VAL B 19 -41.70 -42.71 32.31
CA VAL B 19 -41.97 -41.68 33.30
C VAL B 19 -41.22 -40.42 32.89
N THR B 20 -41.86 -39.26 33.07
CA THR B 20 -41.28 -37.97 32.73
C THR B 20 -41.19 -37.12 33.99
N ILE B 21 -40.00 -36.57 34.25
CA ILE B 21 -39.73 -35.74 35.41
C ILE B 21 -39.26 -34.38 34.91
N THR B 22 -39.92 -33.31 35.35
CA THR B 22 -39.63 -31.98 34.86
C THR B 22 -38.71 -31.23 35.82
N CYS B 23 -38.01 -30.25 35.28
CA CYS B 23 -37.02 -29.46 36.03
C CYS B 23 -37.23 -28.01 35.67
N ARG B 24 -37.80 -27.23 36.61
CA ARG B 24 -38.17 -25.84 36.37
C ARG B 24 -37.33 -24.91 37.22
N ALA B 25 -36.66 -23.96 36.57
CA ALA B 25 -35.83 -22.98 37.25
C ALA B 25 -36.52 -21.63 37.28
N THR B 26 -36.25 -20.86 38.34
CA THR B 26 -36.86 -19.55 38.50
C THR B 26 -36.27 -18.51 37.57
N GLN B 27 -35.10 -18.75 37.00
CA GLN B 27 -34.44 -17.81 36.12
C GLN B 27 -33.92 -18.57 34.91
N SER B 28 -33.72 -17.84 33.81
CA SER B 28 -33.22 -18.45 32.59
C SER B 28 -31.76 -18.86 32.76
N ILE B 29 -31.51 -20.17 32.71
CA ILE B 29 -30.19 -20.72 32.98
C ILE B 29 -29.61 -21.35 31.73
N SER B 30 -30.18 -20.98 30.56
CA SER B 30 -29.82 -21.49 29.23
C SER B 30 -30.00 -23.00 29.24
N SER B 31 -28.99 -23.79 28.86
CA SER B 31 -29.07 -25.24 28.88
C SER B 31 -27.97 -25.89 29.71
N LEU B 32 -27.42 -25.17 30.71
CA LEU B 32 -26.40 -25.72 31.58
C LEU B 32 -27.06 -26.39 32.80
N LEU B 33 -27.32 -27.68 32.64
CA LEU B 33 -27.99 -28.48 33.65
C LEU B 33 -27.38 -29.87 33.68
N ALA B 34 -27.33 -30.47 34.86
CA ALA B 34 -26.82 -31.83 35.03
C ALA B 34 -27.74 -32.61 35.97
N TRP B 35 -27.95 -33.89 35.67
CA TRP B 35 -28.88 -34.70 36.44
C TRP B 35 -28.13 -35.82 37.14
N TYR B 36 -28.65 -36.26 38.29
CA TYR B 36 -28.00 -37.28 39.09
C TYR B 36 -28.98 -38.38 39.47
N GLN B 37 -28.44 -39.58 39.73
CA GLN B 37 -29.22 -40.75 40.12
C GLN B 37 -28.73 -41.25 41.47
N TYR B 38 -29.53 -41.03 42.52
CA TYR B 38 -29.09 -41.38 43.89
C TYR B 38 -29.45 -42.82 44.26
N LYS B 39 -28.44 -43.65 44.52
CA LYS B 39 -28.70 -45.05 44.96
C LYS B 39 -28.51 -45.10 46.47
N PRO B 40 -29.45 -45.67 47.25
CA PRO B 40 -29.33 -45.65 48.71
C PRO B 40 -28.07 -46.35 49.21
N GLY B 41 -27.39 -45.76 50.19
CA GLY B 41 -26.15 -46.37 50.73
C GLY B 41 -24.97 -46.22 49.79
N LYS B 42 -25.08 -45.33 48.80
CA LYS B 42 -24.00 -45.15 47.80
C LYS B 42 -23.99 -43.70 47.28
N ALA B 43 -22.86 -43.24 46.74
CA ALA B 43 -22.76 -41.87 46.18
C ALA B 43 -23.61 -41.77 44.90
N PRO B 44 -24.31 -40.64 44.65
CA PRO B 44 -25.07 -40.46 43.42
C PRO B 44 -24.17 -40.39 42.18
N LYS B 45 -24.65 -40.92 41.03
CA LYS B 45 -23.83 -40.93 39.80
C LYS B 45 -24.45 -39.99 38.76
N LEU B 46 -23.62 -39.31 37.96
CA LEU B 46 -24.12 -38.43 36.91
C LEU B 46 -24.67 -39.25 35.75
N LEU B 47 -25.84 -38.86 35.25
CA LEU B 47 -26.42 -39.50 34.07
C LEU B 47 -26.40 -38.59 32.84
N ILE B 48 -26.92 -37.38 32.99
CA ILE B 48 -27.00 -36.41 31.90
C ILE B 48 -26.23 -35.17 32.31
N TYR B 49 -25.33 -34.71 31.46
CA TYR B 49 -24.74 -33.39 31.60
C TYR B 49 -25.22 -32.55 30.43
N GLN B 50 -25.16 -31.22 30.62
CA GLN B 50 -25.40 -30.21 29.57
C GLN B 50 -26.85 -30.24 29.06
N ALA B 51 -27.74 -30.87 29.84
CA ALA B 51 -29.20 -30.95 29.69
C ALA B 51 -29.67 -31.75 28.47
N SER B 52 -28.75 -32.21 27.63
CA SER B 52 -29.10 -33.10 26.53
C SER B 52 -28.04 -34.15 26.24
N SER B 53 -26.91 -34.15 26.94
CA SER B 53 -25.76 -34.95 26.54
C SER B 53 -25.55 -36.10 27.51
N LEU B 54 -25.13 -37.25 26.97
CA LEU B 54 -25.01 -38.46 27.78
C LEU B 54 -23.59 -38.60 28.31
N HIS B 55 -23.48 -38.93 29.60
CA HIS B 55 -22.22 -39.37 30.17
C HIS B 55 -21.91 -40.75 29.60
N ILE B 56 -20.62 -41.02 29.35
CA ILE B 56 -20.20 -42.34 28.90
C ILE B 56 -20.52 -43.38 29.98
N GLY B 57 -21.03 -44.53 29.56
CA GLY B 57 -21.45 -45.57 30.53
C GLY B 57 -22.95 -45.51 30.79
N VAL B 58 -23.54 -44.31 30.75
CA VAL B 58 -25.00 -44.13 31.00
C VAL B 58 -25.80 -44.75 29.85
N PRO B 59 -26.98 -45.36 30.12
CA PRO B 59 -27.82 -45.94 29.07
C PRO B 59 -28.40 -44.92 28.08
N SER B 60 -28.49 -45.28 26.80
CA SER B 60 -29.07 -44.37 25.78
C SER B 60 -30.55 -44.17 26.06
N ARG B 61 -31.24 -45.20 26.57
CA ARG B 61 -32.64 -45.08 26.94
C ARG B 61 -32.92 -43.83 27.77
N PHE B 62 -31.90 -43.26 28.41
CA PHE B 62 -32.09 -42.05 29.21
C PHE B 62 -31.88 -40.83 28.32
N SER B 63 -32.90 -39.98 28.24
CA SER B 63 -32.85 -38.85 27.31
C SER B 63 -33.48 -37.63 27.97
N GLY B 64 -32.69 -36.57 28.11
CA GLY B 64 -33.14 -35.33 28.70
C GLY B 64 -33.18 -34.23 27.67
N SER B 65 -34.03 -33.23 27.92
CA SER B 65 -34.21 -32.13 26.97
C SER B 65 -34.69 -30.89 27.72
N GLY B 66 -34.63 -29.76 27.03
CA GLY B 66 -35.10 -28.51 27.58
C GLY B 66 -34.09 -27.38 27.49
N SER B 67 -34.58 -26.14 27.55
CA SER B 67 -33.72 -24.97 27.51
C SER B 67 -34.42 -23.83 28.24
N GLY B 68 -33.63 -22.85 28.67
CA GLY B 68 -34.18 -21.70 29.36
C GLY B 68 -34.55 -22.01 30.80
N THR B 69 -35.86 -22.10 31.06
CA THR B 69 -36.35 -22.41 32.40
C THR B 69 -37.02 -23.76 32.53
N ASP B 70 -37.52 -24.35 31.45
CA ASP B 70 -38.25 -25.60 31.49
C ASP B 70 -37.38 -26.72 30.94
N PHE B 71 -37.27 -27.81 31.70
CA PHE B 71 -36.43 -28.94 31.33
C PHE B 71 -37.18 -30.23 31.67
N THR B 72 -36.89 -31.29 30.91
CA THR B 72 -37.51 -32.60 31.11
C THR B 72 -36.46 -33.70 31.01
N LEU B 73 -36.69 -34.79 31.75
CA LEU B 73 -36.01 -36.06 31.53
C LEU B 73 -37.05 -37.12 31.23
N THR B 74 -36.82 -37.89 30.18
CA THR B 74 -37.67 -38.99 29.80
C THR B 74 -36.95 -40.30 30.11
N ILE B 75 -37.57 -41.15 30.91
CA ILE B 75 -37.01 -42.44 31.26
C ILE B 75 -37.83 -43.50 30.52
N SER B 76 -37.32 -43.93 29.37
CA SER B 76 -38.01 -44.91 28.55
C SER B 76 -37.48 -46.31 28.84
N SER B 77 -38.39 -47.29 28.83
CA SER B 77 -38.11 -48.71 29.12
C SER B 77 -37.49 -48.86 30.50
N LEU B 78 -38.31 -48.54 31.51
CA LEU B 78 -37.87 -48.54 32.90
C LEU B 78 -37.53 -49.96 33.37
N GLN B 79 -36.45 -50.08 34.13
CA GLN B 79 -35.98 -51.35 34.65
C GLN B 79 -36.04 -51.37 36.17
N SER B 80 -35.45 -52.43 36.74
CA SER B 80 -35.42 -52.58 38.19
C SER B 80 -34.26 -51.83 38.83
N GLU B 81 -33.14 -51.72 38.12
CA GLU B 81 -31.93 -51.15 38.70
C GLU B 81 -31.97 -49.63 38.82
N ASP B 82 -32.89 -48.96 38.12
CA ASP B 82 -32.92 -47.50 38.13
C ASP B 82 -34.09 -46.90 38.92
N PHE B 83 -34.70 -47.65 39.83
CA PHE B 83 -35.57 -47.04 40.84
C PHE B 83 -34.69 -46.28 41.83
N ALA B 84 -34.74 -44.94 41.77
CA ALA B 84 -33.78 -44.12 42.49
C ALA B 84 -34.38 -42.74 42.73
N THR B 85 -33.53 -41.82 43.17
CA THR B 85 -33.91 -40.44 43.40
C THR B 85 -33.30 -39.56 42.31
N TYR B 86 -34.11 -38.69 41.73
CA TYR B 86 -33.73 -37.89 40.58
C TYR B 86 -33.46 -36.45 41.02
N TYR B 87 -32.33 -35.91 40.57
CA TYR B 87 -31.84 -34.62 41.02
C TYR B 87 -31.20 -33.87 39.88
N CYS B 88 -31.85 -32.81 39.39
CA CYS B 88 -31.26 -31.96 38.37
C CYS B 88 -30.52 -30.81 39.04
N GLN B 89 -29.34 -30.49 38.50
CA GLN B 89 -28.43 -29.54 39.11
C GLN B 89 -27.90 -28.57 38.06
N GLN B 90 -28.11 -27.28 38.29
CA GLN B 90 -27.57 -26.24 37.43
C GLN B 90 -26.18 -25.83 37.90
N HIS B 91 -25.39 -25.27 37.00
CA HIS B 91 -24.04 -24.84 37.34
C HIS B 91 -23.76 -23.44 36.79
N ASP B 92 -24.68 -22.51 37.04
CA ASP B 92 -24.44 -21.13 36.63
C ASP B 92 -24.11 -20.22 37.81
N SER B 93 -25.05 -20.13 38.77
CA SER B 93 -24.85 -19.24 39.93
C SER B 93 -23.96 -19.92 40.98
N ARG B 94 -23.29 -19.13 41.81
CA ARG B 94 -22.45 -19.70 42.90
C ARG B 94 -23.14 -19.39 44.24
N PRO B 95 -23.40 -20.40 45.10
CA PRO B 95 -23.12 -21.80 44.78
C PRO B 95 -24.25 -22.51 44.02
N TRP B 96 -23.99 -23.72 43.54
CA TRP B 96 -25.02 -24.51 42.81
C TRP B 96 -26.09 -25.02 43.78
N THR B 97 -27.34 -25.17 43.32
CA THR B 97 -28.46 -25.61 44.20
C THR B 97 -28.97 -26.99 43.75
N PHE B 98 -29.93 -27.56 44.48
CA PHE B 98 -30.50 -28.85 44.12
C PHE B 98 -32.02 -28.80 44.22
N GLY B 99 -32.66 -29.89 43.79
CA GLY B 99 -34.09 -30.02 43.92
C GLY B 99 -34.50 -30.56 45.27
N GLN B 100 -35.80 -30.86 45.40
CA GLN B 100 -36.27 -31.53 46.60
C GLN B 100 -36.29 -33.04 46.46
N GLY B 101 -35.95 -33.57 45.27
CA GLY B 101 -35.88 -35.00 45.07
C GLY B 101 -37.18 -35.60 44.55
N THR B 102 -37.07 -36.47 43.55
CA THR B 102 -38.21 -37.18 42.99
C THR B 102 -38.01 -38.67 43.22
N LYS B 103 -38.96 -39.28 43.92
CA LYS B 103 -38.87 -40.69 44.29
C LYS B 103 -39.67 -41.53 43.30
N VAL B 104 -39.04 -42.54 42.73
CA VAL B 104 -39.71 -43.53 41.90
C VAL B 104 -39.56 -44.90 42.57
N ASP B 105 -40.60 -45.71 42.52
CA ASP B 105 -40.66 -46.96 43.26
C ASP B 105 -41.39 -47.99 42.41
N ILE B 106 -41.12 -49.26 42.68
CA ILE B 106 -41.78 -50.36 41.96
C ILE B 106 -43.24 -50.42 42.38
N LYS B 107 -44.14 -50.48 41.39
CA LYS B 107 -45.57 -50.53 41.65
C LYS B 107 -46.00 -51.90 42.17
N PHE C 61 29.73 31.66 -66.23
CA PHE C 61 30.69 32.09 -65.21
C PHE C 61 30.71 31.11 -64.04
N GLU C 62 31.90 30.85 -63.50
CA GLU C 62 32.09 29.92 -62.40
C GLU C 62 32.64 30.67 -61.19
N HIS C 63 32.01 30.48 -60.04
CA HIS C 63 32.40 31.14 -58.81
C HIS C 63 32.59 30.11 -57.71
N ALA C 64 33.61 30.33 -56.87
CA ALA C 64 33.91 29.47 -55.74
C ALA C 64 33.81 30.27 -54.45
N THR C 65 33.25 29.65 -53.41
CA THR C 65 33.07 30.31 -52.13
C THR C 65 33.06 29.25 -51.03
N THR C 66 33.20 29.71 -49.78
CA THR C 66 33.20 28.84 -48.60
C THR C 66 32.11 29.31 -47.61
N VAL C 67 30.99 28.61 -47.66
CA VAL C 67 29.83 28.93 -46.80
C VAL C 67 29.91 28.10 -45.52
N PRO C 68 29.71 28.69 -44.35
CA PRO C 68 29.62 27.87 -43.12
C PRO C 68 28.35 27.02 -43.13
N ASN C 69 28.49 25.76 -42.71
CA ASN C 69 27.42 24.77 -42.84
C ASN C 69 26.64 24.70 -41.54
N VAL C 70 25.92 25.78 -41.24
CA VAL C 70 24.96 25.81 -40.15
C VAL C 70 23.64 26.30 -40.76
N PRO C 71 22.55 25.54 -40.67
CA PRO C 71 21.35 25.88 -41.43
C PRO C 71 20.61 27.10 -40.86
N GLY C 72 19.91 27.80 -41.76
CA GLY C 72 19.09 28.93 -41.38
C GLY C 72 19.74 30.29 -41.49
N ILE C 73 21.06 30.35 -41.71
CA ILE C 73 21.80 31.60 -41.75
C ILE C 73 22.14 31.91 -43.21
N PRO C 74 21.71 33.02 -43.76
CA PRO C 74 22.13 33.39 -45.12
C PRO C 74 23.58 33.82 -45.16
N TYR C 75 24.16 33.74 -46.35
CA TYR C 75 25.55 34.12 -46.59
C TYR C 75 25.59 35.11 -47.74
N LYS C 76 26.45 36.11 -47.63
CA LYS C 76 26.58 37.17 -48.62
C LYS C 76 27.79 36.88 -49.52
N ALA C 77 27.55 36.90 -50.83
CA ALA C 77 28.61 36.74 -51.81
C ALA C 77 28.30 37.64 -53.00
N LEU C 78 29.36 38.22 -53.57
CA LEU C 78 29.25 39.10 -54.71
C LEU C 78 30.23 38.64 -55.78
N VAL C 79 29.70 38.39 -56.98
CA VAL C 79 30.53 38.07 -58.14
C VAL C 79 30.80 39.37 -58.87
N GLU C 80 32.06 39.58 -59.27
CA GLU C 80 32.48 40.80 -59.93
C GLU C 80 33.11 40.43 -61.28
N ARG C 81 32.26 40.31 -62.30
CA ARG C 81 32.75 40.11 -63.65
C ARG C 81 33.29 41.43 -64.18
N ALA C 82 34.37 41.35 -64.98
CA ALA C 82 35.02 42.56 -65.44
C ALA C 82 34.18 43.29 -66.48
N GLY C 83 33.57 42.56 -67.41
CA GLY C 83 32.76 43.21 -68.44
C GLY C 83 31.35 43.51 -67.99
N TYR C 84 30.86 42.80 -66.98
CA TYR C 84 29.46 42.90 -66.59
C TYR C 84 29.32 43.59 -65.23
N ALA C 85 28.07 43.81 -64.83
CA ALA C 85 27.74 44.42 -63.55
C ALA C 85 27.87 43.39 -62.42
N PRO C 86 28.16 43.84 -61.19
CA PRO C 86 28.18 42.91 -60.06
C PRO C 86 26.79 42.37 -59.75
N LEU C 87 26.75 41.12 -59.27
CA LEU C 87 25.51 40.42 -58.98
C LEU C 87 25.60 39.76 -57.61
N ASN C 88 24.51 39.85 -56.86
CA ASN C 88 24.44 39.30 -55.51
C ASN C 88 24.34 37.77 -55.53
N LEU C 89 24.52 37.18 -54.36
CA LEU C 89 24.40 35.74 -54.20
C LEU C 89 23.95 35.43 -52.78
N GLU C 90 22.78 34.79 -52.66
CA GLU C 90 22.23 34.37 -51.38
C GLU C 90 22.34 32.85 -51.28
N ILE C 91 23.06 32.36 -50.29
CA ILE C 91 23.24 30.93 -50.10
C ILE C 91 22.72 30.54 -48.72
N THR C 92 21.69 29.71 -48.70
CA THR C 92 21.07 29.24 -47.47
C THR C 92 20.97 27.72 -47.49
N VAL C 93 21.15 27.11 -46.33
CA VAL C 93 20.98 25.66 -46.17
C VAL C 93 19.65 25.47 -45.45
N VAL C 94 18.64 25.03 -46.21
CA VAL C 94 17.32 24.84 -45.61
C VAL C 94 17.24 23.51 -44.87
N SER C 95 18.05 22.54 -45.28
CA SER C 95 18.05 21.22 -44.66
C SER C 95 19.37 20.53 -44.95
N SER C 96 19.95 19.92 -43.92
CA SER C 96 21.13 19.08 -44.05
C SER C 96 20.89 17.75 -43.36
N GLU C 97 21.18 16.65 -44.08
CA GLU C 97 20.96 15.33 -43.52
C GLU C 97 22.26 14.52 -43.67
N LEU C 98 22.73 13.97 -42.56
CA LEU C 98 23.90 13.09 -42.53
C LEU C 98 23.42 11.65 -42.37
N THR C 99 23.54 10.86 -43.43
CA THR C 99 23.14 9.46 -43.39
C THR C 99 24.34 8.54 -43.54
N PRO C 100 24.51 7.56 -42.63
CA PRO C 100 25.55 6.54 -42.85
C PRO C 100 25.05 5.39 -43.70
N SER C 101 25.91 4.40 -43.91
CA SER C 101 25.54 3.12 -44.51
C SER C 101 25.65 2.04 -43.44
N THR C 102 24.56 1.31 -43.22
CA THR C 102 24.47 0.39 -42.09
C THR C 102 23.99 -0.98 -42.55
N ASN C 103 24.31 -1.98 -41.74
CA ASN C 103 23.85 -3.36 -41.92
C ASN C 103 23.61 -3.96 -40.55
N LYS C 104 22.60 -4.82 -40.46
CA LYS C 104 22.13 -5.31 -39.17
C LYS C 104 22.88 -6.57 -38.75
N GLU C 105 23.33 -6.60 -37.49
CA GLU C 105 23.82 -7.84 -36.90
C GLU C 105 22.68 -8.75 -36.50
N TYR C 106 21.83 -8.30 -35.58
CA TYR C 106 20.80 -9.13 -34.99
C TYR C 106 19.72 -8.24 -34.38
N VAL C 107 18.67 -8.88 -33.87
CA VAL C 107 17.64 -8.23 -33.08
C VAL C 107 17.62 -8.89 -31.70
N THR C 108 17.19 -8.13 -30.71
CA THR C 108 17.14 -8.63 -29.35
C THR C 108 16.00 -7.98 -28.58
N CYS C 109 15.54 -8.70 -27.56
CA CYS C 109 14.45 -8.29 -26.67
C CYS C 109 14.48 -9.20 -25.46
N ARG C 110 13.45 -9.11 -24.62
CA ARG C 110 13.31 -10.04 -23.50
C ARG C 110 12.95 -11.43 -24.01
N PHE C 111 13.66 -12.44 -23.51
CA PHE C 111 13.42 -13.81 -23.92
C PHE C 111 12.24 -14.41 -23.16
N HIS C 112 11.58 -15.35 -23.81
CA HIS C 112 10.57 -16.20 -23.16
C HIS C 112 11.16 -17.60 -23.02
N THR C 113 11.19 -18.11 -21.79
CA THR C 113 11.68 -19.46 -21.51
C THR C 113 10.53 -20.45 -21.68
N VAL C 114 10.42 -20.98 -22.91
CA VAL C 114 9.49 -22.06 -23.19
C VAL C 114 9.96 -23.34 -22.50
N ILE C 115 9.06 -23.98 -21.77
CA ILE C 115 9.43 -25.23 -21.12
C ILE C 115 8.57 -26.33 -21.71
N PRO C 116 9.15 -27.29 -22.43
CA PRO C 116 8.38 -28.44 -22.90
C PRO C 116 7.95 -29.33 -21.74
N SER C 117 6.87 -30.08 -21.97
CA SER C 117 6.33 -30.96 -20.94
C SER C 117 7.30 -32.11 -20.68
N PRO C 118 7.67 -32.38 -19.43
CA PRO C 118 8.52 -33.54 -19.15
C PRO C 118 7.75 -34.84 -19.36
N GLN C 119 8.45 -35.84 -19.87
CA GLN C 119 7.89 -37.16 -20.07
C GLN C 119 8.77 -38.18 -19.35
N VAL C 120 8.22 -39.37 -19.12
CA VAL C 120 8.91 -40.41 -18.38
C VAL C 120 9.01 -41.66 -19.25
N LYS C 121 10.15 -42.33 -19.16
CA LYS C 121 10.18 -43.78 -19.37
C LYS C 121 10.04 -44.39 -17.99
N CYS C 122 9.11 -45.35 -17.85
CA CYS C 122 8.42 -45.57 -16.59
C CYS C 122 9.36 -46.10 -15.51
N CYS C 123 10.15 -47.14 -15.80
CA CYS C 123 11.47 -47.26 -15.18
C CYS C 123 12.46 -47.84 -16.19
N GLY C 124 12.40 -47.34 -17.43
CA GLY C 124 13.38 -47.70 -18.43
C GLY C 124 14.63 -46.84 -18.35
N SER C 125 15.13 -46.39 -19.49
CA SER C 125 16.30 -45.52 -19.50
C SER C 125 16.16 -44.50 -20.62
N LEU C 126 16.82 -43.36 -20.45
CA LEU C 126 16.89 -42.32 -21.46
C LEU C 126 18.32 -41.86 -21.67
N GLU C 127 18.55 -41.23 -22.82
CA GLU C 127 19.84 -40.65 -23.16
C GLU C 127 19.61 -39.21 -23.61
N CYS C 128 20.60 -38.36 -23.35
CA CYS C 128 20.53 -36.95 -23.74
C CYS C 128 20.55 -36.84 -25.26
N LYS C 129 19.63 -36.06 -25.81
CA LYS C 129 19.57 -35.83 -27.25
C LYS C 129 20.33 -34.54 -27.58
N ALA C 130 20.40 -34.22 -28.87
CA ALA C 130 21.14 -33.05 -29.37
C ALA C 130 20.32 -32.38 -30.46
N SER C 131 19.57 -31.35 -30.08
CA SER C 131 18.81 -30.56 -31.04
C SER C 131 19.50 -29.22 -31.29
N SER C 132 18.87 -28.40 -32.13
CA SER C 132 19.40 -27.11 -32.55
C SER C 132 18.49 -25.98 -32.13
N LYS C 133 17.95 -26.03 -30.93
CA LYS C 133 17.12 -24.96 -30.40
C LYS C 133 18.02 -23.90 -29.77
N ALA C 134 17.42 -22.82 -29.27
CA ALA C 134 18.18 -21.73 -28.69
C ALA C 134 18.52 -22.04 -27.24
N ASP C 135 19.83 -22.26 -26.99
CA ASP C 135 20.39 -22.65 -25.68
C ASP C 135 19.69 -23.90 -25.14
N TYR C 136 19.90 -25.01 -25.84
CA TYR C 136 19.27 -26.25 -25.43
C TYR C 136 19.98 -26.81 -24.21
N THR C 137 19.20 -27.04 -23.15
CA THR C 137 19.73 -27.56 -21.91
C THR C 137 18.97 -28.84 -21.58
N CYS C 138 19.67 -29.97 -21.65
CA CYS C 138 19.07 -31.28 -21.48
C CYS C 138 19.90 -32.08 -20.48
N ARG C 139 19.24 -32.60 -19.45
CA ARG C 139 19.90 -33.39 -18.43
C ARG C 139 18.99 -34.53 -18.05
N VAL C 140 19.54 -35.74 -17.99
CA VAL C 140 18.83 -36.94 -17.61
C VAL C 140 19.07 -37.18 -16.12
N PHE C 141 17.99 -37.29 -15.36
CA PHE C 141 18.05 -37.38 -13.91
C PHE C 141 17.81 -38.81 -13.44
N GLY C 142 17.71 -38.98 -12.13
CA GLY C 142 17.45 -40.28 -11.54
C GLY C 142 15.99 -40.51 -11.16
N GLY C 143 15.75 -41.47 -10.28
CA GLY C 143 14.41 -41.82 -9.84
C GLY C 143 13.71 -40.73 -9.06
N VAL C 144 12.51 -40.34 -9.49
CA VAL C 144 11.77 -39.22 -8.90
C VAL C 144 10.45 -39.67 -8.27
N TYR C 145 9.77 -40.64 -8.92
CA TYR C 145 8.44 -41.17 -8.58
C TYR C 145 7.39 -40.07 -8.43
N PRO C 146 6.96 -39.44 -9.52
CA PRO C 146 6.03 -38.32 -9.41
C PRO C 146 4.56 -38.77 -9.41
N PHE C 147 3.71 -37.87 -8.93
CA PHE C 147 2.27 -38.07 -8.90
C PHE C 147 1.62 -37.02 -9.79
N MET C 148 0.46 -37.33 -10.38
CA MET C 148 -0.27 -36.30 -11.10
C MET C 148 -1.53 -35.92 -10.31
N TRP C 149 -2.49 -36.83 -10.20
CA TRP C 149 -3.67 -36.63 -9.37
C TRP C 149 -4.09 -37.87 -8.59
N GLY C 150 -3.74 -39.06 -9.04
CA GLY C 150 -4.12 -40.29 -8.39
C GLY C 150 -3.02 -41.00 -7.63
N GLY C 151 -1.87 -40.36 -7.43
CA GLY C 151 -0.81 -40.94 -6.65
C GLY C 151 -0.13 -42.16 -7.25
N ALA C 152 -0.27 -42.39 -8.55
CA ALA C 152 0.38 -43.50 -9.22
C ALA C 152 0.43 -43.24 -10.71
N GLN C 153 1.65 -43.16 -11.26
CA GLN C 153 1.86 -43.13 -12.69
C GLN C 153 2.90 -44.14 -13.14
N CYS C 154 3.65 -44.73 -12.21
CA CYS C 154 4.53 -45.84 -12.51
C CYS C 154 4.45 -46.88 -11.39
N PHE C 155 5.05 -48.03 -11.68
CA PHE C 155 4.96 -49.24 -10.88
C PHE C 155 6.28 -49.59 -10.20
N CYS C 156 7.26 -48.70 -10.28
CA CYS C 156 8.66 -49.10 -10.16
C CYS C 156 9.40 -47.94 -9.47
N ASP C 157 9.60 -48.08 -8.16
CA ASP C 157 10.04 -46.96 -7.33
C ASP C 157 11.47 -46.54 -7.61
N SER C 158 12.30 -47.46 -8.10
CA SER C 158 13.69 -47.16 -8.42
C SER C 158 13.88 -47.24 -9.94
N GLU C 159 15.10 -46.89 -10.36
CA GLU C 159 15.51 -46.64 -11.76
C GLU C 159 14.43 -45.90 -12.57
N ASN C 160 13.88 -44.86 -11.96
CA ASN C 160 12.68 -44.18 -12.40
C ASN C 160 13.06 -42.81 -12.94
N THR C 161 14.07 -42.83 -13.82
CA THR C 161 14.76 -41.69 -14.38
C THR C 161 13.81 -40.70 -15.07
N GLN C 162 14.27 -39.45 -15.13
CA GLN C 162 13.46 -38.30 -15.50
C GLN C 162 14.18 -37.45 -16.53
N LEU C 163 13.42 -36.89 -17.47
CA LEU C 163 13.95 -36.01 -18.50
C LEU C 163 13.36 -34.62 -18.32
N SER C 164 14.23 -33.62 -18.16
CA SER C 164 13.81 -32.23 -18.10
C SER C 164 14.29 -31.49 -19.35
N GLU C 165 13.42 -30.65 -19.91
CA GLU C 165 13.68 -29.97 -21.17
C GLU C 165 13.49 -28.46 -21.00
N ALA C 166 14.40 -27.69 -21.59
CA ALA C 166 14.35 -26.23 -21.46
C ALA C 166 15.10 -25.57 -22.61
N TYR C 167 14.49 -24.56 -23.21
CA TYR C 167 15.13 -23.69 -24.19
C TYR C 167 14.37 -22.37 -24.23
N VAL C 168 14.85 -21.44 -25.05
CA VAL C 168 14.27 -20.09 -25.10
C VAL C 168 13.85 -19.75 -26.52
N GLU C 169 12.93 -18.78 -26.62
CA GLU C 169 12.36 -18.31 -27.88
C GLU C 169 11.82 -16.91 -27.61
N PHE C 170 11.63 -16.12 -28.68
CA PHE C 170 11.20 -14.73 -28.55
C PHE C 170 9.80 -14.59 -27.95
N ALA C 171 9.61 -13.51 -27.20
CA ALA C 171 8.31 -13.20 -26.65
C ALA C 171 7.34 -12.80 -27.77
N PRO C 172 6.04 -13.05 -27.58
CA PRO C 172 5.04 -12.54 -28.51
C PRO C 172 5.06 -11.04 -28.72
N ASP C 173 5.45 -10.27 -27.71
CA ASP C 173 5.44 -8.81 -27.77
C ASP C 173 6.74 -8.21 -28.29
N CYS C 174 7.62 -9.03 -28.88
CA CYS C 174 8.88 -8.54 -29.39
C CYS C 174 8.78 -8.01 -30.82
N THR C 175 7.58 -8.01 -31.41
CA THR C 175 7.41 -7.41 -32.73
C THR C 175 7.58 -5.91 -32.70
N ILE C 176 7.28 -5.27 -31.57
CA ILE C 176 7.45 -3.83 -31.40
C ILE C 176 8.60 -3.51 -30.44
N ASP C 177 8.57 -4.09 -29.24
CA ASP C 177 9.59 -3.81 -28.22
C ASP C 177 10.79 -4.73 -28.44
N HIS C 178 11.63 -4.34 -29.41
CA HIS C 178 12.86 -5.06 -29.70
C HIS C 178 13.94 -4.07 -30.09
N ALA C 179 15.19 -4.47 -29.89
CA ALA C 179 16.35 -3.66 -30.22
C ALA C 179 17.19 -4.36 -31.27
N VAL C 180 17.59 -3.60 -32.30
CA VAL C 180 18.36 -4.13 -33.42
C VAL C 180 19.78 -3.57 -33.32
N ALA C 181 20.77 -4.40 -33.67
CA ALA C 181 22.17 -4.04 -33.58
C ALA C 181 22.67 -3.59 -34.95
N LEU C 182 23.33 -2.44 -34.99
CA LEU C 182 23.79 -1.84 -36.23
C LEU C 182 25.23 -1.36 -36.09
N LYS C 183 25.97 -1.42 -37.21
CA LYS C 183 27.25 -0.77 -37.32
C LYS C 183 27.13 0.35 -38.35
N VAL C 184 27.98 1.36 -38.24
CA VAL C 184 27.99 2.43 -39.22
C VAL C 184 29.32 2.40 -39.97
N HIS C 185 29.35 3.11 -41.10
CA HIS C 185 30.54 3.27 -41.90
C HIS C 185 30.79 4.76 -42.09
N THR C 186 31.67 5.12 -43.02
CA THR C 186 31.89 6.52 -43.37
C THR C 186 30.62 7.12 -43.97
N ALA C 187 30.12 8.18 -43.35
CA ALA C 187 28.81 8.72 -43.65
C ALA C 187 28.92 9.84 -44.68
N ALA C 188 28.09 9.76 -45.71
CA ALA C 188 27.98 10.81 -46.72
C ALA C 188 26.94 11.82 -46.27
N LEU C 189 27.24 13.10 -46.47
CA LEU C 189 26.40 14.19 -45.97
C LEU C 189 25.64 14.78 -47.14
N LYS C 190 24.37 15.11 -46.93
CA LYS C 190 23.49 15.63 -47.95
C LYS C 190 22.93 16.96 -47.49
N VAL C 191 22.83 17.92 -48.41
CA VAL C 191 22.34 19.27 -48.10
C VAL C 191 21.13 19.59 -48.96
N GLY C 192 20.32 20.53 -48.49
CA GLY C 192 19.28 21.14 -49.30
C GLY C 192 19.58 22.62 -49.43
N LEU C 193 19.70 23.08 -50.67
CA LEU C 193 20.18 24.42 -50.95
C LEU C 193 19.08 25.28 -51.59
N ARG C 194 18.84 26.44 -50.99
CA ARG C 194 18.01 27.48 -51.58
C ARG C 194 18.91 28.64 -51.96
N ILE C 195 19.07 28.88 -53.26
CA ILE C 195 19.96 29.91 -53.76
C ILE C 195 19.20 30.75 -54.80
N VAL C 196 19.32 32.07 -54.68
CA VAL C 196 18.76 33.00 -55.66
C VAL C 196 19.91 33.80 -56.25
N TYR C 197 19.68 34.37 -57.43
CA TYR C 197 20.64 35.24 -58.08
C TYR C 197 19.86 36.22 -58.95
N GLY C 198 19.86 37.49 -58.56
CA GLY C 198 19.00 38.47 -59.21
C GLY C 198 17.54 38.21 -58.91
N ASN C 199 16.82 37.71 -59.91
CA ASN C 199 15.39 37.41 -59.76
C ASN C 199 15.10 35.92 -59.65
N THR C 200 15.90 35.09 -60.30
CA THR C 200 15.62 33.66 -60.44
C THR C 200 15.90 32.93 -59.12
N THR C 201 14.88 32.23 -58.61
CA THR C 201 15.01 31.40 -57.42
C THR C 201 15.21 29.94 -57.81
N ALA C 202 15.75 29.17 -56.87
CA ALA C 202 16.13 27.78 -57.14
C ALA C 202 16.25 27.01 -55.84
N HIS C 203 15.70 25.80 -55.81
CA HIS C 203 15.83 24.87 -54.70
C HIS C 203 16.61 23.65 -55.18
N LEU C 204 17.60 23.22 -54.39
CA LEU C 204 18.48 22.15 -54.85
C LEU C 204 18.75 21.15 -53.74
N ASP C 205 18.96 19.90 -54.13
CA ASP C 205 19.55 18.86 -53.28
C ASP C 205 20.79 18.32 -53.97
N THR C 206 21.91 18.27 -53.25
CA THR C 206 23.17 17.77 -53.81
C THR C 206 23.98 17.09 -52.72
N PHE C 207 24.94 16.26 -53.17
CA PHE C 207 25.79 15.46 -52.30
C PHE C 207 27.03 16.25 -51.91
N VAL C 208 27.67 15.83 -50.81
CA VAL C 208 28.92 16.43 -50.35
C VAL C 208 30.00 15.38 -50.57
N ASN C 209 30.63 15.43 -51.75
CA ASN C 209 31.82 14.65 -52.00
C ASN C 209 32.88 15.38 -52.81
N GLY C 210 32.56 16.51 -53.44
CA GLY C 210 33.45 17.16 -54.37
C GLY C 210 33.38 16.63 -55.78
N VAL C 211 32.53 15.63 -56.05
CA VAL C 211 32.45 14.99 -57.36
C VAL C 211 31.03 15.11 -57.90
N THR C 212 30.05 14.75 -57.07
CA THR C 212 28.66 14.68 -57.51
C THR C 212 28.06 16.07 -57.73
N PRO C 213 27.54 16.38 -58.91
CA PRO C 213 26.97 17.70 -59.15
C PRO C 213 25.46 17.76 -58.91
N GLY C 214 25.00 18.94 -58.49
CA GLY C 214 23.58 19.22 -58.36
C GLY C 214 23.08 20.01 -59.55
N SER C 215 21.85 19.71 -59.99
CA SER C 215 21.42 20.34 -61.27
C SER C 215 20.05 21.01 -61.18
N SER C 216 20.03 22.34 -61.04
CA SER C 216 18.74 23.06 -61.13
C SER C 216 18.46 23.24 -62.63
N ARG C 217 17.28 23.72 -63.01
CA ARG C 217 16.96 23.78 -64.46
C ARG C 217 18.02 24.65 -65.15
N ASP C 218 18.42 25.77 -64.53
CA ASP C 218 19.41 26.68 -65.14
C ASP C 218 20.70 26.73 -64.32
N LEU C 219 20.94 25.76 -63.44
CA LEU C 219 22.13 25.88 -62.54
C LEU C 219 22.96 24.59 -62.46
N LYS C 220 24.28 24.73 -62.28
CA LYS C 220 25.19 23.56 -62.09
C LYS C 220 25.94 23.80 -60.78
N VAL C 221 25.92 22.85 -59.83
CA VAL C 221 26.48 23.11 -58.52
C VAL C 221 27.17 21.85 -58.02
N ILE C 222 28.46 21.97 -57.69
CA ILE C 222 29.19 20.92 -56.99
C ILE C 222 29.53 21.43 -55.60
N ALA C 223 29.59 20.51 -54.64
CA ALA C 223 29.80 20.86 -53.24
C ALA C 223 30.72 19.84 -52.59
N GLY C 224 31.40 20.27 -51.53
CA GLY C 224 32.27 19.40 -50.77
C GLY C 224 33.71 19.46 -51.23
N PRO C 225 34.61 18.78 -50.51
CA PRO C 225 34.39 18.03 -49.27
C PRO C 225 34.35 18.91 -48.02
N ILE C 226 33.87 18.36 -46.91
CA ILE C 226 33.80 19.12 -45.67
C ILE C 226 35.22 19.33 -45.12
N SER C 227 35.43 20.49 -44.47
CA SER C 227 36.75 20.81 -43.95
C SER C 227 37.13 19.92 -42.78
N ALA C 228 36.16 19.49 -41.99
CA ALA C 228 36.41 18.59 -40.86
C ALA C 228 35.31 17.56 -40.82
N ALA C 229 35.64 16.32 -41.18
CA ALA C 229 34.66 15.24 -41.14
C ALA C 229 34.35 14.86 -39.69
N PHE C 230 33.07 14.75 -39.38
CA PHE C 230 32.63 14.44 -38.03
C PHE C 230 31.34 13.66 -38.10
N SER C 231 31.20 12.69 -37.20
CA SER C 231 29.98 11.92 -37.08
C SER C 231 29.63 11.77 -35.60
N PRO C 232 28.38 12.03 -35.21
CA PRO C 232 27.99 11.82 -33.80
C PRO C 232 27.83 10.36 -33.43
N PHE C 233 27.83 9.46 -34.40
CA PHE C 233 27.60 8.05 -34.14
C PHE C 233 28.91 7.37 -33.76
N ASP C 234 28.84 6.45 -32.80
CA ASP C 234 29.94 5.55 -32.56
C ASP C 234 29.87 4.39 -33.54
N HIS C 235 30.83 3.45 -33.43
CA HIS C 235 30.96 2.41 -34.44
C HIS C 235 29.83 1.38 -34.36
N LYS C 236 29.21 1.26 -33.20
CA LYS C 236 28.23 0.21 -32.93
C LYS C 236 26.96 0.84 -32.37
N VAL C 237 25.83 0.66 -33.06
CA VAL C 237 24.64 1.47 -32.87
C VAL C 237 23.43 0.58 -32.58
N VAL C 238 22.68 0.94 -31.54
CA VAL C 238 21.48 0.22 -31.13
C VAL C 238 20.26 1.11 -31.37
N ILE C 239 19.22 0.54 -31.98
CA ILE C 239 17.94 1.23 -32.21
C ILE C 239 16.86 0.54 -31.39
N ARG C 240 16.18 1.30 -30.54
CA ARG C 240 15.09 0.77 -29.72
C ARG C 240 13.93 1.77 -29.73
N LYS C 241 12.87 1.42 -30.48
CA LYS C 241 11.62 2.19 -30.58
C LYS C 241 11.86 3.63 -31.04
N GLY C 242 12.79 3.78 -31.97
CA GLY C 242 13.13 5.08 -32.51
C GLY C 242 14.31 5.76 -31.83
N LEU C 243 14.64 5.35 -30.61
CA LEU C 243 15.77 5.93 -29.90
C LEU C 243 17.07 5.32 -30.42
N VAL C 244 18.10 6.16 -30.53
CA VAL C 244 19.40 5.76 -31.04
C VAL C 244 20.43 5.82 -29.91
N TYR C 245 21.16 4.72 -29.74
CA TYR C 245 22.10 4.51 -28.65
C TYR C 245 23.47 4.15 -29.23
N ASN C 246 24.52 4.69 -28.63
CA ASN C 246 25.90 4.43 -29.06
C ASN C 246 26.55 3.39 -28.15
N TYR C 247 25.95 2.20 -28.09
CA TYR C 247 26.33 1.17 -27.12
C TYR C 247 27.22 0.12 -27.79
N ASP C 248 28.20 -0.35 -27.03
CA ASP C 248 29.14 -1.39 -27.49
C ASP C 248 28.54 -2.76 -27.17
N PHE C 249 27.78 -3.28 -28.12
CA PHE C 249 27.19 -4.60 -27.95
C PHE C 249 28.21 -5.70 -28.26
N PRO C 250 28.04 -6.88 -27.68
CA PRO C 250 28.77 -8.05 -28.15
C PRO C 250 28.41 -8.40 -29.59
N GLU C 251 29.36 -9.02 -30.29
CA GLU C 251 29.16 -9.41 -31.67
C GLU C 251 28.26 -10.63 -31.78
N TYR C 252 27.93 -10.99 -33.02
CA TYR C 252 27.05 -12.12 -33.28
C TYR C 252 27.76 -13.44 -32.99
N GLY C 253 27.16 -14.26 -32.12
CA GLY C 253 27.73 -15.52 -31.72
C GLY C 253 28.44 -15.49 -30.38
N ALA C 254 28.88 -14.32 -29.94
CA ALA C 254 29.56 -14.17 -28.65
C ALA C 254 28.58 -13.64 -27.61
N MET C 255 27.61 -14.49 -27.24
CA MET C 255 26.60 -14.10 -26.27
C MET C 255 27.17 -14.11 -24.86
N LYS C 256 26.80 -13.12 -24.06
CA LYS C 256 27.16 -13.07 -22.64
C LYS C 256 25.87 -13.07 -21.83
N PRO C 257 25.67 -14.04 -20.94
CA PRO C 257 24.48 -14.01 -20.09
C PRO C 257 24.55 -12.88 -19.07
N GLY C 258 23.38 -12.32 -18.77
CA GLY C 258 23.29 -11.19 -17.88
C GLY C 258 23.66 -9.86 -18.49
N ALA C 259 23.91 -9.81 -19.80
CA ALA C 259 24.26 -8.58 -20.50
C ALA C 259 23.45 -8.49 -21.79
N PHE C 260 23.62 -7.37 -22.49
CA PHE C 260 22.89 -7.13 -23.73
C PHE C 260 23.43 -8.05 -24.82
N GLY C 261 22.53 -8.47 -25.71
CA GLY C 261 22.90 -9.36 -26.79
C GLY C 261 22.99 -10.82 -26.39
N ASP C 262 22.29 -11.22 -25.33
CA ASP C 262 22.24 -12.63 -24.96
C ASP C 262 21.27 -13.41 -25.84
N ILE C 263 20.33 -12.73 -26.49
CA ILE C 263 19.31 -13.37 -27.33
C ILE C 263 19.44 -12.79 -28.73
N GLN C 264 20.01 -13.57 -29.65
CA GLN C 264 20.31 -13.06 -30.98
C GLN C 264 19.69 -13.94 -32.05
N ALA C 265 19.15 -13.28 -33.07
CA ALA C 265 18.70 -13.92 -34.31
C ALA C 265 18.72 -12.88 -35.41
N SER C 266 18.76 -13.34 -36.65
CA SER C 266 18.87 -12.43 -37.79
C SER C 266 17.59 -11.63 -38.01
N SER C 267 16.44 -12.21 -37.70
CA SER C 267 15.17 -11.52 -37.83
C SER C 267 14.24 -12.00 -36.73
N LEU C 268 13.09 -11.33 -36.61
CA LEU C 268 12.10 -11.74 -35.63
C LEU C 268 11.46 -13.07 -35.99
N ASP C 269 11.29 -13.34 -37.29
CA ASP C 269 10.70 -14.59 -37.74
C ASP C 269 11.74 -15.65 -38.08
N ALA C 270 13.02 -15.36 -37.86
CA ALA C 270 14.06 -16.34 -38.15
C ALA C 270 14.06 -17.46 -37.11
N THR C 271 14.27 -18.69 -37.60
CA THR C 271 14.27 -19.87 -36.74
C THR C 271 15.64 -20.27 -36.24
N ASP C 272 16.71 -19.66 -36.75
CA ASP C 272 18.07 -19.99 -36.32
C ASP C 272 18.48 -19.04 -35.19
N ILE C 273 17.88 -19.29 -34.02
CA ILE C 273 18.05 -18.39 -32.88
C ILE C 273 19.23 -18.87 -32.04
N VAL C 274 20.20 -17.99 -31.82
CA VAL C 274 21.38 -18.32 -31.02
C VAL C 274 21.31 -17.57 -29.70
N ALA C 275 21.67 -18.26 -28.62
CA ALA C 275 21.51 -17.70 -27.27
C ALA C 275 22.39 -18.45 -26.29
N ARG C 276 23.03 -17.68 -25.40
CA ARG C 276 23.72 -18.19 -24.19
C ARG C 276 23.13 -17.41 -23.01
N THR C 277 22.02 -17.90 -22.45
CA THR C 277 21.35 -17.21 -21.36
C THR C 277 21.26 -18.03 -20.07
N ASP C 278 22.06 -19.10 -19.96
CA ASP C 278 22.44 -19.75 -18.70
C ASP C 278 21.25 -20.35 -17.94
N ILE C 279 20.63 -21.39 -18.50
CA ILE C 279 19.71 -22.22 -17.73
C ILE C 279 20.47 -23.45 -17.24
N ARG C 280 20.36 -23.76 -15.95
CA ARG C 280 20.79 -25.06 -15.45
C ARG C 280 19.61 -25.72 -14.74
N LEU C 281 19.57 -27.05 -14.84
CA LEU C 281 18.46 -27.85 -14.34
C LEU C 281 18.87 -28.51 -13.02
N LEU C 282 17.90 -28.66 -12.12
CA LEU C 282 18.17 -29.21 -10.80
C LEU C 282 17.34 -30.47 -10.56
N LYS C 283 17.81 -31.28 -9.62
CA LYS C 283 17.14 -32.51 -9.23
C LYS C 283 15.83 -32.18 -8.51
N PRO C 284 14.68 -32.63 -9.03
CA PRO C 284 13.39 -32.30 -8.39
C PRO C 284 13.21 -33.08 -7.09
N SER C 285 13.22 -32.34 -5.98
CA SER C 285 13.08 -32.92 -4.65
C SER C 285 11.63 -33.06 -4.20
N VAL C 286 10.73 -32.23 -4.75
CA VAL C 286 9.34 -32.28 -4.32
C VAL C 286 8.63 -33.46 -5.01
N LYS C 287 7.60 -33.97 -4.33
CA LYS C 287 6.96 -35.23 -4.75
C LYS C 287 6.13 -35.04 -6.01
N ASN C 288 5.32 -33.99 -6.08
CA ASN C 288 4.53 -33.74 -7.27
C ASN C 288 5.43 -33.15 -8.36
N ILE C 289 5.06 -33.32 -9.63
CA ILE C 289 5.97 -32.99 -10.72
C ILE C 289 6.09 -31.48 -10.87
N HIS C 290 7.31 -31.02 -11.13
CA HIS C 290 7.72 -29.73 -11.66
C HIS C 290 9.21 -29.90 -11.93
N VAL C 291 9.69 -29.37 -13.05
CA VAL C 291 11.12 -29.33 -13.34
C VAL C 291 11.69 -28.01 -12.79
N PRO C 292 12.69 -28.07 -11.92
CA PRO C 292 13.44 -26.87 -11.57
C PRO C 292 14.19 -26.28 -12.76
N TYR C 293 14.22 -24.94 -12.78
CA TYR C 293 15.05 -24.21 -13.72
C TYR C 293 15.36 -22.83 -13.15
N THR C 294 16.65 -22.55 -13.04
CA THR C 294 17.16 -21.29 -12.49
C THR C 294 18.00 -20.58 -13.54
N GLN C 295 17.86 -19.25 -13.59
CA GLN C 295 18.40 -18.46 -14.68
C GLN C 295 19.13 -17.24 -14.16
N ALA C 296 20.02 -16.71 -15.00
CA ALA C 296 20.42 -15.31 -14.91
C ALA C 296 19.28 -14.44 -15.41
N VAL C 297 19.27 -13.18 -14.97
CA VAL C 297 18.21 -12.27 -15.37
C VAL C 297 18.39 -11.88 -16.84
N SER C 298 17.32 -11.32 -17.42
CA SER C 298 17.33 -10.92 -18.81
C SER C 298 18.22 -9.69 -18.98
N GLY C 299 19.19 -9.78 -19.90
CA GLY C 299 20.08 -8.66 -20.12
C GLY C 299 19.43 -7.51 -20.85
N TYR C 300 18.34 -7.78 -21.56
CA TYR C 300 17.59 -6.71 -22.23
C TYR C 300 16.91 -5.81 -21.20
N GLU C 301 16.35 -6.40 -20.14
CA GLU C 301 15.69 -5.61 -19.11
C GLU C 301 16.70 -4.83 -18.27
N MET C 302 17.84 -5.43 -17.97
CA MET C 302 18.90 -4.73 -17.24
C MET C 302 19.50 -3.62 -18.07
N TRP C 303 19.64 -3.86 -19.38
CA TRP C 303 20.12 -2.83 -20.28
C TRP C 303 19.09 -1.71 -20.48
N LYS C 304 17.80 -2.04 -20.35
CA LYS C 304 16.76 -1.04 -20.35
C LYS C 304 16.80 -0.20 -19.07
N ASN C 305 17.08 -0.83 -17.94
CA ASN C 305 17.16 -0.10 -16.67
C ASN C 305 18.41 0.78 -16.61
N ASN C 306 19.51 0.31 -17.19
CA ASN C 306 20.80 1.02 -17.18
C ASN C 306 21.08 1.68 -18.51
N SER C 307 20.05 2.29 -19.12
CA SER C 307 20.17 2.77 -20.49
C SER C 307 21.03 4.03 -20.60
N GLY C 308 20.63 5.10 -19.93
CA GLY C 308 21.20 6.41 -20.19
C GLY C 308 20.31 7.23 -21.10
N ARG C 309 20.94 8.27 -21.72
CA ARG C 309 20.05 9.15 -22.46
C ARG C 309 20.27 9.03 -23.97
N PRO C 310 19.20 9.28 -24.75
CA PRO C 310 19.28 9.23 -26.20
C PRO C 310 20.35 10.10 -26.84
N LEU C 311 20.69 9.80 -28.09
CA LEU C 311 21.60 10.66 -28.86
C LEU C 311 20.86 11.82 -29.53
N GLN C 312 19.54 11.90 -29.37
CA GLN C 312 18.84 13.16 -29.60
C GLN C 312 19.23 14.20 -28.57
N GLU C 313 19.71 13.77 -27.40
CA GLU C 313 20.00 14.62 -26.26
C GLU C 313 21.47 14.53 -25.85
N THR C 314 22.29 13.87 -26.66
CA THR C 314 23.70 13.66 -26.35
C THR C 314 24.62 14.07 -27.51
N ALA C 315 24.15 14.04 -28.74
CA ALA C 315 24.99 14.40 -29.88
C ALA C 315 25.26 15.90 -29.91
N PRO C 316 26.50 16.32 -30.13
CA PRO C 316 26.81 17.75 -30.18
C PRO C 316 26.48 18.34 -31.54
N PHE C 317 26.88 19.62 -31.72
CA PHE C 317 26.78 20.37 -32.97
C PHE C 317 25.34 20.59 -33.43
N GLY C 318 24.39 20.46 -32.51
CA GLY C 318 22.97 20.65 -32.82
C GLY C 318 22.41 19.67 -33.83
N CYS C 319 22.85 18.42 -33.78
CA CYS C 319 22.54 17.45 -34.82
C CYS C 319 21.40 16.56 -34.35
N LYS C 320 20.28 16.61 -35.07
CA LYS C 320 19.03 15.99 -34.63
C LYS C 320 18.85 14.68 -35.41
N ILE C 321 18.65 13.59 -34.68
CA ILE C 321 18.75 12.26 -35.28
C ILE C 321 17.35 11.73 -35.59
N GLU C 322 17.21 11.09 -36.76
CA GLU C 322 15.98 10.41 -37.11
C GLU C 322 16.31 9.01 -37.63
N VAL C 323 15.32 8.12 -37.56
CA VAL C 323 15.46 6.74 -37.98
C VAL C 323 14.38 6.40 -39.02
N GLU C 324 14.42 5.14 -39.51
CA GLU C 324 13.81 4.68 -40.76
C GLU C 324 14.06 5.61 -41.93
N PRO C 325 15.29 5.66 -42.50
CA PRO C 325 16.54 5.00 -42.10
C PRO C 325 17.31 5.87 -41.13
N LEU C 326 18.41 5.34 -40.58
CA LEU C 326 19.22 6.10 -39.64
C LEU C 326 19.91 7.27 -40.33
N ARG C 327 19.60 8.48 -39.90
CA ARG C 327 20.13 9.70 -40.50
C ARG C 327 20.28 10.74 -39.40
N ALA C 328 21.04 11.79 -39.71
CA ALA C 328 21.26 12.90 -38.78
C ALA C 328 20.85 14.19 -39.48
N SER C 329 19.71 14.74 -39.09
CA SER C 329 19.14 15.90 -39.77
C SER C 329 19.50 17.19 -39.05
N ASN C 330 19.65 18.25 -39.85
CA ASN C 330 19.98 19.62 -39.40
C ASN C 330 21.28 19.65 -38.59
N CYS C 331 22.28 18.93 -39.09
CA CYS C 331 23.54 18.76 -38.38
C CYS C 331 24.46 19.92 -38.73
N ALA C 332 24.75 20.77 -37.74
CA ALA C 332 25.37 22.07 -37.97
C ALA C 332 26.83 22.03 -37.53
N TYR C 333 27.74 21.86 -38.50
CA TYR C 333 29.16 21.92 -38.24
C TYR C 333 29.90 22.16 -39.55
N GLY C 334 31.06 22.83 -39.44
CA GLY C 334 31.97 22.95 -40.56
C GLY C 334 31.57 24.02 -41.56
N HIS C 335 32.45 24.18 -42.56
CA HIS C 335 32.25 25.09 -43.67
C HIS C 335 32.15 24.28 -44.96
N ILE C 336 31.15 24.58 -45.78
CA ILE C 336 30.97 23.88 -47.04
C ILE C 336 31.58 24.71 -48.16
N PRO C 337 32.44 24.12 -49.00
CA PRO C 337 32.89 24.83 -50.20
C PRO C 337 31.87 24.66 -51.32
N ILE C 338 31.48 25.78 -51.94
CA ILE C 338 30.50 25.78 -53.01
C ILE C 338 31.16 26.31 -54.27
N SER C 339 31.18 25.49 -55.32
CA SER C 339 31.60 25.91 -56.65
C SER C 339 30.39 25.80 -57.57
N ILE C 340 30.02 26.91 -58.18
CA ILE C 340 28.76 27.02 -58.91
C ILE C 340 29.01 27.67 -60.26
N ASP C 341 28.45 27.08 -61.32
CA ASP C 341 28.47 27.64 -62.66
C ASP C 341 27.17 28.40 -62.85
N ILE C 342 27.17 29.67 -62.48
CA ILE C 342 26.02 30.56 -62.65
C ILE C 342 25.87 30.92 -64.12
N PRO C 343 24.64 30.97 -64.66
CA PRO C 343 24.47 31.26 -66.08
C PRO C 343 24.73 32.72 -66.39
N ASP C 344 25.11 32.98 -67.65
CA ASP C 344 25.35 34.35 -68.09
C ASP C 344 24.09 35.05 -68.57
N ALA C 345 22.97 34.31 -68.65
CA ALA C 345 21.72 34.92 -69.09
C ALA C 345 21.14 35.85 -68.02
N ALA C 346 21.33 35.49 -66.74
CA ALA C 346 20.86 36.34 -65.66
C ALA C 346 21.74 37.55 -65.44
N PHE C 347 22.95 37.56 -65.99
CA PHE C 347 23.85 38.69 -65.86
C PHE C 347 23.37 39.89 -66.68
N VAL C 348 23.65 41.07 -66.17
CA VAL C 348 23.40 42.32 -66.90
C VAL C 348 24.72 43.06 -67.03
N ARG C 349 24.89 43.78 -68.13
CA ARG C 349 26.14 44.47 -68.38
C ARG C 349 26.16 45.83 -67.69
N SER C 350 27.36 46.41 -67.59
CA SER C 350 27.51 47.70 -66.93
C SER C 350 27.05 48.85 -67.81
N SER C 351 26.91 48.61 -69.12
CA SER C 351 26.43 49.65 -70.02
C SER C 351 24.95 49.96 -69.82
N GLU C 352 24.16 48.96 -69.41
CA GLU C 352 22.75 49.16 -69.13
C GLU C 352 22.43 49.29 -67.66
N SER C 353 23.24 48.70 -66.78
CA SER C 353 23.05 48.86 -65.35
C SER C 353 23.45 50.27 -64.92
N PRO C 354 22.68 50.91 -64.04
CA PRO C 354 23.00 52.29 -63.62
C PRO C 354 24.20 52.34 -62.69
N THR C 355 25.31 52.87 -63.19
CA THR C 355 26.52 53.04 -62.38
C THR C 355 26.44 54.38 -61.67
N ILE C 356 26.51 54.35 -60.34
CA ILE C 356 26.43 55.58 -59.55
C ILE C 356 27.72 56.38 -59.68
N LEU C 357 27.64 57.68 -59.42
CA LEU C 357 28.78 58.57 -59.55
C LEU C 357 29.49 58.78 -58.22
N GLU C 358 28.78 59.33 -57.23
CA GLU C 358 29.37 59.62 -55.93
C GLU C 358 28.44 59.11 -54.85
N VAL C 359 29.00 58.45 -53.83
CA VAL C 359 28.24 57.93 -52.70
C VAL C 359 29.07 58.12 -51.44
N SER C 360 28.39 58.43 -50.34
CA SER C 360 29.04 58.62 -49.04
C SER C 360 28.32 57.77 -47.99
N CYS C 361 29.05 57.44 -46.94
CA CYS C 361 28.54 56.58 -45.87
C CYS C 361 28.41 57.40 -44.59
N THR C 362 27.18 57.48 -44.07
CA THR C 362 26.90 58.06 -42.77
C THR C 362 26.24 56.97 -41.93
N VAL C 363 26.77 56.75 -40.72
CA VAL C 363 26.36 55.62 -39.89
C VAL C 363 25.45 56.12 -38.77
N ALA C 364 24.48 55.29 -38.40
CA ALA C 364 23.65 55.54 -37.23
C ALA C 364 24.22 54.82 -36.01
N ASP C 365 23.44 54.72 -34.94
CA ASP C 365 23.86 53.93 -33.79
C ASP C 365 23.91 52.45 -34.14
N CYS C 366 24.92 51.76 -33.63
CA CYS C 366 25.15 50.36 -33.96
C CYS C 366 25.41 49.56 -32.69
N ILE C 367 25.07 48.28 -32.75
CA ILE C 367 25.37 47.34 -31.67
C ILE C 367 25.99 46.12 -32.34
N TYR C 368 26.73 45.31 -31.57
CA TYR C 368 27.18 44.03 -32.08
C TYR C 368 26.41 42.93 -31.33
N SER C 369 25.61 42.18 -32.07
CA SER C 369 24.82 41.08 -31.55
C SER C 369 24.45 40.17 -32.70
N ALA C 370 23.63 39.16 -32.40
CA ALA C 370 23.16 38.26 -33.45
C ALA C 370 22.07 38.90 -34.30
N ASP C 371 21.22 39.72 -33.70
CA ASP C 371 20.12 40.35 -34.41
C ASP C 371 20.64 41.53 -35.25
N PHE C 372 19.79 42.04 -36.15
CA PHE C 372 20.12 43.18 -36.99
C PHE C 372 20.10 44.46 -36.15
N GLY C 373 21.18 44.66 -35.40
CA GLY C 373 21.28 45.79 -34.50
C GLY C 373 22.14 46.92 -35.03
N GLY C 374 22.02 47.21 -36.31
CA GLY C 374 22.76 48.29 -36.91
C GLY C 374 21.92 49.01 -37.94
N SER C 375 22.16 50.31 -38.08
CA SER C 375 21.51 51.13 -39.08
C SER C 375 22.56 52.01 -39.76
N LEU C 376 22.35 52.23 -41.06
CA LEU C 376 23.32 52.98 -41.85
C LEU C 376 22.58 53.68 -42.98
N THR C 377 23.11 54.82 -43.39
CA THR C 377 22.49 55.66 -44.41
C THR C 377 23.50 55.93 -45.52
N LEU C 378 23.11 55.62 -46.76
CA LEU C 378 23.94 55.86 -47.94
C LEU C 378 23.30 56.95 -48.79
N GLN C 379 23.97 58.09 -48.89
CA GLN C 379 23.55 59.17 -49.77
C GLN C 379 24.29 59.01 -51.09
N TYR C 380 23.53 58.82 -52.18
CA TYR C 380 24.10 58.47 -53.47
C TYR C 380 23.70 59.48 -54.53
N LYS C 381 24.55 59.60 -55.55
CA LYS C 381 24.24 60.36 -56.76
C LYS C 381 24.46 59.44 -57.96
N ALA C 382 23.39 59.18 -58.70
CA ALA C 382 23.43 58.28 -59.85
C ALA C 382 22.85 58.96 -61.08
N ASP C 383 22.65 58.18 -62.14
CA ASP C 383 22.18 58.70 -63.41
C ASP C 383 20.95 58.01 -63.96
N ARG C 384 20.52 56.90 -63.37
CA ARG C 384 19.37 56.15 -63.88
C ARG C 384 18.71 55.41 -62.72
N GLU C 385 17.40 55.23 -62.84
CA GLU C 385 16.61 54.52 -61.84
C GLU C 385 16.74 53.03 -62.10
N GLY C 386 17.32 52.30 -61.14
CA GLY C 386 17.57 50.88 -61.32
C GLY C 386 17.44 50.02 -60.09
N HIS C 387 18.16 48.90 -60.07
CA HIS C 387 18.08 47.88 -59.04
C HIS C 387 19.46 47.43 -58.60
N CYS C 388 20.30 48.38 -58.20
CA CYS C 388 21.65 48.08 -57.74
C CYS C 388 21.62 47.23 -56.47
N PRO C 389 22.36 46.12 -56.43
CA PRO C 389 22.45 45.32 -55.20
C PRO C 389 23.52 45.82 -54.26
N VAL C 390 23.29 45.71 -52.95
CA VAL C 390 24.23 46.19 -51.94
C VAL C 390 24.98 44.98 -51.38
N HIS C 391 26.24 45.22 -51.02
CA HIS C 391 27.10 44.15 -50.49
C HIS C 391 28.15 44.76 -49.58
N SER C 392 28.49 44.03 -48.53
CA SER C 392 29.59 44.37 -47.64
C SER C 392 30.79 43.48 -47.96
N HIS C 393 31.97 44.08 -48.08
CA HIS C 393 33.19 43.38 -48.48
C HIS C 393 34.03 42.98 -47.27
N SER C 394 33.38 42.64 -46.16
CA SER C 394 34.08 42.19 -44.96
C SER C 394 33.42 40.91 -44.45
N THR C 395 34.23 40.11 -43.75
CA THR C 395 33.77 38.87 -43.14
C THR C 395 33.21 39.07 -41.74
N THR C 396 33.12 40.32 -41.28
CA THR C 396 32.67 40.62 -39.92
C THR C 396 31.33 41.35 -39.97
N ALA C 397 30.83 41.62 -41.18
CA ALA C 397 29.60 42.39 -41.33
C ALA C 397 28.74 41.75 -42.41
N VAL C 398 27.43 41.82 -42.22
CA VAL C 398 26.45 41.30 -43.17
C VAL C 398 25.18 42.15 -43.07
N LEU C 399 24.55 42.42 -44.21
CA LEU C 399 23.35 43.24 -44.23
C LEU C 399 22.10 42.36 -44.36
N LYS C 400 20.95 43.02 -44.31
CA LYS C 400 19.65 42.35 -44.44
C LYS C 400 19.15 42.38 -45.88
N GLU C 401 19.02 43.57 -46.46
CA GLU C 401 18.51 43.70 -47.82
C GLU C 401 19.57 43.30 -48.83
N ALA C 402 19.11 42.72 -49.94
CA ALA C 402 19.98 42.30 -51.03
C ALA C 402 19.90 43.25 -52.22
N THR C 403 18.71 43.49 -52.74
CA THR C 403 18.50 44.41 -53.86
C THR C 403 17.79 45.67 -53.36
N THR C 404 18.38 46.82 -53.65
CA THR C 404 17.84 48.11 -53.25
C THR C 404 17.55 48.94 -54.49
N HIS C 405 16.39 49.60 -54.50
CA HIS C 405 16.06 50.47 -55.62
C HIS C 405 16.89 51.75 -55.54
N VAL C 406 17.55 52.09 -56.64
CA VAL C 406 18.42 53.25 -56.72
C VAL C 406 17.75 54.30 -57.59
N THR C 407 17.82 55.56 -57.15
CA THR C 407 17.28 56.70 -57.88
C THR C 407 18.41 57.53 -58.44
N ALA C 408 18.06 58.66 -59.06
CA ALA C 408 19.07 59.56 -59.59
C ALA C 408 19.81 60.29 -58.48
N VAL C 409 19.08 61.10 -57.71
CA VAL C 409 19.63 61.78 -56.55
C VAL C 409 18.74 61.47 -55.36
N GLY C 410 19.32 60.87 -54.32
CA GLY C 410 18.56 60.50 -53.15
C GLY C 410 19.38 59.75 -52.11
N SER C 411 18.71 59.06 -51.19
CA SER C 411 19.39 58.35 -50.13
C SER C 411 18.59 57.12 -49.74
N ILE C 412 19.29 56.15 -49.13
CA ILE C 412 18.69 54.88 -48.73
C ILE C 412 19.18 54.53 -47.33
N THR C 413 18.30 53.97 -46.51
CA THR C 413 18.63 53.54 -45.16
C THR C 413 18.63 52.01 -45.11
N LEU C 414 19.73 51.43 -44.61
CA LEU C 414 19.90 49.99 -44.60
C LEU C 414 20.30 49.51 -43.21
N HIS C 415 20.11 48.22 -42.98
CA HIS C 415 20.40 47.58 -41.71
C HIS C 415 21.54 46.58 -41.86
N PHE C 416 22.21 46.30 -40.74
CA PHE C 416 23.30 45.34 -40.76
C PHE C 416 23.40 44.68 -39.39
N SER C 417 24.18 43.60 -39.32
CA SER C 417 24.60 42.99 -38.07
C SER C 417 26.10 42.75 -38.13
N THR C 418 26.78 43.00 -37.02
CA THR C 418 28.24 42.91 -36.96
C THR C 418 28.66 42.16 -35.71
N SER C 419 29.91 41.68 -35.73
CA SER C 419 30.49 40.98 -34.60
C SER C 419 31.64 41.73 -33.94
N SER C 420 32.24 42.70 -34.62
CA SER C 420 33.34 43.46 -34.06
C SER C 420 32.82 44.64 -33.22
N PRO C 421 33.54 45.02 -32.16
CA PRO C 421 33.15 46.23 -31.41
C PRO C 421 33.30 47.52 -32.19
N GLN C 422 34.17 47.56 -33.20
CA GLN C 422 34.36 48.74 -34.03
C GLN C 422 34.05 48.35 -35.47
N ALA C 423 33.34 49.23 -36.17
CA ALA C 423 32.88 48.95 -37.53
C ALA C 423 33.82 49.62 -38.53
N ASN C 424 34.62 48.81 -39.23
CA ASN C 424 35.54 49.29 -40.25
C ASN C 424 35.34 48.50 -41.54
N PHE C 425 34.08 48.31 -41.93
CA PHE C 425 33.73 47.48 -43.07
C PHE C 425 33.35 48.34 -44.26
N ILE C 426 33.55 47.79 -45.46
CA ILE C 426 33.37 48.52 -46.71
C ILE C 426 32.08 48.06 -47.38
N VAL C 427 31.24 49.02 -47.77
CA VAL C 427 29.96 48.76 -48.40
C VAL C 427 30.03 49.11 -49.88
N SER C 428 29.51 48.21 -50.72
CA SER C 428 29.51 48.40 -52.16
C SER C 428 28.09 48.48 -52.68
N LEU C 429 27.91 49.28 -53.74
CA LEU C 429 26.61 49.45 -54.39
C LEU C 429 26.87 49.79 -55.85
N CYS C 430 26.67 48.81 -56.73
CA CYS C 430 27.02 48.87 -58.15
C CYS C 430 28.49 49.25 -58.36
N GLY C 431 29.36 48.62 -57.56
CA GLY C 431 30.80 48.72 -57.72
C GLY C 431 31.54 49.74 -56.88
N LYS C 432 30.88 50.82 -56.50
CA LYS C 432 31.55 51.88 -55.76
C LYS C 432 31.70 51.50 -54.29
N LYS C 433 32.92 51.59 -53.79
CA LYS C 433 33.27 51.13 -52.44
C LYS C 433 33.59 52.30 -51.55
N THR C 434 32.92 52.37 -50.40
CA THR C 434 33.18 53.38 -49.38
C THR C 434 33.41 52.69 -48.04
N THR C 435 34.37 53.21 -47.27
CA THR C 435 34.69 52.63 -45.96
C THR C 435 33.91 53.35 -44.88
N CYS C 436 33.14 52.60 -44.10
CA CYS C 436 32.32 53.18 -43.04
C CYS C 436 33.02 53.04 -41.71
N ASN C 437 33.02 54.12 -40.93
CA ASN C 437 33.67 54.18 -39.63
C ASN C 437 32.62 54.41 -38.55
N ALA C 438 32.63 53.57 -37.52
CA ALA C 438 31.66 53.67 -36.43
C ALA C 438 32.29 53.07 -35.17
N GLU C 439 31.47 52.95 -34.13
CA GLU C 439 31.92 52.38 -32.85
C GLU C 439 30.69 51.77 -32.17
N CYS C 440 30.63 50.45 -32.16
CA CYS C 440 29.46 49.73 -31.64
C CYS C 440 29.62 49.50 -30.14
N LYS C 441 28.57 49.83 -29.40
CA LYS C 441 28.52 49.61 -27.96
C LYS C 441 28.32 48.12 -27.66
N PRO C 442 28.67 47.67 -26.45
CA PRO C 442 28.29 46.31 -26.06
C PRO C 442 26.79 46.20 -25.91
N PRO C 443 26.23 45.02 -26.20
CA PRO C 443 24.77 44.88 -26.19
C PRO C 443 24.17 44.88 -24.79
N ALA C 444 22.93 45.34 -24.70
CA ALA C 444 22.21 45.34 -23.42
C ALA C 444 21.70 43.95 -23.07
N ASP C 445 21.34 43.16 -24.08
CA ASP C 445 20.82 41.81 -23.84
C ASP C 445 21.98 40.86 -23.53
N HIS C 446 21.65 39.63 -23.13
CA HIS C 446 22.66 38.65 -22.80
C HIS C 446 22.52 37.39 -23.65
N ILE C 447 21.28 36.91 -23.80
CA ILE C 447 20.98 35.73 -24.60
C ILE C 447 19.85 36.08 -25.55
N ILE C 448 20.05 35.82 -26.84
CA ILE C 448 19.05 36.08 -27.85
C ILE C 448 18.72 34.76 -28.55
N GLY C 449 17.46 34.65 -29.01
CA GLY C 449 16.98 33.42 -29.62
C GLY C 449 17.18 33.31 -31.11
N GLU C 450 18.10 34.12 -31.66
CA GLU C 450 18.46 34.03 -33.07
C GLU C 450 19.93 33.67 -33.19
N PRO C 451 20.32 32.90 -34.21
CA PRO C 451 21.72 32.45 -34.34
C PRO C 451 22.68 33.61 -34.54
N HIS C 452 23.89 33.45 -33.99
CA HIS C 452 24.97 34.37 -34.31
C HIS C 452 25.39 34.15 -35.76
N LYS C 453 24.98 35.07 -36.64
CA LYS C 453 25.20 34.91 -38.07
C LYS C 453 26.63 35.20 -38.49
N VAL C 454 27.42 35.86 -37.64
CA VAL C 454 28.78 36.25 -37.97
C VAL C 454 29.74 35.58 -37.01
N ASP C 455 30.75 34.89 -37.55
CA ASP C 455 31.83 34.38 -36.72
C ASP C 455 32.80 35.49 -36.37
N GLN C 456 33.33 35.43 -35.15
CA GLN C 456 34.27 36.44 -34.68
C GLN C 456 35.68 36.17 -35.17
N PRO D 1 -9.55 -28.11 -21.62
CA PRO D 1 -8.88 -27.24 -20.65
C PRO D 1 -8.26 -28.04 -19.52
N TYR D 2 -6.93 -28.11 -19.47
CA TYR D 2 -6.25 -28.92 -18.47
C TYR D 2 -6.22 -28.18 -17.13
N LEU D 3 -5.66 -28.84 -16.11
CA LEU D 3 -5.43 -28.23 -14.81
C LEU D 3 -3.94 -28.25 -14.53
N GLY D 4 -3.43 -27.21 -13.88
CA GLY D 4 -2.02 -27.04 -13.66
C GLY D 4 -1.64 -27.02 -12.19
N PHE D 5 -0.34 -26.80 -11.95
CA PHE D 5 0.26 -26.78 -10.62
C PHE D 5 0.38 -25.31 -10.22
N CYS D 6 -0.66 -24.77 -9.60
CA CYS D 6 -0.61 -23.39 -9.15
C CYS D 6 0.22 -23.31 -7.87
N PRO D 7 1.17 -22.37 -7.77
CA PRO D 7 2.01 -22.29 -6.57
C PRO D 7 1.31 -21.70 -5.35
N TYR D 8 0.08 -21.19 -5.51
CA TYR D 8 -0.68 -20.63 -4.39
C TYR D 8 -2.17 -20.85 -4.65
N CYS D 9 -2.73 -21.83 -3.95
CA CYS D 9 -4.16 -22.12 -4.00
C CYS D 9 -4.86 -21.24 -2.98
N ARG D 10 -6.08 -21.62 -2.58
CA ARG D 10 -6.92 -20.77 -1.73
C ARG D 10 -6.30 -20.50 -0.36
N HIS D 11 -5.78 -21.55 0.29
CA HIS D 11 -5.33 -21.30 1.66
C HIS D 11 -3.85 -20.93 1.83
N SER D 12 -2.91 -21.85 1.62
CA SER D 12 -1.50 -21.49 1.65
C SER D 12 -0.63 -22.28 0.68
N ALA D 13 -1.06 -23.50 0.36
CA ALA D 13 -0.14 -24.46 -0.21
C ALA D 13 -0.07 -24.31 -1.73
N PRO D 14 1.00 -24.82 -2.35
CA PRO D 14 0.90 -25.14 -3.77
C PRO D 14 -0.09 -26.27 -3.99
N CYS D 15 -1.00 -26.06 -4.95
CA CYS D 15 -2.16 -26.90 -5.13
C CYS D 15 -2.49 -26.96 -6.61
N PHE D 16 -3.54 -27.71 -6.93
CA PHE D 16 -4.02 -27.76 -8.31
C PHE D 16 -5.20 -26.81 -8.49
N SER D 17 -5.07 -25.90 -9.44
CA SER D 17 -6.11 -24.97 -9.83
C SER D 17 -6.29 -25.05 -11.34
N PRO D 18 -7.53 -25.12 -11.82
CA PRO D 18 -7.75 -25.16 -13.26
C PRO D 18 -7.80 -23.81 -13.98
N ILE D 19 -7.43 -22.72 -13.31
CA ILE D 19 -7.33 -21.41 -13.95
C ILE D 19 -5.89 -20.99 -13.63
N LYS D 20 -4.99 -21.97 -13.66
CA LYS D 20 -3.58 -21.75 -13.31
C LYS D 20 -2.92 -20.78 -14.29
N ILE D 21 -2.26 -19.76 -13.74
CA ILE D 21 -1.54 -18.77 -14.53
C ILE D 21 -0.13 -19.28 -14.78
N GLU D 22 0.29 -19.30 -16.05
CA GLU D 22 1.68 -19.61 -16.36
C GLU D 22 2.52 -18.35 -16.49
N ASN D 23 2.06 -17.37 -17.26
CA ASN D 23 2.82 -16.13 -17.45
C ASN D 23 1.89 -14.93 -17.59
N VAL D 24 2.43 -13.76 -17.25
CA VAL D 24 1.73 -12.47 -17.35
C VAL D 24 2.65 -11.50 -18.06
N TRP D 25 2.12 -10.82 -19.08
CA TRP D 25 2.87 -9.83 -19.84
C TRP D 25 2.37 -8.43 -19.53
N ASP D 26 3.31 -7.52 -19.27
CA ASP D 26 2.99 -6.14 -18.92
C ASP D 26 3.73 -5.17 -19.84
N GLU D 27 3.75 -5.47 -21.14
CA GLU D 27 4.46 -4.63 -22.09
C GLU D 27 3.66 -3.43 -22.57
N SER D 28 2.39 -3.31 -22.13
CA SER D 28 1.58 -2.17 -22.54
C SER D 28 2.04 -0.90 -21.82
N ASP D 29 1.76 0.24 -22.47
CA ASP D 29 2.12 1.54 -21.92
C ASP D 29 0.99 2.18 -21.11
N ASP D 30 -0.16 1.52 -21.01
CA ASP D 30 -1.28 2.06 -20.25
C ASP D 30 -1.51 1.32 -18.94
N GLY D 31 -0.64 0.37 -18.60
CA GLY D 31 -0.78 -0.40 -17.38
C GLY D 31 -1.54 -1.70 -17.51
N SER D 32 -2.14 -1.96 -18.68
CA SER D 32 -2.91 -3.19 -18.86
C SER D 32 -1.98 -4.39 -19.01
N ILE D 33 -2.44 -5.54 -18.52
CA ILE D 33 -1.69 -6.79 -18.59
C ILE D 33 -2.57 -7.84 -19.26
N ARG D 34 -1.94 -8.88 -19.79
CA ARG D 34 -2.64 -10.02 -20.37
C ARG D 34 -2.17 -11.29 -19.65
N ILE D 35 -3.11 -12.20 -19.41
CA ILE D 35 -2.90 -13.35 -18.55
C ILE D 35 -3.23 -14.63 -19.31
N GLN D 36 -2.31 -15.58 -19.27
CA GLN D 36 -2.53 -16.95 -19.75
C GLN D 36 -3.01 -17.83 -18.61
N VAL D 37 -4.17 -18.46 -18.81
CA VAL D 37 -4.71 -19.44 -17.87
C VAL D 37 -4.95 -20.74 -18.61
N SER D 38 -5.09 -21.83 -17.83
CA SER D 38 -5.30 -23.15 -18.41
C SER D 38 -6.74 -23.40 -18.83
N ALA D 39 -7.68 -22.56 -18.38
CA ALA D 39 -9.07 -22.74 -18.73
C ALA D 39 -9.40 -22.04 -20.04
N GLN D 40 -10.57 -22.37 -20.60
CA GLN D 40 -11.06 -21.77 -21.83
C GLN D 40 -12.14 -20.76 -21.47
N PHE D 41 -11.95 -19.52 -21.91
CA PHE D 41 -12.86 -18.41 -21.67
C PHE D 41 -13.63 -18.08 -22.95
N GLY D 42 -14.96 -17.98 -22.82
CA GLY D 42 -15.80 -17.64 -23.94
C GLY D 42 -16.32 -18.80 -24.75
N TYR D 43 -16.26 -20.02 -24.22
CA TYR D 43 -16.74 -21.20 -24.93
C TYR D 43 -17.50 -22.09 -23.97
N ASN D 44 -18.49 -22.82 -24.50
CA ASN D 44 -19.29 -23.74 -23.71
C ASN D 44 -18.57 -25.08 -23.57
N GLN D 45 -19.30 -26.10 -23.11
CA GLN D 45 -18.75 -27.46 -23.01
C GLN D 45 -18.35 -27.99 -24.38
N ALA D 46 -19.14 -27.71 -25.40
CA ALA D 46 -18.79 -28.06 -26.76
C ALA D 46 -17.77 -27.12 -27.36
N GLY D 47 -17.58 -25.94 -26.79
CA GLY D 47 -16.71 -24.95 -27.38
C GLY D 47 -17.40 -23.95 -28.29
N THR D 48 -18.70 -23.75 -28.13
CA THR D 48 -19.45 -22.83 -28.97
C THR D 48 -19.02 -21.40 -28.72
N ALA D 49 -18.87 -20.64 -29.81
CA ALA D 49 -18.57 -19.22 -29.69
C ALA D 49 -19.78 -18.50 -29.09
N ASP D 50 -19.72 -18.28 -27.78
CA ASP D 50 -20.79 -17.65 -27.03
C ASP D 50 -20.12 -16.89 -25.90
N VAL D 51 -20.43 -15.60 -25.77
CA VAL D 51 -19.59 -14.73 -24.97
C VAL D 51 -19.82 -14.91 -23.48
N THR D 52 -21.02 -15.31 -23.06
CA THR D 52 -21.42 -15.09 -21.67
C THR D 52 -21.07 -16.28 -20.77
N LYS D 53 -20.59 -17.39 -21.34
CA LYS D 53 -20.23 -18.56 -20.55
C LYS D 53 -18.81 -19.00 -20.87
N PHE D 54 -18.19 -19.69 -19.91
CA PHE D 54 -16.90 -20.33 -20.12
C PHE D 54 -16.91 -21.74 -19.52
N ARG D 55 -15.80 -22.45 -19.71
CA ARG D 55 -15.62 -23.81 -19.24
C ARG D 55 -14.29 -23.94 -18.50
N TYR D 56 -14.16 -25.02 -17.74
CA TYR D 56 -12.95 -25.28 -16.96
C TYR D 56 -12.82 -26.79 -16.76
N MET D 57 -11.85 -27.17 -15.93
CA MET D 57 -11.52 -28.57 -15.69
C MET D 57 -12.22 -29.03 -14.42
N SER D 58 -12.93 -30.15 -14.52
CA SER D 58 -13.72 -30.67 -13.41
C SER D 58 -12.85 -31.31 -12.34
N PHE D 59 -13.31 -31.22 -11.10
CA PHE D 59 -12.64 -31.83 -9.95
C PHE D 59 -13.26 -33.18 -9.57
N ASP D 60 -13.31 -34.13 -10.50
CA ASP D 60 -13.83 -35.45 -10.20
C ASP D 60 -13.10 -36.49 -11.05
N HIS D 61 -13.47 -37.75 -10.82
CA HIS D 61 -12.76 -38.88 -11.43
C HIS D 61 -13.14 -39.10 -12.90
N ASP D 62 -14.29 -38.59 -13.34
CA ASP D 62 -14.68 -38.74 -14.75
C ASP D 62 -14.02 -37.71 -15.66
N HIS D 63 -13.39 -36.68 -15.06
CA HIS D 63 -12.66 -35.59 -15.70
C HIS D 63 -13.40 -34.97 -16.90
N ASP D 64 -14.68 -34.69 -16.69
CA ASP D 64 -15.50 -34.07 -17.71
C ASP D 64 -15.32 -32.54 -17.71
N ILE D 65 -16.23 -31.85 -18.39
CA ILE D 65 -16.19 -30.39 -18.55
C ILE D 65 -17.50 -29.79 -18.03
N LYS D 66 -17.39 -28.75 -17.23
CA LYS D 66 -18.54 -28.00 -16.73
C LYS D 66 -18.55 -26.58 -17.29
N GLU D 67 -19.54 -25.79 -16.88
CA GLU D 67 -19.72 -24.44 -17.36
C GLU D 67 -19.87 -23.46 -16.21
N ASP D 68 -19.55 -22.20 -16.49
CA ASP D 68 -19.63 -21.11 -15.53
C ASP D 68 -19.69 -19.79 -16.32
N SER D 69 -20.15 -18.73 -15.66
CA SER D 69 -20.24 -17.40 -16.24
C SER D 69 -19.18 -16.47 -15.62
N MET D 70 -19.06 -15.26 -16.19
CA MET D 70 -17.99 -14.37 -15.76
C MET D 70 -18.39 -13.51 -14.56
N ASP D 71 -19.64 -13.63 -14.09
CA ASP D 71 -20.08 -12.84 -12.95
C ASP D 71 -19.41 -13.28 -11.65
N LYS D 72 -18.79 -14.45 -11.63
CA LYS D 72 -17.99 -14.93 -10.50
C LYS D 72 -16.51 -15.01 -10.83
N ILE D 73 -16.04 -14.19 -11.77
CA ILE D 73 -14.61 -14.03 -12.07
C ILE D 73 -14.12 -12.75 -11.43
N ALA D 74 -13.06 -12.84 -10.62
CA ALA D 74 -12.42 -11.68 -10.03
C ALA D 74 -10.95 -11.67 -10.41
N ILE D 75 -10.48 -10.52 -10.88
CA ILE D 75 -9.08 -10.29 -11.21
C ILE D 75 -8.56 -9.26 -10.24
N SER D 76 -7.42 -9.53 -9.61
CA SER D 76 -6.92 -8.61 -8.60
C SER D 76 -5.41 -8.69 -8.48
N THR D 77 -4.79 -7.53 -8.25
CA THR D 77 -3.40 -7.44 -7.85
C THR D 77 -3.26 -6.88 -6.43
N SER D 78 -3.81 -5.70 -6.18
CA SER D 78 -4.00 -5.18 -4.83
C SER D 78 -5.46 -4.85 -4.54
N GLY D 79 -6.17 -4.27 -5.50
CA GLY D 79 -7.61 -4.21 -5.48
C GLY D 79 -8.15 -4.99 -6.65
N PRO D 80 -9.49 -5.11 -6.76
CA PRO D 80 -10.08 -5.71 -7.95
C PRO D 80 -9.73 -4.97 -9.23
N CYS D 81 -9.51 -5.74 -10.29
CA CYS D 81 -9.15 -5.19 -11.60
C CYS D 81 -10.39 -5.00 -12.46
N ARG D 82 -10.20 -4.36 -13.60
CA ARG D 82 -11.27 -4.14 -14.57
C ARG D 82 -11.05 -5.06 -15.76
N ARG D 83 -12.07 -5.85 -16.10
CA ARG D 83 -11.96 -6.79 -17.22
C ARG D 83 -12.24 -6.07 -18.53
N LEU D 84 -11.48 -6.41 -19.57
CA LEU D 84 -11.68 -5.83 -20.88
C LEU D 84 -11.90 -6.85 -21.99
N GLY D 85 -11.23 -7.99 -21.97
CA GLY D 85 -11.38 -8.95 -23.03
C GLY D 85 -10.82 -10.31 -22.67
N HIS D 86 -11.26 -11.33 -23.42
CA HIS D 86 -10.89 -12.71 -23.14
C HIS D 86 -11.13 -13.59 -24.36
N LYS D 87 -10.14 -14.42 -24.69
CA LYS D 87 -10.31 -15.50 -25.66
C LYS D 87 -9.60 -16.75 -25.14
N GLY D 88 -10.37 -17.73 -24.68
CA GLY D 88 -9.81 -19.04 -24.41
C GLY D 88 -8.86 -19.04 -23.23
N TYR D 89 -7.58 -19.25 -23.54
CA TYR D 89 -6.52 -19.22 -22.55
C TYR D 89 -6.16 -17.80 -22.12
N PHE D 90 -6.63 -16.79 -22.82
CA PHE D 90 -6.09 -15.43 -22.76
C PHE D 90 -7.01 -14.50 -21.99
N LEU D 91 -6.42 -13.53 -21.31
CA LEU D 91 -7.12 -12.49 -20.59
C LEU D 91 -6.58 -11.13 -21.00
N LEU D 92 -7.26 -10.08 -20.55
CA LEU D 92 -6.69 -8.73 -20.52
C LEU D 92 -7.40 -7.97 -19.42
N ALA D 93 -6.65 -7.27 -18.58
CA ALA D 93 -7.23 -6.54 -17.46
C ALA D 93 -6.42 -5.28 -17.18
N GLN D 94 -7.11 -4.27 -16.64
CA GLN D 94 -6.47 -3.05 -16.15
C GLN D 94 -6.39 -3.14 -14.63
N CYS D 95 -5.17 -3.01 -14.09
CA CYS D 95 -4.95 -3.32 -12.69
C CYS D 95 -4.13 -2.24 -11.98
N PRO D 96 -4.37 -2.04 -10.68
CA PRO D 96 -3.46 -1.22 -9.88
C PRO D 96 -2.14 -1.93 -9.66
N PRO D 97 -1.08 -1.19 -9.30
CA PRO D 97 0.22 -1.83 -9.07
C PRO D 97 0.22 -2.78 -7.88
N GLY D 98 1.06 -3.80 -7.97
CA GLY D 98 1.18 -4.79 -6.92
C GLY D 98 2.34 -5.72 -7.20
N ASP D 99 2.54 -6.67 -6.29
CA ASP D 99 3.64 -7.62 -6.41
C ASP D 99 3.21 -8.96 -7.02
N SER D 100 1.91 -9.17 -7.21
CA SER D 100 1.40 -10.41 -7.80
C SER D 100 0.03 -10.12 -8.40
N VAL D 101 -0.49 -11.11 -9.14
CA VAL D 101 -1.81 -11.01 -9.75
C VAL D 101 -2.60 -12.25 -9.37
N THR D 102 -3.91 -12.07 -9.13
CA THR D 102 -4.77 -13.14 -8.63
C THR D 102 -5.98 -13.31 -9.54
N VAL D 103 -6.22 -14.55 -9.94
CA VAL D 103 -7.43 -14.95 -10.65
C VAL D 103 -8.21 -15.88 -9.72
N SER D 104 -9.54 -15.86 -9.83
CA SER D 104 -10.38 -16.66 -8.95
C SER D 104 -11.72 -16.97 -9.61
N ILE D 105 -12.25 -18.14 -9.28
CA ILE D 105 -13.65 -18.48 -9.53
C ILE D 105 -14.35 -18.56 -8.18
N THR D 106 -15.37 -17.72 -7.98
CA THR D 106 -16.09 -17.66 -6.71
C THR D 106 -17.39 -18.44 -6.88
N SER D 107 -17.26 -19.74 -7.14
CA SER D 107 -18.41 -20.60 -7.41
C SER D 107 -19.10 -20.92 -6.09
N GLY D 108 -19.96 -20.01 -5.68
CA GLY D 108 -20.62 -20.14 -4.38
C GLY D 108 -19.62 -19.93 -3.26
N ALA D 109 -19.57 -20.88 -2.33
CA ALA D 109 -18.59 -20.83 -1.26
C ALA D 109 -17.22 -21.36 -1.68
N SER D 110 -17.13 -22.02 -2.83
CA SER D 110 -15.87 -22.58 -3.31
C SER D 110 -15.14 -21.49 -4.11
N GLU D 111 -14.26 -20.77 -3.43
CA GLU D 111 -13.48 -19.70 -4.06
C GLU D 111 -12.08 -20.25 -4.35
N ASN D 112 -11.96 -20.94 -5.48
CA ASN D 112 -10.68 -21.47 -5.92
C ASN D 112 -9.89 -20.36 -6.60
N SER D 113 -8.67 -20.12 -6.12
CA SER D 113 -7.87 -18.99 -6.55
C SER D 113 -6.47 -19.44 -6.93
N CYS D 114 -5.81 -18.65 -7.77
CA CYS D 114 -4.43 -18.89 -8.19
C CYS D 114 -3.70 -17.56 -8.26
N THR D 115 -2.51 -17.50 -7.66
CA THR D 115 -1.72 -16.27 -7.59
C THR D 115 -0.29 -16.58 -7.97
N VAL D 116 0.24 -15.81 -8.92
CA VAL D 116 1.59 -16.02 -9.46
C VAL D 116 2.36 -14.70 -9.32
N GLU D 117 3.60 -14.81 -8.86
CA GLU D 117 4.45 -13.63 -8.67
C GLU D 117 4.77 -12.94 -9.99
N LYS D 118 4.47 -11.64 -10.04
CA LYS D 118 4.85 -10.79 -11.18
C LYS D 118 4.80 -9.35 -10.70
N LYS D 119 5.92 -8.64 -10.82
CA LYS D 119 5.99 -7.25 -10.36
C LYS D 119 5.32 -6.32 -11.34
N ILE D 120 4.14 -5.81 -10.97
CA ILE D 120 3.39 -4.88 -11.81
C ILE D 120 3.56 -3.48 -11.22
N ARG D 121 4.09 -2.57 -12.01
CA ARG D 121 4.32 -1.19 -11.59
C ARG D 121 3.52 -0.23 -12.47
N ARG D 122 3.28 0.97 -11.93
CA ARG D 122 2.60 2.01 -12.68
C ARG D 122 3.61 2.68 -13.60
N LYS D 123 3.56 2.31 -14.88
CA LYS D 123 4.45 2.87 -15.88
C LYS D 123 3.76 4.02 -16.60
N PHE D 124 4.57 4.83 -17.28
CA PHE D 124 4.08 6.07 -17.87
C PHE D 124 4.66 6.22 -19.26
N VAL D 125 4.15 7.22 -19.98
CA VAL D 125 4.56 7.52 -21.35
C VAL D 125 5.23 8.89 -21.34
N GLY D 126 6.38 8.99 -21.99
CA GLY D 126 7.05 10.25 -22.17
C GLY D 126 8.06 10.55 -21.08
N ARG D 127 8.19 11.83 -20.76
CA ARG D 127 9.20 12.32 -19.83
C ARG D 127 8.60 12.87 -18.54
N GLU D 128 7.30 12.68 -18.34
CA GLU D 128 6.65 13.21 -17.15
C GLU D 128 5.90 12.08 -16.47
N GLU D 129 6.15 11.89 -15.17
CA GLU D 129 5.38 10.89 -14.44
C GLU D 129 3.96 11.38 -14.22
N TYR D 130 3.01 10.47 -14.42
CA TYR D 130 1.61 10.82 -14.31
C TYR D 130 0.85 9.62 -13.79
N LEU D 131 -0.26 9.90 -13.11
CA LEU D 131 -1.09 8.87 -12.51
C LEU D 131 -2.31 8.55 -13.38
N PHE D 132 -3.06 9.58 -13.75
CA PHE D 132 -4.22 9.52 -14.62
C PHE D 132 -4.04 10.54 -15.73
N PRO D 133 -4.44 10.23 -16.96
CA PRO D 133 -4.13 11.10 -18.11
C PRO D 133 -4.91 12.40 -18.06
N PRO D 134 -4.21 13.54 -18.15
CA PRO D 134 -4.91 14.84 -18.17
C PRO D 134 -5.65 15.05 -19.48
N VAL D 135 -6.58 16.00 -19.45
CA VAL D 135 -7.33 16.33 -20.66
C VAL D 135 -6.44 17.02 -21.70
N HIS D 136 -5.51 17.86 -21.25
CA HIS D 136 -4.73 18.70 -22.15
C HIS D 136 -3.28 18.27 -22.19
N GLY D 137 -2.69 18.30 -23.37
CA GLY D 137 -1.27 18.06 -23.52
C GLY D 137 -0.94 17.66 -24.94
N LYS D 138 0.34 17.37 -25.15
CA LYS D 138 0.83 16.92 -26.44
C LYS D 138 0.32 15.51 -26.73
N LEU D 139 0.04 15.25 -28.00
CA LEU D 139 -0.33 13.92 -28.48
C LEU D 139 0.94 13.23 -28.96
N VAL D 140 1.20 12.04 -28.41
CA VAL D 140 2.45 11.32 -28.68
C VAL D 140 2.09 9.90 -29.09
N LYS D 141 2.90 9.31 -29.96
CA LYS D 141 2.77 7.90 -30.34
C LYS D 141 3.05 7.03 -29.11
N CYS D 142 2.13 6.13 -28.82
CA CYS D 142 2.29 5.18 -27.71
C CYS D 142 2.06 3.77 -28.25
N HIS D 143 2.14 2.80 -27.35
CA HIS D 143 2.03 1.40 -27.72
C HIS D 143 1.23 0.65 -26.66
N VAL D 144 -0.01 0.29 -26.98
CA VAL D 144 -0.90 -0.40 -26.05
C VAL D 144 -1.43 -1.66 -26.73
N TYR D 145 -1.94 -2.57 -25.91
CA TYR D 145 -2.64 -3.73 -26.44
C TYR D 145 -3.97 -3.30 -27.03
N ASP D 146 -4.32 -3.87 -28.18
CA ASP D 146 -5.59 -3.55 -28.83
C ASP D 146 -6.72 -4.21 -28.05
N HIS D 147 -7.82 -3.48 -27.85
CA HIS D 147 -8.98 -4.04 -27.19
C HIS D 147 -9.79 -4.95 -28.10
N LEU D 148 -9.53 -4.93 -29.41
CA LEU D 148 -10.20 -5.83 -30.34
C LEU D 148 -9.71 -7.25 -30.16
N LYS D 149 -10.65 -8.18 -29.96
CA LYS D 149 -10.34 -9.55 -29.58
C LYS D 149 -9.89 -10.42 -30.75
N GLU D 150 -10.15 -10.01 -31.99
CA GLU D 150 -9.88 -10.85 -33.16
C GLU D 150 -8.49 -10.55 -33.75
N THR D 151 -7.65 -9.84 -33.00
CA THR D 151 -6.30 -9.52 -33.47
C THR D 151 -5.38 -10.73 -33.24
N SER D 152 -4.13 -10.61 -33.65
CA SER D 152 -3.20 -11.74 -33.59
C SER D 152 -1.80 -11.22 -33.29
N ALA D 153 -1.36 -11.36 -32.04
CA ALA D 153 -0.01 -10.98 -31.64
C ALA D 153 1.01 -12.08 -31.87
N GLY D 154 0.58 -13.29 -32.20
CA GLY D 154 1.51 -14.39 -32.41
C GLY D 154 0.82 -15.75 -32.41
N TYR D 155 1.57 -16.79 -32.03
CA TYR D 155 1.02 -18.14 -32.01
C TYR D 155 1.61 -18.90 -30.84
N ILE D 156 0.84 -19.85 -30.32
CA ILE D 156 1.27 -20.78 -29.28
C ILE D 156 1.05 -22.20 -29.79
N THR D 157 1.79 -23.15 -29.24
CA THR D 157 1.78 -24.51 -29.74
C THR D 157 1.02 -25.44 -28.78
N MET D 158 0.14 -26.27 -29.34
CA MET D 158 -0.59 -27.27 -28.58
C MET D 158 -0.35 -28.66 -29.16
N HIS D 159 -0.41 -29.66 -28.28
CA HIS D 159 -0.22 -31.05 -28.64
C HIS D 159 -1.28 -31.91 -27.97
N ARG D 160 -1.26 -33.21 -28.27
CA ARG D 160 -2.12 -34.19 -27.62
C ARG D 160 -1.65 -34.44 -26.19
N PRO D 161 -2.57 -34.66 -25.25
CA PRO D 161 -2.17 -34.94 -23.86
C PRO D 161 -1.61 -36.34 -23.71
N GLY D 162 -0.81 -36.52 -22.67
CA GLY D 162 -0.31 -37.83 -22.32
C GLY D 162 -1.27 -38.58 -21.43
N PRO D 163 -0.83 -39.73 -20.89
CA PRO D 163 -1.67 -40.50 -19.96
C PRO D 163 -1.85 -39.76 -18.64
N HIS D 164 -3.11 -39.57 -18.25
CA HIS D 164 -3.46 -38.93 -16.99
C HIS D 164 -4.11 -40.01 -16.11
N ALA D 165 -3.31 -40.61 -15.24
CA ALA D 165 -3.75 -41.77 -14.49
C ALA D 165 -4.60 -41.36 -13.29
N TYR D 166 -5.17 -42.37 -12.62
CA TYR D 166 -6.09 -42.18 -11.51
C TYR D 166 -5.94 -43.32 -10.51
N LYS D 167 -6.41 -43.07 -9.29
CA LYS D 167 -6.55 -44.12 -8.29
C LYS D 167 -7.98 -44.62 -8.19
N SER D 168 -8.96 -43.80 -8.57
CA SER D 168 -10.35 -44.24 -8.58
C SER D 168 -10.62 -45.28 -9.67
N TYR D 169 -9.76 -45.33 -10.70
CA TYR D 169 -9.90 -46.36 -11.72
C TYR D 169 -9.48 -47.73 -11.22
N LEU D 170 -8.59 -47.81 -10.24
CA LEU D 170 -8.08 -49.07 -9.72
C LEU D 170 -8.74 -49.41 -8.39
N GLU D 171 -9.03 -50.69 -8.20
CA GLU D 171 -9.69 -51.16 -6.99
C GLU D 171 -8.88 -52.30 -6.39
N GLU D 172 -8.72 -52.27 -5.07
CA GLU D 172 -8.00 -53.31 -4.34
C GLU D 172 -8.99 -54.02 -3.42
N ALA D 173 -8.95 -55.34 -3.43
CA ALA D 173 -9.87 -56.14 -2.61
C ALA D 173 -9.22 -57.48 -2.30
N SER D 174 -8.89 -57.69 -1.02
CA SER D 174 -8.37 -58.95 -0.47
C SER D 174 -7.06 -59.36 -1.14
N GLY D 175 -6.21 -58.40 -1.48
CA GLY D 175 -4.87 -58.70 -1.95
C GLY D 175 -4.74 -58.87 -3.44
N GLU D 176 -5.72 -58.39 -4.22
CA GLU D 176 -5.60 -58.37 -5.67
C GLU D 176 -6.13 -57.05 -6.19
N VAL D 177 -5.78 -56.75 -7.45
CA VAL D 177 -6.14 -55.49 -8.08
C VAL D 177 -7.38 -55.70 -8.93
N TYR D 178 -8.11 -54.60 -9.15
CA TYR D 178 -9.27 -54.58 -10.03
C TYR D 178 -9.30 -53.25 -10.76
N ILE D 179 -9.94 -53.23 -11.92
CA ILE D 179 -10.09 -52.02 -12.72
C ILE D 179 -11.57 -51.78 -12.94
N LYS D 180 -12.07 -50.64 -12.45
CA LYS D 180 -13.47 -50.23 -12.63
C LYS D 180 -13.49 -48.97 -13.51
N PRO D 181 -14.09 -49.05 -14.69
CA PRO D 181 -14.21 -47.87 -15.52
C PRO D 181 -15.56 -47.19 -15.33
N PRO D 182 -15.67 -45.91 -15.68
CA PRO D 182 -16.98 -45.34 -15.96
C PRO D 182 -17.64 -46.05 -17.12
N SER D 183 -18.96 -46.13 -17.08
CA SER D 183 -19.71 -46.89 -18.08
C SER D 183 -19.69 -46.20 -19.43
N GLY D 184 -19.39 -46.97 -20.48
CA GLY D 184 -19.41 -46.48 -21.84
C GLY D 184 -18.13 -45.87 -22.35
N LYS D 185 -17.08 -45.88 -21.52
CA LYS D 185 -15.78 -45.25 -21.90
C LYS D 185 -14.66 -46.29 -21.79
N ASN D 186 -13.92 -46.49 -22.89
CA ASN D 186 -12.77 -47.45 -22.87
C ASN D 186 -11.65 -46.88 -22.00
N VAL D 187 -10.99 -47.73 -21.20
CA VAL D 187 -9.86 -47.27 -20.37
C VAL D 187 -8.63 -48.14 -20.71
N THR D 188 -7.50 -47.49 -21.03
CA THR D 188 -6.30 -48.24 -21.35
C THR D 188 -5.48 -48.45 -20.08
N TYR D 189 -5.24 -49.71 -19.73
CA TYR D 189 -4.54 -50.03 -18.50
C TYR D 189 -3.09 -50.36 -18.82
N GLU D 190 -2.25 -50.30 -17.78
CA GLU D 190 -0.86 -50.69 -17.86
C GLU D 190 -0.45 -51.18 -16.49
N CYS D 191 0.07 -52.40 -16.43
CA CYS D 191 0.44 -52.98 -15.15
C CYS D 191 1.64 -53.88 -15.34
N LYS D 192 2.33 -54.17 -14.24
CA LYS D 192 3.60 -54.88 -14.27
C LYS D 192 3.72 -55.69 -12.99
N CYS D 193 3.48 -56.99 -13.09
CA CYS D 193 3.57 -57.90 -11.96
C CYS D 193 4.34 -59.15 -12.38
N GLY D 194 5.49 -58.96 -13.00
CA GLY D 194 6.18 -60.03 -13.67
C GLY D 194 6.50 -59.67 -15.10
N ASP D 195 5.81 -60.28 -16.05
CA ASP D 195 5.97 -59.94 -17.46
C ASP D 195 5.32 -58.60 -17.77
N TYR D 196 5.90 -57.87 -18.72
CA TYR D 196 5.38 -56.56 -19.10
C TYR D 196 4.12 -56.73 -19.95
N SER D 197 3.04 -56.05 -19.55
CA SER D 197 1.74 -56.31 -20.13
C SER D 197 1.00 -55.03 -20.45
N THR D 198 0.24 -55.05 -21.56
CA THR D 198 -0.62 -53.97 -22.00
C THR D 198 -2.03 -54.50 -22.21
N GLY D 199 -2.90 -53.66 -22.76
CA GLY D 199 -4.23 -54.08 -23.14
C GLY D 199 -5.23 -52.94 -23.03
N ILE D 200 -6.41 -53.12 -23.63
CA ILE D 200 -7.48 -52.09 -23.54
C ILE D 200 -8.80 -52.80 -23.21
N VAL D 201 -9.26 -52.70 -21.96
CA VAL D 201 -10.56 -53.33 -21.55
C VAL D 201 -11.52 -52.22 -21.08
N SER D 202 -12.75 -52.21 -21.60
CA SER D 202 -13.74 -51.16 -21.23
C SER D 202 -14.66 -51.67 -20.11
N THR D 203 -14.40 -52.86 -19.58
CA THR D 203 -15.29 -53.47 -18.54
C THR D 203 -14.47 -53.88 -17.32
N ARG D 204 -15.13 -54.06 -16.17
CA ARG D 204 -14.41 -54.51 -14.94
C ARG D 204 -13.79 -55.88 -15.26
N THR D 205 -12.51 -56.08 -14.91
CA THR D 205 -11.83 -57.35 -15.28
C THR D 205 -10.73 -57.69 -14.27
N LYS D 206 -10.69 -58.94 -13.80
CA LYS D 206 -9.63 -59.39 -12.92
C LYS D 206 -8.27 -59.35 -13.61
N MET D 207 -7.26 -58.90 -12.86
CA MET D 207 -5.86 -58.98 -13.28
C MET D 207 -5.12 -59.86 -12.28
N ASN D 208 -4.33 -60.80 -12.81
CA ASN D 208 -3.71 -61.84 -12.01
C ASN D 208 -2.24 -61.51 -11.72
N GLY D 209 -1.73 -62.12 -10.64
CA GLY D 209 -0.34 -61.99 -10.27
C GLY D 209 0.03 -60.73 -9.50
N CYS D 210 -0.94 -59.91 -9.14
CA CYS D 210 -0.68 -58.61 -8.52
C CYS D 210 -1.21 -58.62 -7.10
N THR D 211 -0.39 -58.16 -6.16
CA THR D 211 -0.76 -58.07 -4.75
C THR D 211 -0.91 -56.65 -4.23
N LYS D 212 -0.23 -55.68 -4.85
CA LYS D 212 -0.27 -54.30 -4.42
C LYS D 212 -0.94 -53.43 -5.47
N ALA D 213 -1.71 -52.43 -5.01
CA ALA D 213 -2.44 -51.56 -5.92
C ALA D 213 -1.55 -50.47 -6.52
N LYS D 214 -0.32 -50.32 -6.04
CA LYS D 214 0.60 -49.33 -6.56
C LYS D 214 1.42 -49.84 -7.75
N GLN D 215 0.97 -50.89 -8.42
CA GLN D 215 1.70 -51.48 -9.53
C GLN D 215 0.94 -51.47 -10.84
N CYS D 216 -0.33 -51.08 -10.85
CA CYS D 216 -1.10 -51.01 -12.08
C CYS D 216 -1.53 -49.56 -12.32
N ILE D 217 -1.52 -49.18 -13.59
CA ILE D 217 -1.81 -47.81 -14.00
C ILE D 217 -2.89 -47.87 -15.06
N ALA D 218 -3.98 -47.13 -14.84
CA ALA D 218 -5.10 -47.10 -15.76
C ALA D 218 -5.43 -45.65 -16.12
N TYR D 219 -5.71 -45.43 -17.40
CA TYR D 219 -6.05 -44.09 -17.88
C TYR D 219 -6.94 -44.22 -19.11
N LYS D 220 -7.92 -43.34 -19.22
CA LYS D 220 -8.78 -43.31 -20.39
C LYS D 220 -8.00 -42.78 -21.59
N SER D 221 -8.24 -43.37 -22.77
CA SER D 221 -7.59 -42.85 -24.00
C SER D 221 -8.29 -41.54 -24.42
N ASP D 222 -7.79 -40.39 -23.96
CA ASP D 222 -8.48 -39.10 -24.23
C ASP D 222 -7.83 -38.40 -25.42
N GLN D 223 -8.59 -38.23 -26.51
CA GLN D 223 -8.06 -37.48 -27.69
C GLN D 223 -8.93 -36.24 -27.89
N THR D 224 -10.05 -36.14 -27.17
CA THR D 224 -10.99 -35.02 -27.37
C THR D 224 -10.33 -33.68 -27.03
N LYS D 225 -9.57 -33.62 -25.94
CA LYS D 225 -8.99 -32.32 -25.49
C LYS D 225 -7.67 -32.02 -26.20
N TRP D 226 -7.36 -30.72 -26.34
CA TRP D 226 -6.05 -30.28 -26.88
C TRP D 226 -5.34 -29.59 -25.73
N VAL D 227 -4.07 -29.91 -25.50
CA VAL D 227 -3.42 -29.27 -24.33
C VAL D 227 -2.19 -28.45 -24.74
N PHE D 228 -1.95 -27.35 -24.02
CA PHE D 228 -0.76 -26.50 -24.29
C PHE D 228 0.49 -27.19 -23.76
N ASN D 229 1.63 -27.01 -24.42
CA ASN D 229 2.90 -27.55 -23.98
C ASN D 229 3.35 -26.90 -22.67
N SER D 230 2.69 -27.24 -21.57
CA SER D 230 2.79 -26.82 -20.19
C SER D 230 3.81 -27.68 -19.43
N PRO D 231 4.58 -27.11 -18.50
CA PRO D 231 5.53 -27.91 -17.74
C PRO D 231 4.93 -28.71 -16.59
N ASP D 232 3.61 -28.80 -16.50
CA ASP D 232 2.93 -29.43 -15.38
C ASP D 232 2.37 -30.80 -15.71
N LEU D 233 2.53 -31.26 -16.95
CA LEU D 233 1.89 -32.49 -17.41
C LEU D 233 2.93 -33.42 -18.04
N ILE D 234 2.59 -34.71 -18.08
CA ILE D 234 3.34 -35.69 -18.85
C ILE D 234 2.81 -35.67 -20.28
N ARG D 235 3.71 -35.45 -21.23
CA ARG D 235 3.30 -35.40 -22.63
C ARG D 235 3.22 -36.79 -23.23
N HIS D 236 2.65 -36.86 -24.43
CA HIS D 236 2.49 -38.13 -25.12
C HIS D 236 3.84 -38.56 -25.71
N THR D 237 3.92 -39.83 -26.14
CA THR D 237 5.20 -40.42 -26.53
C THR D 237 5.76 -39.81 -27.81
N ASP D 238 4.92 -39.15 -28.61
CA ASP D 238 5.42 -38.36 -29.75
C ASP D 238 5.11 -36.89 -29.48
N HIS D 239 6.17 -36.07 -29.49
CA HIS D 239 6.05 -34.63 -29.27
C HIS D 239 6.09 -33.86 -30.59
N SER D 240 5.05 -34.05 -31.38
CA SER D 240 4.90 -33.29 -32.62
C SER D 240 3.92 -32.15 -32.41
N VAL D 241 4.29 -30.97 -32.89
CA VAL D 241 3.38 -29.83 -32.86
C VAL D 241 2.28 -30.07 -33.89
N GLN D 242 1.02 -29.94 -33.47
CA GLN D 242 -0.12 -30.38 -34.24
C GLN D 242 -1.06 -29.25 -34.64
N GLY D 243 -0.88 -28.07 -34.06
CA GLY D 243 -1.79 -26.97 -34.32
C GLY D 243 -1.48 -25.72 -33.53
N LYS D 244 -2.17 -24.62 -33.86
CA LYS D 244 -1.83 -23.34 -33.19
C LYS D 244 -2.98 -22.33 -33.24
N LEU D 245 -3.33 -21.75 -32.09
CA LEU D 245 -4.32 -20.67 -32.04
C LEU D 245 -3.61 -19.34 -31.97
N HIS D 246 -4.35 -18.28 -32.28
CA HIS D 246 -3.77 -16.94 -32.29
C HIS D 246 -3.56 -16.43 -30.86
N ILE D 247 -2.62 -15.51 -30.73
CA ILE D 247 -2.45 -14.73 -29.50
C ILE D 247 -3.20 -13.42 -29.70
N PRO D 248 -4.38 -13.25 -29.06
CA PRO D 248 -5.17 -12.04 -29.31
C PRO D 248 -4.61 -10.81 -28.60
N PHE D 249 -5.26 -9.67 -28.82
CA PHE D 249 -4.88 -8.37 -28.25
C PHE D 249 -3.45 -7.99 -28.64
N ARG D 250 -3.27 -7.81 -29.94
CA ARG D 250 -1.97 -7.43 -30.49
C ARG D 250 -1.59 -6.03 -30.04
N LEU D 251 -0.34 -5.86 -29.65
CA LEU D 251 0.17 -4.57 -29.18
C LEU D 251 0.27 -3.64 -30.37
N THR D 252 -0.73 -2.76 -30.51
CA THR D 252 -0.91 -1.90 -31.66
C THR D 252 -0.40 -0.49 -31.38
N PRO D 253 0.15 0.20 -32.36
CA PRO D 253 0.54 1.60 -32.16
C PRO D 253 -0.66 2.52 -32.27
N THR D 254 -0.85 3.32 -31.23
CA THR D 254 -1.96 4.24 -31.10
C THR D 254 -1.37 5.55 -30.57
N VAL D 255 -2.11 6.65 -30.69
CA VAL D 255 -1.69 7.94 -30.13
C VAL D 255 -2.20 8.00 -28.70
N CYS D 256 -1.39 8.58 -27.80
CA CYS D 256 -1.73 8.71 -26.40
C CYS D 256 -1.54 10.15 -25.93
N PRO D 257 -2.35 10.61 -24.97
CA PRO D 257 -2.13 11.95 -24.42
C PRO D 257 -1.04 11.92 -23.34
N VAL D 258 -0.20 12.96 -23.32
CA VAL D 258 0.83 13.11 -22.30
C VAL D 258 0.70 14.53 -21.79
N PRO D 259 0.88 14.80 -20.49
CA PRO D 259 0.77 16.18 -20.01
C PRO D 259 1.94 17.06 -20.45
N LEU D 260 1.72 18.37 -20.32
CA LEU D 260 2.73 19.38 -20.56
C LEU D 260 3.03 20.09 -19.24
N ALA D 261 4.31 20.33 -18.97
CA ALA D 261 4.71 20.97 -17.73
C ALA D 261 4.47 22.47 -17.80
N HIS D 262 4.74 23.14 -16.68
CA HIS D 262 4.67 24.60 -16.62
C HIS D 262 5.83 25.22 -17.39
N THR D 263 5.55 26.30 -18.11
CA THR D 263 6.59 26.97 -18.87
C THR D 263 7.51 27.73 -17.93
N PRO D 264 8.81 27.45 -17.93
CA PRO D 264 9.71 28.08 -16.95
C PRO D 264 9.93 29.56 -17.22
N THR D 265 10.19 30.30 -16.15
CA THR D 265 10.49 31.72 -16.23
C THR D 265 12.01 31.88 -16.36
N VAL D 266 12.43 32.53 -17.44
CA VAL D 266 13.83 32.55 -17.84
C VAL D 266 14.41 33.94 -17.57
N THR D 267 15.54 33.98 -16.86
CA THR D 267 16.23 35.23 -16.56
C THR D 267 17.60 35.20 -17.21
N LYS D 268 18.19 36.37 -17.41
CA LYS D 268 19.39 36.48 -18.23
C LYS D 268 20.58 36.98 -17.42
N TRP D 269 21.74 36.40 -17.70
CA TRP D 269 23.01 36.93 -17.20
C TRP D 269 24.12 36.52 -18.15
N PHE D 270 25.31 37.10 -17.93
CA PHE D 270 26.43 37.03 -18.87
C PHE D 270 27.07 35.64 -18.95
N LYS D 271 26.95 35.02 -20.13
CA LYS D 271 27.49 33.69 -20.44
C LYS D 271 27.01 32.63 -19.45
N GLY D 272 25.69 32.54 -19.33
CA GLY D 272 25.04 31.62 -18.45
C GLY D 272 23.54 31.81 -18.46
N ILE D 273 22.78 30.78 -18.14
CA ILE D 273 21.33 30.88 -18.13
C ILE D 273 20.84 30.30 -16.80
N THR D 274 19.72 30.84 -16.32
CA THR D 274 19.13 30.38 -15.06
C THR D 274 17.63 30.20 -15.28
N LEU D 275 17.15 28.98 -15.06
CA LEU D 275 15.76 28.65 -15.29
C LEU D 275 15.07 28.39 -13.95
N HIS D 276 14.05 29.18 -13.64
CA HIS D 276 13.19 28.92 -12.50
C HIS D 276 12.16 27.88 -12.92
N LEU D 277 12.11 26.76 -12.21
CA LEU D 277 11.39 25.58 -12.64
C LEU D 277 10.25 25.29 -11.68
N THR D 278 9.16 24.73 -12.20
CA THR D 278 8.01 24.34 -11.38
C THR D 278 7.37 23.10 -11.99
N ALA D 279 7.32 22.02 -11.19
CA ALA D 279 6.63 20.80 -11.57
C ALA D 279 6.25 20.06 -10.31
N THR D 280 4.96 19.76 -10.15
CA THR D 280 4.53 19.02 -8.96
C THR D 280 4.87 17.54 -9.07
N ARG D 281 5.16 17.06 -10.27
CA ARG D 281 5.53 15.68 -10.53
C ARG D 281 6.93 15.65 -11.14
N PRO D 282 7.68 14.52 -11.00
CA PRO D 282 9.02 14.44 -11.59
C PRO D 282 9.02 14.52 -13.12
N THR D 283 9.79 15.45 -13.66
CA THR D 283 9.89 15.68 -15.09
C THR D 283 11.36 15.76 -15.48
N LEU D 284 11.63 15.69 -16.78
CA LEU D 284 12.99 15.60 -17.28
C LEU D 284 13.46 16.94 -17.84
N LEU D 285 14.70 17.30 -17.53
CA LEU D 285 15.37 18.47 -18.09
C LEU D 285 16.72 18.05 -18.63
N THR D 286 16.88 18.18 -19.95
CA THR D 286 18.11 17.78 -20.63
C THR D 286 18.67 18.97 -21.38
N THR D 287 19.88 19.39 -21.01
CA THR D 287 20.58 20.48 -21.67
C THR D 287 21.85 19.97 -22.31
N ARG D 288 22.20 20.54 -23.46
CA ARG D 288 23.41 20.15 -24.17
C ARG D 288 23.96 21.36 -24.92
N LYS D 289 25.28 21.40 -25.08
CA LYS D 289 25.90 22.48 -25.83
C LYS D 289 25.72 22.25 -27.33
N LEU D 290 26.17 23.23 -28.11
CA LEU D 290 26.01 23.22 -29.55
C LEU D 290 27.37 23.29 -30.25
N GLY D 291 28.42 22.83 -29.56
CA GLY D 291 29.77 22.92 -30.07
C GLY D 291 30.51 21.60 -30.09
N LEU D 292 31.81 21.65 -29.76
CA LEU D 292 32.64 20.44 -29.84
C LEU D 292 32.27 19.43 -28.76
N ARG D 293 32.13 19.89 -27.52
CA ARG D 293 31.73 19.04 -26.41
C ARG D 293 30.28 19.34 -26.06
N ALA D 294 29.46 18.28 -25.97
CA ALA D 294 28.03 18.48 -25.77
C ALA D 294 27.71 18.87 -24.34
N ASP D 295 28.46 18.32 -23.36
CA ASP D 295 28.28 18.54 -21.93
C ASP D 295 26.85 18.22 -21.49
N ALA D 296 26.33 17.09 -21.98
CA ALA D 296 24.94 16.74 -21.76
C ALA D 296 24.70 16.28 -20.33
N THR D 297 23.63 16.78 -19.72
CA THR D 297 23.21 16.39 -18.39
C THR D 297 21.70 16.16 -18.38
N ALA D 298 21.24 15.36 -17.42
CA ALA D 298 19.83 15.04 -17.28
C ALA D 298 19.49 14.86 -15.81
N GLU D 299 18.36 15.42 -15.39
CA GLU D 299 17.93 15.31 -14.01
C GLU D 299 16.41 15.18 -13.96
N TRP D 300 15.92 14.49 -12.94
CA TRP D 300 14.50 14.44 -12.62
C TRP D 300 14.23 15.40 -11.47
N ILE D 301 13.39 16.39 -11.72
CA ILE D 301 13.19 17.51 -10.79
C ILE D 301 11.82 17.38 -10.14
N THR D 302 11.81 17.39 -8.81
CA THR D 302 10.59 17.40 -8.02
C THR D 302 10.41 18.76 -7.37
N GLY D 303 9.15 19.21 -7.31
CA GLY D 303 8.88 20.51 -6.72
C GLY D 303 9.36 21.65 -7.59
N THR D 304 9.78 22.72 -6.91
CA THR D 304 10.30 23.91 -7.58
C THR D 304 11.73 24.17 -7.10
N THR D 305 12.58 24.60 -8.03
CA THR D 305 13.98 24.90 -7.76
C THR D 305 14.49 25.82 -8.87
N SER D 306 15.79 26.12 -8.82
CA SER D 306 16.44 26.91 -9.86
C SER D 306 17.75 26.24 -10.22
N ARG D 307 18.00 26.08 -11.52
CA ARG D 307 19.19 25.42 -12.03
C ARG D 307 20.00 26.40 -12.88
N ASN D 308 21.30 26.45 -12.64
CA ASN D 308 22.20 27.33 -13.38
C ASN D 308 22.92 26.53 -14.46
N PHE D 309 22.88 27.03 -15.69
CA PHE D 309 23.59 26.43 -16.81
C PHE D 309 24.38 27.51 -17.53
N SER D 310 25.66 27.25 -17.78
CA SER D 310 26.49 28.16 -18.56
C SER D 310 26.20 27.97 -20.04
N VAL D 311 26.08 29.07 -20.77
CA VAL D 311 25.86 29.05 -22.22
C VAL D 311 27.04 29.73 -22.91
N GLY D 312 27.56 29.08 -23.95
CA GLY D 312 28.66 29.60 -24.72
C GLY D 312 28.19 30.36 -25.96
N ARG D 313 29.19 30.80 -26.74
CA ARG D 313 28.89 31.44 -28.02
C ARG D 313 28.28 30.46 -29.00
N GLU D 314 28.71 29.19 -28.95
CA GLU D 314 28.12 28.17 -29.83
C GLU D 314 26.66 27.88 -29.47
N GLY D 315 26.30 28.05 -28.20
CA GLY D 315 24.91 27.99 -27.79
C GLY D 315 24.60 26.74 -26.99
N LEU D 316 23.34 26.61 -26.61
CA LEU D 316 22.85 25.50 -25.82
C LEU D 316 21.41 25.22 -26.23
N GLU D 317 21.00 23.97 -26.07
CA GLU D 317 19.62 23.56 -26.32
C GLU D 317 19.10 22.82 -25.10
N TYR D 318 17.99 23.30 -24.55
CA TYR D 318 17.39 22.71 -23.35
C TYR D 318 16.01 22.18 -23.66
N VAL D 319 15.68 21.02 -23.10
CA VAL D 319 14.39 20.39 -23.27
C VAL D 319 13.73 20.27 -21.89
N TRP D 320 12.60 20.94 -21.72
CA TRP D 320 11.85 20.90 -20.46
C TRP D 320 10.56 20.14 -20.66
N GLY D 321 10.51 18.93 -20.10
CA GLY D 321 9.31 18.11 -20.18
C GLY D 321 9.08 17.61 -21.59
N ASN D 322 7.83 17.73 -22.04
CA ASN D 322 7.40 17.24 -23.34
C ASN D 322 7.36 18.32 -24.40
N HIS D 323 7.88 19.51 -24.10
CA HIS D 323 7.75 20.64 -25.01
C HIS D 323 8.72 20.54 -26.17
N GLU D 324 8.59 21.51 -27.09
CA GLU D 324 9.55 21.69 -28.17
C GLU D 324 10.89 22.12 -27.59
N PRO D 325 11.98 21.44 -27.99
CA PRO D 325 13.32 21.88 -27.59
C PRO D 325 13.64 23.30 -28.07
N VAL D 326 14.21 24.09 -27.17
CA VAL D 326 14.45 25.51 -27.39
C VAL D 326 15.95 25.75 -27.37
N ARG D 327 16.46 26.36 -28.43
CA ARG D 327 17.87 26.64 -28.58
C ARG D 327 18.17 28.09 -28.24
N VAL D 328 19.18 28.30 -27.39
CA VAL D 328 19.53 29.63 -26.91
C VAL D 328 20.99 29.91 -27.26
N TRP D 329 21.31 31.20 -27.43
CA TRP D 329 22.61 31.66 -27.90
C TRP D 329 23.06 32.88 -27.12
N ALA D 330 24.26 32.81 -26.55
CA ALA D 330 24.79 33.90 -25.74
C ALA D 330 25.42 34.99 -26.61
N GLN D 331 25.73 36.11 -25.96
CA GLN D 331 26.30 37.26 -26.64
C GLN D 331 27.65 37.59 -26.02
N GLU D 332 28.26 38.68 -26.48
CA GLU D 332 29.55 39.15 -26.02
C GLU D 332 29.42 40.40 -25.17
N SER D 333 28.38 40.45 -24.34
CA SER D 333 28.06 41.63 -23.53
C SER D 333 28.86 41.59 -22.23
N ALA D 334 30.16 41.82 -22.36
CA ALA D 334 31.02 41.89 -21.19
C ALA D 334 30.82 43.22 -20.45
N PRO D 335 30.76 43.20 -19.12
CA PRO D 335 30.60 44.44 -18.35
C PRO D 335 31.88 45.27 -18.30
N PHE E 61 56.16 -51.77 19.43
CA PHE E 61 57.00 -50.62 19.10
C PHE E 61 56.16 -49.34 19.03
N GLU E 62 56.69 -48.26 19.59
CA GLU E 62 56.00 -46.98 19.65
C GLU E 62 56.61 -46.02 18.65
N HIS E 63 55.77 -45.44 17.80
CA HIS E 63 56.17 -44.44 16.82
C HIS E 63 55.48 -43.12 17.15
N ALA E 64 56.27 -42.07 17.31
CA ALA E 64 55.76 -40.75 17.68
C ALA E 64 56.09 -39.76 16.57
N THR E 65 55.10 -38.96 16.18
CA THR E 65 55.26 -37.95 15.14
C THR E 65 54.33 -36.78 15.44
N THR E 66 54.39 -35.76 14.57
CA THR E 66 53.59 -34.55 14.72
C THR E 66 52.83 -34.34 13.41
N VAL E 67 51.55 -34.72 13.41
CA VAL E 67 50.71 -34.67 12.21
C VAL E 67 49.94 -33.35 12.23
N PRO E 68 49.57 -32.79 11.07
CA PRO E 68 48.77 -31.55 11.08
C PRO E 68 47.28 -31.83 11.27
N ASN E 69 46.65 -30.97 12.08
CA ASN E 69 45.25 -31.15 12.47
C ASN E 69 44.38 -30.38 11.48
N VAL E 70 44.34 -30.89 10.24
CA VAL E 70 43.48 -30.35 9.20
C VAL E 70 42.69 -31.53 8.64
N PRO E 71 41.36 -31.52 8.71
CA PRO E 71 40.61 -32.75 8.46
C PRO E 71 40.46 -33.07 6.97
N GLY E 72 40.40 -34.37 6.68
CA GLY E 72 40.23 -34.87 5.33
C GLY E 72 41.50 -35.21 4.59
N ILE E 73 42.67 -34.95 5.17
CA ILE E 73 43.95 -35.14 4.49
C ILE E 73 44.70 -36.25 5.20
N PRO E 74 45.05 -37.35 4.53
CA PRO E 74 45.92 -38.35 5.15
C PRO E 74 47.35 -37.83 5.29
N TYR E 75 48.03 -38.31 6.32
CA TYR E 75 49.47 -38.09 6.49
C TYR E 75 50.16 -39.43 6.40
N LYS E 76 51.17 -39.53 5.53
CA LYS E 76 51.88 -40.77 5.29
C LYS E 76 53.11 -40.84 6.18
N ALA E 77 53.23 -41.94 6.92
CA ALA E 77 54.37 -42.18 7.79
C ALA E 77 54.83 -43.61 7.61
N LEU E 78 56.15 -43.81 7.71
CA LEU E 78 56.76 -45.12 7.53
C LEU E 78 57.61 -45.44 8.76
N VAL E 79 57.08 -46.28 9.63
CA VAL E 79 57.82 -46.72 10.81
C VAL E 79 58.80 -47.81 10.39
N GLU E 80 60.03 -47.72 10.90
CA GLU E 80 61.11 -48.65 10.54
C GLU E 80 61.73 -49.19 11.82
N ARG E 81 61.63 -50.50 12.01
CA ARG E 81 62.26 -51.14 13.16
C ARG E 81 63.66 -51.60 12.80
N ALA E 82 64.36 -52.16 13.81
CA ALA E 82 65.76 -52.55 13.63
C ALA E 82 65.88 -53.82 12.79
N GLY E 83 65.04 -54.82 13.03
CA GLY E 83 65.15 -56.07 12.32
C GLY E 83 63.86 -56.54 11.67
N TYR E 84 62.93 -55.62 11.44
CA TYR E 84 61.65 -55.93 10.86
C TYR E 84 61.46 -55.18 9.55
N ALA E 85 60.45 -55.58 8.80
CA ALA E 85 60.13 -54.92 7.54
C ALA E 85 59.53 -53.55 7.81
N PRO E 86 59.73 -52.57 6.92
CA PRO E 86 59.09 -51.26 7.10
C PRO E 86 57.57 -51.37 6.93
N LEU E 87 56.84 -50.67 7.79
CA LEU E 87 55.39 -50.75 7.83
C LEU E 87 54.79 -49.37 7.58
N ASN E 88 53.79 -49.33 6.71
CA ASN E 88 53.10 -48.08 6.40
C ASN E 88 52.20 -47.66 7.55
N LEU E 89 52.02 -46.34 7.68
CA LEU E 89 51.20 -45.78 8.75
C LEU E 89 50.57 -44.50 8.24
N GLU E 90 49.27 -44.55 7.94
CA GLU E 90 48.52 -43.39 7.51
C GLU E 90 47.52 -43.02 8.59
N ILE E 91 47.30 -41.72 8.77
CA ILE E 91 46.35 -41.21 9.75
C ILE E 91 45.47 -40.16 9.07
N THR E 92 44.15 -40.31 9.25
CA THR E 92 43.18 -39.34 8.78
C THR E 92 42.29 -38.94 9.95
N VAL E 93 42.22 -37.64 10.23
CA VAL E 93 41.21 -37.16 11.18
C VAL E 93 39.92 -36.89 10.41
N VAL E 94 38.88 -37.65 10.76
CA VAL E 94 37.62 -37.57 10.02
C VAL E 94 36.67 -36.59 10.68
N SER E 95 36.88 -36.30 11.96
CA SER E 95 36.01 -35.39 12.69
C SER E 95 36.80 -34.77 13.84
N SER E 96 36.55 -33.48 14.05
CA SER E 96 37.15 -32.75 15.17
C SER E 96 36.02 -32.09 15.96
N GLU E 97 36.13 -32.17 17.29
CA GLU E 97 35.11 -31.57 18.16
C GLU E 97 35.83 -30.82 19.28
N LEU E 98 35.61 -29.51 19.34
CA LEU E 98 36.15 -28.66 20.39
C LEU E 98 35.05 -28.39 21.40
N THR E 99 35.14 -28.99 22.58
CA THR E 99 34.10 -28.85 23.59
C THR E 99 34.60 -28.04 24.80
N PRO E 100 33.87 -26.99 25.18
CA PRO E 100 34.14 -26.35 26.48
C PRO E 100 33.21 -26.88 27.56
N SER E 101 33.36 -26.38 28.78
CA SER E 101 32.41 -26.65 29.86
C SER E 101 31.52 -25.42 30.02
N THR E 102 30.21 -25.62 29.89
CA THR E 102 29.25 -24.53 29.83
C THR E 102 28.24 -24.64 30.96
N ASN E 103 27.82 -23.47 31.47
CA ASN E 103 26.81 -23.38 32.51
C ASN E 103 25.91 -22.19 32.18
N LYS E 104 24.60 -22.38 32.30
CA LYS E 104 23.64 -21.34 31.92
C LYS E 104 23.47 -20.36 33.07
N GLU E 105 23.13 -19.11 32.72
CA GLU E 105 22.81 -18.11 33.75
C GLU E 105 21.31 -17.82 33.78
N TYR E 106 20.76 -17.44 32.64
CA TYR E 106 19.32 -17.14 32.57
C TYR E 106 18.84 -17.32 31.14
N VAL E 107 17.55 -17.05 30.94
CA VAL E 107 16.94 -17.02 29.63
C VAL E 107 16.31 -15.65 29.41
N THR E 108 16.20 -15.25 28.15
CA THR E 108 15.70 -13.93 27.79
C THR E 108 14.89 -14.04 26.51
N CYS E 109 13.70 -13.45 26.52
CA CYS E 109 12.80 -13.44 25.37
C CYS E 109 11.96 -12.17 25.45
N ARG E 110 10.91 -12.12 24.63
CA ARG E 110 9.99 -10.99 24.66
C ARG E 110 9.12 -11.07 25.91
N PHE E 111 9.06 -9.98 26.66
CA PHE E 111 8.24 -9.95 27.87
C PHE E 111 6.76 -9.79 27.50
N HIS E 112 5.91 -10.29 28.39
CA HIS E 112 4.47 -10.05 28.31
C HIS E 112 4.11 -9.08 29.44
N THR E 113 3.74 -7.86 29.07
CA THR E 113 3.36 -6.83 30.05
C THR E 113 1.91 -7.06 30.49
N VAL E 114 1.75 -7.99 31.42
CA VAL E 114 0.43 -8.29 31.99
C VAL E 114 -0.01 -7.13 32.87
N ILE E 115 -1.29 -6.78 32.78
CA ILE E 115 -1.85 -5.64 33.51
C ILE E 115 -2.98 -6.15 34.39
N PRO E 116 -2.84 -6.12 35.71
CA PRO E 116 -3.97 -6.49 36.58
C PRO E 116 -5.08 -5.45 36.53
N SER E 117 -6.29 -5.89 36.83
CA SER E 117 -7.45 -5.00 36.80
C SER E 117 -7.42 -4.06 38.00
N PRO E 118 -7.83 -2.80 37.83
CA PRO E 118 -7.89 -1.87 38.97
C PRO E 118 -8.98 -2.27 39.95
N GLN E 119 -8.80 -1.84 41.20
CA GLN E 119 -9.83 -1.95 42.22
C GLN E 119 -10.07 -0.57 42.82
N VAL E 120 -11.31 -0.32 43.24
CA VAL E 120 -11.69 0.96 43.81
C VAL E 120 -12.30 0.77 45.20
N LYS E 121 -11.82 1.57 46.16
CA LYS E 121 -12.52 1.90 47.38
C LYS E 121 -12.57 3.42 47.37
N CYS E 122 -13.52 4.00 46.64
CA CYS E 122 -13.25 5.26 45.97
C CYS E 122 -13.63 6.51 46.77
N CYS E 123 -13.85 6.40 48.08
CA CYS E 123 -13.41 7.47 48.99
C CYS E 123 -12.86 6.84 50.26
N GLY E 124 -12.07 5.78 50.11
CA GLY E 124 -11.33 5.18 51.19
C GLY E 124 -9.88 5.64 51.15
N SER E 125 -8.98 4.74 51.54
CA SER E 125 -7.56 5.01 51.50
C SER E 125 -6.81 3.72 51.19
N LEU E 126 -5.89 3.78 50.24
CA LEU E 126 -5.08 2.64 49.83
C LEU E 126 -3.60 2.98 49.94
N GLU E 127 -2.78 1.96 50.18
CA GLU E 127 -1.35 2.12 50.35
C GLU E 127 -0.63 1.16 49.41
N CYS E 128 0.60 1.51 49.03
CA CYS E 128 1.39 0.71 48.10
C CYS E 128 1.83 -0.59 48.78
N LYS E 129 1.50 -1.71 48.16
CA LYS E 129 1.91 -3.03 48.66
C LYS E 129 3.19 -3.47 47.95
N ALA E 130 3.82 -4.51 48.50
CA ALA E 130 5.06 -5.04 47.96
C ALA E 130 4.89 -6.53 47.67
N SER E 131 5.28 -6.94 46.47
CA SER E 131 5.19 -8.33 46.03
C SER E 131 6.55 -8.78 45.50
N SER E 132 6.58 -10.02 44.99
CA SER E 132 7.80 -10.60 44.44
C SER E 132 7.72 -10.79 42.93
N LYS E 133 6.87 -10.02 42.26
CA LYS E 133 6.73 -10.13 40.81
C LYS E 133 7.87 -9.41 40.11
N ALA E 134 7.97 -9.64 38.80
CA ALA E 134 9.03 -9.04 38.00
C ALA E 134 8.67 -7.59 37.67
N ASP E 135 9.47 -6.66 38.21
CA ASP E 135 9.33 -5.22 38.04
C ASP E 135 7.94 -4.76 38.49
N TYR E 136 7.66 -4.94 39.78
CA TYR E 136 6.38 -4.52 40.32
C TYR E 136 6.41 -3.02 40.62
N THR E 137 5.65 -2.25 39.84
CA THR E 137 5.50 -0.82 40.08
C THR E 137 4.07 -0.54 40.47
N CYS E 138 3.89 0.06 41.64
CA CYS E 138 2.59 0.35 42.21
C CYS E 138 2.55 1.77 42.72
N ARG E 139 1.51 2.51 42.34
CA ARG E 139 1.44 3.93 42.63
C ARG E 139 0.00 4.29 42.98
N VAL E 140 -0.14 5.19 43.96
CA VAL E 140 -1.43 5.57 44.51
C VAL E 140 -1.73 7.00 44.06
N PHE E 141 -2.84 7.18 43.37
CA PHE E 141 -3.17 8.42 42.67
C PHE E 141 -4.41 9.08 43.26
N GLY E 142 -4.78 10.21 42.65
CA GLY E 142 -5.89 11.03 43.12
C GLY E 142 -7.21 10.77 42.43
N GLY E 143 -8.07 11.79 42.41
CA GLY E 143 -9.43 11.63 41.92
C GLY E 143 -9.62 11.72 40.42
N VAL E 144 -10.23 10.70 39.83
CA VAL E 144 -10.49 10.65 38.39
C VAL E 144 -11.99 10.56 38.08
N TYR E 145 -12.78 10.02 39.04
CA TYR E 145 -14.21 9.69 38.92
C TYR E 145 -14.45 8.79 37.70
N PRO E 146 -14.06 7.53 37.76
CA PRO E 146 -14.06 6.69 36.56
C PRO E 146 -15.43 6.13 36.21
N PHE E 147 -15.65 5.98 34.90
CA PHE E 147 -16.84 5.38 34.34
C PHE E 147 -16.42 4.12 33.59
N MET E 148 -17.28 3.12 33.52
CA MET E 148 -16.99 1.97 32.66
C MET E 148 -18.06 1.80 31.57
N TRP E 149 -19.33 1.67 31.92
CA TRP E 149 -20.38 1.67 30.89
C TRP E 149 -21.62 2.46 31.27
N GLY E 150 -21.93 2.63 32.54
CA GLY E 150 -23.17 3.26 32.94
C GLY E 150 -23.09 4.74 33.24
N GLY E 151 -21.89 5.32 33.27
CA GLY E 151 -21.74 6.71 33.65
C GLY E 151 -21.88 6.98 35.13
N ALA E 152 -21.86 5.94 35.96
CA ALA E 152 -21.81 6.11 37.42
C ALA E 152 -21.21 4.83 38.00
N GLN E 153 -19.91 4.87 38.30
CA GLN E 153 -19.20 3.70 38.83
C GLN E 153 -18.55 4.00 40.18
N CYS E 154 -18.88 5.13 40.79
CA CYS E 154 -18.22 5.54 42.03
C CYS E 154 -19.15 6.43 42.84
N PHE E 155 -19.31 6.06 44.11
CA PHE E 155 -19.99 6.86 45.10
C PHE E 155 -18.94 7.75 45.76
N CYS E 156 -19.37 8.89 46.30
CA CYS E 156 -18.52 9.75 47.15
C CYS E 156 -17.28 10.24 46.37
N ASP E 157 -17.57 11.06 45.36
CA ASP E 157 -16.66 11.30 44.24
C ASP E 157 -15.40 12.09 44.58
N SER E 158 -15.31 12.65 45.78
CA SER E 158 -14.09 13.33 46.22
C SER E 158 -13.28 12.38 47.08
N GLU E 159 -12.02 12.77 47.32
CA GLU E 159 -10.95 11.96 47.93
C GLU E 159 -10.94 10.53 47.35
N ASN E 160 -10.67 10.49 46.05
CA ASN E 160 -11.14 9.46 45.13
C ASN E 160 -9.96 8.65 44.60
N THR E 161 -9.14 8.13 45.51
CA THR E 161 -7.98 7.32 45.15
C THR E 161 -8.35 6.01 44.47
N GLN E 162 -7.40 5.49 43.68
CA GLN E 162 -7.48 4.19 43.03
C GLN E 162 -6.13 3.49 43.13
N LEU E 163 -6.08 2.24 42.68
CA LEU E 163 -4.88 1.41 42.78
C LEU E 163 -4.39 1.06 41.38
N SER E 164 -3.08 1.19 41.14
CA SER E 164 -2.48 0.87 39.86
C SER E 164 -1.43 -0.22 40.05
N GLU E 165 -1.49 -1.26 39.21
CA GLU E 165 -0.58 -2.39 39.29
C GLU E 165 -0.06 -2.74 37.90
N ALA E 166 1.22 -3.08 37.82
CA ALA E 166 1.85 -3.47 36.56
C ALA E 166 3.09 -4.30 36.83
N TYR E 167 3.24 -5.40 36.09
CA TYR E 167 4.42 -6.26 36.16
C TYR E 167 4.53 -7.03 34.85
N VAL E 168 5.65 -7.72 34.66
CA VAL E 168 5.93 -8.45 33.42
C VAL E 168 6.15 -9.92 33.73
N GLU E 169 5.98 -10.74 32.70
CA GLU E 169 6.05 -12.19 32.78
C GLU E 169 6.33 -12.68 31.36
N PHE E 170 6.76 -13.94 31.21
CA PHE E 170 7.09 -14.51 29.91
C PHE E 170 5.89 -14.56 28.97
N ALA E 171 6.14 -14.37 27.68
CA ALA E 171 5.10 -14.52 26.69
C ALA E 171 4.78 -16.01 26.49
N PRO E 172 3.56 -16.34 26.04
CA PRO E 172 3.25 -17.74 25.72
C PRO E 172 4.10 -18.33 24.60
N ASP E 173 4.57 -17.50 23.66
CA ASP E 173 5.39 -17.97 22.56
C ASP E 173 6.88 -18.01 22.90
N CYS E 174 7.24 -17.84 24.17
CA CYS E 174 8.63 -17.90 24.59
C CYS E 174 9.12 -19.31 24.87
N THR E 175 8.28 -20.33 24.71
CA THR E 175 8.73 -21.69 24.94
C THR E 175 9.71 -22.19 23.87
N ILE E 176 9.73 -21.57 22.70
CA ILE E 176 10.73 -21.83 21.67
C ILE E 176 11.53 -20.58 21.34
N ASP E 177 10.85 -19.45 21.16
CA ASP E 177 11.48 -18.20 20.73
C ASP E 177 12.05 -17.50 21.96
N HIS E 178 13.22 -17.97 22.38
CA HIS E 178 13.88 -17.44 23.56
C HIS E 178 15.39 -17.57 23.37
N ALA E 179 16.13 -16.77 24.11
CA ALA E 179 17.58 -16.79 24.07
C ALA E 179 18.16 -17.06 25.44
N VAL E 180 19.10 -18.00 25.50
CA VAL E 180 19.73 -18.43 26.74
C VAL E 180 21.18 -17.98 26.72
N ALA E 181 21.66 -17.47 27.84
CA ALA E 181 23.01 -16.95 27.98
C ALA E 181 23.92 -18.02 28.56
N LEU E 182 25.15 -18.09 28.05
CA LEU E 182 26.13 -19.07 28.50
C LEU E 182 27.49 -18.38 28.72
N LYS E 183 28.29 -18.94 29.62
CA LYS E 183 29.72 -18.66 29.65
C LYS E 183 30.45 -19.97 29.38
N VAL E 184 31.62 -19.87 28.79
CA VAL E 184 32.44 -21.03 28.52
C VAL E 184 33.69 -20.97 29.39
N HIS E 185 34.43 -22.07 29.38
CA HIS E 185 35.71 -22.20 30.07
C HIS E 185 36.76 -22.62 29.04
N THR E 186 37.92 -23.04 29.53
CA THR E 186 38.97 -23.55 28.65
C THR E 186 38.49 -24.80 27.92
N ALA E 187 38.55 -24.74 26.59
CA ALA E 187 37.93 -25.75 25.76
C ALA E 187 38.84 -26.95 25.57
N ALA E 188 38.23 -28.14 25.51
CA ALA E 188 38.93 -29.38 25.24
C ALA E 188 38.57 -29.84 23.83
N LEU E 189 39.56 -30.36 23.10
CA LEU E 189 39.37 -30.75 21.72
C LEU E 189 39.35 -32.27 21.61
N LYS E 190 38.58 -32.77 20.65
CA LYS E 190 38.40 -34.21 20.45
C LYS E 190 38.57 -34.52 18.98
N VAL E 191 39.47 -35.44 18.63
CA VAL E 191 39.69 -35.88 17.27
C VAL E 191 39.05 -37.25 17.08
N GLY E 192 38.53 -37.50 15.88
CA GLY E 192 38.16 -38.85 15.47
C GLY E 192 39.15 -39.34 14.45
N LEU E 193 39.85 -40.42 14.80
CA LEU E 193 41.00 -40.88 14.03
C LEU E 193 40.71 -42.23 13.38
N ARG E 194 41.12 -42.34 12.12
CA ARG E 194 41.12 -43.61 11.38
C ARG E 194 42.56 -44.05 11.23
N ILE E 195 42.93 -45.13 11.91
CA ILE E 195 44.32 -45.58 11.99
C ILE E 195 44.45 -46.85 11.17
N VAL E 196 45.26 -46.80 10.12
CA VAL E 196 45.51 -47.94 9.25
C VAL E 196 47.00 -48.29 9.33
N TYR E 197 47.29 -49.46 9.87
CA TYR E 197 48.65 -49.97 9.94
C TYR E 197 48.68 -51.34 9.27
N GLY E 198 49.50 -51.48 8.24
CA GLY E 198 49.56 -52.70 7.45
C GLY E 198 48.27 -52.98 6.70
N ASN E 199 47.54 -53.99 7.15
CA ASN E 199 46.25 -54.34 6.56
C ASN E 199 45.08 -54.06 7.50
N THR E 200 45.34 -53.87 8.79
CA THR E 200 44.30 -53.69 9.79
C THR E 200 43.98 -52.22 9.98
N THR E 201 42.70 -51.87 9.84
CA THR E 201 42.22 -50.52 10.06
C THR E 201 41.46 -50.44 11.39
N ALA E 202 41.32 -49.23 11.90
CA ALA E 202 40.65 -48.99 13.18
C ALA E 202 40.07 -47.59 13.21
N HIS E 203 38.89 -47.46 13.83
CA HIS E 203 38.25 -46.16 14.01
C HIS E 203 38.27 -45.82 15.48
N LEU E 204 38.72 -44.60 15.81
CA LEU E 204 38.96 -44.24 17.19
C LEU E 204 38.69 -42.75 17.42
N ASP E 205 38.01 -42.45 18.52
CA ASP E 205 37.91 -41.09 19.04
C ASP E 205 38.65 -41.03 20.37
N THR E 206 39.51 -40.03 20.53
CA THR E 206 40.38 -39.95 21.69
C THR E 206 40.43 -38.52 22.22
N PHE E 207 40.96 -38.38 23.44
CA PHE E 207 41.05 -37.11 24.12
C PHE E 207 42.35 -36.41 23.75
N VAL E 208 42.28 -35.09 23.56
CA VAL E 208 43.48 -34.29 23.32
C VAL E 208 43.82 -33.62 24.65
N ASN E 209 44.65 -34.32 25.44
CA ASN E 209 45.16 -33.77 26.69
C ASN E 209 46.61 -34.11 27.00
N GLY E 210 47.22 -35.07 26.30
CA GLY E 210 48.57 -35.49 26.57
C GLY E 210 48.71 -36.66 27.53
N VAL E 211 47.61 -37.08 28.16
CA VAL E 211 47.67 -38.15 29.17
C VAL E 211 46.72 -39.28 28.79
N THR E 212 45.45 -38.94 28.59
CA THR E 212 44.39 -39.94 28.47
C THR E 212 44.45 -40.66 27.13
N PRO E 213 44.51 -41.99 27.11
CA PRO E 213 44.60 -42.72 25.84
C PRO E 213 43.25 -43.14 25.28
N GLY E 214 43.27 -43.44 23.98
CA GLY E 214 42.14 -44.07 23.31
C GLY E 214 42.57 -45.42 22.74
N SER E 215 41.65 -46.37 22.76
CA SER E 215 41.96 -47.75 22.39
C SER E 215 40.91 -48.33 21.46
N SER E 216 41.38 -49.09 20.45
CA SER E 216 40.51 -49.94 19.64
C SER E 216 41.13 -51.34 19.61
N ARG E 217 40.92 -52.09 20.69
CA ARG E 217 41.05 -53.54 20.84
C ARG E 217 42.47 -54.10 20.76
N ASP E 218 43.43 -53.33 20.24
CA ASP E 218 44.84 -53.76 20.27
C ASP E 218 45.79 -52.59 20.45
N LEU E 219 45.29 -51.37 20.23
CA LEU E 219 46.13 -50.21 19.96
C LEU E 219 46.00 -49.20 21.10
N LYS E 220 47.12 -48.66 21.56
CA LYS E 220 47.13 -47.63 22.58
C LYS E 220 47.72 -46.35 21.99
N VAL E 221 46.86 -45.34 21.81
CA VAL E 221 47.24 -44.07 21.21
C VAL E 221 46.84 -42.94 22.15
N ILE E 222 47.78 -42.05 22.46
CA ILE E 222 47.52 -40.86 23.26
C ILE E 222 47.60 -39.65 22.33
N ALA E 223 46.92 -38.57 22.71
CA ALA E 223 46.89 -37.35 21.92
C ALA E 223 47.03 -36.13 22.82
N GLY E 224 47.58 -35.06 22.26
CA GLY E 224 47.74 -33.81 22.97
C GLY E 224 49.16 -33.59 23.47
N PRO E 225 49.47 -32.35 23.88
CA PRO E 225 48.64 -31.14 23.79
C PRO E 225 48.70 -30.46 22.42
N ILE E 226 47.78 -29.52 22.18
CA ILE E 226 47.81 -28.76 20.93
C ILE E 226 48.99 -27.80 20.95
N SER E 227 49.57 -27.55 19.77
CA SER E 227 50.73 -26.67 19.68
C SER E 227 50.35 -25.22 19.96
N ALA E 228 49.22 -24.76 19.42
CA ALA E 228 48.74 -23.40 19.64
C ALA E 228 47.31 -23.48 20.17
N ALA E 229 47.11 -23.00 21.39
CA ALA E 229 45.78 -22.98 21.96
C ALA E 229 44.94 -21.87 21.32
N PHE E 230 43.73 -22.25 20.89
CA PHE E 230 42.84 -21.30 20.24
C PHE E 230 41.40 -21.71 20.51
N SER E 231 40.53 -20.73 20.65
CA SER E 231 39.11 -20.95 20.82
C SER E 231 38.34 -19.81 20.15
N PRO E 232 37.37 -20.12 19.27
CA PRO E 232 36.57 -19.05 18.66
C PRO E 232 35.52 -18.47 19.59
N PHE E 233 35.39 -18.99 20.81
CA PHE E 233 34.34 -18.59 21.74
C PHE E 233 34.87 -17.50 22.65
N ASP E 234 34.14 -16.39 22.75
CA ASP E 234 34.45 -15.39 23.76
C ASP E 234 33.91 -15.84 25.11
N HIS E 235 34.16 -15.02 26.14
CA HIS E 235 33.83 -15.42 27.51
C HIS E 235 32.32 -15.39 27.75
N LYS E 236 31.58 -14.66 26.91
CA LYS E 236 30.14 -14.53 27.05
C LYS E 236 29.47 -14.81 25.71
N VAL E 237 28.69 -15.89 25.64
CA VAL E 237 28.02 -16.29 24.42
C VAL E 237 26.52 -16.45 24.69
N VAL E 238 25.73 -16.31 23.63
CA VAL E 238 24.27 -16.37 23.70
C VAL E 238 23.79 -17.33 22.62
N ILE E 239 22.92 -18.27 23.01
CA ILE E 239 22.29 -19.22 22.10
C ILE E 239 20.90 -18.72 21.74
N ARG E 240 20.60 -18.64 20.44
CA ARG E 240 19.27 -18.24 19.97
C ARG E 240 18.91 -19.09 18.76
N LYS E 241 18.10 -20.14 18.99
CA LYS E 241 17.57 -21.04 17.96
C LYS E 241 18.68 -21.68 17.13
N GLY E 242 19.72 -22.16 17.82
CA GLY E 242 20.85 -22.79 17.16
C GLY E 242 21.92 -21.84 16.69
N LEU E 243 21.72 -20.53 16.85
CA LEU E 243 22.69 -19.52 16.46
C LEU E 243 23.42 -19.05 17.71
N VAL E 244 24.76 -19.11 17.68
CA VAL E 244 25.59 -18.66 18.79
C VAL E 244 26.20 -17.31 18.41
N TYR E 245 26.11 -16.34 19.32
CA TYR E 245 26.62 -15.00 19.11
C TYR E 245 27.63 -14.70 20.20
N ASN E 246 28.61 -13.86 19.88
CA ASN E 246 29.59 -13.42 20.88
C ASN E 246 29.18 -12.07 21.47
N TYR E 247 28.06 -12.07 22.18
CA TYR E 247 27.57 -10.88 22.84
C TYR E 247 27.90 -10.91 24.33
N ASP E 248 28.46 -9.81 24.82
CA ASP E 248 28.82 -9.67 26.23
C ASP E 248 27.57 -9.21 26.99
N PHE E 249 26.79 -10.17 27.45
CA PHE E 249 25.56 -9.86 28.16
C PHE E 249 25.88 -9.38 29.57
N PRO E 250 25.02 -8.55 30.16
CA PRO E 250 25.15 -8.22 31.59
C PRO E 250 24.94 -9.46 32.46
N GLU E 251 25.51 -9.42 33.66
CA GLU E 251 25.45 -10.56 34.57
C GLU E 251 24.07 -10.70 35.19
N TYR E 252 23.93 -11.72 36.05
CA TYR E 252 22.65 -12.01 36.67
C TYR E 252 22.29 -10.96 37.71
N GLY E 253 21.08 -10.40 37.58
CA GLY E 253 20.60 -9.38 38.47
C GLY E 253 20.90 -7.96 38.03
N ALA E 254 21.84 -7.78 37.12
CA ALA E 254 22.24 -6.45 36.64
C ALA E 254 21.53 -6.10 35.33
N MET E 255 20.21 -5.94 35.40
CA MET E 255 19.42 -5.72 34.19
C MET E 255 19.54 -4.28 33.71
N LYS E 256 19.66 -4.11 32.39
CA LYS E 256 19.63 -2.82 31.71
C LYS E 256 18.43 -2.79 30.77
N PRO E 257 17.48 -1.87 30.96
CA PRO E 257 16.35 -1.73 30.03
C PRO E 257 16.80 -1.14 28.70
N GLY E 258 16.14 -1.58 27.63
CA GLY E 258 16.54 -1.22 26.29
C GLY E 258 17.69 -2.03 25.73
N ALA E 259 18.15 -3.05 26.44
CA ALA E 259 19.22 -3.92 25.99
C ALA E 259 18.88 -5.37 26.33
N PHE E 260 19.72 -6.28 25.82
CA PHE E 260 19.53 -7.70 26.08
C PHE E 260 19.81 -8.02 27.54
N GLY E 261 19.07 -8.98 28.07
CA GLY E 261 19.22 -9.40 29.44
C GLY E 261 18.39 -8.61 30.42
N ASP E 262 17.36 -7.91 29.93
CA ASP E 262 16.50 -7.13 30.83
C ASP E 262 15.35 -7.95 31.38
N ILE E 263 15.13 -9.16 30.87
CA ILE E 263 14.26 -10.15 31.50
C ILE E 263 15.10 -11.39 31.78
N GLN E 264 15.23 -11.75 33.06
CA GLN E 264 16.09 -12.85 33.48
C GLN E 264 15.31 -13.81 34.37
N ALA E 265 15.48 -15.10 34.09
CA ALA E 265 14.91 -16.17 34.89
C ALA E 265 15.75 -17.42 34.69
N SER E 266 15.89 -18.21 35.76
CA SER E 266 16.77 -19.39 35.74
C SER E 266 16.26 -20.49 34.80
N SER E 267 14.95 -20.60 34.61
CA SER E 267 14.38 -21.55 33.68
C SER E 267 13.17 -20.90 33.03
N LEU E 268 12.66 -21.54 31.98
CA LEU E 268 11.49 -21.01 31.27
C LEU E 268 10.23 -21.15 32.11
N ASP E 269 10.16 -22.20 32.94
CA ASP E 269 9.03 -22.40 33.84
C ASP E 269 9.32 -21.91 35.26
N ALA E 270 10.45 -21.23 35.48
CA ALA E 270 10.79 -20.76 36.81
C ALA E 270 9.91 -19.59 37.21
N THR E 271 9.52 -19.57 38.48
CA THR E 271 8.67 -18.50 39.02
C THR E 271 9.48 -17.34 39.60
N ASP E 272 10.80 -17.46 39.68
CA ASP E 272 11.65 -16.40 40.21
C ASP E 272 12.12 -15.46 39.10
N ILE E 273 11.17 -14.90 38.35
CA ILE E 273 11.50 -14.01 37.25
C ILE E 273 11.85 -12.64 37.80
N VAL E 274 13.04 -12.14 37.44
CA VAL E 274 13.50 -10.83 37.88
C VAL E 274 13.71 -9.95 36.65
N ALA E 275 13.42 -8.66 36.79
CA ALA E 275 13.40 -7.73 35.66
C ALA E 275 13.35 -6.30 36.18
N ARG E 276 14.09 -5.42 35.51
CA ARG E 276 13.87 -3.98 35.63
C ARG E 276 13.86 -3.39 34.21
N THR E 277 12.66 -3.32 33.65
CA THR E 277 12.46 -2.84 32.29
C THR E 277 12.00 -1.40 32.25
N ASP E 278 11.94 -0.75 33.42
CA ASP E 278 11.65 0.68 33.61
C ASP E 278 10.23 1.00 33.10
N ILE E 279 9.24 0.32 33.65
CA ILE E 279 7.85 0.70 33.42
C ILE E 279 7.49 1.83 34.39
N ARG E 280 6.78 2.83 33.89
CA ARG E 280 6.40 4.00 34.68
C ARG E 280 4.91 4.24 34.50
N LEU E 281 4.22 4.48 35.61
CA LEU E 281 2.78 4.70 35.58
C LEU E 281 2.48 6.19 35.50
N LEU E 282 1.33 6.50 34.91
CA LEU E 282 0.89 7.87 34.71
C LEU E 282 -0.53 8.05 35.27
N LYS E 283 -0.78 9.28 35.75
CA LYS E 283 -2.11 9.61 36.34
C LYS E 283 -3.18 9.65 35.25
N PRO E 284 -4.26 8.84 35.30
CA PRO E 284 -5.26 8.81 34.21
C PRO E 284 -6.05 10.10 34.14
N SER E 285 -6.33 10.51 32.90
CA SER E 285 -7.05 11.75 32.63
C SER E 285 -8.36 11.51 31.89
N VAL E 286 -8.50 10.37 31.21
CA VAL E 286 -9.73 10.05 30.52
C VAL E 286 -10.81 9.69 31.55
N LYS E 287 -12.05 10.07 31.26
CA LYS E 287 -13.15 9.84 32.19
C LYS E 287 -13.47 8.35 32.35
N ASN E 288 -13.32 7.59 31.28
CA ASN E 288 -13.57 6.15 31.35
C ASN E 288 -12.39 5.44 32.02
N ILE E 289 -12.65 4.25 32.57
CA ILE E 289 -11.61 3.53 33.29
C ILE E 289 -10.65 2.87 32.30
N HIS E 290 -9.36 3.19 32.48
CA HIS E 290 -8.22 2.55 31.83
C HIS E 290 -6.98 3.06 32.55
N VAL E 291 -6.03 2.18 32.79
CA VAL E 291 -4.79 2.53 33.48
C VAL E 291 -3.71 2.86 32.45
N PRO E 292 -3.13 4.05 32.48
CA PRO E 292 -2.08 4.39 31.51
C PRO E 292 -0.72 3.88 31.95
N TYR E 293 0.11 3.48 30.99
CA TYR E 293 1.47 3.12 31.31
C TYR E 293 2.36 3.42 30.11
N THR E 294 3.58 3.85 30.39
CA THR E 294 4.61 3.98 29.38
C THR E 294 5.63 2.87 29.57
N GLN E 295 6.22 2.43 28.47
CA GLN E 295 7.08 1.26 28.51
C GLN E 295 8.20 1.44 27.50
N ALA E 296 9.41 1.10 27.92
CA ALA E 296 10.55 1.07 27.00
C ALA E 296 10.41 -0.12 26.06
N VAL E 297 11.12 -0.04 24.94
CA VAL E 297 11.03 -1.09 23.93
C VAL E 297 11.73 -2.36 24.42
N SER E 298 11.40 -3.46 23.77
CA SER E 298 11.92 -4.76 24.17
C SER E 298 13.41 -4.85 23.81
N GLY E 299 14.25 -5.03 24.83
CA GLY E 299 15.68 -5.16 24.58
C GLY E 299 16.03 -6.45 23.87
N TYR E 300 15.19 -7.47 24.04
CA TYR E 300 15.31 -8.68 23.23
C TYR E 300 15.06 -8.37 21.75
N GLU E 301 14.05 -7.56 21.47
CA GLU E 301 13.76 -7.21 20.07
C GLU E 301 14.78 -6.22 19.54
N MET E 302 15.32 -5.34 20.41
CA MET E 302 16.44 -4.49 20.02
C MET E 302 17.68 -5.32 19.66
N TRP E 303 17.95 -6.35 20.45
CA TRP E 303 19.11 -7.21 20.20
C TRP E 303 18.88 -8.06 18.95
N LYS E 304 17.61 -8.40 18.68
CA LYS E 304 17.26 -9.09 17.45
C LYS E 304 17.44 -8.19 16.23
N ASN E 305 17.08 -6.91 16.36
CA ASN E 305 17.22 -5.99 15.24
C ASN E 305 18.68 -5.61 15.01
N ASN E 306 19.48 -5.61 16.07
CA ASN E 306 20.89 -5.20 16.02
C ASN E 306 21.81 -6.41 16.23
N SER E 307 21.48 -7.53 15.58
CA SER E 307 22.14 -8.79 15.86
C SER E 307 23.56 -8.84 15.29
N GLY E 308 23.71 -8.60 14.00
CA GLY E 308 24.94 -8.92 13.31
C GLY E 308 24.87 -10.30 12.69
N ARG E 309 26.04 -10.84 12.39
CA ARG E 309 26.10 -12.11 11.68
C ARG E 309 26.50 -13.24 12.63
N PRO E 310 26.01 -14.48 12.39
CA PRO E 310 26.29 -15.57 13.33
C PRO E 310 27.73 -16.05 13.34
N LEU E 311 28.11 -16.72 14.43
CA LEU E 311 29.46 -17.27 14.58
C LEU E 311 29.69 -18.47 13.67
N GLN E 312 28.62 -19.08 13.17
CA GLN E 312 28.70 -20.06 12.08
C GLN E 312 29.27 -19.44 10.81
N GLU E 313 29.12 -18.12 10.62
CA GLU E 313 29.64 -17.41 9.46
C GLU E 313 30.69 -16.37 9.86
N THR E 314 31.22 -16.46 11.09
CA THR E 314 32.18 -15.49 11.60
C THR E 314 33.45 -16.14 12.13
N ALA E 315 33.37 -17.36 12.66
CA ALA E 315 34.53 -18.02 13.26
C ALA E 315 35.55 -18.39 12.19
N PRO E 316 36.84 -18.14 12.42
CA PRO E 316 37.86 -18.47 11.42
C PRO E 316 38.16 -19.97 11.39
N PHE E 317 39.21 -20.32 10.65
CA PHE E 317 39.80 -21.65 10.57
C PHE E 317 38.86 -22.72 9.99
N GLY E 318 37.87 -22.32 9.20
CA GLY E 318 36.98 -23.26 8.52
C GLY E 318 36.12 -24.05 9.46
N CYS E 319 35.54 -23.37 10.44
CA CYS E 319 35.08 -24.00 11.66
C CYS E 319 33.62 -23.64 11.91
N LYS E 320 32.75 -24.62 11.61
CA LYS E 320 31.29 -24.44 11.81
C LYS E 320 30.99 -24.75 13.27
N ILE E 321 29.81 -24.34 13.75
CA ILE E 321 29.51 -24.50 15.18
C ILE E 321 28.23 -25.31 15.34
N GLU E 322 28.25 -26.27 16.27
CA GLU E 322 27.09 -27.10 16.57
C GLU E 322 26.63 -26.85 18.00
N VAL E 323 25.32 -26.98 18.22
CA VAL E 323 24.69 -26.59 19.48
C VAL E 323 23.90 -27.82 19.94
N GLU E 324 23.47 -27.83 21.23
CA GLU E 324 22.89 -28.90 22.07
C GLU E 324 23.80 -30.11 22.28
N PRO E 325 24.87 -30.01 23.10
CA PRO E 325 25.53 -28.83 23.64
C PRO E 325 26.51 -28.22 22.63
N LEU E 326 27.19 -27.15 23.05
CA LEU E 326 27.91 -26.31 22.10
C LEU E 326 29.30 -26.88 21.81
N ARG E 327 29.54 -27.25 20.55
CA ARG E 327 30.90 -27.61 20.15
C ARG E 327 31.23 -26.84 18.88
N ALA E 328 32.50 -26.91 18.48
CA ALA E 328 32.97 -26.42 17.19
C ALA E 328 33.48 -27.62 16.40
N SER E 329 32.96 -27.82 15.19
CA SER E 329 33.18 -29.05 14.45
C SER E 329 34.06 -28.84 13.23
N ASN E 330 34.97 -29.80 13.00
CA ASN E 330 35.86 -29.86 11.83
C ASN E 330 36.70 -28.59 11.71
N CYS E 331 37.52 -28.37 12.73
CA CYS E 331 38.13 -27.07 12.98
C CYS E 331 39.63 -27.18 12.81
N ALA E 332 40.15 -26.57 11.76
CA ALA E 332 41.51 -26.85 11.28
C ALA E 332 42.48 -25.78 11.78
N TYR E 333 43.30 -26.14 12.77
CA TYR E 333 44.37 -25.28 13.25
C TYR E 333 45.42 -26.11 13.97
N GLY E 334 46.67 -25.71 13.81
CA GLY E 334 47.78 -26.28 14.58
C GLY E 334 48.21 -27.65 14.09
N HIS E 335 49.19 -28.20 14.81
CA HIS E 335 49.70 -29.54 14.57
C HIS E 335 49.58 -30.34 15.86
N ILE E 336 49.07 -31.57 15.74
CA ILE E 336 48.80 -32.40 16.91
C ILE E 336 49.85 -33.52 16.97
N PRO E 337 50.61 -33.62 18.06
CA PRO E 337 51.56 -34.73 18.21
C PRO E 337 50.83 -36.02 18.57
N ILE E 338 51.06 -37.06 17.77
CA ILE E 338 50.42 -38.36 17.97
C ILE E 338 51.51 -39.41 18.10
N SER E 339 51.40 -40.26 19.12
CA SER E 339 52.28 -41.40 19.31
C SER E 339 51.46 -42.67 19.34
N ILE E 340 51.84 -43.65 18.51
CA ILE E 340 51.06 -44.86 18.31
C ILE E 340 51.88 -46.05 18.79
N ASP E 341 51.31 -46.82 19.72
CA ASP E 341 51.94 -48.05 20.21
C ASP E 341 51.44 -49.19 19.35
N ILE E 342 52.16 -49.45 18.25
CA ILE E 342 51.78 -50.52 17.32
C ILE E 342 52.10 -51.88 17.95
N PRO E 343 51.18 -52.84 17.91
CA PRO E 343 51.49 -54.17 18.45
C PRO E 343 52.53 -54.91 17.62
N ASP E 344 53.22 -55.84 18.26
CA ASP E 344 54.30 -56.57 17.60
C ASP E 344 53.79 -57.56 16.56
N ALA E 345 52.52 -57.98 16.65
CA ALA E 345 51.96 -58.90 15.67
C ALA E 345 51.69 -58.24 14.33
N ALA E 346 51.59 -56.91 14.28
CA ALA E 346 51.35 -56.23 13.02
C ALA E 346 52.60 -56.23 12.14
N PHE E 347 53.78 -56.10 12.75
CA PHE E 347 55.01 -56.11 11.99
C PHE E 347 55.36 -57.51 11.51
N VAL E 348 56.13 -57.58 10.43
CA VAL E 348 56.65 -58.83 9.89
C VAL E 348 58.16 -58.69 9.74
N ARG E 349 58.85 -59.83 9.71
CA ARG E 349 60.30 -59.82 9.62
C ARG E 349 60.74 -59.43 8.20
N SER E 350 62.00 -59.00 8.08
CA SER E 350 62.55 -58.63 6.79
C SER E 350 62.83 -59.85 5.92
N SER E 351 62.96 -61.04 6.52
CA SER E 351 63.16 -62.26 5.77
C SER E 351 61.92 -62.70 5.00
N GLU E 352 60.73 -62.26 5.43
CA GLU E 352 59.50 -62.55 4.71
C GLU E 352 59.13 -61.48 3.69
N SER E 353 59.51 -60.23 3.91
CA SER E 353 59.25 -59.19 2.92
C SER E 353 60.24 -59.34 1.76
N PRO E 354 59.76 -59.30 0.52
CA PRO E 354 60.65 -59.45 -0.64
C PRO E 354 61.48 -58.21 -0.89
N THR E 355 62.80 -58.34 -0.77
CA THR E 355 63.69 -57.24 -1.09
C THR E 355 63.83 -57.10 -2.61
N ILE E 356 64.32 -55.94 -3.02
CA ILE E 356 64.52 -55.63 -4.43
C ILE E 356 66.03 -55.52 -4.69
N LEU E 357 66.48 -56.12 -5.79
CA LEU E 357 67.89 -56.06 -6.14
C LEU E 357 68.30 -54.67 -6.58
N GLU E 358 67.52 -54.05 -7.47
CA GLU E 358 67.77 -52.69 -7.91
C GLU E 358 66.45 -52.08 -8.37
N VAL E 359 66.42 -50.75 -8.39
CA VAL E 359 65.25 -50.00 -8.82
C VAL E 359 65.72 -48.64 -9.36
N SER E 360 65.10 -48.19 -10.44
CA SER E 360 65.44 -46.92 -11.08
C SER E 360 64.19 -46.05 -11.16
N CYS E 361 64.39 -44.75 -10.95
CA CYS E 361 63.29 -43.79 -10.91
C CYS E 361 63.31 -42.92 -12.16
N THR E 362 62.21 -42.94 -12.91
CA THR E 362 61.99 -42.02 -14.02
C THR E 362 60.68 -41.29 -13.77
N VAL E 363 60.70 -39.97 -13.89
CA VAL E 363 59.57 -39.13 -13.52
C VAL E 363 58.79 -38.74 -14.78
N ALA E 364 57.49 -38.59 -14.61
CA ALA E 364 56.62 -38.10 -15.68
C ALA E 364 56.53 -36.58 -15.58
N ASP E 365 55.57 -35.99 -16.30
CA ASP E 365 55.32 -34.57 -16.19
C ASP E 365 54.72 -34.24 -14.83
N CYS E 366 55.48 -33.50 -14.03
CA CYS E 366 55.09 -33.19 -12.66
C CYS E 366 54.60 -31.75 -12.58
N ILE E 367 53.81 -31.48 -11.55
CA ILE E 367 53.23 -30.16 -11.32
C ILE E 367 52.96 -30.03 -9.82
N TYR E 368 53.12 -28.82 -9.28
CA TYR E 368 52.86 -28.60 -7.86
C TYR E 368 51.49 -27.95 -7.72
N SER E 369 50.54 -28.78 -7.31
CA SER E 369 49.17 -28.37 -7.05
C SER E 369 48.68 -28.99 -5.75
N ALA E 370 47.50 -28.58 -5.32
CA ALA E 370 46.89 -29.14 -4.12
C ALA E 370 46.39 -30.57 -4.34
N ASP E 371 45.97 -30.89 -5.56
CA ASP E 371 45.53 -32.23 -5.91
C ASP E 371 46.73 -33.09 -6.28
N PHE E 372 46.50 -34.36 -6.60
CA PHE E 372 47.56 -35.31 -6.91
C PHE E 372 47.96 -35.13 -8.36
N GLY E 373 48.77 -34.10 -8.61
CA GLY E 373 49.11 -33.75 -9.98
C GLY E 373 50.24 -34.60 -10.55
N GLY E 374 51.33 -34.71 -9.80
CA GLY E 374 52.54 -35.36 -10.28
C GLY E 374 52.42 -36.88 -10.31
N SER E 375 53.23 -37.48 -11.18
CA SER E 375 53.28 -38.93 -11.35
C SER E 375 54.72 -39.34 -11.66
N LEU E 376 55.03 -40.59 -11.34
CA LEU E 376 56.35 -41.15 -11.60
C LEU E 376 56.23 -42.66 -11.78
N THR E 377 57.20 -43.23 -12.48
CA THR E 377 57.24 -44.67 -12.74
C THR E 377 58.56 -45.23 -12.22
N LEU E 378 58.48 -46.36 -11.53
CA LEU E 378 59.66 -47.02 -10.97
C LEU E 378 59.82 -48.40 -11.61
N GLN E 379 60.91 -48.58 -12.35
CA GLN E 379 61.27 -49.88 -12.90
C GLN E 379 62.13 -50.61 -11.89
N TYR E 380 61.72 -51.82 -11.52
CA TYR E 380 62.33 -52.55 -10.41
C TYR E 380 62.62 -54.00 -10.83
N LYS E 381 63.57 -54.60 -10.13
CA LYS E 381 63.88 -56.02 -10.27
C LYS E 381 63.92 -56.64 -8.89
N ALA E 382 63.06 -57.61 -8.64
CA ALA E 382 62.94 -58.26 -7.34
C ALA E 382 63.13 -59.76 -7.48
N ASP E 383 62.95 -60.48 -6.37
CA ASP E 383 63.10 -61.92 -6.34
C ASP E 383 61.83 -62.66 -5.94
N ARG E 384 60.79 -61.96 -5.47
CA ARG E 384 59.57 -62.60 -5.03
C ARG E 384 58.41 -61.64 -5.24
N GLU E 385 57.20 -62.19 -5.27
CA GLU E 385 55.98 -61.43 -5.45
C GLU E 385 55.42 -61.08 -4.08
N GLY E 386 55.30 -59.79 -3.80
CA GLY E 386 54.90 -59.33 -2.47
C GLY E 386 54.19 -58.01 -2.48
N HIS E 387 54.26 -57.31 -1.33
CA HIS E 387 53.41 -56.17 -1.02
C HIS E 387 54.23 -55.03 -0.41
N CYS E 388 55.31 -54.63 -1.10
CA CYS E 388 56.13 -53.51 -0.64
C CYS E 388 55.32 -52.22 -0.53
N PRO E 389 55.43 -51.51 0.60
CA PRO E 389 54.78 -50.20 0.72
C PRO E 389 55.66 -49.08 0.16
N VAL E 390 55.03 -48.01 -0.30
CA VAL E 390 55.73 -46.89 -0.92
C VAL E 390 55.61 -45.66 -0.04
N HIS E 391 56.71 -44.94 0.10
CA HIS E 391 56.76 -43.77 0.98
C HIS E 391 57.91 -42.87 0.54
N SER E 392 57.71 -41.57 0.77
CA SER E 392 58.73 -40.56 0.52
C SER E 392 59.08 -39.89 1.84
N HIS E 393 60.37 -39.84 2.16
CA HIS E 393 60.84 -39.35 3.46
C HIS E 393 60.95 -37.84 3.52
N SER E 394 60.60 -37.12 2.46
CA SER E 394 60.66 -35.67 2.43
C SER E 394 59.33 -35.10 2.90
N THR E 395 59.40 -33.89 3.48
CA THR E 395 58.22 -33.25 4.02
C THR E 395 57.42 -32.47 2.99
N THR E 396 57.89 -32.43 1.74
CA THR E 396 57.24 -31.64 0.69
C THR E 396 56.72 -32.60 -0.39
N ALA E 397 56.52 -33.87 -0.01
CA ALA E 397 56.03 -34.86 -0.96
C ALA E 397 55.28 -35.95 -0.20
N VAL E 398 54.04 -36.22 -0.62
CA VAL E 398 53.25 -37.34 -0.10
C VAL E 398 52.71 -38.11 -1.29
N LEU E 399 52.38 -39.38 -1.08
CA LEU E 399 51.90 -40.22 -2.16
C LEU E 399 50.41 -40.56 -1.98
N LYS E 400 49.81 -41.07 -3.05
CA LYS E 400 48.42 -41.51 -3.01
C LYS E 400 48.29 -42.94 -2.51
N GLU E 401 49.14 -43.84 -2.99
CA GLU E 401 49.11 -45.22 -2.58
C GLU E 401 49.86 -45.40 -1.26
N ALA E 402 49.50 -46.45 -0.54
CA ALA E 402 50.19 -46.80 0.69
C ALA E 402 51.00 -48.08 0.57
N THR E 403 50.44 -49.12 -0.06
CA THR E 403 51.18 -50.34 -0.38
C THR E 403 50.83 -50.75 -1.80
N THR E 404 51.83 -51.29 -2.52
CA THR E 404 51.66 -51.69 -3.90
C THR E 404 52.06 -53.15 -4.06
N HIS E 405 51.43 -53.83 -5.01
CA HIS E 405 51.86 -55.17 -5.38
C HIS E 405 53.14 -55.08 -6.21
N VAL E 406 54.12 -55.90 -5.83
CA VAL E 406 55.44 -55.87 -6.44
C VAL E 406 55.73 -57.25 -7.01
N THR E 407 56.04 -57.30 -8.30
CA THR E 407 56.38 -58.54 -8.99
C THR E 407 57.89 -58.73 -9.02
N ALA E 408 58.34 -59.73 -9.78
CA ALA E 408 59.77 -59.98 -9.89
C ALA E 408 60.44 -58.94 -10.78
N VAL E 409 60.06 -58.88 -12.05
CA VAL E 409 60.57 -57.90 -12.99
C VAL E 409 59.38 -57.14 -13.58
N GLY E 410 59.40 -55.82 -13.44
CA GLY E 410 58.32 -55.00 -13.98
C GLY E 410 58.46 -53.56 -13.55
N SER E 411 57.41 -52.79 -13.83
CA SER E 411 57.39 -51.37 -13.49
C SER E 411 56.03 -51.04 -12.90
N ILE E 412 56.02 -50.08 -11.97
CA ILE E 412 54.81 -49.64 -11.30
C ILE E 412 54.77 -48.11 -11.34
N THR E 413 53.56 -47.56 -11.51
CA THR E 413 53.36 -46.11 -11.53
C THR E 413 52.78 -45.65 -10.21
N LEU E 414 53.12 -44.43 -9.81
CA LEU E 414 52.71 -43.85 -8.54
C LEU E 414 52.38 -42.38 -8.75
N HIS E 415 51.48 -41.86 -7.93
CA HIS E 415 51.12 -40.44 -7.97
C HIS E 415 51.57 -39.74 -6.70
N PHE E 416 51.87 -38.45 -6.84
CA PHE E 416 52.37 -37.70 -5.69
C PHE E 416 51.88 -36.26 -5.76
N SER E 417 51.95 -35.57 -4.61
CA SER E 417 51.66 -34.15 -4.50
C SER E 417 52.86 -33.43 -3.91
N THR E 418 53.14 -32.24 -4.41
CA THR E 418 54.24 -31.42 -3.94
C THR E 418 53.86 -29.95 -3.90
N SER E 419 54.61 -29.18 -3.11
CA SER E 419 54.47 -27.73 -3.05
C SER E 419 55.77 -27.02 -3.41
N SER E 420 56.73 -27.74 -4.00
CA SER E 420 58.02 -27.22 -4.38
C SER E 420 58.09 -27.07 -5.89
N PRO E 421 58.79 -26.04 -6.40
CA PRO E 421 58.94 -25.89 -7.85
C PRO E 421 59.81 -26.96 -8.50
N GLN E 422 60.64 -27.67 -7.73
CA GLN E 422 61.46 -28.76 -8.24
C GLN E 422 61.20 -29.99 -7.39
N ALA E 423 61.23 -31.16 -8.02
CA ALA E 423 61.06 -32.41 -7.29
C ALA E 423 62.38 -33.14 -7.16
N ASN E 424 63.06 -32.95 -6.03
CA ASN E 424 64.37 -33.53 -5.76
C ASN E 424 64.35 -34.33 -4.45
N PHE E 425 63.31 -35.14 -4.27
CA PHE E 425 63.05 -35.83 -3.02
C PHE E 425 63.49 -37.28 -3.13
N ILE E 426 63.30 -38.02 -2.04
CA ILE E 426 63.74 -39.41 -1.93
C ILE E 426 62.51 -40.31 -1.83
N VAL E 427 62.57 -41.47 -2.49
CA VAL E 427 61.46 -42.42 -2.55
C VAL E 427 61.97 -43.77 -2.05
N SER E 428 61.22 -44.40 -1.15
CA SER E 428 61.60 -45.67 -0.55
C SER E 428 60.59 -46.75 -0.94
N LEU E 429 61.09 -47.96 -1.17
CA LEU E 429 60.27 -49.11 -1.52
C LEU E 429 60.88 -50.37 -0.90
N CYS E 430 60.27 -50.83 0.21
CA CYS E 430 60.87 -51.81 1.13
C CYS E 430 62.30 -51.42 1.53
N GLY E 431 62.43 -50.17 2.00
CA GLY E 431 63.64 -49.67 2.59
C GLY E 431 64.64 -49.06 1.63
N LYS E 432 64.76 -49.61 0.42
CA LYS E 432 65.74 -49.14 -0.54
C LYS E 432 65.31 -47.81 -1.14
N LYS E 433 66.23 -46.85 -1.16
CA LYS E 433 65.94 -45.49 -1.55
C LYS E 433 66.52 -45.17 -2.93
N THR E 434 65.81 -44.32 -3.66
CA THR E 434 66.22 -43.87 -4.99
C THR E 434 65.86 -42.40 -5.14
N THR E 435 66.84 -41.60 -5.55
CA THR E 435 66.67 -40.15 -5.66
C THR E 435 66.04 -39.82 -7.01
N CYS E 436 64.90 -39.14 -6.97
CA CYS E 436 64.21 -38.71 -8.17
C CYS E 436 64.41 -37.21 -8.37
N ASN E 437 64.84 -36.83 -9.57
CA ASN E 437 65.11 -35.43 -9.89
C ASN E 437 64.16 -34.98 -10.99
N ALA E 438 63.49 -33.85 -10.78
CA ALA E 438 62.51 -33.35 -11.72
C ALA E 438 62.36 -31.83 -11.54
N GLU E 439 61.72 -31.19 -12.52
CA GLU E 439 61.33 -29.79 -12.43
C GLU E 439 59.83 -29.70 -12.66
N CYS E 440 59.13 -29.06 -11.73
CA CYS E 440 57.67 -29.02 -11.73
C CYS E 440 57.20 -27.67 -12.25
N LYS E 441 56.26 -27.69 -13.20
CA LYS E 441 55.71 -26.48 -13.78
C LYS E 441 54.72 -25.83 -12.81
N PRO E 442 54.54 -24.51 -12.91
CA PRO E 442 53.50 -23.86 -12.11
C PRO E 442 52.12 -24.30 -12.57
N PRO E 443 51.14 -24.31 -11.65
CA PRO E 443 49.80 -24.78 -12.02
C PRO E 443 49.09 -23.84 -12.97
N ALA E 444 48.29 -24.43 -13.87
CA ALA E 444 47.47 -23.66 -14.80
C ALA E 444 46.19 -23.17 -14.14
N ASP E 445 45.49 -24.06 -13.43
CA ASP E 445 44.31 -23.66 -12.69
C ASP E 445 44.70 -22.90 -11.43
N HIS E 446 44.05 -21.76 -11.22
CA HIS E 446 44.36 -20.90 -10.09
C HIS E 446 43.70 -21.36 -8.80
N ILE E 447 42.46 -21.86 -8.86
CA ILE E 447 41.76 -22.35 -7.69
C ILE E 447 41.24 -23.75 -7.99
N ILE E 448 41.59 -24.71 -7.13
CA ILE E 448 41.24 -26.11 -7.32
C ILE E 448 40.33 -26.52 -6.17
N GLY E 449 39.48 -27.51 -6.42
CA GLY E 449 38.52 -27.96 -5.42
C GLY E 449 39.00 -29.04 -4.47
N GLU E 450 40.27 -29.00 -4.09
CA GLU E 450 40.77 -29.94 -3.08
C GLU E 450 41.77 -29.24 -2.16
N PRO E 451 41.87 -29.69 -0.91
CA PRO E 451 42.78 -29.08 0.06
C PRO E 451 44.24 -29.11 -0.36
N HIS E 452 44.99 -28.11 0.10
CA HIS E 452 46.45 -28.19 0.04
C HIS E 452 46.91 -29.24 1.05
N LYS E 453 47.41 -30.36 0.56
CA LYS E 453 47.83 -31.45 1.43
C LYS E 453 49.27 -31.31 1.90
N VAL E 454 50.04 -30.40 1.30
CA VAL E 454 51.46 -30.23 1.62
C VAL E 454 51.72 -28.76 1.90
N ASP E 455 52.30 -28.46 3.06
CA ASP E 455 52.65 -27.10 3.41
C ASP E 455 53.88 -26.63 2.62
N GLN E 456 54.02 -25.32 2.50
CA GLN E 456 55.11 -24.70 1.76
C GLN E 456 56.26 -24.39 2.72
N GLU E 457 57.46 -24.82 2.36
CA GLU E 457 58.64 -24.58 3.19
C GLU E 457 59.37 -23.31 2.74
N PRO F 1 -18.67 -13.82 28.24
CA PRO F 1 -17.64 -12.94 27.66
C PRO F 1 -17.79 -11.51 28.12
N TYR F 2 -16.68 -10.88 28.50
CA TYR F 2 -16.70 -9.51 28.97
C TYR F 2 -16.58 -8.54 27.80
N LEU F 3 -16.57 -7.25 28.12
CA LEU F 3 -16.52 -6.19 27.14
C LEU F 3 -15.39 -5.24 27.53
N GLY F 4 -14.62 -4.78 26.53
CA GLY F 4 -13.42 -4.01 26.77
C GLY F 4 -13.48 -2.65 26.10
N PHE F 5 -12.45 -1.85 26.38
CA PHE F 5 -12.36 -0.46 25.90
C PHE F 5 -11.47 -0.47 24.66
N CYS F 6 -12.10 -0.49 23.50
CA CYS F 6 -11.37 -0.55 22.24
C CYS F 6 -10.77 0.83 21.92
N PRO F 7 -9.52 0.90 21.47
CA PRO F 7 -8.91 2.22 21.20
C PRO F 7 -9.44 2.92 19.96
N TYR F 8 -10.09 2.23 19.01
CA TYR F 8 -10.68 2.88 17.83
C TYR F 8 -12.06 2.28 17.56
N CYS F 9 -13.04 3.16 17.50
CA CYS F 9 -14.45 2.84 17.43
C CYS F 9 -14.81 2.58 15.97
N ARG F 10 -16.11 2.58 15.66
CA ARG F 10 -16.55 2.66 14.26
C ARG F 10 -16.05 3.94 13.60
N HIS F 11 -16.43 5.10 14.14
CA HIS F 11 -16.18 6.35 13.43
C HIS F 11 -14.79 6.95 13.64
N SER F 12 -14.45 7.50 14.81
CA SER F 12 -13.11 8.03 15.02
C SER F 12 -12.60 7.82 16.45
N ALA F 13 -13.53 7.67 17.38
CA ALA F 13 -13.29 7.78 18.81
C ALA F 13 -12.73 6.49 19.40
N PRO F 14 -12.35 6.50 20.67
CA PRO F 14 -12.44 5.26 21.44
C PRO F 14 -13.90 4.95 21.77
N CYS F 15 -14.20 3.67 21.91
CA CYS F 15 -15.51 3.19 22.35
C CYS F 15 -15.32 1.87 23.08
N PHE F 16 -16.34 1.52 23.84
CA PHE F 16 -16.36 0.24 24.56
C PHE F 16 -16.97 -0.84 23.67
N SER F 17 -16.16 -1.82 23.30
CA SER F 17 -16.50 -2.80 22.28
C SER F 17 -16.34 -4.20 22.86
N PRO F 18 -17.23 -5.14 22.50
CA PRO F 18 -17.13 -6.49 23.07
C PRO F 18 -16.20 -7.42 22.31
N ILE F 19 -15.52 -6.94 21.27
CA ILE F 19 -14.62 -7.78 20.49
C ILE F 19 -13.27 -7.08 20.60
N LYS F 20 -13.02 -6.49 21.77
CA LYS F 20 -11.81 -5.71 22.01
C LYS F 20 -10.58 -6.61 21.98
N ILE F 21 -9.60 -6.24 21.17
CA ILE F 21 -8.36 -6.99 21.04
C ILE F 21 -7.44 -6.60 22.20
N GLU F 22 -6.99 -7.60 22.97
CA GLU F 22 -6.05 -7.32 24.05
C GLU F 22 -4.64 -7.12 23.50
N ASN F 23 -4.11 -8.19 22.90
CA ASN F 23 -2.74 -8.12 22.32
C ASN F 23 -2.62 -9.12 21.16
N VAL F 24 -1.70 -8.86 20.23
CA VAL F 24 -1.47 -9.69 19.07
C VAL F 24 -0.01 -10.13 19.05
N TRP F 25 0.23 -11.42 18.91
CA TRP F 25 1.56 -11.97 18.69
C TRP F 25 1.76 -12.26 17.20
N ASP F 26 2.99 -12.06 16.73
CA ASP F 26 3.35 -12.34 15.35
C ASP F 26 4.61 -13.17 15.21
N GLU F 27 4.87 -14.05 16.19
CA GLU F 27 6.11 -14.82 16.24
C GLU F 27 6.17 -15.94 15.19
N SER F 28 5.06 -16.26 14.54
CA SER F 28 5.10 -17.25 13.48
C SER F 28 5.80 -16.69 12.25
N ASP F 29 6.54 -17.56 11.56
CA ASP F 29 7.34 -17.17 10.41
C ASP F 29 6.57 -17.19 9.10
N ASP F 30 5.34 -17.70 9.10
CA ASP F 30 4.52 -17.78 7.90
C ASP F 30 3.49 -16.66 7.81
N GLY F 31 3.58 -15.66 8.69
CA GLY F 31 2.69 -14.52 8.66
C GLY F 31 1.42 -14.66 9.47
N SER F 32 1.16 -15.85 10.03
CA SER F 32 -0.03 -16.05 10.84
C SER F 32 0.14 -15.38 12.20
N ILE F 33 -0.95 -14.82 12.71
CA ILE F 33 -0.95 -14.10 13.98
C ILE F 33 -2.03 -14.69 14.88
N ARG F 34 -1.87 -14.49 16.18
CA ARG F 34 -2.84 -14.92 17.18
C ARG F 34 -3.43 -13.68 17.84
N ILE F 35 -4.75 -13.62 17.91
CA ILE F 35 -5.49 -12.45 18.39
C ILE F 35 -6.31 -12.86 19.60
N GLN F 36 -6.13 -12.15 20.71
CA GLN F 36 -6.95 -12.34 21.90
C GLN F 36 -8.07 -11.30 21.91
N VAL F 37 -9.31 -11.76 21.89
CA VAL F 37 -10.48 -10.89 21.96
C VAL F 37 -11.27 -11.23 23.22
N SER F 38 -12.14 -10.30 23.61
CA SER F 38 -12.94 -10.49 24.82
C SER F 38 -14.14 -11.39 24.62
N ALA F 39 -14.53 -11.68 23.38
CA ALA F 39 -15.62 -12.59 23.12
C ALA F 39 -15.12 -14.03 23.10
N GLN F 40 -16.04 -14.97 23.28
CA GLN F 40 -15.74 -16.39 23.28
C GLN F 40 -16.24 -17.00 21.98
N PHE F 41 -15.37 -17.73 21.29
CA PHE F 41 -15.66 -18.34 20.01
C PHE F 41 -15.69 -19.86 20.12
N GLY F 42 -16.64 -20.45 19.39
CA GLY F 42 -16.85 -21.89 19.43
C GLY F 42 -17.77 -22.38 20.52
N TYR F 43 -18.46 -21.48 21.22
CA TYR F 43 -19.34 -21.85 22.33
C TYR F 43 -20.74 -21.30 22.10
N ASN F 44 -21.73 -22.05 22.58
CA ASN F 44 -23.14 -21.69 22.45
C ASN F 44 -23.61 -20.89 23.67
N GLN F 45 -24.93 -20.81 23.83
CA GLN F 45 -25.55 -20.17 25.01
C GLN F 45 -25.12 -20.84 26.31
N ALA F 46 -25.14 -22.18 26.35
CA ALA F 46 -24.78 -22.88 27.58
C ALA F 46 -23.27 -22.89 27.79
N GLY F 47 -22.48 -22.84 26.72
CA GLY F 47 -21.05 -23.01 26.81
C GLY F 47 -20.55 -24.34 26.28
N THR F 48 -21.45 -25.20 25.79
CA THR F 48 -21.06 -26.44 25.16
C THR F 48 -20.34 -26.14 23.84
N ALA F 49 -19.28 -26.90 23.56
CA ALA F 49 -18.49 -26.67 22.35
C ALA F 49 -19.30 -26.99 21.10
N ASP F 50 -19.77 -25.95 20.43
CA ASP F 50 -20.48 -26.05 19.16
C ASP F 50 -19.76 -25.13 18.20
N VAL F 51 -19.25 -25.70 17.10
CA VAL F 51 -18.25 -25.01 16.30
C VAL F 51 -18.86 -23.88 15.49
N THR F 52 -20.17 -23.94 15.24
CA THR F 52 -20.79 -23.09 14.21
C THR F 52 -21.13 -21.70 14.73
N LYS F 53 -21.19 -21.50 16.05
CA LYS F 53 -21.66 -20.23 16.58
C LYS F 53 -20.75 -19.78 17.72
N PHE F 54 -20.71 -18.47 17.94
CA PHE F 54 -19.92 -17.87 19.01
C PHE F 54 -20.84 -16.96 19.82
N ARG F 55 -20.33 -16.52 20.98
CA ARG F 55 -21.11 -15.68 21.89
C ARG F 55 -20.29 -14.45 22.25
N TYR F 56 -20.98 -13.37 22.57
CA TYR F 56 -20.36 -12.07 22.84
C TYR F 56 -21.19 -11.34 23.89
N MET F 57 -20.91 -10.06 24.06
CA MET F 57 -21.48 -9.26 25.14
C MET F 57 -22.50 -8.27 24.56
N SER F 58 -23.63 -8.11 25.25
CA SER F 58 -24.77 -7.39 24.72
C SER F 58 -24.74 -5.90 25.06
N PHE F 59 -25.35 -5.09 24.20
CA PHE F 59 -25.43 -3.64 24.35
C PHE F 59 -26.71 -3.18 25.02
N ASP F 60 -27.04 -3.68 26.21
CA ASP F 60 -28.24 -3.23 26.91
C ASP F 60 -28.05 -3.39 28.41
N HIS F 61 -29.09 -3.04 29.16
CA HIS F 61 -29.00 -2.89 30.61
C HIS F 61 -29.09 -4.23 31.36
N ASP F 62 -29.70 -5.26 30.77
CA ASP F 62 -29.75 -6.54 31.45
C ASP F 62 -28.43 -7.31 31.37
N HIS F 63 -27.52 -6.86 30.50
CA HIS F 63 -26.12 -7.32 30.37
C HIS F 63 -26.01 -8.84 30.17
N ASP F 64 -26.95 -9.37 29.38
CA ASP F 64 -27.00 -10.78 29.07
C ASP F 64 -26.05 -11.11 27.91
N ILE F 65 -26.17 -12.33 27.37
CA ILE F 65 -25.23 -12.83 26.37
C ILE F 65 -26.01 -13.14 25.09
N LYS F 66 -25.53 -12.63 23.95
CA LYS F 66 -26.10 -12.87 22.64
C LYS F 66 -25.10 -13.60 21.75
N GLU F 67 -25.61 -14.19 20.68
CA GLU F 67 -24.83 -15.10 19.85
C GLU F 67 -24.97 -14.77 18.36
N ASP F 68 -23.97 -15.23 17.59
CA ASP F 68 -23.86 -14.96 16.16
C ASP F 68 -22.93 -16.05 15.60
N SER F 69 -22.78 -16.09 14.27
CA SER F 69 -22.02 -17.14 13.60
C SER F 69 -20.74 -16.59 12.95
N MET F 70 -19.98 -17.49 12.31
CA MET F 70 -18.74 -17.06 11.65
C MET F 70 -18.96 -16.52 10.26
N ASP F 71 -20.18 -16.60 9.72
CA ASP F 71 -20.44 -16.08 8.38
C ASP F 71 -20.43 -14.56 8.34
N LYS F 72 -20.42 -13.90 9.51
CA LYS F 72 -20.48 -12.45 9.62
C LYS F 72 -19.33 -11.90 10.48
N ILE F 73 -18.27 -12.67 10.66
CA ILE F 73 -17.04 -12.21 11.31
C ILE F 73 -16.02 -11.92 10.21
N ALA F 74 -15.13 -10.97 10.46
CA ALA F 74 -14.12 -10.59 9.48
C ALA F 74 -12.83 -10.18 10.17
N ILE F 75 -11.71 -10.52 9.54
CA ILE F 75 -10.38 -10.13 10.00
C ILE F 75 -9.72 -9.38 8.86
N SER F 76 -9.10 -8.24 9.15
CA SER F 76 -8.45 -7.45 8.11
C SER F 76 -7.29 -6.67 8.70
N THR F 77 -6.20 -6.57 7.94
CA THR F 77 -5.08 -5.69 8.26
C THR F 77 -4.93 -4.60 7.21
N SER F 78 -4.74 -4.97 5.95
CA SER F 78 -4.84 -4.07 4.82
C SER F 78 -5.92 -4.51 3.84
N GLY F 79 -5.90 -5.79 3.46
CA GLY F 79 -7.01 -6.41 2.78
C GLY F 79 -7.70 -7.39 3.70
N PRO F 80 -8.63 -8.18 3.16
CA PRO F 80 -9.28 -9.21 3.99
C PRO F 80 -8.33 -10.34 4.32
N CYS F 81 -8.48 -10.90 5.53
CA CYS F 81 -7.67 -12.01 5.99
C CYS F 81 -8.45 -13.31 5.86
N ARG F 82 -7.72 -14.41 5.75
CA ARG F 82 -8.33 -15.74 5.69
C ARG F 82 -8.33 -16.34 7.09
N ARG F 83 -9.49 -16.79 7.55
CA ARG F 83 -9.61 -17.31 8.90
C ARG F 83 -9.22 -18.79 8.93
N LEU F 84 -8.52 -19.19 9.98
CA LEU F 84 -7.98 -20.54 10.09
C LEU F 84 -8.47 -21.33 11.30
N GLY F 85 -8.50 -20.74 12.48
CA GLY F 85 -8.90 -21.49 13.67
C GLY F 85 -9.30 -20.58 14.81
N HIS F 86 -9.99 -21.18 15.79
CA HIS F 86 -10.53 -20.40 16.89
C HIS F 86 -10.82 -21.30 18.10
N LYS F 87 -10.51 -20.77 19.29
CA LYS F 87 -11.06 -21.26 20.56
C LYS F 87 -11.23 -20.09 21.50
N GLY F 88 -12.48 -19.77 21.83
CA GLY F 88 -12.75 -18.89 22.97
C GLY F 88 -12.30 -17.46 22.71
N TYR F 89 -11.35 -17.02 23.52
CA TYR F 89 -10.79 -15.69 23.39
C TYR F 89 -9.84 -15.57 22.20
N PHE F 90 -9.41 -16.69 21.63
CA PHE F 90 -8.29 -16.73 20.71
C PHE F 90 -8.75 -16.92 19.28
N LEU F 91 -8.13 -16.18 18.37
CA LEU F 91 -8.34 -16.32 16.94
C LEU F 91 -7.00 -16.51 16.25
N LEU F 92 -7.05 -16.88 14.97
CA LEU F 92 -5.86 -16.97 14.13
C LEU F 92 -6.28 -16.69 12.70
N ALA F 93 -5.42 -15.99 11.96
CA ALA F 93 -5.71 -15.66 10.57
C ALA F 93 -4.42 -15.45 9.80
N GLN F 94 -4.51 -15.57 8.49
CA GLN F 94 -3.42 -15.26 7.58
C GLN F 94 -3.68 -13.90 6.95
N CYS F 95 -2.73 -12.97 7.11
CA CYS F 95 -2.98 -11.60 6.73
C CYS F 95 -1.86 -11.01 5.88
N PRO F 96 -2.19 -10.09 4.98
CA PRO F 96 -1.17 -9.32 4.27
C PRO F 96 -0.47 -8.35 5.21
N PRO F 97 0.72 -7.84 4.84
CA PRO F 97 1.39 -6.84 5.69
C PRO F 97 0.59 -5.55 5.82
N GLY F 98 0.65 -4.97 7.00
CA GLY F 98 -0.07 -3.74 7.29
C GLY F 98 0.42 -3.13 8.57
N ASP F 99 -0.09 -1.94 8.87
CA ASP F 99 0.32 -1.20 10.05
C ASP F 99 -0.57 -1.45 11.26
N SER F 100 -1.69 -2.16 11.09
CA SER F 100 -2.61 -2.43 12.19
C SER F 100 -3.43 -3.66 11.85
N VAL F 101 -4.14 -4.17 12.85
CA VAL F 101 -5.02 -5.32 12.70
C VAL F 101 -6.43 -4.91 13.13
N THR F 102 -7.44 -5.39 12.41
CA THR F 102 -8.84 -5.07 12.69
C THR F 102 -9.64 -6.35 12.83
N VAL F 103 -10.60 -6.34 13.75
CA VAL F 103 -11.61 -7.37 13.89
C VAL F 103 -12.97 -6.69 13.76
N SER F 104 -13.94 -7.38 13.16
CA SER F 104 -15.25 -6.80 12.93
C SER F 104 -16.33 -7.86 12.83
N ILE F 105 -17.48 -7.58 13.46
CA ILE F 105 -18.71 -8.35 13.25
C ILE F 105 -19.58 -7.54 12.31
N THR F 106 -20.41 -8.23 11.54
CA THR F 106 -21.39 -7.57 10.66
C THR F 106 -22.75 -8.16 11.04
N SER F 107 -23.39 -7.54 12.02
CA SER F 107 -24.67 -8.02 12.50
C SER F 107 -25.78 -7.24 11.78
N GLY F 108 -26.00 -7.58 10.52
CA GLY F 108 -26.94 -6.85 9.71
C GLY F 108 -26.43 -5.45 9.42
N ALA F 109 -27.25 -4.45 9.74
CA ALA F 109 -26.84 -3.05 9.62
C ALA F 109 -26.08 -2.56 10.84
N SER F 110 -26.08 -3.32 11.93
CA SER F 110 -25.31 -2.98 13.14
C SER F 110 -23.94 -3.63 12.99
N GLU F 111 -23.01 -2.88 12.39
CA GLU F 111 -21.67 -3.36 12.07
C GLU F 111 -20.68 -2.64 12.97
N ASN F 112 -19.89 -3.40 13.72
CA ASN F 112 -18.97 -2.87 14.72
C ASN F 112 -17.58 -3.39 14.45
N SER F 113 -16.56 -2.56 14.66
CA SER F 113 -15.18 -2.93 14.41
C SER F 113 -14.29 -2.45 15.55
N CYS F 114 -13.18 -3.16 15.77
CA CYS F 114 -12.15 -2.79 16.72
C CYS F 114 -10.80 -2.79 16.03
N THR F 115 -10.01 -1.75 16.26
CA THR F 115 -8.69 -1.62 15.63
C THR F 115 -7.65 -1.28 16.68
N VAL F 116 -6.59 -2.09 16.76
CA VAL F 116 -5.46 -1.86 17.67
C VAL F 116 -4.20 -1.78 16.82
N GLU F 117 -3.34 -0.82 17.15
CA GLU F 117 -2.07 -0.63 16.44
C GLU F 117 -1.13 -1.81 16.68
N LYS F 118 -0.66 -2.40 15.58
CA LYS F 118 0.34 -3.47 15.63
C LYS F 118 1.03 -3.53 14.28
N LYS F 119 2.35 -3.31 14.28
CA LYS F 119 3.12 -3.31 13.04
C LYS F 119 3.33 -4.76 12.59
N ILE F 120 2.42 -5.25 11.75
CA ILE F 120 2.56 -6.57 11.18
C ILE F 120 3.54 -6.49 10.01
N ARG F 121 4.79 -6.82 10.27
CA ARG F 121 5.83 -6.85 9.25
C ARG F 121 6.01 -8.27 8.73
N ARG F 122 6.19 -8.37 7.42
CA ARG F 122 6.34 -9.68 6.78
C ARG F 122 7.75 -10.21 7.04
N LYS F 123 7.84 -11.50 7.36
CA LYS F 123 9.09 -12.14 7.69
C LYS F 123 9.33 -13.32 6.77
N PHE F 124 10.56 -13.81 6.76
CA PHE F 124 10.98 -14.90 5.89
C PHE F 124 12.02 -15.75 6.61
N VAL F 125 12.18 -16.98 6.11
CA VAL F 125 13.13 -17.93 6.68
C VAL F 125 14.30 -18.07 5.72
N GLY F 126 15.41 -18.60 6.22
CA GLY F 126 16.61 -18.78 5.43
C GLY F 126 17.37 -17.49 5.29
N ARG F 127 17.86 -17.25 4.07
CA ARG F 127 18.64 -16.04 3.77
C ARG F 127 18.18 -15.36 2.49
N GLU F 128 16.96 -15.66 2.02
CA GLU F 128 16.47 -15.16 0.74
C GLU F 128 15.03 -14.68 0.93
N GLU F 129 14.70 -13.52 0.35
CA GLU F 129 13.34 -13.03 0.41
C GLU F 129 12.49 -13.68 -0.68
N TYR F 130 11.25 -14.00 -0.34
CA TYR F 130 10.33 -14.65 -1.27
C TYR F 130 8.93 -14.16 -0.98
N LEU F 131 8.12 -14.03 -2.04
CA LEU F 131 6.73 -13.63 -1.86
C LEU F 131 5.90 -14.80 -1.37
N PHE F 132 5.81 -15.86 -2.17
CA PHE F 132 5.21 -17.16 -1.92
C PHE F 132 6.29 -18.23 -2.03
N PRO F 133 6.16 -19.35 -1.31
CA PRO F 133 7.22 -20.38 -1.34
C PRO F 133 7.32 -21.07 -2.68
N PRO F 134 8.54 -21.27 -3.20
CA PRO F 134 8.75 -22.13 -4.33
C PRO F 134 8.24 -23.55 -4.14
N VAL F 135 7.99 -24.21 -5.28
CA VAL F 135 7.69 -25.63 -5.25
C VAL F 135 8.98 -26.45 -5.14
N HIS F 136 10.11 -25.83 -5.46
CA HIS F 136 11.42 -26.45 -5.33
C HIS F 136 12.36 -25.63 -4.47
N GLY F 137 13.01 -26.30 -3.53
CA GLY F 137 14.02 -25.64 -2.73
C GLY F 137 14.46 -26.52 -1.57
N LYS F 138 15.39 -25.98 -0.79
CA LYS F 138 15.87 -26.66 0.40
C LYS F 138 14.78 -26.73 1.45
N LEU F 139 14.67 -27.89 2.10
CA LEU F 139 13.75 -28.11 3.20
C LEU F 139 14.49 -27.81 4.49
N VAL F 140 14.09 -26.73 5.17
CA VAL F 140 14.80 -26.26 6.35
C VAL F 140 13.82 -26.29 7.52
N LYS F 141 14.34 -26.31 8.74
CA LYS F 141 13.53 -26.31 9.94
C LYS F 141 12.87 -24.95 10.12
N CYS F 142 11.55 -24.96 10.34
CA CYS F 142 10.76 -23.74 10.48
C CYS F 142 9.91 -23.85 11.73
N HIS F 143 9.23 -22.75 12.07
CA HIS F 143 8.49 -22.67 13.32
C HIS F 143 7.18 -21.94 13.07
N VAL F 144 6.07 -22.70 13.04
CA VAL F 144 4.78 -22.16 12.65
C VAL F 144 3.78 -22.34 13.79
N TYR F 145 2.69 -21.57 13.73
CA TYR F 145 1.52 -21.88 14.55
C TYR F 145 0.75 -23.04 13.91
N ASP F 146 0.58 -24.11 14.66
CA ASP F 146 -0.04 -25.31 14.11
C ASP F 146 -1.55 -25.17 13.96
N HIS F 147 -2.11 -25.91 13.00
CA HIS F 147 -3.53 -25.83 12.68
C HIS F 147 -4.40 -26.71 13.58
N LEU F 148 -3.78 -27.55 14.42
CA LEU F 148 -4.55 -28.42 15.30
C LEU F 148 -5.25 -27.58 16.38
N LYS F 149 -6.53 -27.86 16.58
CA LYS F 149 -7.34 -27.04 17.47
C LYS F 149 -7.02 -27.32 18.93
N GLU F 150 -6.86 -28.60 19.29
CA GLU F 150 -6.62 -29.03 20.66
C GLU F 150 -5.13 -29.01 21.02
N THR F 151 -4.56 -27.82 21.12
CA THR F 151 -3.15 -27.64 21.46
C THR F 151 -3.03 -26.76 22.71
N SER F 152 -1.79 -26.60 23.18
CA SER F 152 -1.51 -25.82 24.38
C SER F 152 -0.21 -25.05 24.18
N ALA F 153 -0.30 -23.72 24.15
CA ALA F 153 0.87 -22.85 24.10
C ALA F 153 1.12 -22.16 25.43
N GLY F 154 0.32 -22.43 26.44
CA GLY F 154 0.45 -21.77 27.73
C GLY F 154 -0.89 -21.69 28.43
N TYR F 155 -0.94 -20.81 29.42
CA TYR F 155 -2.16 -20.59 30.19
C TYR F 155 -2.34 -19.09 30.45
N ILE F 156 -3.59 -18.69 30.64
CA ILE F 156 -3.94 -17.35 31.08
C ILE F 156 -4.75 -17.46 32.36
N THR F 157 -4.66 -16.45 33.22
CA THR F 157 -5.35 -16.48 34.50
C THR F 157 -6.58 -15.57 34.44
N MET F 158 -7.72 -16.18 34.75
CA MET F 158 -9.00 -15.43 34.78
C MET F 158 -9.50 -15.43 36.22
N HIS F 159 -10.34 -14.46 36.57
CA HIS F 159 -10.87 -14.32 37.92
C HIS F 159 -12.35 -13.97 37.88
N ARG F 160 -12.95 -13.84 39.06
CA ARG F 160 -14.35 -13.49 39.21
C ARG F 160 -14.57 -12.02 38.85
N PRO F 161 -15.70 -11.68 38.23
CA PRO F 161 -15.96 -10.28 37.88
C PRO F 161 -16.26 -9.43 39.11
N GLY F 162 -15.95 -8.15 38.99
CA GLY F 162 -16.20 -7.21 40.05
C GLY F 162 -17.53 -6.50 39.88
N PRO F 163 -17.63 -5.30 40.45
CA PRO F 163 -18.88 -4.51 40.33
C PRO F 163 -19.07 -4.02 38.90
N HIS F 164 -20.25 -4.31 38.34
CA HIS F 164 -20.62 -3.82 37.02
C HIS F 164 -21.89 -2.98 37.21
N ALA F 165 -21.69 -1.69 37.50
CA ALA F 165 -22.81 -0.81 37.81
C ALA F 165 -23.40 -0.19 36.55
N TYR F 166 -24.58 0.39 36.71
CA TYR F 166 -25.30 1.06 35.63
C TYR F 166 -25.97 2.32 36.16
N LYS F 167 -26.52 3.10 35.24
CA LYS F 167 -27.45 4.17 35.57
C LYS F 167 -28.90 3.75 35.40
N SER F 168 -29.14 2.73 34.57
CA SER F 168 -30.50 2.28 34.26
C SER F 168 -31.21 1.65 35.44
N TYR F 169 -30.49 1.16 36.45
CA TYR F 169 -31.15 0.67 37.64
C TYR F 169 -31.45 1.76 38.65
N LEU F 170 -31.12 3.02 38.35
CA LEU F 170 -31.38 4.13 39.25
C LEU F 170 -32.32 5.13 38.58
N GLU F 171 -33.05 5.88 39.41
CA GLU F 171 -33.97 6.90 38.94
C GLU F 171 -34.15 7.95 40.02
N GLU F 172 -34.25 9.21 39.59
CA GLU F 172 -34.51 10.33 40.47
C GLU F 172 -35.89 10.90 40.15
N ALA F 173 -36.71 11.05 41.19
CA ALA F 173 -38.06 11.58 41.00
C ALA F 173 -38.47 12.34 42.25
N SER F 174 -38.76 13.63 42.08
CA SER F 174 -39.25 14.55 43.13
C SER F 174 -38.29 14.63 44.32
N GLY F 175 -36.99 14.62 44.02
CA GLY F 175 -36.00 14.82 45.06
C GLY F 175 -35.61 13.60 45.86
N GLU F 176 -35.99 12.41 45.41
CA GLU F 176 -35.57 11.18 46.05
C GLU F 176 -35.15 10.16 45.00
N VAL F 177 -34.33 9.20 45.42
CA VAL F 177 -33.70 8.23 44.53
C VAL F 177 -34.43 6.90 44.63
N TYR F 178 -34.74 6.31 43.47
CA TYR F 178 -35.37 5.01 43.37
C TYR F 178 -34.44 4.02 42.69
N ILE F 179 -34.63 2.74 43.01
CA ILE F 179 -33.94 1.65 42.35
C ILE F 179 -34.98 0.71 41.75
N LYS F 180 -34.89 0.47 40.44
CA LYS F 180 -35.72 -0.50 39.75
C LYS F 180 -34.87 -1.72 39.42
N PRO F 181 -35.23 -2.89 39.95
CA PRO F 181 -34.51 -4.12 39.57
C PRO F 181 -35.26 -4.83 38.45
N PRO F 182 -34.56 -5.69 37.69
CA PRO F 182 -35.27 -6.55 36.74
C PRO F 182 -36.03 -7.67 37.44
N SER F 183 -36.78 -8.47 36.67
CA SER F 183 -37.65 -9.48 37.26
C SER F 183 -36.84 -10.71 37.65
N GLY F 184 -36.82 -11.02 38.95
CA GLY F 184 -36.27 -12.26 39.45
C GLY F 184 -34.80 -12.24 39.80
N LYS F 185 -34.16 -11.08 39.69
CA LYS F 185 -32.73 -10.94 40.06
C LYS F 185 -32.64 -10.04 41.30
N ASN F 186 -31.70 -10.32 42.20
CA ASN F 186 -31.52 -9.46 43.41
C ASN F 186 -30.36 -8.50 43.17
N VAL F 187 -30.64 -7.19 43.12
CA VAL F 187 -29.57 -6.19 42.86
C VAL F 187 -29.15 -5.57 44.20
N THR F 188 -27.87 -5.71 44.56
CA THR F 188 -27.39 -5.11 45.80
C THR F 188 -27.03 -3.64 45.58
N TYR F 189 -27.19 -2.85 46.63
CA TYR F 189 -26.88 -1.42 46.57
C TYR F 189 -25.85 -1.12 47.64
N GLU F 190 -25.04 -0.09 47.39
CA GLU F 190 -24.06 0.36 48.36
C GLU F 190 -23.68 1.79 48.01
N CYS F 191 -24.11 2.72 48.86
CA CYS F 191 -23.79 4.13 48.71
C CYS F 191 -23.99 4.85 50.03
N LYS F 192 -23.44 6.06 50.10
CA LYS F 192 -23.51 6.92 51.28
C LYS F 192 -24.48 8.06 50.98
N CYS F 193 -25.66 8.00 51.57
CA CYS F 193 -26.63 9.09 51.56
C CYS F 193 -26.57 9.85 52.88
N GLY F 194 -25.36 10.00 53.41
CA GLY F 194 -25.16 10.32 54.80
C GLY F 194 -24.35 9.22 55.45
N ASP F 195 -24.99 8.42 56.30
CA ASP F 195 -24.32 7.28 56.92
C ASP F 195 -24.11 6.17 55.89
N TYR F 196 -23.20 5.25 56.21
CA TYR F 196 -22.88 4.14 55.32
C TYR F 196 -24.03 3.15 55.26
N SER F 197 -24.31 2.63 54.07
CA SER F 197 -25.47 1.78 53.84
C SER F 197 -25.15 0.65 52.86
N THR F 198 -25.65 -0.54 53.18
CA THR F 198 -25.54 -1.72 52.32
C THR F 198 -26.85 -2.50 52.40
N GLY F 199 -27.09 -3.34 51.40
CA GLY F 199 -28.26 -4.20 51.44
C GLY F 199 -28.47 -4.92 50.13
N ILE F 200 -29.43 -5.86 50.15
CA ILE F 200 -29.84 -6.61 48.96
C ILE F 200 -31.35 -6.47 48.79
N VAL F 201 -31.78 -6.10 47.59
CA VAL F 201 -33.16 -5.70 47.30
C VAL F 201 -33.56 -6.30 45.96
N SER F 202 -34.80 -6.84 45.87
CA SER F 202 -35.32 -7.39 44.63
C SER F 202 -36.56 -6.69 44.12
N THR F 203 -37.02 -5.62 44.77
CA THR F 203 -38.29 -5.01 44.46
C THR F 203 -38.06 -3.49 44.39
N ARG F 204 -38.98 -2.75 43.75
CA ARG F 204 -38.95 -1.30 43.76
C ARG F 204 -39.04 -0.75 45.18
N THR F 205 -37.94 -0.17 45.65
CA THR F 205 -37.79 0.26 47.04
C THR F 205 -37.09 1.61 47.08
N LYS F 206 -37.47 2.44 48.06
CA LYS F 206 -36.96 3.79 48.21
C LYS F 206 -35.71 3.83 49.07
N MET F 207 -35.04 4.98 49.04
CA MET F 207 -33.95 5.29 49.96
C MET F 207 -34.25 6.60 50.67
N ASN F 208 -33.40 6.95 51.62
CA ASN F 208 -33.53 8.19 52.37
C ASN F 208 -32.19 8.91 52.56
N GLY F 209 -32.26 10.22 52.77
CA GLY F 209 -31.11 11.00 53.13
C GLY F 209 -30.31 11.61 51.99
N CYS F 210 -30.61 11.26 50.75
CA CYS F 210 -29.89 11.79 49.59
C CYS F 210 -30.88 12.22 48.52
N THR F 211 -30.49 13.25 47.75
CA THR F 211 -31.37 13.85 46.75
C THR F 211 -30.82 13.78 45.33
N LYS F 212 -29.62 13.24 45.13
CA LYS F 212 -28.98 13.24 43.82
C LYS F 212 -28.90 11.82 43.27
N ALA F 213 -29.10 11.71 41.95
CA ALA F 213 -29.12 10.40 41.30
C ALA F 213 -27.71 9.84 41.13
N LYS F 214 -26.73 10.72 40.96
CA LYS F 214 -25.36 10.30 40.67
C LYS F 214 -24.65 9.69 41.88
N GLN F 215 -25.22 9.77 43.07
CA GLN F 215 -24.50 9.41 44.28
C GLN F 215 -24.51 7.91 44.58
N CYS F 216 -25.30 7.11 43.87
CA CYS F 216 -25.44 5.71 44.26
C CYS F 216 -25.13 4.74 43.13
N ILE F 217 -24.97 3.48 43.54
CA ILE F 217 -24.42 2.40 42.72
C ILE F 217 -25.32 1.18 42.90
N ALA F 218 -25.70 0.54 41.79
CA ALA F 218 -26.43 -0.72 41.83
C ALA F 218 -25.82 -1.70 40.83
N TYR F 219 -25.58 -2.92 41.28
CA TYR F 219 -25.00 -3.94 40.41
C TYR F 219 -25.49 -5.32 40.84
N LYS F 220 -25.61 -6.21 39.87
CA LYS F 220 -26.08 -7.57 40.14
C LYS F 220 -24.86 -8.46 40.38
N SER F 221 -24.95 -9.30 41.42
CA SER F 221 -23.85 -10.25 41.70
C SER F 221 -24.03 -11.49 40.84
N ASP F 222 -23.53 -11.45 39.60
CA ASP F 222 -23.73 -12.59 38.66
C ASP F 222 -22.45 -13.44 38.62
N GLN F 223 -22.56 -14.73 38.97
CA GLN F 223 -21.37 -15.62 39.01
C GLN F 223 -21.40 -16.54 37.80
N THR F 224 -22.24 -16.24 36.81
CA THR F 224 -22.40 -17.15 35.64
C THR F 224 -21.17 -17.09 34.72
N LYS F 225 -20.32 -16.07 34.87
CA LYS F 225 -19.18 -15.93 33.91
C LYS F 225 -17.85 -15.71 34.63
N TRP F 226 -16.75 -16.18 33.67
CA TRP F 226 -15.33 -16.02 34.11
C TRP F 226 -14.71 -14.86 33.32
N VAL F 227 -14.09 -13.78 34.16
CA VAL F 227 -13.54 -12.70 33.27
C VAL F 227 -12.00 -12.72 33.27
N PHE F 228 -11.41 -12.46 32.10
CA PHE F 228 -9.93 -12.40 31.99
C PHE F 228 -9.41 -11.17 32.75
N ASN F 229 -8.20 -11.27 33.31
CA ASN F 229 -7.59 -10.16 34.04
C ASN F 229 -7.17 -9.07 33.08
N SER F 230 -8.14 -8.28 32.62
CA SER F 230 -8.20 -7.21 31.64
C SER F 230 -7.88 -5.87 32.29
N PRO F 231 -7.28 -4.94 31.53
CA PRO F 231 -7.06 -3.58 32.05
C PRO F 231 -8.26 -2.65 31.94
N ASP F 232 -9.46 -3.16 31.66
CA ASP F 232 -10.63 -2.33 31.45
C ASP F 232 -11.74 -2.60 32.47
N LEU F 233 -11.42 -3.34 33.54
CA LEU F 233 -12.44 -3.78 34.49
C LEU F 233 -12.07 -3.35 35.90
N ILE F 234 -13.10 -3.13 36.70
CA ILE F 234 -12.95 -3.01 38.15
C ILE F 234 -13.12 -4.40 38.74
N ARG F 235 -12.08 -4.90 39.39
CA ARG F 235 -12.05 -6.28 39.84
C ARG F 235 -12.88 -6.45 41.11
N HIS F 236 -13.01 -7.71 41.52
CA HIS F 236 -13.64 -8.02 42.80
C HIS F 236 -12.67 -7.68 43.94
N THR F 237 -13.21 -7.63 45.15
CA THR F 237 -12.38 -7.38 46.33
C THR F 237 -11.41 -8.52 46.60
N ASP F 238 -11.80 -9.75 46.24
CA ASP F 238 -10.94 -10.92 46.36
C ASP F 238 -10.42 -11.28 44.97
N HIS F 239 -9.31 -10.65 44.58
CA HIS F 239 -8.67 -10.96 43.30
C HIS F 239 -7.65 -12.09 43.48
N SER F 240 -8.18 -13.31 43.50
CA SER F 240 -7.38 -14.52 43.53
C SER F 240 -7.65 -15.34 42.27
N VAL F 241 -6.69 -16.18 41.91
CA VAL F 241 -6.85 -17.04 40.74
C VAL F 241 -7.87 -18.14 41.10
N GLN F 242 -8.75 -18.45 40.15
CA GLN F 242 -9.81 -19.43 40.35
C GLN F 242 -9.90 -20.46 39.23
N GLY F 243 -9.15 -20.29 38.16
CA GLY F 243 -9.20 -21.23 37.05
C GLY F 243 -8.26 -20.81 35.95
N LYS F 244 -8.01 -21.75 35.03
CA LYS F 244 -7.09 -21.47 33.89
C LYS F 244 -7.55 -22.21 32.63
N LEU F 245 -7.50 -21.54 31.48
CA LEU F 245 -7.86 -22.12 30.20
C LEU F 245 -6.63 -22.13 29.30
N HIS F 246 -6.63 -23.04 28.34
CA HIS F 246 -5.47 -23.28 27.50
C HIS F 246 -5.27 -22.14 26.50
N ILE F 247 -4.01 -21.94 26.11
CA ILE F 247 -3.69 -21.06 24.99
C ILE F 247 -3.46 -21.95 23.78
N PRO F 248 -4.35 -21.96 22.79
CA PRO F 248 -4.16 -22.86 21.65
C PRO F 248 -3.15 -22.33 20.63
N PHE F 249 -2.97 -23.09 19.55
CA PHE F 249 -2.11 -22.76 18.41
C PHE F 249 -0.65 -22.57 18.85
N ARG F 250 -0.09 -23.69 19.32
CA ARG F 250 1.29 -23.69 19.82
C ARG F 250 2.28 -23.54 18.68
N LEU F 251 3.37 -22.82 18.95
CA LEU F 251 4.45 -22.61 17.99
C LEU F 251 5.34 -23.86 17.99
N THR F 252 5.02 -24.84 17.10
CA THR F 252 5.55 -26.18 16.85
C THR F 252 6.77 -26.12 15.94
N PRO F 253 7.67 -27.12 16.00
CA PRO F 253 8.68 -27.24 14.94
C PRO F 253 8.19 -28.09 13.78
N THR F 254 8.25 -27.50 12.59
CA THR F 254 7.84 -28.16 11.36
C THR F 254 8.95 -27.90 10.33
N VAL F 255 8.84 -28.48 9.14
CA VAL F 255 9.81 -28.28 8.07
C VAL F 255 9.16 -27.43 6.99
N CYS F 256 9.93 -26.46 6.44
CA CYS F 256 9.38 -25.50 5.51
C CYS F 256 10.31 -25.31 4.31
N PRO F 257 9.77 -25.03 3.12
CA PRO F 257 10.63 -24.82 1.96
C PRO F 257 11.22 -23.42 1.91
N VAL F 258 12.47 -23.33 1.46
CA VAL F 258 13.16 -22.07 1.29
C VAL F 258 13.77 -22.11 -0.12
N PRO F 259 13.78 -21.01 -0.87
CA PRO F 259 14.29 -21.06 -2.24
C PRO F 259 15.79 -21.27 -2.32
N LEU F 260 16.24 -21.74 -3.49
CA LEU F 260 17.65 -21.85 -3.84
C LEU F 260 17.90 -20.97 -5.05
N ALA F 261 18.89 -20.10 -4.94
CA ALA F 261 19.14 -19.09 -5.97
C ALA F 261 19.94 -19.68 -7.12
N HIS F 262 20.36 -18.78 -8.02
CA HIS F 262 21.19 -19.17 -9.16
C HIS F 262 22.59 -19.51 -8.67
N THR F 263 23.10 -20.66 -9.09
CA THR F 263 24.43 -21.10 -8.69
C THR F 263 25.48 -20.26 -9.41
N PRO F 264 26.41 -19.62 -8.70
CA PRO F 264 27.29 -18.65 -9.32
C PRO F 264 28.35 -19.28 -10.22
N THR F 265 28.75 -18.51 -11.23
CA THR F 265 29.83 -18.88 -12.13
C THR F 265 31.10 -18.19 -11.67
N VAL F 266 32.12 -18.98 -11.33
CA VAL F 266 33.34 -18.47 -10.72
C VAL F 266 34.44 -18.42 -11.78
N THR F 267 35.03 -17.24 -11.97
CA THR F 267 36.22 -17.08 -12.80
C THR F 267 37.43 -17.09 -11.87
N LYS F 268 38.57 -17.50 -12.42
CA LYS F 268 39.76 -17.78 -11.62
C LYS F 268 40.90 -16.85 -12.00
N TRP F 269 41.51 -16.22 -11.01
CA TRP F 269 42.67 -15.36 -11.22
C TRP F 269 43.60 -15.48 -10.02
N PHE F 270 44.76 -14.83 -10.12
CA PHE F 270 45.87 -15.11 -9.20
C PHE F 270 45.62 -14.57 -7.80
N LYS F 271 45.44 -15.48 -6.84
CA LYS F 271 45.13 -15.19 -5.43
C LYS F 271 43.88 -14.32 -5.31
N GLY F 272 42.83 -14.76 -6.00
CA GLY F 272 41.54 -14.11 -5.90
C GLY F 272 40.46 -14.75 -6.75
N ILE F 273 39.21 -14.61 -6.32
CA ILE F 273 38.07 -15.15 -7.04
C ILE F 273 37.08 -14.02 -7.30
N THR F 274 36.23 -14.21 -8.31
CA THR F 274 35.19 -13.26 -8.63
C THR F 274 33.91 -14.02 -8.94
N LEU F 275 32.87 -13.77 -8.14
CA LEU F 275 31.60 -14.46 -8.30
C LEU F 275 30.68 -13.62 -9.16
N HIS F 276 30.30 -14.15 -10.33
CA HIS F 276 29.31 -13.52 -11.18
C HIS F 276 27.93 -13.91 -10.65
N LEU F 277 27.24 -12.93 -10.05
CA LEU F 277 26.05 -13.19 -9.26
C LEU F 277 24.82 -12.59 -9.91
N THR F 278 23.72 -13.35 -9.89
CA THR F 278 22.41 -12.89 -10.34
C THR F 278 21.39 -13.23 -9.27
N ALA F 279 20.56 -12.27 -8.91
CA ALA F 279 19.53 -12.49 -7.89
C ALA F 279 18.37 -11.52 -8.14
N THR F 280 17.19 -12.07 -8.44
CA THR F 280 16.01 -11.22 -8.62
C THR F 280 15.51 -10.67 -7.29
N ARG F 281 15.76 -11.39 -6.19
CA ARG F 281 15.39 -10.99 -4.84
C ARG F 281 16.65 -10.84 -4.01
N PRO F 282 16.64 -9.98 -2.96
CA PRO F 282 17.84 -9.83 -2.13
C PRO F 282 18.20 -11.07 -1.32
N THR F 283 19.41 -11.57 -1.54
CA THR F 283 19.93 -12.74 -0.85
C THR F 283 21.24 -12.39 -0.15
N LEU F 284 21.57 -13.14 0.89
CA LEU F 284 22.69 -12.82 1.75
C LEU F 284 23.92 -13.62 1.32
N LEU F 285 25.03 -12.92 1.12
CA LEU F 285 26.33 -13.53 0.81
C LEU F 285 27.27 -13.31 1.99
N THR F 286 27.76 -14.40 2.58
CA THR F 286 28.64 -14.35 3.73
C THR F 286 29.93 -15.08 3.41
N THR F 287 31.05 -14.37 3.54
CA THR F 287 32.37 -14.94 3.29
C THR F 287 33.26 -14.77 4.51
N ARG F 288 34.21 -15.69 4.67
CA ARG F 288 35.16 -15.65 5.76
C ARG F 288 36.41 -16.41 5.34
N LYS F 289 37.58 -15.90 5.76
CA LYS F 289 38.83 -16.56 5.44
C LYS F 289 39.10 -17.71 6.42
N LEU F 290 39.99 -18.62 6.01
CA LEU F 290 40.30 -19.81 6.79
C LEU F 290 41.60 -19.67 7.56
N GLY F 291 42.05 -18.44 7.81
CA GLY F 291 43.29 -18.18 8.50
C GLY F 291 43.08 -17.76 9.94
N LEU F 292 44.09 -17.07 10.48
CA LEU F 292 44.01 -16.60 11.86
C LEU F 292 42.98 -15.49 12.00
N ARG F 293 42.96 -14.55 11.04
CA ARG F 293 41.98 -13.48 11.02
C ARG F 293 40.87 -13.87 10.04
N ALA F 294 39.62 -13.74 10.48
CA ALA F 294 38.49 -14.17 9.67
C ALA F 294 38.25 -13.22 8.50
N ASP F 295 38.30 -11.91 8.77
CA ASP F 295 38.00 -10.83 7.82
C ASP F 295 36.62 -11.01 7.18
N ALA F 296 35.64 -11.35 8.01
CA ALA F 296 34.31 -11.68 7.52
C ALA F 296 33.56 -10.43 7.07
N THR F 297 32.79 -10.58 5.99
CA THR F 297 31.95 -9.52 5.47
C THR F 297 30.64 -10.13 4.96
N ALA F 298 29.61 -9.28 4.87
CA ALA F 298 28.30 -9.72 4.44
C ALA F 298 27.53 -8.55 3.84
N GLU F 299 26.77 -8.83 2.79
CA GLU F 299 25.94 -7.82 2.15
C GLU F 299 24.80 -8.50 1.40
N TRP F 300 23.61 -7.92 1.49
CA TRP F 300 22.46 -8.38 0.73
C TRP F 300 22.53 -7.79 -0.67
N ILE F 301 22.33 -8.64 -1.68
CA ILE F 301 22.61 -8.29 -3.07
C ILE F 301 21.32 -8.38 -3.87
N THR F 302 20.96 -7.28 -4.54
CA THR F 302 19.83 -7.25 -5.45
C THR F 302 20.33 -7.07 -6.87
N GLY F 303 19.56 -7.60 -7.82
CA GLY F 303 19.96 -7.51 -9.21
C GLY F 303 21.14 -8.42 -9.52
N THR F 304 21.93 -8.00 -10.50
CA THR F 304 23.14 -8.70 -10.89
C THR F 304 24.35 -7.78 -10.73
N THR F 305 25.47 -8.36 -10.28
CA THR F 305 26.71 -7.64 -10.05
C THR F 305 27.86 -8.65 -10.02
N SER F 306 29.06 -8.16 -9.74
CA SER F 306 30.24 -9.01 -9.57
C SER F 306 31.05 -8.48 -8.39
N ARG F 307 31.59 -9.39 -7.60
CA ARG F 307 32.35 -9.04 -6.40
C ARG F 307 33.73 -9.67 -6.48
N ASN F 308 34.76 -8.86 -6.22
CA ASN F 308 36.14 -9.32 -6.25
C ASN F 308 36.59 -9.72 -4.86
N PHE F 309 36.81 -11.02 -4.65
CA PHE F 309 37.17 -11.59 -3.36
C PHE F 309 38.56 -12.20 -3.45
N SER F 310 39.47 -11.76 -2.59
CA SER F 310 40.81 -12.31 -2.57
C SER F 310 40.85 -13.60 -1.76
N VAL F 311 41.63 -14.57 -2.24
CA VAL F 311 41.81 -15.85 -1.56
C VAL F 311 43.28 -16.00 -1.20
N GLY F 312 43.54 -16.47 0.03
CA GLY F 312 44.89 -16.71 0.49
C GLY F 312 45.27 -18.17 0.41
N ARG F 313 46.48 -18.46 0.91
CA ARG F 313 46.93 -19.84 1.04
C ARG F 313 46.08 -20.62 2.05
N GLU F 314 45.63 -19.94 3.10
CA GLU F 314 44.72 -20.55 4.06
C GLU F 314 43.36 -20.85 3.45
N GLY F 315 42.88 -20.00 2.54
CA GLY F 315 41.66 -20.27 1.79
C GLY F 315 40.54 -19.30 2.13
N LEU F 316 39.43 -19.47 1.43
CA LEU F 316 38.24 -18.64 1.63
C LEU F 316 37.02 -19.54 1.58
N GLU F 317 36.02 -19.21 2.39
CA GLU F 317 34.78 -19.97 2.46
C GLU F 317 33.63 -19.01 2.20
N TYR F 318 32.71 -19.38 1.31
CA TYR F 318 31.59 -18.52 0.95
C TYR F 318 30.30 -19.30 0.97
N VAL F 319 29.21 -18.64 1.34
CA VAL F 319 27.86 -19.18 1.31
C VAL F 319 26.99 -18.25 0.47
N TRP F 320 26.44 -18.77 -0.62
CA TRP F 320 25.59 -18.01 -1.53
C TRP F 320 24.13 -18.37 -1.23
N GLY F 321 23.50 -17.61 -0.34
CA GLY F 321 22.11 -17.86 -0.01
C GLY F 321 21.97 -19.09 0.88
N ASN F 322 21.08 -19.99 0.48
CA ASN F 322 20.77 -21.18 1.25
C ASN F 322 21.49 -22.43 0.74
N HIS F 323 22.46 -22.28 -0.14
CA HIS F 323 23.18 -23.43 -0.67
C HIS F 323 24.15 -23.99 0.37
N GLU F 324 24.75 -25.13 0.03
CA GLU F 324 25.77 -25.74 0.86
C GLU F 324 27.03 -24.86 0.87
N PRO F 325 27.71 -24.74 2.01
CA PRO F 325 28.97 -24.00 2.04
C PRO F 325 30.04 -24.60 1.13
N VAL F 326 30.70 -23.71 0.38
CA VAL F 326 31.74 -24.09 -0.58
C VAL F 326 33.01 -23.35 -0.20
N ARG F 327 34.11 -24.08 -0.08
CA ARG F 327 35.38 -23.54 0.38
C ARG F 327 36.38 -23.53 -0.77
N VAL F 328 37.04 -22.40 -1.00
CA VAL F 328 38.00 -22.24 -2.09
C VAL F 328 39.37 -21.90 -1.51
N TRP F 329 40.42 -22.31 -2.22
CA TRP F 329 41.81 -22.19 -1.80
C TRP F 329 42.69 -21.82 -2.98
N ALA F 330 43.77 -21.10 -2.71
CA ALA F 330 44.60 -20.53 -3.76
C ALA F 330 45.81 -21.40 -4.06
N GLN F 331 46.29 -21.33 -5.30
CA GLN F 331 47.52 -21.97 -5.72
C GLN F 331 48.70 -21.00 -5.60
N GLU F 332 49.86 -21.43 -6.09
CA GLU F 332 51.04 -20.58 -6.12
C GLU F 332 51.43 -20.29 -7.56
N SER F 333 50.42 -20.04 -8.41
CA SER F 333 50.64 -19.84 -9.84
C SER F 333 51.05 -18.40 -10.14
N ALA F 334 52.29 -18.09 -9.79
CA ALA F 334 52.85 -16.78 -10.09
C ALA F 334 53.18 -16.68 -11.58
N PRO F 335 52.80 -15.56 -12.23
CA PRO F 335 53.09 -15.40 -13.65
C PRO F 335 54.51 -14.88 -13.92
N PHE G 61 10.91 56.42 53.38
CA PHE G 61 12.31 56.45 52.98
C PHE G 61 12.48 55.78 51.62
N GLU G 62 13.42 56.29 50.83
CA GLU G 62 13.67 55.79 49.48
C GLU G 62 14.90 54.90 49.48
N HIS G 63 14.75 53.67 48.99
CA HIS G 63 15.84 52.71 48.89
C HIS G 63 15.91 52.20 47.46
N ALA G 64 17.12 52.22 46.89
CA ALA G 64 17.35 51.79 45.52
C ALA G 64 18.31 50.61 45.50
N THR G 65 17.92 49.53 44.84
CA THR G 65 18.74 48.33 44.72
C THR G 65 18.89 47.97 43.24
N THR G 66 19.78 47.03 42.97
CA THR G 66 20.03 46.51 41.62
C THR G 66 19.70 45.01 41.65
N VAL G 67 18.43 44.70 41.42
CA VAL G 67 17.96 43.31 41.46
C VAL G 67 18.29 42.65 40.12
N PRO G 68 18.86 41.44 40.12
CA PRO G 68 18.99 40.69 38.86
C PRO G 68 17.62 40.28 38.33
N ASN G 69 17.43 40.47 37.02
CA ASN G 69 16.14 40.22 36.40
C ASN G 69 16.04 38.74 36.00
N VAL G 70 15.85 37.90 37.00
CA VAL G 70 15.63 36.47 36.82
C VAL G 70 14.36 36.09 37.58
N PRO G 71 13.30 35.68 36.89
CA PRO G 71 12.07 35.30 37.57
C PRO G 71 12.21 33.98 38.33
N GLY G 72 11.47 33.86 39.42
CA GLY G 72 11.38 32.62 40.17
C GLY G 72 12.23 32.55 41.41
N ILE G 73 13.28 33.37 41.53
CA ILE G 73 14.18 33.33 42.67
C ILE G 73 13.95 34.61 43.49
N PRO G 74 14.08 34.56 44.81
CA PRO G 74 13.96 35.78 45.61
C PRO G 74 15.26 36.56 45.66
N TYR G 75 15.14 37.86 45.92
CA TYR G 75 16.28 38.72 46.20
C TYR G 75 16.07 39.34 47.57
N LYS G 76 17.06 39.20 48.45
CA LYS G 76 16.95 39.63 49.83
C LYS G 76 17.86 40.83 50.06
N ALA G 77 17.30 41.87 50.68
CA ALA G 77 18.08 43.04 51.07
C ALA G 77 17.56 43.55 52.40
N LEU G 78 18.46 44.19 53.15
CA LEU G 78 18.17 44.71 54.48
C LEU G 78 18.41 46.21 54.47
N VAL G 79 17.37 46.98 54.81
CA VAL G 79 17.49 48.44 54.86
C VAL G 79 18.24 48.80 56.14
N GLU G 80 18.98 49.89 56.10
CA GLU G 80 19.76 50.36 57.24
C GLU G 80 19.51 51.86 57.43
N ARG G 81 18.47 52.18 58.19
CA ARG G 81 18.22 53.57 58.54
C ARG G 81 19.18 54.00 59.65
N ALA G 82 19.40 55.31 59.75
CA ALA G 82 20.39 55.84 60.69
C ALA G 82 19.91 55.68 62.13
N GLY G 83 18.66 56.06 62.41
CA GLY G 83 18.12 55.98 63.75
C GLY G 83 17.04 54.95 63.98
N TYR G 84 16.87 53.98 63.08
CA TYR G 84 15.81 53.00 63.19
C TYR G 84 16.38 51.58 63.09
N ALA G 85 15.60 50.63 63.58
CA ALA G 85 15.99 49.22 63.51
C ALA G 85 15.91 48.74 62.06
N PRO G 86 16.79 47.84 61.63
CA PRO G 86 16.72 47.34 60.26
C PRO G 86 15.51 46.44 60.01
N LEU G 87 15.06 46.45 58.76
CA LEU G 87 13.92 45.65 58.33
C LEU G 87 14.27 44.90 57.06
N ASN G 88 13.71 43.70 56.92
CA ASN G 88 14.01 42.84 55.79
C ASN G 88 13.02 43.06 54.65
N LEU G 89 13.52 42.97 53.42
CA LEU G 89 12.66 43.02 52.25
C LEU G 89 13.01 41.84 51.35
N GLU G 90 12.00 41.29 50.68
CA GLU G 90 12.19 40.20 49.74
C GLU G 90 11.39 40.48 48.48
N ILE G 91 12.09 40.67 47.37
CA ILE G 91 11.47 40.95 46.09
C ILE G 91 11.61 39.72 45.20
N THR G 92 10.50 39.30 44.60
CA THR G 92 10.46 38.17 43.68
C THR G 92 9.82 38.62 42.38
N VAL G 93 10.41 38.20 41.26
CA VAL G 93 9.84 38.49 39.94
C VAL G 93 8.90 37.33 39.63
N VAL G 94 7.60 37.57 39.84
CA VAL G 94 6.61 36.52 39.62
C VAL G 94 6.27 36.41 38.15
N SER G 95 6.37 37.52 37.41
CA SER G 95 6.09 37.55 35.99
C SER G 95 6.84 38.71 35.35
N SER G 96 7.10 38.57 34.06
CA SER G 96 7.71 39.63 33.26
C SER G 96 7.31 39.41 31.82
N GLU G 97 6.53 40.34 31.27
CA GLU G 97 6.03 40.24 29.91
C GLU G 97 6.64 41.34 29.03
N LEU G 98 7.42 40.90 28.05
CA LEU G 98 7.99 41.78 27.03
C LEU G 98 7.05 41.81 25.83
N THR G 99 6.32 42.91 25.67
CA THR G 99 5.33 43.03 24.62
C THR G 99 5.75 44.07 23.59
N PRO G 100 6.18 43.67 22.39
CA PRO G 100 6.42 44.66 21.32
C PRO G 100 5.14 45.27 20.77
N SER G 101 5.29 46.21 19.83
CA SER G 101 4.17 46.83 19.14
C SER G 101 4.09 46.27 17.73
N THR G 102 2.92 45.74 17.36
CA THR G 102 2.73 45.07 16.08
C THR G 102 1.62 45.75 15.30
N ASN G 103 1.74 45.74 13.98
CA ASN G 103 0.69 46.20 13.08
C ASN G 103 0.54 45.25 11.90
N LYS G 104 -0.72 45.02 11.51
CA LYS G 104 -1.03 44.06 10.46
C LYS G 104 -0.94 44.77 9.11
N GLU G 105 -0.07 44.25 8.24
CA GLU G 105 0.05 44.82 6.90
C GLU G 105 -0.66 43.97 5.86
N TYR G 106 -0.64 42.64 6.03
CA TYR G 106 -1.46 41.74 5.21
C TYR G 106 -1.60 40.41 5.94
N VAL G 107 -2.40 39.52 5.35
CA VAL G 107 -2.50 38.12 5.75
C VAL G 107 -2.26 37.27 4.52
N THR G 108 -1.89 36.00 4.73
CA THR G 108 -1.70 35.09 3.61
C THR G 108 -2.09 33.67 4.02
N CYS G 109 -2.42 32.87 3.02
CA CYS G 109 -2.78 31.47 3.18
C CYS G 109 -2.64 30.80 1.82
N ARG G 110 -3.12 29.56 1.74
CA ARG G 110 -3.16 28.86 0.46
C ARG G 110 -4.32 29.39 -0.39
N PHE G 111 -4.00 29.87 -1.59
CA PHE G 111 -5.02 30.42 -2.46
C PHE G 111 -5.78 29.31 -3.17
N HIS G 112 -7.03 29.61 -3.53
CA HIS G 112 -7.83 28.75 -4.39
C HIS G 112 -7.97 29.45 -5.73
N THR G 113 -7.38 28.86 -6.77
CA THR G 113 -7.48 29.40 -8.12
C THR G 113 -8.87 29.09 -8.69
N VAL G 114 -9.80 30.01 -8.46
CA VAL G 114 -11.16 29.88 -8.98
C VAL G 114 -11.13 30.14 -10.48
N ILE G 115 -11.81 29.28 -11.23
CA ILE G 115 -11.83 29.43 -12.67
C ILE G 115 -13.23 29.85 -13.10
N PRO G 116 -13.40 31.05 -13.64
CA PRO G 116 -14.71 31.42 -14.22
C PRO G 116 -15.04 30.57 -15.43
N SER G 117 -16.33 30.43 -15.69
CA SER G 117 -16.79 29.63 -16.81
C SER G 117 -16.41 30.30 -18.13
N PRO G 118 -15.78 29.57 -19.06
CA PRO G 118 -15.53 30.17 -20.37
C PRO G 118 -16.82 30.33 -21.17
N GLN G 119 -16.87 31.38 -21.96
CA GLN G 119 -17.99 31.62 -22.86
C GLN G 119 -17.46 31.91 -24.26
N VAL G 120 -18.22 31.51 -25.27
CA VAL G 120 -17.79 31.60 -26.65
C VAL G 120 -18.80 32.43 -27.44
N LYS G 121 -18.30 33.21 -28.38
CA LYS G 121 -19.10 33.71 -29.49
C LYS G 121 -18.84 32.79 -30.67
N CYS G 122 -19.83 32.66 -31.55
CA CYS G 122 -19.78 31.67 -32.63
C CYS G 122 -18.67 31.94 -33.64
N CYS G 123 -18.74 33.05 -34.38
CA CYS G 123 -17.58 33.53 -35.13
C CYS G 123 -17.54 35.06 -35.11
N GLY G 124 -17.79 35.65 -33.95
CA GLY G 124 -17.68 37.08 -33.81
C GLY G 124 -16.27 37.52 -33.51
N SER G 125 -16.12 38.50 -32.62
CA SER G 125 -14.80 38.98 -32.22
C SER G 125 -14.88 39.44 -30.78
N LEU G 126 -13.93 39.02 -29.96
CA LEU G 126 -13.92 39.38 -28.55
C LEU G 126 -12.74 40.30 -28.24
N GLU G 127 -12.70 40.83 -27.02
CA GLU G 127 -11.63 41.70 -26.55
C GLU G 127 -11.39 41.38 -25.08
N CYS G 128 -10.17 41.69 -24.62
CA CYS G 128 -9.82 41.51 -23.22
C CYS G 128 -10.31 42.72 -22.43
N LYS G 129 -10.91 42.47 -21.27
CA LYS G 129 -11.40 43.53 -20.41
C LYS G 129 -10.58 43.57 -19.13
N ALA G 130 -10.20 44.78 -18.72
CA ALA G 130 -9.43 44.95 -17.49
C ALA G 130 -10.32 44.82 -16.28
N SER G 131 -9.85 44.06 -15.28
CA SER G 131 -10.59 43.82 -14.06
C SER G 131 -9.68 44.11 -12.85
N SER G 132 -10.26 44.00 -11.65
CA SER G 132 -9.54 44.26 -10.41
C SER G 132 -9.41 43.01 -9.54
N LYS G 133 -9.55 41.83 -10.12
CA LYS G 133 -9.41 40.59 -9.36
C LYS G 133 -7.95 40.31 -9.05
N ALA G 134 -7.73 39.42 -8.09
CA ALA G 134 -6.37 39.07 -7.68
C ALA G 134 -5.71 38.22 -8.74
N ASP G 135 -4.65 38.78 -9.35
CA ASP G 135 -3.93 38.22 -10.49
C ASP G 135 -4.91 37.88 -11.61
N TYR G 136 -5.54 38.92 -12.17
CA TYR G 136 -6.49 38.69 -13.23
C TYR G 136 -5.78 38.44 -14.55
N THR G 137 -5.91 37.21 -15.05
CA THR G 137 -5.30 36.83 -16.32
C THR G 137 -6.38 36.65 -17.36
N CYS G 138 -6.21 37.32 -18.50
CA CYS G 138 -7.19 37.29 -19.57
C CYS G 138 -6.47 37.04 -20.89
N ARG G 139 -6.98 36.07 -21.65
CA ARG G 139 -6.33 35.69 -22.90
C ARG G 139 -7.41 35.26 -23.89
N VAL G 140 -7.28 35.73 -25.13
CA VAL G 140 -8.24 35.48 -26.18
C VAL G 140 -7.60 34.58 -27.23
N PHE G 141 -8.24 33.46 -27.54
CA PHE G 141 -7.73 32.49 -28.50
C PHE G 141 -8.61 32.46 -29.74
N GLY G 142 -8.16 31.68 -30.72
CA GLY G 142 -8.91 31.49 -31.95
C GLY G 142 -9.91 30.34 -31.86
N GLY G 143 -10.14 29.69 -33.01
CA GLY G 143 -11.16 28.67 -33.14
C GLY G 143 -10.98 27.42 -32.29
N VAL G 144 -12.04 27.03 -31.58
CA VAL G 144 -12.00 25.92 -30.64
C VAL G 144 -12.95 24.80 -31.04
N TYR G 145 -14.16 25.16 -31.52
CA TYR G 145 -15.28 24.27 -31.88
C TYR G 145 -15.64 23.34 -30.74
N PRO G 146 -16.29 23.84 -29.69
CA PRO G 146 -16.48 23.04 -28.46
C PRO G 146 -17.49 21.92 -28.63
N PHE G 147 -17.37 20.93 -27.73
CA PHE G 147 -18.25 19.77 -27.66
C PHE G 147 -18.71 19.62 -26.22
N MET G 148 -20.02 19.54 -25.99
CA MET G 148 -20.53 19.22 -24.65
C MET G 148 -21.27 17.90 -24.62
N TRP G 149 -22.39 17.77 -25.33
CA TRP G 149 -23.05 16.48 -25.48
C TRP G 149 -23.60 16.25 -26.88
N GLY G 150 -23.88 17.30 -27.65
CA GLY G 150 -24.39 17.19 -29.00
C GLY G 150 -23.42 17.59 -30.09
N GLY G 151 -22.25 18.09 -29.71
CA GLY G 151 -21.20 18.34 -30.67
C GLY G 151 -21.37 19.58 -31.52
N ALA G 152 -22.35 20.42 -31.25
CA ALA G 152 -22.51 21.66 -32.02
C ALA G 152 -23.09 22.72 -31.08
N GLN G 153 -22.19 23.47 -30.44
CA GLN G 153 -22.57 24.63 -29.66
C GLN G 153 -22.31 25.95 -30.39
N CYS G 154 -21.81 25.87 -31.63
CA CYS G 154 -21.50 27.06 -32.40
C CYS G 154 -21.68 26.77 -33.89
N PHE G 155 -22.41 27.64 -34.57
CA PHE G 155 -22.35 27.69 -36.01
C PHE G 155 -21.09 28.44 -36.45
N CYS G 156 -20.85 28.42 -37.77
CA CYS G 156 -19.77 29.15 -38.42
C CYS G 156 -18.41 28.71 -37.85
N ASP G 157 -18.06 27.47 -38.19
CA ASP G 157 -17.00 26.73 -37.50
C ASP G 157 -15.60 27.31 -37.70
N SER G 158 -15.45 28.26 -38.62
CA SER G 158 -14.21 29.01 -38.70
C SER G 158 -14.24 30.16 -37.69
N GLU G 159 -13.05 30.47 -37.14
CA GLU G 159 -12.79 31.49 -36.11
C GLU G 159 -13.80 31.49 -34.95
N ASN G 160 -13.89 30.32 -34.30
CA ASN G 160 -14.66 30.23 -33.05
C ASN G 160 -13.89 30.87 -31.90
N THR G 161 -13.95 32.20 -31.81
CA THR G 161 -13.12 32.94 -30.86
C THR G 161 -13.57 32.68 -29.43
N GLN G 162 -12.62 32.33 -28.56
CA GLN G 162 -12.89 31.83 -27.22
C GLN G 162 -12.16 32.69 -26.20
N LEU G 163 -12.79 32.83 -25.02
CA LEU G 163 -12.25 33.66 -23.94
C LEU G 163 -11.87 32.77 -22.77
N SER G 164 -10.70 33.01 -22.20
CA SER G 164 -10.20 32.29 -21.03
C SER G 164 -10.03 33.27 -19.87
N GLU G 165 -10.52 32.89 -18.69
CA GLU G 165 -10.49 33.74 -17.51
C GLU G 165 -9.96 32.94 -16.32
N ALA G 166 -9.10 33.58 -15.52
CA ALA G 166 -8.53 32.94 -14.35
C ALA G 166 -8.05 33.99 -13.36
N TYR G 167 -8.37 33.75 -12.08
CA TYR G 167 -7.88 34.59 -10.98
C TYR G 167 -7.92 33.75 -9.71
N VAL G 168 -7.20 34.23 -8.69
CA VAL G 168 -7.07 33.51 -7.43
C VAL G 168 -7.87 34.25 -6.36
N GLU G 169 -8.32 33.48 -5.36
CA GLU G 169 -9.12 34.01 -4.26
C GLU G 169 -8.90 33.04 -3.09
N PHE G 170 -9.16 33.49 -1.87
CA PHE G 170 -8.85 32.75 -0.65
C PHE G 170 -9.64 31.45 -0.53
N ALA G 171 -8.99 30.43 0.02
CA ALA G 171 -9.66 29.19 0.35
C ALA G 171 -10.63 29.41 1.51
N PRO G 172 -11.73 28.65 1.58
CA PRO G 172 -12.65 28.81 2.72
C PRO G 172 -12.08 28.31 4.04
N ASP G 173 -11.00 27.54 4.01
CA ASP G 173 -10.32 27.11 5.23
C ASP G 173 -9.26 28.09 5.70
N CYS G 174 -9.14 29.25 5.04
CA CYS G 174 -8.19 30.27 5.47
C CYS G 174 -8.63 31.02 6.71
N THR G 175 -9.86 30.82 7.18
CA THR G 175 -10.32 31.47 8.40
C THR G 175 -9.63 30.92 9.66
N ILE G 176 -8.98 29.76 9.56
CA ILE G 176 -8.17 29.21 10.64
C ILE G 176 -6.71 29.10 10.24
N ASP G 177 -6.43 28.34 9.19
CA ASP G 177 -5.05 28.13 8.71
C ASP G 177 -4.68 29.31 7.82
N HIS G 178 -4.13 30.36 8.43
CA HIS G 178 -3.60 31.49 7.68
C HIS G 178 -2.40 32.03 8.43
N ALA G 179 -1.46 32.61 7.70
CA ALA G 179 -0.28 33.21 8.30
C ALA G 179 -0.38 34.73 8.17
N VAL G 180 -0.22 35.42 9.29
CA VAL G 180 -0.15 36.87 9.31
C VAL G 180 1.31 37.28 9.48
N ALA G 181 1.72 38.32 8.75
CA ALA G 181 3.06 38.86 8.85
C ALA G 181 3.01 40.14 9.69
N LEU G 182 4.04 40.34 10.51
CA LEU G 182 4.09 41.49 11.40
C LEU G 182 5.48 42.09 11.36
N LYS G 183 5.54 43.41 11.53
CA LYS G 183 6.80 44.11 11.78
C LYS G 183 6.71 44.77 13.15
N VAL G 184 7.77 44.62 13.94
CA VAL G 184 7.78 45.06 15.33
C VAL G 184 8.74 46.23 15.48
N HIS G 185 8.53 47.01 16.54
CA HIS G 185 9.35 48.15 16.88
C HIS G 185 10.10 47.85 18.18
N THR G 186 10.73 48.88 18.75
CA THR G 186 11.39 48.76 20.04
C THR G 186 10.39 48.37 21.12
N ALA G 187 10.67 47.26 21.81
CA ALA G 187 9.73 46.62 22.71
C ALA G 187 9.92 47.11 24.12
N ALA G 188 8.81 47.32 24.83
CA ALA G 188 8.82 47.72 26.23
C ALA G 188 8.53 46.51 27.11
N LEU G 189 9.13 46.50 28.29
CA LEU G 189 9.00 45.41 29.24
C LEU G 189 8.06 45.84 30.36
N LYS G 190 7.18 44.92 30.76
CA LYS G 190 6.34 45.11 31.94
C LYS G 190 6.57 43.93 32.87
N VAL G 191 6.84 44.22 34.14
CA VAL G 191 7.27 43.23 35.11
C VAL G 191 6.26 43.17 36.25
N GLY G 192 5.99 41.96 36.73
CA GLY G 192 5.16 41.77 37.91
C GLY G 192 6.03 41.45 39.11
N LEU G 193 5.82 42.20 40.19
CA LEU G 193 6.69 42.16 41.35
C LEU G 193 5.88 41.86 42.61
N ARG G 194 6.38 40.95 43.43
CA ARG G 194 5.83 40.65 44.75
C ARG G 194 6.83 41.12 45.79
N ILE G 195 6.41 42.04 46.66
CA ILE G 195 7.28 42.63 47.67
C ILE G 195 6.68 42.38 49.04
N VAL G 196 7.55 42.08 50.01
CA VAL G 196 7.19 41.97 51.41
C VAL G 196 8.18 42.78 52.22
N TYR G 197 7.68 43.51 53.22
CA TYR G 197 8.52 44.23 54.16
C TYR G 197 8.06 43.90 55.58
N GLY G 198 8.95 43.29 56.35
CA GLY G 198 8.61 42.81 57.68
C GLY G 198 7.57 41.70 57.65
N ASN G 199 6.34 42.04 58.05
CA ASN G 199 5.24 41.08 58.07
C ASN G 199 4.22 41.32 56.96
N THR G 200 4.23 42.48 56.31
CA THR G 200 3.21 42.88 55.35
C THR G 200 3.74 42.71 53.93
N THR G 201 2.99 41.98 53.11
CA THR G 201 3.35 41.70 51.72
C THR G 201 2.44 42.48 50.77
N ALA G 202 2.90 42.60 49.52
CA ALA G 202 2.14 43.32 48.50
C ALA G 202 2.51 42.78 47.12
N HIS G 203 1.52 42.76 46.23
CA HIS G 203 1.72 42.37 44.84
C HIS G 203 1.49 43.59 43.95
N LEU G 204 2.33 43.75 42.93
CA LEU G 204 2.27 44.94 42.10
C LEU G 204 2.80 44.63 40.71
N ASP G 205 2.19 45.28 39.72
CA ASP G 205 2.61 45.20 38.32
C ASP G 205 3.01 46.60 37.87
N THR G 206 4.16 46.72 37.23
CA THR G 206 4.67 48.01 36.77
C THR G 206 5.37 47.85 35.43
N PHE G 207 5.60 48.99 34.77
CA PHE G 207 6.26 49.04 33.47
C PHE G 207 7.73 49.37 33.67
N VAL G 208 8.57 48.86 32.77
CA VAL G 208 10.02 49.09 32.85
C VAL G 208 10.35 50.26 31.92
N ASN G 209 10.37 51.47 32.48
CA ASN G 209 10.90 52.62 31.77
C ASN G 209 11.74 53.55 32.63
N GLY G 210 11.71 53.42 33.95
CA GLY G 210 12.32 54.39 34.83
C GLY G 210 11.48 55.62 35.10
N VAL G 211 10.26 55.68 34.56
CA VAL G 211 9.39 56.84 34.69
C VAL G 211 8.05 56.45 35.32
N THR G 212 7.42 55.41 34.80
CA THR G 212 6.10 55.00 35.25
C THR G 212 6.15 54.39 36.65
N PRO G 213 5.38 54.90 37.61
CA PRO G 213 5.42 54.35 38.96
C PRO G 213 4.38 53.26 39.19
N GLY G 214 4.58 52.54 40.29
CA GLY G 214 3.63 51.53 40.73
C GLY G 214 3.19 51.78 42.15
N SER G 215 1.92 51.53 42.44
CA SER G 215 1.36 51.80 43.76
C SER G 215 0.46 50.65 44.22
N SER G 216 0.69 50.17 45.44
CA SER G 216 -0.26 49.30 46.13
C SER G 216 -0.49 49.88 47.52
N ARG G 217 -1.33 50.92 47.57
CA ARG G 217 -1.95 51.54 48.75
C ARG G 217 -1.00 52.22 49.73
N ASP G 218 0.31 51.98 49.63
CA ASP G 218 1.29 52.65 50.49
C ASP G 218 2.58 52.98 49.76
N LEU G 219 2.80 52.35 48.60
CA LEU G 219 4.13 52.20 48.04
C LEU G 219 4.29 53.02 46.76
N LYS G 220 5.49 53.54 46.53
CA LYS G 220 5.89 54.14 45.27
C LYS G 220 7.17 53.47 44.80
N VAL G 221 7.11 52.81 43.64
CA VAL G 221 8.26 52.08 43.12
C VAL G 221 8.56 52.57 41.71
N ILE G 222 9.85 52.75 41.42
CA ILE G 222 10.33 53.12 40.09
C ILE G 222 11.28 52.03 39.62
N ALA G 223 10.98 51.43 38.47
CA ALA G 223 11.75 50.33 37.93
C ALA G 223 12.22 50.65 36.52
N GLY G 224 13.46 50.27 36.23
CA GLY G 224 14.03 50.50 34.92
C GLY G 224 15.06 51.61 34.92
N PRO G 225 15.74 51.82 33.78
CA PRO G 225 15.65 51.05 32.54
C PRO G 225 16.52 49.78 32.55
N ILE G 226 16.32 48.92 31.54
CA ILE G 226 17.14 47.73 31.40
C ILE G 226 18.55 48.13 30.98
N SER G 227 19.55 47.59 31.69
CA SER G 227 20.95 47.90 31.39
C SER G 227 21.37 47.36 30.03
N ALA G 228 20.92 46.15 29.68
CA ALA G 228 21.26 45.53 28.41
C ALA G 228 19.96 45.15 27.71
N ALA G 229 19.51 46.00 26.79
CA ALA G 229 18.25 45.76 26.09
C ALA G 229 18.39 44.57 25.14
N PHE G 230 17.37 43.70 25.16
CA PHE G 230 17.40 42.47 24.39
C PHE G 230 16.02 42.23 23.79
N SER G 231 16.00 41.84 22.52
CA SER G 231 14.76 41.47 21.84
C SER G 231 14.99 40.18 21.06
N PRO G 232 14.27 39.10 21.39
CA PRO G 232 14.43 37.86 20.62
C PRO G 232 13.84 37.94 19.22
N PHE G 233 12.94 38.89 18.98
CA PHE G 233 12.31 39.05 17.69
C PHE G 233 13.28 39.71 16.72
N ASP G 234 13.16 39.38 15.43
CA ASP G 234 13.86 40.10 14.38
C ASP G 234 12.97 41.26 13.93
N HIS G 235 13.35 41.90 12.81
CA HIS G 235 12.56 43.01 12.30
C HIS G 235 11.30 42.51 11.59
N LYS G 236 11.28 41.23 11.20
CA LYS G 236 10.18 40.65 10.46
C LYS G 236 9.66 39.42 11.20
N VAL G 237 8.36 39.46 11.53
CA VAL G 237 7.72 38.45 12.37
C VAL G 237 6.52 37.87 11.63
N VAL G 238 6.41 36.54 11.60
CA VAL G 238 5.29 35.85 10.99
C VAL G 238 4.62 34.99 12.05
N ILE G 239 3.29 35.12 12.16
CA ILE G 239 2.48 34.35 13.10
C ILE G 239 1.61 33.39 12.31
N ARG G 240 1.67 32.10 12.64
CA ARG G 240 0.79 31.09 12.05
C ARG G 240 0.37 30.13 13.15
N LYS G 241 -0.93 30.15 13.47
CA LYS G 241 -1.58 29.23 14.42
C LYS G 241 -0.93 29.28 15.80
N GLY G 242 -0.48 30.46 16.21
CA GLY G 242 0.21 30.63 17.47
C GLY G 242 1.71 30.44 17.41
N LEU G 243 2.24 29.97 16.29
CA LEU G 243 3.68 29.79 16.15
C LEU G 243 4.30 31.05 15.58
N VAL G 244 5.39 31.51 16.19
CA VAL G 244 6.08 32.73 15.81
C VAL G 244 7.35 32.39 15.04
N TYR G 245 7.50 32.98 13.86
CA TYR G 245 8.65 32.78 12.99
C TYR G 245 9.30 34.13 12.74
N ASN G 246 10.63 34.18 12.83
CA ASN G 246 11.39 35.39 12.51
C ASN G 246 11.89 35.37 11.05
N TYR G 247 10.97 35.00 10.16
CA TYR G 247 11.26 34.81 8.75
C TYR G 247 10.94 36.09 8.00
N ASP G 248 11.85 36.50 7.12
CA ASP G 248 11.68 37.74 6.37
C ASP G 248 10.59 37.56 5.32
N PHE G 249 9.71 38.55 5.23
CA PHE G 249 8.60 38.55 4.28
C PHE G 249 8.84 39.59 3.19
N PRO G 250 8.43 39.28 1.96
CA PRO G 250 8.39 40.32 0.92
C PRO G 250 7.34 41.37 1.24
N GLU G 251 7.61 42.60 0.82
CA GLU G 251 6.79 43.74 1.21
C GLU G 251 5.46 43.74 0.47
N TYR G 252 4.61 44.71 0.83
CA TYR G 252 3.28 44.82 0.27
C TYR G 252 3.34 45.26 -1.20
N GLY G 253 2.72 44.46 -2.07
CA GLY G 253 2.76 44.69 -3.49
C GLY G 253 3.92 44.03 -4.21
N ALA G 254 4.98 43.67 -3.50
CA ALA G 254 6.13 42.99 -4.10
C ALA G 254 6.07 41.48 -3.87
N MET G 255 5.12 40.82 -4.54
CA MET G 255 4.94 39.39 -4.39
C MET G 255 6.06 38.63 -5.09
N LYS G 256 6.32 37.40 -4.61
CA LYS G 256 7.30 36.52 -5.23
C LYS G 256 6.57 35.23 -5.61
N PRO G 257 6.69 34.74 -6.83
CA PRO G 257 6.03 33.49 -7.20
C PRO G 257 6.72 32.28 -6.58
N GLY G 258 5.93 31.40 -6.00
CA GLY G 258 6.47 30.21 -5.37
C GLY G 258 7.11 30.45 -4.01
N ALA G 259 6.97 31.64 -3.44
CA ALA G 259 7.56 31.98 -2.15
C ALA G 259 6.47 32.48 -1.22
N PHE G 260 6.88 32.90 -0.02
CA PHE G 260 5.94 33.33 1.00
C PHE G 260 5.33 34.67 0.62
N GLY G 261 4.06 34.85 1.00
CA GLY G 261 3.34 36.07 0.68
C GLY G 261 3.04 36.25 -0.79
N ASP G 262 2.73 35.15 -1.49
CA ASP G 262 2.35 35.26 -2.89
C ASP G 262 0.94 35.79 -3.09
N ILE G 263 0.10 35.71 -2.07
CA ILE G 263 -1.21 36.36 -2.08
C ILE G 263 -1.33 37.21 -0.81
N GLN G 264 -1.77 38.45 -0.96
CA GLN G 264 -1.80 39.41 0.14
C GLN G 264 -3.16 40.11 0.18
N ALA G 265 -3.66 40.29 1.40
CA ALA G 265 -4.92 41.00 1.63
C ALA G 265 -4.90 41.55 3.05
N SER G 266 -5.53 42.70 3.24
CA SER G 266 -5.56 43.38 4.54
C SER G 266 -6.32 42.60 5.60
N SER G 267 -7.32 41.81 5.20
CA SER G 267 -8.05 40.95 6.13
C SER G 267 -8.58 39.76 5.36
N LEU G 268 -9.20 38.83 6.09
CA LEU G 268 -9.73 37.63 5.45
C LEU G 268 -10.97 37.95 4.62
N ASP G 269 -11.75 38.94 5.03
CA ASP G 269 -12.95 39.34 4.31
C ASP G 269 -12.73 40.57 3.43
N ALA G 270 -11.50 41.01 3.25
CA ALA G 270 -11.22 42.18 2.43
C ALA G 270 -11.42 41.86 0.95
N THR G 271 -11.97 42.82 0.22
CA THR G 271 -12.15 42.69 -1.23
C THR G 271 -10.97 43.23 -2.01
N ASP G 272 -10.00 43.86 -1.35
CA ASP G 272 -8.80 44.39 -2.00
C ASP G 272 -7.66 43.37 -2.00
N ILE G 273 -7.95 42.16 -2.49
CA ILE G 273 -6.96 41.09 -2.50
C ILE G 273 -6.04 41.30 -3.68
N VAL G 274 -4.74 41.44 -3.42
CA VAL G 274 -3.74 41.64 -4.47
C VAL G 274 -2.75 40.48 -4.45
N ALA G 275 -2.42 39.99 -5.65
CA ALA G 275 -1.54 38.86 -5.84
C ALA G 275 -1.11 38.80 -7.29
N ARG G 276 -0.09 37.94 -7.53
CA ARG G 276 0.44 37.64 -8.90
C ARG G 276 1.29 36.35 -8.80
N THR G 277 0.71 35.15 -9.01
CA THR G 277 1.41 33.88 -8.85
C THR G 277 1.59 33.16 -10.18
N ASP G 278 1.59 33.91 -11.29
CA ASP G 278 1.99 33.47 -12.63
C ASP G 278 1.09 32.33 -13.16
N ILE G 279 -0.16 32.70 -13.44
CA ILE G 279 -1.05 31.89 -14.26
C ILE G 279 -0.81 32.24 -15.72
N ARG G 280 -0.43 31.25 -16.52
CA ARG G 280 -0.39 31.38 -17.96
C ARG G 280 -1.34 30.38 -18.58
N LEU G 281 -2.17 30.84 -19.51
CA LEU G 281 -3.17 30.00 -20.15
C LEU G 281 -2.59 29.31 -21.38
N LEU G 282 -3.23 28.22 -21.78
CA LEU G 282 -2.81 27.46 -22.95
C LEU G 282 -3.97 27.34 -23.93
N LYS G 283 -3.58 27.24 -25.20
CA LYS G 283 -4.60 27.06 -26.27
C LYS G 283 -5.20 25.67 -26.08
N PRO G 284 -6.54 25.48 -26.05
CA PRO G 284 -7.11 24.13 -25.98
C PRO G 284 -7.23 23.41 -27.31
N SER G 285 -7.01 22.10 -27.27
CA SER G 285 -6.98 21.25 -28.45
C SER G 285 -8.08 20.21 -28.48
N VAL G 286 -8.62 19.84 -27.31
CA VAL G 286 -9.67 18.85 -27.25
C VAL G 286 -10.99 19.45 -27.75
N LYS G 287 -11.76 18.62 -28.46
CA LYS G 287 -13.10 19.02 -28.90
C LYS G 287 -14.00 19.33 -27.71
N ASN G 288 -13.89 18.53 -26.64
CA ASN G 288 -14.59 18.83 -25.40
C ASN G 288 -14.07 20.13 -24.79
N ILE G 289 -15.01 20.96 -24.31
CA ILE G 289 -14.64 22.28 -23.83
C ILE G 289 -14.03 22.17 -22.42
N HIS G 290 -12.84 22.73 -22.27
CA HIS G 290 -12.06 22.77 -21.04
C HIS G 290 -10.91 23.74 -21.24
N VAL G 291 -10.66 24.59 -20.25
CA VAL G 291 -9.59 25.57 -20.32
C VAL G 291 -8.34 24.97 -19.65
N PRO G 292 -7.20 24.94 -20.32
CA PRO G 292 -5.96 24.52 -19.66
C PRO G 292 -5.18 25.70 -19.10
N TYR G 293 -4.58 25.47 -17.95
CA TYR G 293 -3.98 26.52 -17.15
C TYR G 293 -2.91 25.93 -16.24
N THR G 294 -1.71 26.50 -16.34
CA THR G 294 -0.50 25.99 -15.69
C THR G 294 0.10 27.12 -14.85
N GLN G 295 0.59 26.73 -13.67
CA GLN G 295 0.92 27.68 -12.61
C GLN G 295 2.25 27.33 -11.97
N ALA G 296 2.80 28.32 -11.27
CA ALA G 296 3.71 28.05 -10.17
C ALA G 296 2.91 27.51 -8.99
N VAL G 297 3.53 26.57 -8.26
CA VAL G 297 2.87 25.98 -7.11
C VAL G 297 2.86 27.02 -5.97
N SER G 298 1.88 26.89 -5.07
CA SER G 298 1.63 27.85 -3.99
C SER G 298 2.83 27.91 -3.05
N GLY G 299 3.28 29.13 -2.76
CA GLY G 299 4.44 29.30 -1.89
C GLY G 299 4.09 29.19 -0.42
N TYR G 300 2.80 29.22 -0.09
CA TYR G 300 2.38 29.05 1.30
C TYR G 300 2.68 27.65 1.80
N GLU G 301 2.36 26.63 1.00
CA GLU G 301 2.64 25.26 1.42
C GLU G 301 4.13 24.94 1.31
N MET G 302 4.84 25.62 0.41
CA MET G 302 6.30 25.46 0.34
C MET G 302 6.97 26.06 1.56
N TRP G 303 6.47 27.21 2.02
CA TRP G 303 6.96 27.81 3.26
C TRP G 303 6.55 26.98 4.47
N LYS G 304 5.42 26.28 4.37
CA LYS G 304 5.04 25.33 5.42
C LYS G 304 5.96 24.12 5.43
N ASN G 305 6.42 23.68 4.25
CA ASN G 305 7.30 22.51 4.19
C ASN G 305 8.73 22.87 4.61
N ASN G 306 9.17 24.09 4.31
CA ASN G 306 10.52 24.54 4.61
C ASN G 306 10.46 25.55 5.76
N SER G 307 9.71 25.20 6.79
CA SER G 307 9.43 26.13 7.89
C SER G 307 10.66 26.39 8.76
N GLY G 308 11.37 25.36 9.17
CA GLY G 308 12.31 25.49 10.25
C GLY G 308 11.61 25.32 11.59
N ARG G 309 12.28 25.76 12.64
CA ARG G 309 11.73 25.57 13.98
C ARG G 309 11.27 26.90 14.57
N PRO G 310 10.15 26.92 15.31
CA PRO G 310 9.61 28.19 15.82
C PRO G 310 10.39 28.77 16.98
N LEU G 311 10.08 30.01 17.36
CA LEU G 311 10.78 30.70 18.44
C LEU G 311 10.23 30.34 19.81
N GLN G 312 9.32 29.37 19.91
CA GLN G 312 9.13 28.70 21.18
C GLN G 312 10.22 27.66 21.43
N GLU G 313 11.03 27.37 20.41
CA GLU G 313 12.06 26.35 20.46
C GLU G 313 13.46 26.90 20.24
N THR G 314 13.59 28.16 19.80
CA THR G 314 14.91 28.70 19.49
C THR G 314 15.14 30.12 20.00
N ALA G 315 14.22 30.69 20.78
CA ALA G 315 14.45 32.02 21.34
C ALA G 315 15.51 31.94 22.43
N PRO G 316 16.48 32.86 22.45
CA PRO G 316 17.50 32.84 23.51
C PRO G 316 16.96 33.26 24.86
N PHE G 317 17.72 32.97 25.91
CA PHE G 317 17.49 33.30 27.32
C PHE G 317 16.30 32.56 27.91
N GLY G 318 15.74 31.58 27.18
CA GLY G 318 14.75 30.66 27.71
C GLY G 318 13.41 31.23 28.12
N CYS G 319 12.62 31.70 27.15
CA CYS G 319 11.31 32.23 27.44
C CYS G 319 10.26 31.78 26.41
N LYS G 320 9.08 31.47 26.93
CA LYS G 320 7.94 31.01 26.13
C LYS G 320 7.29 32.21 25.45
N ILE G 321 7.32 32.23 24.13
CA ILE G 321 6.70 33.33 23.39
C ILE G 321 5.20 33.08 23.32
N GLU G 322 4.40 34.06 23.75
CA GLU G 322 2.96 33.92 23.76
C GLU G 322 2.34 34.86 22.75
N VAL G 323 1.17 34.46 22.24
CA VAL G 323 0.47 35.19 21.18
C VAL G 323 -0.88 35.65 21.71
N GLU G 324 -1.47 36.61 20.98
CA GLU G 324 -2.71 37.33 21.28
C GLU G 324 -2.72 37.92 22.68
N PRO G 325 -1.97 39.00 22.95
CA PRO G 325 -1.06 39.73 22.07
C PRO G 325 0.32 39.05 22.01
N LEU G 326 1.12 39.41 21.01
CA LEU G 326 2.45 38.84 20.88
C LEU G 326 3.37 39.36 21.97
N ARG G 327 3.91 38.45 22.77
CA ARG G 327 4.66 38.85 23.95
C ARG G 327 5.64 37.74 24.33
N ALA G 328 6.60 38.10 25.18
CA ALA G 328 7.59 37.16 25.72
C ALA G 328 7.44 37.13 27.23
N SER G 329 7.24 35.94 27.79
CA SER G 329 6.90 35.79 29.19
C SER G 329 8.02 35.08 29.95
N ASN G 330 8.37 35.64 31.11
CA ASN G 330 9.34 35.10 32.06
C ASN G 330 10.71 34.87 31.42
N CYS G 331 11.33 35.96 30.98
CA CYS G 331 12.52 35.90 30.16
C CYS G 331 13.64 36.62 30.89
N ALA G 332 14.62 35.85 31.37
CA ALA G 332 15.62 36.35 32.30
C ALA G 332 16.81 36.91 31.53
N TYR G 333 17.03 38.22 31.65
CA TYR G 333 18.20 38.87 31.06
C TYR G 333 18.50 40.13 31.85
N GLY G 334 19.79 40.36 32.10
CA GLY G 334 20.24 41.60 32.71
C GLY G 334 19.83 41.76 34.18
N HIS G 335 19.89 43.01 34.62
CA HIS G 335 19.53 43.40 35.97
C HIS G 335 18.48 44.51 35.90
N ILE G 336 17.60 44.54 36.88
CA ILE G 336 16.58 45.60 36.98
C ILE G 336 16.96 46.53 38.12
N PRO G 337 17.14 47.83 37.85
CA PRO G 337 17.29 48.80 38.95
C PRO G 337 15.93 49.26 39.44
N ILE G 338 15.65 49.00 40.72
CA ILE G 338 14.36 49.33 41.32
C ILE G 338 14.61 50.24 42.52
N SER G 339 13.83 51.31 42.62
CA SER G 339 13.86 52.23 43.75
C SER G 339 12.52 52.14 44.47
N ILE G 340 12.55 51.83 45.75
CA ILE G 340 11.34 51.55 46.53
C ILE G 340 11.20 52.63 47.59
N ASP G 341 10.04 53.30 47.62
CA ASP G 341 9.73 54.27 48.68
C ASP G 341 8.94 53.52 49.75
N ILE G 342 9.66 52.99 50.73
CA ILE G 342 9.03 52.27 51.83
C ILE G 342 8.34 53.27 52.75
N PRO G 343 7.07 53.05 53.12
CA PRO G 343 6.40 53.98 54.06
C PRO G 343 7.01 53.93 55.44
N ASP G 344 6.94 55.05 56.15
CA ASP G 344 7.57 55.21 57.45
C ASP G 344 6.86 54.48 58.57
N ALA G 345 5.61 54.06 58.36
CA ALA G 345 4.88 53.34 59.40
C ALA G 345 5.36 51.90 59.56
N ALA G 346 6.02 51.35 58.53
CA ALA G 346 6.53 49.99 58.63
C ALA G 346 7.77 49.92 59.51
N PHE G 347 8.52 51.02 59.59
CA PHE G 347 9.75 51.03 60.38
C PHE G 347 9.44 51.06 61.87
N VAL G 348 10.40 50.58 62.65
CA VAL G 348 10.35 50.64 64.11
C VAL G 348 11.74 51.04 64.59
N ARG G 349 11.79 51.78 65.69
CA ARG G 349 13.07 52.29 66.18
C ARG G 349 13.91 51.19 66.82
N SER G 350 15.19 51.48 67.03
CA SER G 350 16.11 50.49 67.58
C SER G 350 15.93 50.31 69.07
N SER G 351 15.18 51.19 69.74
CA SER G 351 14.90 51.01 71.17
C SER G 351 13.80 49.99 71.43
N GLU G 352 13.01 49.64 70.41
CA GLU G 352 11.96 48.64 70.55
C GLU G 352 12.43 47.25 70.14
N SER G 353 13.02 47.11 68.96
CA SER G 353 13.63 45.85 68.57
C SER G 353 14.93 45.64 69.36
N PRO G 354 15.12 44.48 69.98
CA PRO G 354 16.29 44.28 70.83
C PRO G 354 17.57 44.11 69.99
N THR G 355 18.65 44.71 70.48
CA THR G 355 19.96 44.61 69.84
C THR G 355 20.83 43.63 70.63
N ILE G 356 21.76 42.98 69.93
CA ILE G 356 22.65 42.03 70.58
C ILE G 356 23.90 42.74 71.08
N LEU G 357 24.60 42.10 72.01
CA LEU G 357 25.85 42.65 72.54
C LEU G 357 27.04 42.18 71.72
N GLU G 358 27.23 40.87 71.60
CA GLU G 358 28.30 40.30 70.79
C GLU G 358 27.76 39.11 70.01
N VAL G 359 28.40 38.82 68.89
CA VAL G 359 28.05 37.68 68.05
C VAL G 359 29.32 37.18 67.36
N SER G 360 29.47 35.85 67.29
CA SER G 360 30.63 35.23 66.68
C SER G 360 30.16 34.17 65.69
N CYS G 361 31.00 33.92 64.69
CA CYS G 361 30.67 33.04 63.57
C CYS G 361 31.40 31.72 63.74
N THR G 362 30.65 30.64 63.95
CA THR G 362 31.18 29.28 63.94
C THR G 362 30.56 28.58 62.74
N VAL G 363 31.38 28.32 61.71
CA VAL G 363 30.87 27.88 60.42
C VAL G 363 31.00 26.37 60.31
N ALA G 364 29.94 25.73 59.82
CA ALA G 364 29.94 24.29 59.56
C ALA G 364 30.46 24.01 58.16
N ASP G 365 30.25 22.79 57.66
CA ASP G 365 30.69 22.41 56.32
C ASP G 365 29.94 23.19 55.25
N CYS G 366 30.65 23.51 54.17
CA CYS G 366 30.09 24.30 53.09
C CYS G 366 30.45 23.70 51.74
N ILE G 367 29.51 23.81 50.79
CA ILE G 367 29.68 23.39 49.41
C ILE G 367 29.23 24.55 48.53
N TYR G 368 30.06 24.93 47.55
CA TYR G 368 29.68 26.00 46.62
C TYR G 368 28.85 25.39 45.48
N SER G 369 27.61 25.06 45.83
CA SER G 369 26.66 24.50 44.87
C SER G 369 25.59 25.54 44.55
N ALA G 370 24.64 25.17 43.70
CA ALA G 370 23.52 26.03 43.36
C ALA G 370 22.37 25.89 44.35
N ASP G 371 22.47 24.97 45.30
CA ASP G 371 21.48 24.77 46.36
C ASP G 371 22.06 25.32 47.65
N PHE G 372 21.23 25.39 48.69
CA PHE G 372 21.67 25.84 50.01
C PHE G 372 22.50 24.76 50.68
N GLY G 373 23.75 24.59 50.25
CA GLY G 373 24.60 23.52 50.72
C GLY G 373 25.59 23.93 51.79
N GLY G 374 25.31 25.04 52.46
CA GLY G 374 26.18 25.52 53.52
C GLY G 374 25.42 25.68 54.81
N SER G 375 26.07 25.33 55.91
CA SER G 375 25.48 25.47 57.25
C SER G 375 26.38 26.34 58.09
N LEU G 376 25.78 27.09 59.00
CA LEU G 376 26.52 28.03 59.83
C LEU G 376 25.76 28.23 61.14
N THR G 377 26.51 28.49 62.21
CA THR G 377 25.95 28.63 63.54
C THR G 377 26.46 29.93 64.17
N LEU G 378 25.53 30.74 64.67
CA LEU G 378 25.84 31.99 65.34
C LEU G 378 25.41 31.91 66.79
N GLN G 379 26.33 32.23 67.70
CA GLN G 379 26.00 32.40 69.11
C GLN G 379 25.90 33.88 69.41
N TYR G 380 24.94 34.26 70.26
CA TYR G 380 24.60 35.66 70.47
C TYR G 380 24.33 35.93 71.94
N LYS G 381 24.69 37.13 72.37
CA LYS G 381 24.33 37.66 73.69
C LYS G 381 23.44 38.87 73.49
N ALA G 382 22.19 38.77 73.93
CA ALA G 382 21.21 39.83 73.74
C ALA G 382 20.64 40.26 75.10
N ASP G 383 19.70 41.20 75.06
CA ASP G 383 19.06 41.71 76.26
C ASP G 383 17.59 41.33 76.41
N ARG G 384 16.90 41.05 75.30
CA ARG G 384 15.48 40.71 75.35
C ARG G 384 15.16 39.83 74.16
N GLU G 385 14.07 39.08 74.27
CA GLU G 385 13.60 38.23 73.19
C GLU G 385 13.08 39.09 72.04
N GLY G 386 13.30 38.63 70.81
CA GLY G 386 12.93 39.45 69.68
C GLY G 386 12.97 38.70 68.37
N HIS G 387 12.94 39.47 67.28
CA HIS G 387 12.74 38.97 65.92
C HIS G 387 13.75 39.60 64.96
N CYS G 388 15.04 39.52 65.32
CA CYS G 388 16.09 40.05 64.46
C CYS G 388 16.14 39.35 63.11
N PRO G 389 16.26 40.11 62.02
CA PRO G 389 16.47 39.51 60.70
C PRO G 389 17.93 39.23 60.44
N VAL G 390 18.17 38.36 59.45
CA VAL G 390 19.53 38.00 59.07
C VAL G 390 19.75 38.36 57.61
N HIS G 391 21.01 38.74 57.31
CA HIS G 391 21.37 39.14 55.96
C HIS G 391 22.88 38.97 55.84
N SER G 392 23.30 38.33 54.75
CA SER G 392 24.71 38.21 54.37
C SER G 392 25.01 39.31 53.37
N HIS G 393 25.79 40.30 53.78
CA HIS G 393 25.97 41.52 53.00
C HIS G 393 26.99 41.39 51.86
N SER G 394 27.38 40.19 51.47
CA SER G 394 28.27 40.00 50.34
C SER G 394 27.46 39.68 49.10
N THR G 395 28.09 39.86 47.94
CA THR G 395 27.46 39.59 46.66
C THR G 395 27.65 38.15 46.22
N THR G 396 28.26 37.32 47.06
CA THR G 396 28.64 35.96 46.68
C THR G 396 27.90 34.98 47.60
N ALA G 397 27.04 35.50 48.46
CA ALA G 397 26.37 34.66 49.45
C ALA G 397 24.96 35.16 49.70
N VAL G 398 24.00 34.23 49.71
CA VAL G 398 22.61 34.50 50.08
C VAL G 398 22.21 33.53 51.19
N LEU G 399 21.08 33.82 51.83
CA LEU G 399 20.58 33.04 52.94
C LEU G 399 19.23 32.42 52.61
N LYS G 400 18.97 31.25 53.19
CA LYS G 400 17.65 30.63 53.04
C LYS G 400 16.59 31.41 53.81
N GLU G 401 16.89 31.81 55.03
CA GLU G 401 15.94 32.50 55.90
C GLU G 401 16.24 33.99 55.90
N ALA G 402 15.18 34.79 56.10
CA ALA G 402 15.31 36.24 56.18
C ALA G 402 15.14 36.78 57.58
N THR G 403 14.53 36.03 58.49
CA THR G 403 14.37 36.46 59.88
C THR G 403 14.30 35.24 60.77
N THR G 404 14.55 35.46 62.06
CA THR G 404 14.58 34.37 63.03
C THR G 404 14.26 34.93 64.41
N HIS G 405 13.88 34.02 65.32
CA HIS G 405 13.64 34.42 66.70
C HIS G 405 14.94 34.39 67.48
N VAL G 406 15.18 35.45 68.26
CA VAL G 406 16.44 35.64 68.97
C VAL G 406 16.16 35.69 70.47
N THR G 407 16.81 34.83 71.23
CA THR G 407 16.65 34.79 72.68
C THR G 407 17.65 35.73 73.34
N ALA G 408 17.76 35.65 74.67
CA ALA G 408 18.73 36.47 75.38
C ALA G 408 20.13 35.89 75.25
N VAL G 409 20.32 34.67 75.76
CA VAL G 409 21.59 33.97 75.66
C VAL G 409 21.32 32.63 74.99
N GLY G 410 21.99 32.37 73.88
CA GLY G 410 21.79 31.12 73.17
C GLY G 410 22.50 31.15 71.82
N SER G 411 22.13 30.20 70.97
CA SER G 411 22.72 30.09 69.65
C SER G 411 21.70 29.55 68.68
N ILE G 412 21.86 29.91 67.40
CA ILE G 412 20.95 29.50 66.34
C ILE G 412 21.76 28.99 65.16
N THR G 413 21.12 28.17 64.33
CA THR G 413 21.73 27.66 63.12
C THR G 413 21.05 28.26 61.89
N LEU G 414 21.80 28.37 60.80
CA LEU G 414 21.28 28.97 59.58
C LEU G 414 21.90 28.29 58.37
N HIS G 415 21.26 28.45 57.22
CA HIS G 415 21.70 27.85 55.97
C HIS G 415 22.01 28.95 54.96
N PHE G 416 22.97 28.65 54.08
CA PHE G 416 23.40 29.63 53.09
C PHE G 416 23.85 28.90 51.82
N SER G 417 23.96 29.67 50.74
CA SER G 417 24.46 29.17 49.47
C SER G 417 25.51 30.14 48.93
N THR G 418 26.48 29.60 48.20
CA THR G 418 27.58 30.39 47.66
C THR G 418 28.05 29.77 46.35
N SER G 419 28.91 30.50 45.65
CA SER G 419 29.50 30.04 44.40
C SER G 419 31.02 30.06 44.37
N SER G 420 31.67 30.91 45.16
CA SER G 420 33.12 30.92 45.22
C SER G 420 33.64 29.73 46.03
N PRO G 421 34.81 29.20 45.68
CA PRO G 421 35.37 28.08 46.48
C PRO G 421 35.77 28.45 47.89
N GLN G 422 36.00 29.74 48.18
CA GLN G 422 36.32 30.19 49.52
C GLN G 422 35.14 30.96 50.09
N ALA G 423 35.09 31.05 51.42
CA ALA G 423 34.04 31.77 52.13
C ALA G 423 34.66 32.96 52.86
N ASN G 424 34.34 34.16 52.40
CA ASN G 424 34.83 35.39 53.01
C ASN G 424 33.69 36.40 53.09
N PHE G 425 32.52 35.95 53.52
CA PHE G 425 31.32 36.76 53.52
C PHE G 425 31.03 37.29 54.92
N ILE G 426 30.24 38.37 54.95
CA ILE G 426 29.99 39.15 56.16
C ILE G 426 28.52 38.96 56.56
N VAL G 427 28.28 38.70 57.84
CA VAL G 427 26.94 38.34 58.32
C VAL G 427 26.45 39.37 59.33
N SER G 428 25.21 39.84 59.14
CA SER G 428 24.64 40.85 60.01
C SER G 428 23.38 40.31 60.69
N LEU G 429 23.17 40.72 61.95
CA LEU G 429 22.00 40.34 62.72
C LEU G 429 21.62 41.50 63.63
N CYS G 430 20.57 42.24 63.24
CA CYS G 430 20.24 43.57 63.77
C CYS G 430 21.44 44.50 63.78
N GLY G 431 21.91 44.83 62.59
CA GLY G 431 22.89 45.88 62.37
C GLY G 431 24.36 45.50 62.35
N LYS G 432 24.88 44.99 63.46
CA LYS G 432 26.30 44.75 63.60
C LYS G 432 26.73 43.50 62.82
N LYS G 433 27.99 43.48 62.41
CA LYS G 433 28.49 42.49 61.46
C LYS G 433 29.57 41.61 62.09
N THR G 434 29.75 40.43 61.51
CA THR G 434 30.75 39.47 61.97
C THR G 434 31.17 38.61 60.79
N THR G 435 32.46 38.59 60.49
CA THR G 435 32.97 37.90 59.32
C THR G 435 33.00 36.39 59.55
N CYS G 436 33.07 35.64 58.43
CA CYS G 436 33.11 34.19 58.45
C CYS G 436 34.17 33.72 57.46
N ASN G 437 35.00 32.77 57.89
CA ASN G 437 36.07 32.24 57.06
C ASN G 437 35.94 30.73 56.98
N ALA G 438 35.83 30.20 55.76
CA ALA G 438 35.71 28.77 55.53
C ALA G 438 36.17 28.45 54.11
N GLU G 439 36.42 27.17 53.88
CA GLU G 439 36.76 26.66 52.56
C GLU G 439 35.71 25.65 52.14
N CYS G 440 35.17 25.80 50.93
CA CYS G 440 34.10 24.96 50.43
C CYS G 440 34.65 23.96 49.42
N LYS G 441 34.26 22.69 49.58
CA LYS G 441 34.68 21.64 48.67
C LYS G 441 33.88 21.70 47.37
N PRO G 442 34.44 21.17 46.27
CA PRO G 442 33.67 21.07 45.04
C PRO G 442 32.48 20.16 45.20
N PRO G 443 31.38 20.45 44.52
CA PRO G 443 30.15 19.66 44.71
C PRO G 443 30.25 18.28 44.09
N ALA G 444 29.65 17.29 44.77
CA ALA G 444 29.61 15.95 44.22
C ALA G 444 28.63 15.85 43.07
N ASP G 445 27.50 16.54 43.17
CA ASP G 445 26.50 16.54 42.11
C ASP G 445 26.98 17.36 40.92
N HIS G 446 26.55 16.95 39.72
CA HIS G 446 26.95 17.61 38.50
C HIS G 446 25.89 18.55 37.94
N ILE G 447 24.63 18.12 37.87
CA ILE G 447 23.54 18.97 37.40
C ILE G 447 22.41 18.93 38.41
N ILE G 448 21.99 20.10 38.89
CA ILE G 448 20.88 20.21 39.83
C ILE G 448 19.73 20.93 39.12
N GLY G 449 18.51 20.56 39.50
CA GLY G 449 17.32 21.14 38.91
C GLY G 449 16.83 22.39 39.60
N GLU G 450 17.76 23.29 39.93
CA GLU G 450 17.46 24.55 40.60
C GLU G 450 18.51 25.53 40.11
N PRO G 451 18.11 26.73 39.68
CA PRO G 451 19.07 27.67 39.08
C PRO G 451 20.02 28.26 40.11
N HIS G 452 21.15 28.77 39.62
CA HIS G 452 22.09 29.50 40.45
C HIS G 452 21.48 30.84 40.86
N LYS G 453 21.31 31.03 42.16
CA LYS G 453 20.78 32.29 42.67
C LYS G 453 21.81 33.40 42.63
N VAL G 454 23.10 33.05 42.56
CA VAL G 454 24.20 33.98 42.73
C VAL G 454 25.12 33.82 41.52
N ASP G 455 25.97 34.82 41.28
CA ASP G 455 26.93 34.81 40.20
C ASP G 455 28.33 34.94 40.77
N GLN G 456 29.30 34.32 40.11
CA GLN G 456 30.69 34.42 40.55
C GLN G 456 31.28 35.75 40.09
N GLU G 457 32.05 36.39 40.97
CA GLU G 457 32.68 37.65 40.61
C GLU G 457 34.00 37.40 39.87
N PHE G 458 34.61 38.49 39.43
CA PHE G 458 35.86 38.40 38.66
C PHE G 458 37.01 38.10 39.61
N GLN G 459 37.69 36.96 39.36
CA GLN G 459 38.85 36.48 40.13
C GLN G 459 38.54 36.35 41.63
N ALA G 460 37.34 35.88 41.95
CA ALA G 460 36.92 35.75 43.35
C ALA G 460 36.55 34.31 43.68
N PRO H 1 -27.60 20.28 -9.85
CA PRO H 1 -27.48 18.90 -10.35
C PRO H 1 -26.91 18.82 -11.76
N TYR H 2 -26.00 19.72 -12.11
CA TYR H 2 -25.45 19.74 -13.46
C TYR H 2 -24.42 18.61 -13.62
N LEU H 3 -23.95 18.44 -14.85
CA LEU H 3 -22.93 17.45 -15.15
C LEU H 3 -21.64 18.14 -15.55
N GLY H 4 -20.53 17.65 -15.03
CA GLY H 4 -19.23 18.21 -15.34
C GLY H 4 -18.39 17.29 -16.21
N PHE H 5 -17.12 17.62 -16.40
CA PHE H 5 -16.21 16.84 -17.22
C PHE H 5 -15.13 16.25 -16.31
N CYS H 6 -15.27 14.98 -15.98
CA CYS H 6 -14.32 14.32 -15.10
C CYS H 6 -13.02 14.05 -15.82
N PRO H 7 -11.86 14.31 -15.22
CA PRO H 7 -10.59 14.01 -15.89
C PRO H 7 -10.30 12.52 -16.04
N TYR H 8 -10.99 11.65 -15.28
CA TYR H 8 -10.84 10.20 -15.41
C TYR H 8 -12.18 9.52 -15.11
N CYS H 9 -12.84 9.07 -16.16
CA CYS H 9 -14.10 8.33 -16.05
C CYS H 9 -13.81 6.87 -15.72
N ARG H 10 -14.81 6.01 -15.94
CA ARG H 10 -14.72 4.64 -15.45
C ARG H 10 -13.65 3.82 -16.20
N HIS H 11 -13.64 3.87 -17.53
CA HIS H 11 -12.80 2.92 -18.25
C HIS H 11 -11.35 3.38 -18.34
N SER H 12 -11.07 4.34 -19.22
CA SER H 12 -9.76 4.99 -19.25
C SER H 12 -9.88 6.48 -19.52
N ALA H 13 -10.79 6.84 -20.42
CA ALA H 13 -10.77 8.16 -21.04
C ALA H 13 -11.58 9.16 -20.22
N PRO H 14 -11.23 10.45 -20.26
CA PRO H 14 -12.10 11.45 -19.65
C PRO H 14 -13.40 11.59 -20.42
N CYS H 15 -14.48 11.90 -19.69
CA CYS H 15 -15.80 12.03 -20.29
C CYS H 15 -16.64 12.95 -19.42
N PHE H 16 -17.90 13.10 -19.81
CA PHE H 16 -18.85 13.90 -19.04
C PHE H 16 -19.54 13.03 -18.01
N SER H 17 -19.33 13.35 -16.74
CA SER H 17 -19.93 12.63 -15.62
C SER H 17 -20.62 13.62 -14.70
N PRO H 18 -21.79 13.27 -14.16
CA PRO H 18 -22.52 14.21 -13.30
C PRO H 18 -22.09 14.20 -11.84
N ILE H 19 -21.05 13.47 -11.49
CA ILE H 19 -20.59 13.44 -10.10
C ILE H 19 -19.13 13.91 -10.19
N LYS H 20 -18.89 14.87 -11.10
CA LYS H 20 -17.54 15.41 -11.28
C LYS H 20 -17.10 16.18 -10.04
N ILE H 21 -15.89 15.89 -9.58
CA ILE H 21 -15.31 16.56 -8.42
C ILE H 21 -14.64 17.84 -8.89
N GLU H 22 -15.05 18.98 -8.33
CA GLU H 22 -14.36 20.22 -8.59
C GLU H 22 -13.05 20.31 -7.81
N ASN H 23 -13.13 20.22 -6.49
CA ASN H 23 -11.97 20.30 -5.61
C ASN H 23 -12.25 19.60 -4.28
N VAL H 24 -11.19 19.32 -3.54
CA VAL H 24 -11.30 18.79 -2.18
C VAL H 24 -10.45 19.66 -1.27
N TRP H 25 -10.74 19.61 0.02
CA TRP H 25 -9.92 20.27 1.04
C TRP H 25 -9.47 19.24 2.06
N ASP H 26 -8.21 19.36 2.50
CA ASP H 26 -7.59 18.40 3.39
C ASP H 26 -6.95 19.10 4.61
N GLU H 27 -7.59 20.17 5.06
CA GLU H 27 -7.04 20.98 6.14
C GLU H 27 -7.43 20.47 7.52
N SER H 28 -8.21 19.39 7.61
CA SER H 28 -8.58 18.85 8.91
C SER H 28 -7.40 18.13 9.56
N ASP H 29 -7.33 18.25 10.88
CA ASP H 29 -6.24 17.64 11.64
C ASP H 29 -6.44 16.15 11.89
N ASP H 30 -7.65 15.63 11.71
CA ASP H 30 -7.93 14.22 11.92
C ASP H 30 -7.85 13.40 10.64
N GLY H 31 -7.47 14.01 9.53
CA GLY H 31 -7.31 13.33 8.26
C GLY H 31 -8.55 13.31 7.39
N SER H 32 -9.67 13.81 7.87
CA SER H 32 -10.89 13.83 7.06
C SER H 32 -10.79 14.86 5.95
N ILE H 33 -11.37 14.54 4.81
CA ILE H 33 -11.44 15.45 3.67
C ILE H 33 -12.90 15.68 3.32
N ARG H 34 -13.17 16.82 2.68
CA ARG H 34 -14.50 17.13 2.17
C ARG H 34 -14.43 17.20 0.65
N ILE H 35 -15.47 16.71 -0.01
CA ILE H 35 -15.48 16.53 -1.46
C ILE H 35 -16.63 17.34 -2.04
N GLN H 36 -16.32 18.23 -2.98
CA GLN H 36 -17.32 19.02 -3.68
C GLN H 36 -17.59 18.38 -5.03
N VAL H 37 -18.85 18.00 -5.27
CA VAL H 37 -19.23 17.38 -6.53
C VAL H 37 -20.26 18.25 -7.23
N SER H 38 -20.65 17.85 -8.44
CA SER H 38 -21.58 18.62 -9.26
C SER H 38 -23.03 18.21 -9.07
N ALA H 39 -23.31 17.20 -8.25
CA ALA H 39 -24.67 16.74 -8.02
C ALA H 39 -25.17 17.21 -6.64
N GLN H 40 -26.45 16.94 -6.39
CA GLN H 40 -27.08 17.22 -5.09
C GLN H 40 -27.01 15.97 -4.23
N PHE H 41 -26.85 16.17 -2.93
CA PHE H 41 -26.87 15.09 -1.95
C PHE H 41 -27.71 15.49 -0.76
N GLY H 42 -28.80 14.76 -0.54
CA GLY H 42 -29.74 15.05 0.53
C GLY H 42 -31.01 15.75 0.11
N TYR H 43 -31.25 15.92 -1.19
CA TYR H 43 -32.49 16.51 -1.69
C TYR H 43 -33.03 15.66 -2.83
N ASN H 44 -34.35 15.51 -2.88
CA ASN H 44 -35.00 14.66 -3.86
C ASN H 44 -35.09 15.39 -5.21
N GLN H 45 -35.84 14.80 -6.15
CA GLN H 45 -35.95 15.37 -7.49
C GLN H 45 -36.74 16.67 -7.47
N ALA H 46 -37.66 16.81 -6.52
CA ALA H 46 -38.38 18.07 -6.37
C ALA H 46 -37.59 19.11 -5.60
N GLY H 47 -36.53 18.71 -4.90
CA GLY H 47 -35.72 19.62 -4.13
C GLY H 47 -36.05 19.68 -2.65
N THR H 48 -37.04 18.92 -2.20
CA THR H 48 -37.38 18.87 -0.78
C THR H 48 -36.28 18.17 0.00
N ALA H 49 -35.97 18.70 1.18
CA ALA H 49 -34.91 18.14 2.01
C ALA H 49 -35.32 16.78 2.57
N ASP H 50 -34.57 15.75 2.21
CA ASP H 50 -34.84 14.39 2.67
C ASP H 50 -33.50 13.67 2.74
N VAL H 51 -33.17 13.13 3.91
CA VAL H 51 -31.83 12.62 4.14
C VAL H 51 -31.68 11.19 3.62
N THR H 52 -32.71 10.63 2.98
CA THR H 52 -32.64 9.23 2.57
C THR H 52 -32.36 9.03 1.08
N LYS H 53 -32.34 10.10 0.28
CA LYS H 53 -32.16 9.96 -1.17
C LYS H 53 -31.68 11.28 -1.75
N PHE H 54 -31.05 11.20 -2.94
CA PHE H 54 -30.53 12.36 -3.62
C PHE H 54 -31.01 12.40 -5.07
N ARG H 55 -30.57 13.43 -5.79
CA ARG H 55 -30.89 13.63 -7.19
C ARG H 55 -29.61 13.93 -7.98
N TYR H 56 -29.67 13.67 -9.28
CA TYR H 56 -28.51 13.83 -10.16
C TYR H 56 -29.00 14.10 -11.59
N MET H 57 -28.06 14.14 -12.52
CA MET H 57 -28.35 14.41 -13.93
C MET H 57 -28.38 13.12 -14.73
N SER H 58 -29.45 12.92 -15.50
CA SER H 58 -29.61 11.71 -16.28
C SER H 58 -28.81 11.78 -17.58
N PHE H 59 -28.52 10.62 -18.14
CA PHE H 59 -27.82 10.49 -19.42
C PHE H 59 -28.78 10.35 -20.58
N ASP H 60 -29.65 11.34 -20.79
CA ASP H 60 -30.62 11.30 -21.87
C ASP H 60 -30.68 12.66 -22.57
N HIS H 61 -31.44 12.70 -23.67
CA HIS H 61 -31.57 13.91 -24.47
C HIS H 61 -32.53 14.92 -23.86
N ASP H 62 -33.34 14.53 -22.88
CA ASP H 62 -34.26 15.45 -22.24
C ASP H 62 -33.65 16.12 -21.01
N HIS H 63 -32.53 15.59 -20.51
CA HIS H 63 -31.71 16.11 -19.40
C HIS H 63 -32.53 16.44 -18.15
N ASP H 64 -33.49 15.57 -17.84
CA ASP H 64 -34.32 15.74 -16.66
C ASP H 64 -33.64 15.15 -15.43
N ILE H 65 -34.29 15.33 -14.28
CA ILE H 65 -33.70 14.98 -12.99
C ILE H 65 -34.25 13.64 -12.52
N LYS H 66 -33.35 12.74 -12.11
CA LYS H 66 -33.71 11.43 -11.59
C LYS H 66 -33.34 11.32 -10.12
N GLU H 67 -33.47 10.11 -9.56
CA GLU H 67 -33.38 9.92 -8.12
C GLU H 67 -32.60 8.63 -7.82
N ASP H 68 -31.83 8.66 -6.73
CA ASP H 68 -31.01 7.53 -6.30
C ASP H 68 -30.72 7.78 -4.81
N SER H 69 -30.21 6.75 -4.12
CA SER H 69 -30.07 6.82 -2.66
C SER H 69 -28.60 6.70 -2.21
N MET H 70 -28.40 6.67 -0.88
CA MET H 70 -27.04 6.65 -0.35
C MET H 70 -26.36 5.30 -0.52
N ASP H 71 -27.13 4.21 -0.58
CA ASP H 71 -26.55 2.88 -0.44
C ASP H 71 -25.75 2.42 -1.64
N LYS H 72 -25.71 3.22 -2.71
CA LYS H 72 -24.98 2.88 -3.92
C LYS H 72 -23.81 3.82 -4.19
N ILE H 73 -23.43 4.69 -3.24
CA ILE H 73 -22.27 5.56 -3.39
C ILE H 73 -21.05 4.89 -2.74
N ALA H 74 -19.90 5.03 -3.38
CA ALA H 74 -18.65 4.53 -2.84
C ALA H 74 -17.62 5.64 -2.88
N ILE H 75 -16.94 5.85 -1.74
CA ILE H 75 -15.86 6.82 -1.64
C ILE H 75 -14.59 6.06 -1.33
N SER H 76 -13.53 6.28 -2.12
CA SER H 76 -12.32 5.49 -1.96
C SER H 76 -11.10 6.31 -2.35
N THR H 77 -10.01 6.09 -1.64
CA THR H 77 -8.68 6.57 -2.03
C THR H 77 -7.75 5.41 -2.35
N SER H 78 -7.55 4.52 -1.40
CA SER H 78 -6.96 3.20 -1.62
C SER H 78 -7.83 2.09 -1.10
N GLY H 79 -8.49 2.30 0.05
CA GLY H 79 -9.57 1.47 0.50
C GLY H 79 -10.84 2.30 0.56
N PRO H 80 -11.97 1.67 0.90
CA PRO H 80 -13.22 2.43 1.03
C PRO H 80 -13.17 3.42 2.19
N CYS H 81 -13.81 4.57 2.00
CA CYS H 81 -13.87 5.62 3.00
C CYS H 81 -15.13 5.50 3.84
N ARG H 82 -15.18 6.21 4.96
CA ARG H 82 -16.34 6.19 5.83
C ARG H 82 -17.10 7.50 5.73
N ARG H 83 -18.25 7.46 5.05
CA ARG H 83 -19.09 8.65 4.87
C ARG H 83 -19.81 8.99 6.17
N LEU H 84 -19.87 10.28 6.50
CA LEU H 84 -20.53 10.72 7.72
C LEU H 84 -21.53 11.85 7.52
N GLY H 85 -21.33 12.73 6.54
CA GLY H 85 -22.25 13.84 6.35
C GLY H 85 -22.14 14.43 4.97
N HIS H 86 -23.22 15.11 4.55
CA HIS H 86 -23.31 15.65 3.20
C HIS H 86 -24.41 16.71 3.14
N LYS H 87 -24.15 17.77 2.38
CA LYS H 87 -25.19 18.70 1.96
C LYS H 87 -24.94 19.08 0.50
N GLY H 88 -25.87 18.70 -0.37
CA GLY H 88 -25.90 19.15 -1.75
C GLY H 88 -24.67 18.84 -2.58
N TYR H 89 -23.89 19.87 -2.88
CA TYR H 89 -22.64 19.75 -3.62
C TYR H 89 -21.54 19.09 -2.82
N PHE H 90 -21.64 19.08 -1.49
CA PHE H 90 -20.49 18.76 -0.64
C PHE H 90 -20.74 17.49 0.16
N LEU H 91 -19.67 16.71 0.31
CA LEU H 91 -19.63 15.53 1.16
C LEU H 91 -18.47 15.66 2.13
N LEU H 92 -18.28 14.62 2.94
CA LEU H 92 -17.11 14.50 3.80
C LEU H 92 -16.95 13.04 4.18
N ALA H 93 -15.71 12.57 4.27
CA ALA H 93 -15.44 11.18 4.61
C ALA H 93 -14.08 11.07 5.28
N GLN H 94 -13.91 10.00 6.05
CA GLN H 94 -12.63 9.63 6.63
C GLN H 94 -11.97 8.61 5.72
N CYS H 95 -10.74 8.90 5.28
CA CYS H 95 -10.13 8.09 4.23
C CYS H 95 -8.72 7.64 4.60
N PRO H 96 -8.31 6.48 4.11
CA PRO H 96 -6.90 6.04 4.26
C PRO H 96 -6.00 6.87 3.36
N PRO H 97 -4.68 6.87 3.63
CA PRO H 97 -3.76 7.62 2.75
C PRO H 97 -3.71 7.04 1.35
N GLY H 98 -3.44 7.92 0.38
CA GLY H 98 -3.38 7.52 -1.00
C GLY H 98 -2.90 8.66 -1.86
N ASP H 99 -2.93 8.43 -3.17
CA ASP H 99 -2.47 9.44 -4.13
C ASP H 99 -3.60 10.05 -4.95
N SER H 100 -4.84 9.62 -4.73
CA SER H 100 -5.99 10.17 -5.43
C SER H 100 -7.24 9.91 -4.61
N VAL H 101 -8.35 10.51 -5.04
CA VAL H 101 -9.65 10.31 -4.41
C VAL H 101 -10.65 9.97 -5.50
N THR H 102 -11.59 9.06 -5.20
CA THR H 102 -12.56 8.58 -6.15
C THR H 102 -13.97 8.72 -5.59
N VAL H 103 -14.91 9.07 -6.47
CA VAL H 103 -16.34 9.02 -6.18
C VAL H 103 -16.97 8.14 -7.25
N SER H 104 -17.95 7.32 -6.86
CA SER H 104 -18.58 6.40 -7.79
C SER H 104 -19.97 6.02 -7.32
N ILE H 105 -20.96 6.14 -8.20
CA ILE H 105 -22.28 5.59 -8.00
C ILE H 105 -22.32 4.21 -8.65
N THR H 106 -23.13 3.31 -8.10
CA THR H 106 -23.26 1.94 -8.60
C THR H 106 -24.74 1.64 -8.82
N SER H 107 -25.27 2.09 -9.96
CA SER H 107 -26.69 1.91 -10.28
C SER H 107 -26.89 0.53 -10.89
N GLY H 108 -26.84 -0.48 -10.02
CA GLY H 108 -26.94 -1.87 -10.45
C GLY H 108 -25.73 -2.31 -11.25
N ALA H 109 -25.96 -2.66 -12.51
CA ALA H 109 -24.89 -3.07 -13.41
C ALA H 109 -24.30 -1.90 -14.20
N SER H 110 -24.87 -0.71 -14.07
CA SER H 110 -24.39 0.49 -14.77
C SER H 110 -23.83 1.44 -13.73
N GLU H 111 -22.53 1.35 -13.48
CA GLU H 111 -21.85 2.20 -12.51
C GLU H 111 -20.98 3.22 -13.22
N ASN H 112 -20.86 4.41 -12.64
CA ASN H 112 -20.06 5.49 -13.17
C ASN H 112 -19.13 6.00 -12.08
N SER H 113 -17.86 6.22 -12.42
CA SER H 113 -16.85 6.63 -11.46
C SER H 113 -16.14 7.88 -11.96
N CYS H 114 -15.77 8.74 -11.02
CA CYS H 114 -15.00 9.95 -11.30
C CYS H 114 -13.76 9.96 -10.42
N THR H 115 -12.63 10.35 -11.01
CA THR H 115 -11.35 10.35 -10.32
C THR H 115 -10.62 11.67 -10.58
N VAL H 116 -10.12 12.29 -9.51
CA VAL H 116 -9.28 13.47 -9.60
C VAL H 116 -8.03 13.22 -8.76
N GLU H 117 -6.89 13.70 -9.22
CA GLU H 117 -5.63 13.46 -8.53
C GLU H 117 -5.44 14.49 -7.41
N LYS H 118 -5.06 14.00 -6.23
CA LYS H 118 -4.74 14.84 -5.08
C LYS H 118 -3.97 13.99 -4.09
N LYS H 119 -2.81 14.49 -3.66
CA LYS H 119 -1.97 13.79 -2.70
C LYS H 119 -2.60 13.89 -1.31
N ILE H 120 -3.36 12.85 -0.94
CA ILE H 120 -3.93 12.75 0.39
C ILE H 120 -2.90 12.08 1.29
N ARG H 121 -2.14 12.88 2.02
CA ARG H 121 -1.16 12.38 2.97
C ARG H 121 -1.70 12.49 4.38
N ARG H 122 -1.44 11.46 5.18
CA ARG H 122 -1.96 11.44 6.54
C ARG H 122 -1.16 12.40 7.41
N LYS H 123 -1.84 13.10 8.32
CA LYS H 123 -1.22 14.12 9.14
C LYS H 123 -1.50 13.84 10.60
N PHE H 124 -0.84 14.59 11.48
CA PHE H 124 -0.99 14.47 12.92
C PHE H 124 -0.88 15.85 13.55
N VAL H 125 -1.06 15.91 14.86
CA VAL H 125 -0.85 17.12 15.65
C VAL H 125 0.15 16.80 16.75
N GLY H 126 0.76 17.83 17.30
CA GLY H 126 1.75 17.67 18.34
C GLY H 126 3.13 17.46 17.77
N ARG H 127 4.01 16.91 18.61
CA ARG H 127 5.38 16.61 18.22
C ARG H 127 5.63 15.11 18.08
N GLU H 128 4.58 14.30 18.07
CA GLU H 128 4.72 12.84 18.06
C GLU H 128 3.83 12.27 16.96
N GLU H 129 4.32 11.24 16.28
CA GLU H 129 3.54 10.64 15.21
C GLU H 129 2.88 9.35 15.73
N TYR H 130 1.64 9.13 15.28
CA TYR H 130 0.74 8.14 15.83
C TYR H 130 -0.22 7.67 14.75
N LEU H 131 -0.70 6.42 14.89
CA LEU H 131 -1.72 5.88 14.00
C LEU H 131 -3.14 6.16 14.48
N PHE H 132 -3.49 5.72 15.69
CA PHE H 132 -4.84 5.92 16.17
C PHE H 132 -4.77 6.58 17.54
N PRO H 133 -5.74 7.41 17.91
CA PRO H 133 -5.61 8.24 19.14
C PRO H 133 -5.57 7.40 20.40
N PRO H 134 -4.57 7.62 21.25
CA PRO H 134 -4.44 6.85 22.48
C PRO H 134 -5.52 7.16 23.49
N VAL H 135 -5.70 6.24 24.43
CA VAL H 135 -6.64 6.46 25.53
C VAL H 135 -6.11 7.53 26.48
N HIS H 136 -4.79 7.70 26.56
CA HIS H 136 -4.16 8.63 27.48
C HIS H 136 -3.23 9.57 26.73
N GLY H 137 -3.19 10.83 27.19
CA GLY H 137 -2.16 11.74 26.75
C GLY H 137 -2.53 13.16 27.11
N LYS H 138 -1.70 14.09 26.65
CA LYS H 138 -1.96 15.51 26.82
C LYS H 138 -3.15 15.93 25.98
N LEU H 139 -3.95 16.85 26.51
CA LEU H 139 -5.10 17.40 25.81
C LEU H 139 -4.67 18.71 25.17
N VAL H 140 -4.60 18.73 23.84
CA VAL H 140 -4.02 19.85 23.12
C VAL H 140 -5.08 20.39 22.16
N LYS H 141 -4.88 21.60 21.64
CA LYS H 141 -5.83 22.22 20.72
C LYS H 141 -5.50 21.82 19.30
N CYS H 142 -6.48 21.23 18.61
CA CYS H 142 -6.39 21.03 17.16
C CYS H 142 -7.71 21.49 16.55
N HIS H 143 -7.75 21.49 15.21
CA HIS H 143 -8.94 21.95 14.49
C HIS H 143 -9.39 20.85 13.55
N VAL H 144 -10.64 20.41 13.71
CA VAL H 144 -11.21 19.35 12.90
C VAL H 144 -12.43 19.90 12.16
N TYR H 145 -12.81 19.19 11.10
CA TYR H 145 -14.05 19.51 10.39
C TYR H 145 -15.24 19.11 11.24
N ASP H 146 -16.25 19.98 11.28
CA ASP H 146 -17.39 19.77 12.17
C ASP H 146 -18.27 18.67 11.57
N HIS H 147 -18.63 17.70 12.41
CA HIS H 147 -19.45 16.58 11.95
C HIS H 147 -20.91 16.99 11.76
N LEU H 148 -21.36 18.03 12.44
CA LEU H 148 -22.74 18.50 12.31
C LEU H 148 -22.89 19.21 10.97
N LYS H 149 -23.97 18.91 10.26
CA LYS H 149 -24.17 19.43 8.91
C LYS H 149 -24.59 20.90 8.89
N GLU H 150 -25.32 21.37 9.90
CA GLU H 150 -25.96 22.68 9.86
C GLU H 150 -25.04 23.84 10.30
N THR H 151 -23.82 23.83 9.77
CA THR H 151 -22.83 24.89 10.00
C THR H 151 -22.31 25.37 8.65
N SER H 152 -21.76 26.59 8.63
CA SER H 152 -21.30 27.20 7.39
C SER H 152 -19.83 27.58 7.52
N ALA H 153 -19.08 27.33 6.46
CA ALA H 153 -17.68 27.75 6.38
C ALA H 153 -17.45 28.88 5.40
N GLY H 154 -18.45 29.26 4.63
CA GLY H 154 -18.29 30.31 3.64
C GLY H 154 -19.43 30.26 2.63
N TYR H 155 -19.16 30.85 1.46
CA TYR H 155 -20.15 30.92 0.40
C TYR H 155 -19.50 30.57 -0.93
N ILE H 156 -20.31 30.04 -1.85
CA ILE H 156 -19.92 29.84 -3.24
C ILE H 156 -20.95 30.55 -4.11
N THR H 157 -20.54 30.91 -5.32
CA THR H 157 -21.39 31.69 -6.22
C THR H 157 -21.93 30.79 -7.33
N MET H 158 -23.25 30.76 -7.47
CA MET H 158 -23.91 30.04 -8.56
C MET H 158 -24.56 31.04 -9.51
N HIS H 159 -24.77 30.59 -10.74
CA HIS H 159 -25.35 31.40 -11.79
C HIS H 159 -26.41 30.59 -12.53
N ARG H 160 -27.24 31.29 -13.30
CA ARG H 160 -28.22 30.65 -14.16
C ARG H 160 -27.51 29.93 -15.32
N PRO H 161 -28.01 28.78 -15.75
CA PRO H 161 -27.33 28.01 -16.80
C PRO H 161 -27.43 28.68 -18.16
N GLY H 162 -26.39 28.48 -18.97
CA GLY H 162 -26.34 28.99 -20.31
C GLY H 162 -26.97 28.03 -21.31
N PRO H 163 -26.76 28.28 -22.60
CA PRO H 163 -27.34 27.41 -23.63
C PRO H 163 -26.56 26.11 -23.76
N HIS H 164 -27.18 25.01 -23.33
CA HIS H 164 -26.60 23.68 -23.45
C HIS H 164 -27.21 23.01 -24.67
N ALA H 165 -26.39 22.80 -25.69
CA ALA H 165 -26.87 22.33 -26.98
C ALA H 165 -27.05 20.81 -26.98
N TYR H 166 -27.63 20.32 -28.07
CA TYR H 166 -27.88 18.88 -28.24
C TYR H 166 -27.86 18.55 -29.72
N LYS H 167 -27.64 17.26 -30.01
CA LYS H 167 -27.75 16.74 -31.37
C LYS H 167 -29.07 16.05 -31.65
N SER H 168 -29.65 15.38 -30.65
CA SER H 168 -30.86 14.59 -30.84
C SER H 168 -32.10 15.44 -31.13
N TYR H 169 -32.05 16.74 -30.79
CA TYR H 169 -33.13 17.64 -31.18
C TYR H 169 -33.16 17.86 -32.68
N LEU H 170 -31.99 17.91 -33.31
CA LEU H 170 -31.88 18.22 -34.73
C LEU H 170 -31.86 16.94 -35.55
N GLU H 171 -32.61 16.92 -36.64
CA GLU H 171 -32.68 15.78 -37.53
C GLU H 171 -32.43 16.24 -38.95
N GLU H 172 -31.68 15.45 -39.71
CA GLU H 172 -31.33 15.77 -41.10
C GLU H 172 -32.01 14.78 -42.03
N ALA H 173 -32.76 15.29 -43.00
CA ALA H 173 -33.45 14.44 -43.97
C ALA H 173 -33.69 15.22 -45.24
N SER H 174 -33.26 14.63 -46.36
CA SER H 174 -33.44 15.15 -47.72
C SER H 174 -32.86 16.55 -47.88
N GLY H 175 -31.69 16.78 -47.26
CA GLY H 175 -31.04 18.07 -47.35
C GLY H 175 -31.73 19.17 -46.58
N GLU H 176 -32.55 18.81 -45.60
CA GLU H 176 -33.32 19.76 -44.83
C GLU H 176 -33.08 19.55 -43.34
N VAL H 177 -33.33 20.59 -42.56
CA VAL H 177 -33.10 20.58 -41.12
C VAL H 177 -34.43 20.73 -40.39
N TYR H 178 -34.48 20.17 -39.18
CA TYR H 178 -35.64 20.27 -38.31
C TYR H 178 -35.19 20.32 -36.86
N ILE H 179 -36.12 20.68 -35.99
CA ILE H 179 -35.96 20.58 -34.54
C ILE H 179 -37.17 19.82 -34.01
N LYS H 180 -36.93 18.77 -33.22
CA LYS H 180 -37.98 17.95 -32.63
C LYS H 180 -37.95 18.12 -31.13
N PRO H 181 -38.69 19.08 -30.57
CA PRO H 181 -38.69 19.31 -29.13
C PRO H 181 -39.52 18.27 -28.41
N PRO H 182 -39.37 18.15 -27.10
CA PRO H 182 -40.30 17.32 -26.31
C PRO H 182 -41.68 17.96 -26.26
N SER H 183 -42.66 17.17 -25.82
CA SER H 183 -44.06 17.59 -25.82
C SER H 183 -44.30 18.58 -24.70
N GLY H 184 -44.83 19.76 -25.05
CA GLY H 184 -45.16 20.78 -24.09
C GLY H 184 -44.00 21.66 -23.67
N LYS H 185 -42.81 21.39 -24.20
CA LYS H 185 -41.60 22.18 -23.82
C LYS H 185 -41.17 23.05 -25.00
N ASN H 186 -41.32 24.37 -24.89
CA ASN H 186 -40.90 25.30 -25.97
C ASN H 186 -39.37 25.28 -26.08
N VAL H 187 -38.83 25.11 -27.29
CA VAL H 187 -37.36 25.04 -27.50
C VAL H 187 -36.92 26.34 -28.17
N THR H 188 -35.69 26.79 -27.88
CA THR H 188 -35.18 27.99 -28.55
C THR H 188 -34.04 27.63 -29.48
N TYR H 189 -34.11 28.13 -30.72
CA TYR H 189 -33.06 27.89 -31.69
C TYR H 189 -32.49 29.23 -32.13
N GLU H 190 -31.24 29.19 -32.57
CA GLU H 190 -30.57 30.35 -33.14
C GLU H 190 -29.45 29.86 -34.03
N CYS H 191 -29.57 30.17 -35.33
CA CYS H 191 -28.52 29.78 -36.26
C CYS H 191 -28.54 30.65 -37.50
N LYS H 192 -27.49 30.48 -38.30
CA LYS H 192 -27.20 31.31 -39.47
C LYS H 192 -26.98 30.35 -40.64
N CYS H 193 -27.99 30.24 -41.49
CA CYS H 193 -27.91 29.49 -42.74
C CYS H 193 -28.31 30.45 -43.86
N GLY H 194 -27.69 31.62 -43.88
CA GLY H 194 -28.23 32.77 -44.59
C GLY H 194 -28.19 33.99 -43.70
N ASP H 195 -29.35 34.51 -43.33
CA ASP H 195 -29.40 35.68 -42.45
C ASP H 195 -29.47 35.23 -40.99
N TYR H 196 -29.26 36.19 -40.09
CA TYR H 196 -29.32 35.94 -38.65
C TYR H 196 -30.76 35.61 -38.24
N SER H 197 -30.95 34.52 -37.51
CA SER H 197 -32.30 34.02 -37.28
C SER H 197 -32.42 33.37 -35.91
N THR H 198 -33.39 33.84 -35.13
CA THR H 198 -33.79 33.25 -33.86
C THR H 198 -35.19 32.65 -34.01
N GLY H 199 -35.77 32.18 -32.90
CA GLY H 199 -37.14 31.70 -32.90
C GLY H 199 -37.45 30.89 -31.68
N ILE H 200 -38.75 30.88 -31.35
CA ILE H 200 -39.29 30.10 -30.23
C ILE H 200 -40.37 29.18 -30.78
N VAL H 201 -40.16 27.86 -30.63
CA VAL H 201 -40.97 26.84 -31.29
C VAL H 201 -41.27 25.72 -30.29
N SER H 202 -42.53 25.27 -30.28
CA SER H 202 -42.96 24.16 -29.42
C SER H 202 -43.23 22.87 -30.20
N THR H 203 -43.38 22.93 -31.51
CA THR H 203 -43.78 21.79 -32.34
C THR H 203 -42.67 21.46 -33.35
N ARG H 204 -43.02 20.60 -34.32
CA ARG H 204 -42.13 20.33 -35.44
C ARG H 204 -42.32 21.38 -36.53
N THR H 205 -41.29 22.21 -36.76
CA THR H 205 -41.39 23.36 -37.65
C THR H 205 -40.21 23.38 -38.61
N LYS H 206 -40.48 23.70 -39.88
CA LYS H 206 -39.47 23.73 -40.92
C LYS H 206 -38.95 25.16 -41.12
N MET H 207 -37.64 25.27 -41.28
CA MET H 207 -36.97 26.55 -41.51
C MET H 207 -36.23 26.47 -42.83
N ASN H 208 -36.25 27.57 -43.59
CA ASN H 208 -35.91 27.52 -45.00
C ASN H 208 -34.47 27.93 -45.27
N GLY H 209 -33.88 27.32 -46.30
CA GLY H 209 -32.60 27.77 -46.83
C GLY H 209 -31.35 27.27 -46.15
N CYS H 210 -31.39 26.12 -45.49
CA CYS H 210 -30.22 25.55 -44.85
C CYS H 210 -30.05 24.11 -45.29
N THR H 211 -28.80 23.67 -45.45
CA THR H 211 -28.51 22.37 -46.04
C THR H 211 -27.56 21.49 -45.23
N LYS H 212 -26.89 22.05 -44.22
CA LYS H 212 -25.93 21.29 -43.41
C LYS H 212 -26.46 21.15 -41.99
N ALA H 213 -26.31 19.95 -41.43
CA ALA H 213 -26.82 19.68 -40.09
C ALA H 213 -25.97 20.31 -39.00
N LYS H 214 -24.71 20.61 -39.28
CA LYS H 214 -23.80 21.15 -38.27
C LYS H 214 -24.04 22.62 -37.98
N GLN H 215 -24.83 23.32 -38.79
CA GLN H 215 -24.93 24.77 -38.67
C GLN H 215 -25.99 25.24 -37.68
N CYS H 216 -26.76 24.37 -37.03
CA CYS H 216 -27.81 24.87 -36.16
C CYS H 216 -27.79 24.21 -34.79
N ILE H 217 -28.30 24.98 -33.82
CA ILE H 217 -28.20 24.70 -32.40
C ILE H 217 -29.59 24.82 -31.80
N ALA H 218 -30.00 23.81 -31.04
CA ALA H 218 -31.28 23.82 -30.35
C ALA H 218 -31.07 23.59 -28.87
N TYR H 219 -31.73 24.40 -28.04
CA TYR H 219 -31.63 24.25 -26.59
C TYR H 219 -32.91 24.77 -25.97
N LYS H 220 -33.37 24.09 -24.91
CA LYS H 220 -34.60 24.51 -24.20
C LYS H 220 -34.19 25.32 -22.96
N SER H 221 -34.92 26.39 -22.64
CA SER H 221 -34.61 27.19 -21.42
C SER H 221 -34.84 26.34 -20.17
N ASP H 222 -33.91 26.39 -19.21
CA ASP H 222 -34.02 25.59 -17.96
C ASP H 222 -33.77 26.52 -16.77
N GLN H 223 -34.72 27.42 -16.49
CA GLN H 223 -34.55 28.41 -15.39
C GLN H 223 -34.47 27.69 -14.05
N THR H 224 -35.25 26.63 -13.87
CA THR H 224 -35.26 25.85 -12.59
C THR H 224 -33.85 25.42 -12.24
N LYS H 225 -33.11 24.90 -13.21
CA LYS H 225 -31.76 24.33 -12.95
C LYS H 225 -30.85 25.42 -12.39
N TRP H 226 -30.04 24.80 -11.25
CA TRP H 226 -29.01 25.66 -10.58
C TRP H 226 -27.61 25.17 -10.96
N VAL H 227 -26.71 26.22 -11.55
CA VAL H 227 -25.36 25.64 -11.87
C VAL H 227 -24.26 26.45 -11.18
N PHE H 228 -23.13 25.81 -10.90
CA PHE H 228 -22.00 26.50 -10.21
C PHE H 228 -21.04 27.09 -11.24
N ASN H 229 -20.38 28.20 -10.89
CA ASN H 229 -19.36 28.80 -11.75
C ASN H 229 -18.18 27.86 -11.90
N SER H 230 -18.34 26.83 -12.73
CA SER H 230 -17.57 25.66 -13.15
C SER H 230 -16.84 25.94 -14.46
N PRO H 231 -15.62 25.42 -14.64
CA PRO H 231 -14.88 25.66 -15.89
C PRO H 231 -15.30 24.78 -17.06
N ASP H 232 -16.41 24.05 -16.96
CA ASP H 232 -16.85 23.16 -18.01
C ASP H 232 -18.14 23.63 -18.68
N LEU H 233 -18.63 24.82 -18.35
CA LEU H 233 -19.90 25.30 -18.83
C LEU H 233 -19.73 26.63 -19.56
N ILE H 234 -20.65 26.88 -20.51
CA ILE H 234 -20.74 28.19 -21.15
C ILE H 234 -21.84 29.00 -20.45
N ARG H 235 -21.42 30.14 -19.89
CA ARG H 235 -22.33 30.93 -19.06
C ARG H 235 -23.26 31.83 -19.88
N HIS H 236 -24.37 32.25 -19.28
CA HIS H 236 -25.30 33.19 -19.91
C HIS H 236 -24.59 34.53 -20.06
N THR H 237 -25.07 35.34 -21.00
CA THR H 237 -24.45 36.63 -21.32
C THR H 237 -24.46 37.59 -20.14
N ASP H 238 -25.55 37.58 -19.35
CA ASP H 238 -25.61 38.37 -18.13
C ASP H 238 -25.07 37.52 -16.99
N HIS H 239 -23.75 37.60 -16.79
CA HIS H 239 -23.06 36.81 -15.78
C HIS H 239 -22.86 37.58 -14.48
N SER H 240 -23.95 37.82 -13.77
CA SER H 240 -23.89 38.47 -12.47
C SER H 240 -24.11 37.45 -11.36
N VAL H 241 -23.62 37.78 -10.16
CA VAL H 241 -23.85 36.93 -9.01
C VAL H 241 -25.31 37.05 -8.58
N GLN H 242 -25.93 35.91 -8.26
CA GLN H 242 -27.35 35.88 -7.96
C GLN H 242 -27.73 35.08 -6.73
N GLY H 243 -26.95 34.08 -6.32
CA GLY H 243 -27.32 33.27 -5.17
C GLY H 243 -26.11 32.63 -4.56
N LYS H 244 -26.23 32.25 -3.27
CA LYS H 244 -25.08 31.65 -2.54
C LYS H 244 -25.52 30.67 -1.45
N LEU H 245 -25.06 29.42 -1.51
CA LEU H 245 -25.31 28.43 -0.49
C LEU H 245 -24.11 28.34 0.45
N HIS H 246 -24.33 27.76 1.63
CA HIS H 246 -23.27 27.61 2.60
C HIS H 246 -22.30 26.51 2.17
N ILE H 247 -21.05 26.67 2.56
CA ILE H 247 -20.09 25.56 2.49
C ILE H 247 -20.13 24.86 3.83
N PRO H 248 -20.65 23.64 3.91
CA PRO H 248 -20.87 23.00 5.21
C PRO H 248 -19.59 22.48 5.85
N PHE H 249 -19.71 22.02 7.10
CA PHE H 249 -18.64 21.40 7.89
C PHE H 249 -17.46 22.35 8.07
N ARG H 250 -17.71 23.43 8.81
CA ARG H 250 -16.70 24.44 9.09
C ARG H 250 -15.60 23.87 9.99
N LEU H 251 -14.37 24.30 9.74
CA LEU H 251 -13.21 23.90 10.53
C LEU H 251 -13.31 24.56 11.91
N THR H 252 -13.78 23.80 12.91
CA THR H 252 -14.08 24.29 14.24
C THR H 252 -12.97 23.94 15.23
N PRO H 253 -12.74 24.79 16.24
CA PRO H 253 -11.80 24.41 17.31
C PRO H 253 -12.40 23.43 18.29
N THR H 254 -11.62 22.40 18.62
CA THR H 254 -12.03 21.35 19.53
C THR H 254 -10.78 20.96 20.33
N VAL H 255 -10.96 20.52 21.58
CA VAL H 255 -9.86 19.96 22.35
C VAL H 255 -9.56 18.58 21.80
N CYS H 256 -8.26 18.24 21.74
CA CYS H 256 -7.82 17.09 20.98
C CYS H 256 -6.81 16.28 21.79
N PRO H 257 -6.85 14.95 21.68
CA PRO H 257 -5.84 14.14 22.37
C PRO H 257 -4.55 14.01 21.56
N VAL H 258 -3.43 14.00 22.26
CA VAL H 258 -2.11 13.80 21.65
C VAL H 258 -1.36 12.87 22.60
N PRO H 259 -0.51 11.96 22.11
CA PRO H 259 0.17 11.03 23.03
C PRO H 259 1.29 11.70 23.82
N LEU H 260 1.76 10.96 24.82
CA LEU H 260 2.92 11.34 25.63
C LEU H 260 3.91 10.18 25.63
N ALA H 261 5.18 10.48 25.37
CA ALA H 261 6.18 9.44 25.26
C ALA H 261 6.76 9.11 26.64
N HIS H 262 7.78 8.25 26.62
CA HIS H 262 8.48 7.85 27.85
C HIS H 262 9.34 9.00 28.36
N THR H 263 9.39 9.14 29.69
CA THR H 263 10.21 10.18 30.30
C THR H 263 11.70 9.82 30.14
N PRO H 264 12.56 10.78 29.83
CA PRO H 264 13.97 10.45 29.58
C PRO H 264 14.73 10.12 30.85
N THR H 265 15.82 9.38 30.67
CA THR H 265 16.75 9.06 31.74
C THR H 265 17.99 9.92 31.60
N VAL H 266 18.37 10.61 32.66
CA VAL H 266 19.43 11.61 32.64
C VAL H 266 20.66 11.06 33.35
N THR H 267 21.78 11.03 32.65
CA THR H 267 23.09 10.72 33.23
C THR H 267 23.90 12.01 33.28
N LYS H 268 24.51 12.28 34.43
CA LYS H 268 25.09 13.58 34.72
C LYS H 268 26.62 13.52 34.66
N TRP H 269 27.21 14.44 33.92
CA TRP H 269 28.65 14.58 33.82
C TRP H 269 29.01 16.06 33.73
N PHE H 270 30.32 16.35 33.68
CA PHE H 270 30.82 17.71 33.90
C PHE H 270 30.45 18.68 32.79
N LYS H 271 29.56 19.62 33.10
CA LYS H 271 29.04 20.64 32.17
C LYS H 271 28.44 20.01 30.92
N GLY H 272 27.54 19.06 31.15
CA GLY H 272 26.86 18.39 30.06
C GLY H 272 25.95 17.26 30.53
N ILE H 273 24.88 17.00 29.78
CA ILE H 273 23.94 15.94 30.11
C ILE H 273 23.83 15.00 28.92
N THR H 274 23.46 13.75 29.22
CA THR H 274 23.21 12.74 28.20
C THR H 274 21.85 12.12 28.48
N LEU H 275 20.95 12.20 27.51
CA LEU H 275 19.59 11.73 27.66
C LEU H 275 19.47 10.33 27.08
N HIS H 276 19.17 9.35 27.92
CA HIS H 276 18.86 8.01 27.45
C HIS H 276 17.40 8.01 27.01
N LEU H 277 17.17 7.91 25.71
CA LEU H 277 15.87 8.14 25.11
C LEU H 277 15.34 6.85 24.49
N THR H 278 14.06 6.59 24.70
CA THR H 278 13.36 5.50 24.03
C THR H 278 12.06 6.02 23.43
N ALA H 279 11.80 5.65 22.18
CA ALA H 279 10.61 6.10 21.46
C ALA H 279 10.33 5.09 20.36
N THR H 280 9.15 4.46 20.39
CA THR H 280 8.81 3.53 19.32
C THR H 280 8.41 4.26 18.05
N ARG H 281 8.16 5.57 18.14
CA ARG H 281 7.73 6.37 17.00
C ARG H 281 8.64 7.60 16.90
N PRO H 282 8.79 8.19 15.69
CA PRO H 282 9.59 9.41 15.58
C PRO H 282 8.95 10.62 16.27
N THR H 283 9.65 11.17 17.26
CA THR H 283 9.18 12.30 18.04
C THR H 283 10.21 13.41 18.02
N LEU H 284 9.76 14.64 18.28
CA LEU H 284 10.61 15.82 18.18
C LEU H 284 11.25 16.12 19.53
N LEU H 285 12.57 16.31 19.52
CA LEU H 285 13.34 16.74 20.68
C LEU H 285 13.99 18.07 20.36
N THR H 286 13.68 19.09 21.15
CA THR H 286 14.19 20.44 20.91
C THR H 286 14.85 20.97 22.18
N THR H 287 16.11 21.39 22.05
CA THR H 287 16.88 21.95 23.15
C THR H 287 17.31 23.37 22.81
N ARG H 288 17.44 24.19 23.85
CA ARG H 288 17.93 25.55 23.70
C ARG H 288 18.55 26.01 25.01
N LYS H 289 19.57 26.86 24.92
CA LYS H 289 20.26 27.34 26.10
C LYS H 289 19.52 28.54 26.70
N LEU H 290 19.89 28.88 27.94
CA LEU H 290 19.28 29.99 28.66
C LEU H 290 20.19 31.22 28.67
N GLY H 291 21.20 31.24 27.80
CA GLY H 291 22.16 32.32 27.79
C GLY H 291 22.01 33.27 26.61
N LEU H 292 23.10 33.91 26.21
CA LEU H 292 23.06 34.85 25.09
C LEU H 292 22.81 34.13 23.78
N ARG H 293 23.46 32.98 23.57
CA ARG H 293 23.27 32.18 22.37
C ARG H 293 22.32 31.03 22.69
N ALA H 294 21.29 30.87 21.85
CA ALA H 294 20.31 29.82 22.07
C ALA H 294 20.90 28.44 21.78
N ASP H 295 21.65 28.32 20.68
CA ASP H 295 22.25 27.07 20.20
C ASP H 295 21.21 25.96 20.04
N ALA H 296 20.17 26.26 19.27
CA ALA H 296 19.02 25.36 19.17
C ALA H 296 19.35 24.13 18.34
N THR H 297 19.00 22.97 18.89
CA THR H 297 19.14 21.69 18.21
C THR H 297 17.78 21.01 18.16
N ALA H 298 17.49 20.39 17.00
CA ALA H 298 16.21 19.73 16.78
C ALA H 298 16.40 18.57 15.82
N GLU H 299 15.91 17.40 16.21
CA GLU H 299 15.99 16.21 15.39
C GLU H 299 14.90 15.24 15.79
N TRP H 300 14.27 14.63 14.80
CA TRP H 300 13.27 13.59 15.03
C TRP H 300 13.99 12.27 15.28
N ILE H 301 13.66 11.60 16.39
CA ILE H 301 14.40 10.45 16.86
C ILE H 301 13.49 9.22 16.81
N THR H 302 13.95 8.19 16.12
CA THR H 302 13.25 6.91 16.03
C THR H 302 14.09 5.84 16.72
N GLY H 303 13.44 5.07 17.59
CA GLY H 303 14.17 4.04 18.31
C GLY H 303 14.87 4.60 19.55
N THR H 304 15.91 3.89 19.97
CA THR H 304 16.69 4.25 21.14
C THR H 304 18.04 4.80 20.71
N THR H 305 18.29 6.07 21.05
CA THR H 305 19.55 6.73 20.74
C THR H 305 19.88 7.66 21.90
N SER H 306 21.14 7.65 22.33
CA SER H 306 21.59 8.52 23.41
C SER H 306 22.32 9.71 22.81
N ARG H 307 21.96 10.90 23.26
CA ARG H 307 22.49 12.14 22.71
C ARG H 307 23.26 12.89 23.80
N ASN H 308 24.47 13.32 23.47
CA ASN H 308 25.32 14.07 24.39
C ASN H 308 25.06 15.56 24.20
N PHE H 309 24.51 16.20 25.23
CA PHE H 309 24.13 17.61 25.19
C PHE H 309 24.95 18.38 26.22
N SER H 310 25.76 19.31 25.73
CA SER H 310 26.58 20.15 26.61
C SER H 310 25.72 21.31 27.10
N VAL H 311 25.69 21.50 28.42
CA VAL H 311 24.91 22.56 29.05
C VAL H 311 25.87 23.63 29.56
N GLY H 312 25.41 24.88 29.58
CA GLY H 312 26.20 25.97 30.11
C GLY H 312 25.81 26.31 31.53
N ARG H 313 26.49 27.31 32.08
CA ARG H 313 26.19 27.75 33.44
C ARG H 313 24.84 28.45 33.51
N GLU H 314 24.49 29.21 32.46
CA GLU H 314 23.21 29.91 32.43
C GLU H 314 22.04 28.94 32.34
N GLY H 315 22.25 27.77 31.76
CA GLY H 315 21.28 26.71 31.75
C GLY H 315 20.97 26.23 30.35
N LEU H 316 20.08 25.24 30.28
CA LEU H 316 19.60 24.70 29.02
C LEU H 316 18.22 24.11 29.26
N GLU H 317 17.31 24.35 28.33
CA GLU H 317 15.95 23.82 28.40
C GLU H 317 15.73 22.86 27.25
N TYR H 318 15.33 21.63 27.57
CA TYR H 318 15.08 20.59 26.59
C TYR H 318 13.62 20.19 26.63
N VAL H 319 13.03 19.99 25.45
CA VAL H 319 11.63 19.62 25.31
C VAL H 319 11.59 18.24 24.66
N TRP H 320 11.18 17.24 25.43
CA TRP H 320 11.12 15.86 24.94
C TRP H 320 9.66 15.53 24.65
N GLY H 321 9.31 15.50 23.36
CA GLY H 321 7.95 15.25 22.94
C GLY H 321 7.03 16.39 23.33
N ASN H 322 5.80 16.02 23.68
CA ASN H 322 4.76 16.99 24.05
C ASN H 322 4.73 17.28 25.54
N HIS H 323 5.80 16.97 26.27
CA HIS H 323 5.83 17.17 27.72
C HIS H 323 6.09 18.63 28.06
N GLU H 324 6.02 18.92 29.36
CA GLU H 324 6.41 20.21 29.90
C GLU H 324 7.92 20.36 29.72
N PRO H 325 8.38 21.51 29.21
CA PRO H 325 9.82 21.77 29.16
C PRO H 325 10.47 21.80 30.53
N VAL H 326 11.65 21.20 30.63
CA VAL H 326 12.37 21.02 31.88
C VAL H 326 13.70 21.74 31.75
N ARG H 327 13.96 22.64 32.71
CA ARG H 327 15.20 23.45 32.67
C ARG H 327 16.24 22.87 33.63
N VAL H 328 17.47 22.73 33.16
CA VAL H 328 18.58 22.22 33.95
C VAL H 328 19.70 23.26 33.95
N TRP H 329 20.56 23.20 34.95
CA TRP H 329 21.68 24.12 35.09
C TRP H 329 22.93 23.37 35.51
N ALA H 330 24.07 23.81 34.98
CA ALA H 330 25.35 23.18 35.26
C ALA H 330 25.99 23.76 36.51
N GLN H 331 26.68 22.90 37.25
CA GLN H 331 27.39 23.31 38.46
C GLN H 331 28.86 23.55 38.13
N GLU H 332 29.69 23.73 39.16
CA GLU H 332 31.11 23.97 39.01
C GLU H 332 31.93 22.82 39.59
N SER H 333 31.52 21.59 39.31
CA SER H 333 32.15 20.40 39.86
C SER H 333 33.37 20.00 39.04
N ALA H 334 34.41 20.84 39.11
CA ALA H 334 35.65 20.60 38.38
C ALA H 334 36.50 19.54 39.08
N GLN I 1 -38.34 42.77 12.70
CA GLN I 1 -38.99 42.17 11.54
C GLN I 1 -38.81 43.04 10.31
N VAL I 2 -39.14 42.49 9.15
CA VAL I 2 -39.00 43.21 7.90
C VAL I 2 -40.34 43.84 7.52
N GLN I 3 -40.33 45.15 7.29
CA GLN I 3 -41.52 45.87 6.88
C GLN I 3 -41.24 46.59 5.57
N LEU I 4 -42.23 46.56 4.67
CA LEU I 4 -42.13 47.21 3.37
C LEU I 4 -43.28 48.20 3.23
N GLN I 5 -43.01 49.33 2.57
CA GLN I 5 -44.03 50.34 2.33
C GLN I 5 -43.84 50.90 0.93
N GLU I 6 -44.89 50.83 0.12
CA GLU I 6 -44.90 51.39 -1.22
C GLU I 6 -45.24 52.88 -1.16
N SER I 7 -44.63 53.65 -2.07
CA SER I 7 -44.86 55.11 -2.12
C SER I 7 -44.66 55.61 -3.56
N GLY I 8 -45.72 55.62 -4.37
CA GLY I 8 -45.62 56.05 -5.77
C GLY I 8 -46.78 56.94 -6.17
N PRO I 9 -46.67 57.77 -7.24
CA PRO I 9 -47.79 58.58 -7.71
C PRO I 9 -48.95 57.68 -8.16
N GLY I 10 -50.19 58.07 -7.85
CA GLY I 10 -51.34 57.21 -8.15
C GLY I 10 -51.92 57.45 -9.54
N LEU I 11 -51.58 58.56 -10.18
CA LEU I 11 -52.18 58.88 -11.47
C LEU I 11 -51.11 59.38 -12.41
N VAL I 12 -50.77 58.56 -13.42
CA VAL I 12 -49.67 58.95 -14.36
C VAL I 12 -50.22 58.94 -15.79
N LYS I 13 -49.74 59.86 -16.63
CA LYS I 13 -50.19 59.93 -18.03
C LYS I 13 -49.62 58.73 -18.80
N PRO I 14 -50.28 58.24 -19.87
CA PRO I 14 -49.73 57.16 -20.69
C PRO I 14 -48.49 57.64 -21.47
N SER I 15 -47.63 56.70 -21.91
CA SER I 15 -46.38 57.05 -22.63
C SER I 15 -45.49 57.92 -21.73
N GLU I 16 -45.45 57.61 -20.43
CA GLU I 16 -44.60 58.36 -19.49
C GLU I 16 -43.81 57.36 -18.63
N THR I 17 -42.64 57.78 -18.13
CA THR I 17 -41.80 56.88 -17.30
C THR I 17 -42.39 56.75 -15.90
N LEU I 18 -42.82 55.54 -15.51
CA LEU I 18 -43.37 55.32 -14.18
C LEU I 18 -42.25 55.00 -13.20
N SER I 19 -42.20 55.75 -12.09
CA SER I 19 -41.20 55.56 -11.05
C SER I 19 -41.92 55.32 -9.73
N LEU I 20 -41.66 54.17 -9.11
CA LEU I 20 -42.30 53.79 -7.86
C LEU I 20 -41.24 53.39 -6.84
N THR I 21 -41.55 53.65 -5.56
CA THR I 21 -40.58 53.52 -4.48
C THR I 21 -41.10 52.56 -3.41
N CYS I 22 -40.24 51.62 -3.01
CA CYS I 22 -40.45 50.78 -1.85
C CYS I 22 -39.26 50.89 -0.92
N ALA I 23 -39.49 51.36 0.30
CA ALA I 23 -38.44 51.46 1.30
C ALA I 23 -38.46 50.23 2.20
N VAL I 24 -37.28 49.86 2.71
CA VAL I 24 -37.10 48.67 3.52
C VAL I 24 -36.71 49.10 4.93
N SER I 25 -37.39 48.57 5.93
CA SER I 25 -37.09 48.85 7.32
C SER I 25 -36.97 47.55 8.10
N GLY I 26 -36.05 47.54 9.07
CA GLY I 26 -35.86 46.40 9.95
C GLY I 26 -34.80 45.42 9.51
N ASP I 27 -34.28 45.54 8.29
CA ASP I 27 -33.25 44.63 7.81
C ASP I 27 -32.44 45.35 6.73
N SER I 28 -31.23 44.86 6.51
CA SER I 28 -30.33 45.44 5.52
C SER I 28 -30.79 45.09 4.10
N ILE I 29 -30.32 45.85 3.12
CA ILE I 29 -30.76 45.69 1.74
C ILE I 29 -29.95 44.67 0.98
N SER I 30 -28.73 44.35 1.46
CA SER I 30 -27.75 43.63 0.67
C SER I 30 -27.78 42.11 0.82
N ASN I 31 -28.67 41.56 1.65
CA ASN I 31 -28.65 40.12 1.92
C ASN I 31 -30.02 39.47 1.70
N ASN I 32 -30.83 40.01 0.81
CA ASN I 32 -32.13 39.41 0.53
C ASN I 32 -32.52 39.79 -0.89
N TYR I 33 -33.37 38.96 -1.49
CA TYR I 33 -33.92 39.22 -2.82
C TYR I 33 -35.09 40.19 -2.70
N TRP I 34 -35.17 41.12 -3.65
CA TRP I 34 -36.15 42.19 -3.61
C TRP I 34 -36.96 42.17 -4.90
N THR I 35 -38.28 42.25 -4.78
CA THR I 35 -39.18 41.83 -5.83
C THR I 35 -40.35 42.81 -5.98
N TRP I 36 -40.70 43.12 -7.23
CA TRP I 36 -41.89 43.88 -7.56
C TRP I 36 -42.95 42.95 -8.16
N ILE I 37 -44.20 43.11 -7.73
CA ILE I 37 -45.34 42.31 -8.18
C ILE I 37 -46.50 43.24 -8.49
N ARG I 38 -47.11 43.07 -9.68
CA ARG I 38 -48.26 43.83 -10.11
C ARG I 38 -49.53 43.00 -9.93
N HIS I 39 -50.69 43.66 -9.89
CA HIS I 39 -51.98 42.95 -9.71
C HIS I 39 -53.12 43.79 -10.30
N PHE I 40 -53.38 43.64 -11.61
CA PHE I 40 -54.44 44.43 -12.28
C PHE I 40 -55.80 44.06 -11.68
N PRO I 41 -56.69 45.03 -11.40
CA PRO I 41 -58.04 44.73 -10.91
C PRO I 41 -58.85 43.98 -11.98
N GLY I 42 -59.61 42.97 -11.57
CA GLY I 42 -60.39 42.18 -12.53
C GLY I 42 -59.51 41.12 -13.21
N LYS I 43 -58.27 41.00 -12.75
CA LYS I 43 -57.32 40.01 -13.34
C LYS I 43 -56.55 39.35 -12.19
N GLY I 44 -55.33 38.88 -12.46
CA GLY I 44 -54.53 38.26 -11.42
C GLY I 44 -53.15 38.87 -11.32
N LEU I 45 -52.32 38.25 -10.49
CA LEU I 45 -50.95 38.69 -10.26
C LEU I 45 -50.07 38.37 -11.46
N GLU I 46 -49.02 39.15 -11.65
CA GLU I 46 -48.07 38.94 -12.73
C GLU I 46 -46.68 39.36 -12.25
N TRP I 47 -45.66 38.67 -12.74
CA TRP I 47 -44.28 38.95 -12.36
C TRP I 47 -43.79 40.22 -13.03
N ILE I 48 -42.96 40.99 -12.34
CA ILE I 48 -42.28 42.14 -12.91
C ILE I 48 -40.79 41.89 -13.05
N GLY I 49 -40.10 41.68 -11.93
CA GLY I 49 -38.67 41.49 -11.93
C GLY I 49 -38.15 41.40 -10.52
N ARG I 50 -36.84 41.20 -10.41
CA ARG I 50 -36.21 41.13 -9.10
C ARG I 50 -34.78 41.64 -9.19
N ILE I 51 -34.22 41.98 -8.02
CA ILE I 51 -32.84 42.42 -7.91
C ILE I 51 -32.25 41.74 -6.67
N TYR I 52 -30.93 41.51 -6.69
CA TYR I 52 -30.20 41.04 -5.52
C TYR I 52 -29.46 42.24 -4.93
N GLY I 53 -29.20 42.18 -3.62
CA GLY I 53 -28.79 43.38 -2.91
C GLY I 53 -27.35 43.78 -3.19
N ASP I 54 -26.39 42.97 -2.75
CA ASP I 54 -24.98 43.33 -2.85
C ASP I 54 -24.38 43.05 -4.23
N ALA I 55 -25.14 42.43 -5.14
CA ALA I 55 -24.63 42.09 -6.45
C ALA I 55 -25.25 42.92 -7.58
N GLY I 56 -26.50 43.36 -7.43
CA GLY I 56 -27.16 44.13 -8.47
C GLY I 56 -27.59 43.31 -9.66
N SER I 57 -27.67 42.00 -9.48
CA SER I 57 -28.12 41.12 -10.56
C SER I 57 -29.63 41.24 -10.73
N THR I 58 -30.07 41.40 -11.98
CA THR I 58 -31.47 41.61 -12.30
C THR I 58 -31.95 40.53 -13.27
N ASP I 59 -33.08 39.90 -12.93
CA ASP I 59 -33.79 39.02 -13.84
C ASP I 59 -35.20 39.56 -14.03
N TYR I 60 -35.63 39.71 -15.28
CA TYR I 60 -36.97 40.33 -15.53
C TYR I 60 -37.81 39.45 -16.45
N ASN I 61 -39.13 39.70 -16.48
CA ASN I 61 -40.02 38.94 -17.40
C ASN I 61 -39.62 39.28 -18.84
N PRO I 62 -39.55 38.31 -19.77
CA PRO I 62 -39.09 38.57 -21.14
C PRO I 62 -40.01 39.58 -21.85
N SER I 63 -41.32 39.48 -21.62
CA SER I 63 -42.29 40.39 -22.30
C SER I 63 -42.01 41.83 -21.88
N LEU I 64 -41.70 42.06 -20.60
CA LEU I 64 -41.52 43.45 -20.11
C LEU I 64 -40.03 43.79 -19.97
N LYS I 65 -39.13 42.89 -20.41
CA LYS I 65 -37.71 43.14 -20.23
C LYS I 65 -37.27 44.45 -20.85
N SER I 66 -37.87 44.84 -21.98
CA SER I 66 -37.45 46.04 -22.69
C SER I 66 -37.89 47.34 -22.01
N ARG I 67 -38.78 47.27 -21.02
CA ARG I 67 -39.31 48.47 -20.39
C ARG I 67 -39.20 48.49 -18.87
N VAL I 68 -38.55 47.50 -18.26
CA VAL I 68 -38.38 47.44 -16.81
C VAL I 68 -36.88 47.48 -16.50
N THR I 69 -36.48 48.46 -15.68
CA THR I 69 -35.11 48.56 -15.20
C THR I 69 -35.15 48.79 -13.69
N ILE I 70 -34.36 48.02 -12.96
CA ILE I 70 -34.36 48.05 -11.49
C ILE I 70 -33.00 48.54 -11.01
N SER I 71 -33.02 49.55 -10.15
CA SER I 71 -31.82 50.02 -9.47
C SER I 71 -32.07 50.01 -7.98
N MET I 72 -30.97 49.97 -7.22
CA MET I 72 -31.05 49.95 -5.76
C MET I 72 -30.15 51.03 -5.19
N ASP I 73 -30.51 51.52 -4.00
CA ASP I 73 -29.74 52.53 -3.28
C ASP I 73 -29.47 51.98 -1.88
N LEU I 74 -28.21 51.63 -1.62
CA LEU I 74 -27.84 51.05 -0.34
C LEU I 74 -27.80 52.09 0.76
N SER I 75 -27.55 53.36 0.43
CA SER I 75 -27.48 54.41 1.43
C SER I 75 -28.86 54.75 1.98
N LYS I 76 -29.90 54.69 1.16
CA LYS I 76 -31.26 55.01 1.58
C LYS I 76 -32.08 53.78 1.96
N ASN I 77 -31.45 52.60 2.01
CA ASN I 77 -32.11 51.30 2.18
C ASN I 77 -33.21 51.13 1.13
N GLN I 78 -32.85 51.38 -0.13
CA GLN I 78 -33.82 51.67 -1.18
C GLN I 78 -33.58 50.79 -2.40
N PHE I 79 -34.69 50.34 -2.98
CA PHE I 79 -34.73 49.75 -4.32
C PHE I 79 -35.94 50.30 -5.05
N SER I 80 -35.82 50.48 -6.36
CA SER I 80 -36.77 51.29 -7.12
C SER I 80 -37.24 50.55 -8.36
N LEU I 81 -38.30 51.08 -8.96
CA LEU I 81 -38.93 50.57 -10.17
C LEU I 81 -38.98 51.66 -11.23
N ASP I 82 -38.57 51.34 -12.46
CA ASP I 82 -38.70 52.23 -13.60
C ASP I 82 -39.43 51.51 -14.72
N LEU I 83 -40.57 52.06 -15.14
CA LEU I 83 -41.38 51.50 -16.22
C LEU I 83 -41.59 52.59 -17.28
N THR I 84 -40.99 52.39 -18.45
CA THR I 84 -40.97 53.39 -19.51
C THR I 84 -42.11 53.14 -20.50
N SER I 85 -42.75 54.24 -20.93
CA SER I 85 -43.83 54.26 -21.93
C SER I 85 -45.02 53.41 -21.49
N VAL I 86 -45.68 53.85 -20.41
CA VAL I 86 -46.79 53.10 -19.86
C VAL I 86 -48.01 53.21 -20.77
N THR I 87 -48.86 52.18 -20.72
CA THR I 87 -50.10 52.12 -21.49
C THR I 87 -51.28 51.94 -20.54
N VAL I 88 -52.47 51.88 -21.12
CA VAL I 88 -53.69 51.69 -20.34
C VAL I 88 -53.77 50.28 -19.77
N ALA I 89 -53.07 49.31 -20.37
CA ALA I 89 -53.01 47.97 -19.82
C ALA I 89 -52.07 47.85 -18.63
N ASP I 90 -51.27 48.89 -18.35
CA ASP I 90 -50.34 48.89 -17.22
C ASP I 90 -50.98 49.39 -15.94
N THR I 91 -52.28 49.70 -15.95
CA THR I 91 -52.98 50.07 -14.73
C THR I 91 -53.12 48.86 -13.83
N ALA I 92 -52.45 48.89 -12.67
CA ALA I 92 -52.40 47.72 -11.80
C ALA I 92 -52.09 48.18 -10.38
N LEU I 93 -52.39 47.30 -9.43
CA LEU I 93 -52.01 47.48 -8.03
C LEU I 93 -50.62 46.89 -7.84
N TYR I 94 -49.71 47.66 -7.26
CA TYR I 94 -48.30 47.31 -7.28
C TYR I 94 -47.82 46.93 -5.88
N TYR I 95 -47.17 45.78 -5.79
CA TYR I 95 -46.63 45.26 -4.54
C TYR I 95 -45.12 45.15 -4.62
N CYS I 96 -44.43 45.49 -3.53
CA CYS I 96 -43.02 45.16 -3.40
C CYS I 96 -42.87 43.99 -2.44
N ALA I 97 -42.02 43.01 -2.77
CA ALA I 97 -41.98 41.79 -1.93
C ALA I 97 -40.57 41.44 -1.45
N SER I 98 -40.47 40.81 -0.27
CA SER I 98 -39.16 40.36 0.29
C SER I 98 -39.39 39.02 0.98
N ARG I 99 -38.35 38.22 1.21
CA ARG I 99 -38.57 36.87 1.80
C ARG I 99 -37.60 36.62 2.95
N THR I 100 -38.00 35.78 3.93
CA THR I 100 -37.07 35.41 5.04
C THR I 100 -35.89 34.65 4.43
N THR I 101 -36.16 33.77 3.46
CA THR I 101 -35.07 33.06 2.75
C THR I 101 -34.30 34.09 1.93
N VAL I 102 -32.99 33.93 1.77
CA VAL I 102 -32.20 34.99 1.07
C VAL I 102 -32.74 35.15 -0.35
N ALA I 103 -32.98 34.04 -1.06
CA ALA I 103 -33.62 34.15 -2.40
C ALA I 103 -34.72 33.09 -2.54
N ASP I 104 -35.97 33.51 -2.75
CA ASP I 104 -37.06 32.54 -3.01
C ASP I 104 -38.11 33.23 -3.89
N ASN I 105 -38.75 32.50 -4.79
CA ASN I 105 -39.84 33.12 -5.58
C ASN I 105 -40.98 33.48 -4.62
N TRP I 106 -41.29 32.59 -3.66
CA TRP I 106 -42.32 32.90 -2.64
C TRP I 106 -41.78 34.00 -1.72
N PHE I 107 -42.62 34.97 -1.37
CA PHE I 107 -42.14 36.10 -0.54
C PHE I 107 -42.81 36.07 0.83
N ASP I 108 -42.01 35.94 1.90
CA ASP I 108 -42.55 35.96 3.28
C ASP I 108 -43.13 37.34 3.58
N VAL I 109 -42.44 38.41 3.14
CA VAL I 109 -42.88 39.79 3.47
C VAL I 109 -43.60 40.41 2.26
N TRP I 110 -44.33 41.51 2.49
CA TRP I 110 -45.09 42.20 1.42
C TRP I 110 -45.59 43.57 1.89
N GLY I 111 -45.28 44.64 1.15
CA GLY I 111 -45.82 45.98 1.48
C GLY I 111 -47.32 46.04 1.34
N PRO I 112 -48.00 47.05 1.90
CA PRO I 112 -49.46 47.20 1.72
C PRO I 112 -49.74 47.37 0.22
N GLY I 113 -48.87 48.09 -0.49
CA GLY I 113 -49.04 48.26 -1.94
C GLY I 113 -49.63 49.61 -2.31
N VAL I 114 -49.41 50.06 -3.54
CA VAL I 114 -49.94 51.38 -4.00
C VAL I 114 -50.69 51.18 -5.31
N LEU I 115 -51.76 51.94 -5.53
CA LEU I 115 -52.55 51.80 -6.74
C LEU I 115 -52.08 52.82 -7.78
N VAL I 116 -51.87 52.36 -9.01
CA VAL I 116 -51.44 53.20 -10.12
C VAL I 116 -52.49 53.11 -11.23
N THR I 117 -53.03 54.26 -11.61
CA THR I 117 -54.03 54.33 -12.67
C THR I 117 -53.47 55.12 -13.84
N VAL I 118 -53.48 54.51 -15.03
CA VAL I 118 -53.00 55.15 -16.25
C VAL I 118 -54.22 55.54 -17.08
N SER I 119 -54.45 56.83 -17.21
CA SER I 119 -55.59 57.34 -17.96
C SER I 119 -55.29 58.76 -18.41
N SER I 120 -56.08 59.25 -19.36
CA SER I 120 -55.91 60.60 -19.87
C SER I 120 -56.88 61.58 -19.19
N ILE J 2 -44.75 28.00 -18.90
CA ILE J 2 -45.73 27.06 -18.38
C ILE J 2 -46.98 27.85 -17.96
N GLN J 3 -48.12 27.54 -18.58
CA GLN J 3 -49.35 28.29 -18.37
C GLN J 3 -50.25 27.56 -17.39
N MET J 4 -51.23 28.27 -16.87
CA MET J 4 -52.05 27.81 -15.76
C MET J 4 -53.54 27.81 -16.10
N THR J 5 -54.24 26.77 -15.64
CA THR J 5 -55.72 26.71 -15.80
C THR J 5 -56.32 26.50 -14.41
N GLN J 6 -56.65 27.58 -13.70
CA GLN J 6 -57.14 27.47 -12.29
C GLN J 6 -58.47 26.72 -12.25
N SER J 7 -58.66 25.89 -11.22
CA SER J 7 -59.92 25.11 -11.06
C SER J 7 -60.42 25.23 -9.62
N PRO J 8 -61.75 25.13 -9.35
CA PRO J 8 -62.77 25.77 -10.19
C PRO J 8 -62.78 27.29 -10.04
N SER J 9 -63.35 28.00 -11.02
CA SER J 9 -63.36 29.49 -10.99
C SER J 9 -64.15 30.00 -9.79
N SER J 10 -65.29 29.38 -9.47
CA SER J 10 -66.14 29.85 -8.35
C SER J 10 -66.76 28.66 -7.60
N LEU J 11 -67.10 28.86 -6.32
CA LEU J 11 -67.75 27.79 -5.51
C LEU J 11 -68.34 28.42 -4.24
N SER J 12 -69.66 28.33 -4.05
CA SER J 12 -70.25 28.87 -2.83
C SER J 12 -70.46 27.74 -1.83
N ALA J 13 -69.99 27.95 -0.61
CA ALA J 13 -70.10 26.94 0.44
C ALA J 13 -70.33 27.62 1.78
N SER J 14 -70.89 26.87 2.71
CA SER J 14 -71.21 27.36 4.05
C SER J 14 -70.10 27.02 5.03
N VAL J 15 -70.32 27.38 6.30
CA VAL J 15 -69.32 27.15 7.33
C VAL J 15 -69.31 25.69 7.72
N GLY J 16 -68.13 25.05 7.66
CA GLY J 16 -67.95 23.68 8.05
C GLY J 16 -67.84 22.71 6.88
N ASP J 17 -68.10 23.15 5.66
CA ASP J 17 -68.04 22.27 4.52
C ASP J 17 -66.60 22.06 4.07
N THR J 18 -66.42 21.10 3.16
CA THR J 18 -65.11 20.80 2.58
C THR J 18 -65.13 21.12 1.09
N VAL J 19 -64.20 21.95 0.65
CA VAL J 19 -64.08 22.36 -0.74
C VAL J 19 -62.70 21.96 -1.24
N THR J 20 -62.62 21.48 -2.48
CA THR J 20 -61.39 21.05 -3.10
C THR J 20 -61.13 21.90 -4.35
N ILE J 21 -59.93 22.47 -4.43
CA ILE J 21 -59.53 23.32 -5.55
C ILE J 21 -58.30 22.69 -6.17
N THR J 22 -58.35 22.45 -7.48
CA THR J 22 -57.27 21.76 -8.17
C THR J 22 -56.35 22.75 -8.87
N CYS J 23 -55.13 22.31 -9.11
CA CYS J 23 -54.07 23.13 -9.70
C CYS J 23 -53.37 22.29 -10.76
N ARG J 24 -53.62 22.60 -12.03
CA ARG J 24 -53.11 21.82 -13.15
C ARG J 24 -52.11 22.64 -13.95
N ALA J 25 -50.91 22.09 -14.12
CA ALA J 25 -49.85 22.72 -14.90
C ALA J 25 -49.69 22.03 -16.24
N THR J 26 -49.30 22.81 -17.25
CA THR J 26 -49.12 22.28 -18.60
C THR J 26 -47.86 21.44 -18.74
N GLN J 27 -46.92 21.55 -17.80
CA GLN J 27 -45.67 20.81 -17.86
C GLN J 27 -45.39 20.25 -16.48
N SER J 28 -44.59 19.18 -16.44
CA SER J 28 -44.23 18.56 -15.17
C SER J 28 -43.31 19.46 -14.36
N ILE J 29 -43.82 19.95 -13.23
CA ILE J 29 -43.10 20.92 -12.40
C ILE J 29 -42.69 20.30 -11.08
N SER J 30 -42.68 18.95 -11.02
CA SER J 30 -42.37 18.13 -9.84
C SER J 30 -43.34 18.53 -8.73
N SER J 31 -42.86 18.89 -7.53
CA SER J 31 -43.74 19.31 -6.44
C SER J 31 -43.38 20.70 -5.91
N LEU J 32 -42.77 21.55 -6.74
CA LEU J 32 -42.44 22.92 -6.33
C LEU J 32 -43.60 23.85 -6.66
N LEU J 33 -44.48 23.99 -5.67
CA LEU J 33 -45.69 24.80 -5.80
C LEU J 33 -45.95 25.52 -4.48
N ALA J 34 -46.51 26.72 -4.56
CA ALA J 34 -46.87 27.50 -3.39
C ALA J 34 -48.25 28.13 -3.58
N TRP J 35 -49.05 28.16 -2.52
CA TRP J 35 -50.42 28.66 -2.62
C TRP J 35 -50.58 29.92 -1.78
N TYR J 36 -51.50 30.79 -2.20
CA TYR J 36 -51.71 32.07 -1.54
C TYR J 36 -53.19 32.29 -1.24
N GLN J 37 -53.45 33.10 -0.22
CA GLN J 37 -54.81 33.44 0.20
C GLN J 37 -54.99 34.96 0.13
N TYR J 38 -55.76 35.42 -0.87
CA TYR J 38 -55.90 36.89 -1.08
C TYR J 38 -57.06 37.47 -0.27
N LYS J 39 -56.75 38.39 0.64
CA LYS J 39 -57.82 39.06 1.43
C LYS J 39 -58.03 40.45 0.80
N PRO J 40 -59.29 40.87 0.51
CA PRO J 40 -59.51 42.15 -0.18
C PRO J 40 -58.98 43.34 0.64
N GLY J 41 -58.33 44.29 -0.04
CA GLY J 41 -57.78 45.48 0.66
C GLY J 41 -56.54 45.15 1.45
N LYS J 42 -55.92 44.00 1.20
CA LYS J 42 -54.71 43.56 1.97
C LYS J 42 -53.81 42.70 1.09
N ALA J 43 -52.52 42.60 1.42
CA ALA J 43 -51.57 41.76 0.66
C ALA J 43 -51.91 40.27 0.87
N PRO J 44 -51.81 39.41 -0.16
CA PRO J 44 -52.05 37.97 0.00
C PRO J 44 -50.99 37.30 0.89
N LYS J 45 -51.41 36.29 1.67
CA LYS J 45 -50.47 35.60 2.60
C LYS J 45 -50.23 34.17 2.13
N LEU J 46 -49.01 33.65 2.31
CA LEU J 46 -48.71 32.28 1.92
C LEU J 46 -49.33 31.31 2.91
N LEU J 47 -49.94 30.24 2.40
CA LEU J 47 -50.50 29.19 3.25
C LEU J 47 -49.71 27.89 3.13
N ILE J 48 -49.51 27.41 1.91
CA ILE J 48 -48.79 26.16 1.66
C ILE J 48 -47.59 26.48 0.78
N TYR J 49 -46.42 26.00 1.18
CA TYR J 49 -45.27 25.99 0.31
C TYR J 49 -44.93 24.54 0.04
N GLN J 50 -44.21 24.32 -1.07
CA GLN J 50 -43.62 23.02 -1.45
C GLN J 50 -44.69 21.97 -1.75
N ALA J 51 -45.94 22.42 -1.98
CA ALA J 51 -47.12 21.68 -2.42
C ALA J 51 -47.66 20.69 -1.38
N SER J 52 -46.96 20.51 -0.25
CA SER J 52 -47.49 19.70 0.85
C SER J 52 -47.14 20.24 2.22
N SER J 53 -46.37 21.32 2.32
CA SER J 53 -45.79 21.73 3.59
C SER J 53 -46.47 23.01 4.10
N LEU J 54 -46.63 23.09 5.42
CA LEU J 54 -47.36 24.18 6.04
C LEU J 54 -46.42 25.30 6.45
N HIS J 55 -46.79 26.54 6.10
CA HIS J 55 -46.14 27.70 6.68
C HIS J 55 -46.52 27.78 8.15
N ILE J 56 -45.56 28.21 8.99
CA ILE J 56 -45.85 28.43 10.40
C ILE J 56 -46.90 29.52 10.57
N GLY J 57 -47.86 29.27 11.48
CA GLY J 57 -48.97 30.22 11.66
C GLY J 57 -50.21 29.77 10.90
N VAL J 58 -50.02 29.11 9.74
CA VAL J 58 -51.17 28.63 8.91
C VAL J 58 -51.89 27.50 9.64
N PRO J 59 -53.24 27.38 9.52
CA PRO J 59 -54.00 26.30 10.17
C PRO J 59 -53.68 24.91 9.60
N SER J 60 -53.66 23.89 10.48
CA SER J 60 -53.41 22.49 10.04
C SER J 60 -54.56 22.02 9.16
N ARG J 61 -55.79 22.46 9.46
CA ARG J 61 -56.94 22.12 8.63
C ARG J 61 -56.68 22.32 7.15
N PHE J 62 -55.69 23.15 6.79
CA PHE J 62 -55.36 23.36 5.39
C PHE J 62 -54.33 22.33 4.94
N SER J 63 -54.67 21.55 3.93
CA SER J 63 -53.82 20.45 3.50
C SER J 63 -53.82 20.36 1.98
N GLY J 64 -52.63 20.52 1.40
CA GLY J 64 -52.45 20.44 -0.05
C GLY J 64 -51.65 19.20 -0.42
N SER J 65 -51.86 18.73 -1.66
CA SER J 65 -51.19 17.53 -2.12
C SER J 65 -51.07 17.58 -3.64
N GLY J 66 -50.25 16.67 -4.18
CA GLY J 66 -50.08 16.55 -5.60
C GLY J 66 -48.64 16.57 -6.06
N SER J 67 -48.37 16.03 -7.24
CA SER J 67 -47.02 16.03 -7.80
C SER J 67 -47.14 15.98 -9.32
N GLY J 68 -46.07 16.40 -9.98
CA GLY J 68 -46.05 16.39 -11.44
C GLY J 68 -46.83 17.54 -12.04
N THR J 69 -48.01 17.22 -12.61
CA THR J 69 -48.87 18.23 -13.21
C THR J 69 -50.17 18.45 -12.46
N ASP J 70 -50.66 17.49 -11.69
CA ASP J 70 -51.94 17.59 -11.00
C ASP J 70 -51.73 17.84 -9.52
N PHE J 71 -52.39 18.87 -8.99
CA PHE J 71 -52.25 19.27 -7.60
C PHE J 71 -53.62 19.61 -7.04
N THR J 72 -53.79 19.41 -5.74
CA THR J 72 -55.04 19.71 -5.05
C THR J 72 -54.78 20.43 -3.73
N LEU J 73 -55.73 21.28 -3.32
CA LEU J 73 -55.81 21.77 -1.96
C LEU J 73 -57.16 21.38 -1.39
N THR J 74 -57.16 20.84 -0.19
CA THR J 74 -58.37 20.47 0.52
C THR J 74 -58.55 21.44 1.69
N ILE J 75 -59.70 22.12 1.72
CA ILE J 75 -60.03 23.05 2.77
C ILE J 75 -61.09 22.38 3.64
N SER J 76 -60.66 21.77 4.74
CA SER J 76 -61.56 21.06 5.64
C SER J 76 -61.96 21.97 6.80
N SER J 77 -63.22 21.85 7.22
CA SER J 77 -63.83 22.65 8.30
C SER J 77 -63.73 24.14 7.99
N LEU J 78 -64.44 24.54 6.94
CA LEU J 78 -64.41 25.91 6.42
C LEU J 78 -65.00 26.88 7.44
N GLN J 79 -64.37 28.04 7.59
CA GLN J 79 -64.80 29.06 8.52
C GLN J 79 -65.20 30.33 7.78
N SER J 80 -65.42 31.40 8.56
CA SER J 80 -65.81 32.67 7.98
C SER J 80 -64.61 33.50 7.54
N GLU J 81 -63.48 33.37 8.24
CA GLU J 81 -62.33 34.21 7.98
C GLU J 81 -61.57 33.83 6.71
N ASP J 82 -61.79 32.64 6.16
CA ASP J 82 -61.02 32.19 5.01
C ASP J 82 -61.81 32.16 3.70
N PHE J 83 -62.93 32.89 3.61
CA PHE J 83 -63.51 33.18 2.30
C PHE J 83 -62.62 34.16 1.57
N ALA J 84 -61.93 33.69 0.53
CA ALA J 84 -60.87 34.48 -0.09
C ALA J 84 -60.66 33.99 -1.52
N THR J 85 -59.56 34.46 -2.12
CA THR J 85 -59.16 34.06 -3.46
C THR J 85 -57.95 33.15 -3.38
N TYR J 86 -58.02 32.04 -4.10
CA TYR J 86 -57.00 30.99 -4.02
C TYR J 86 -56.11 31.04 -5.25
N TYR J 87 -54.80 30.99 -5.02
CA TYR J 87 -53.81 31.21 -6.06
C TYR J 87 -52.61 30.28 -5.84
N CYS J 88 -52.46 29.26 -6.69
CA CYS J 88 -51.29 28.40 -6.63
C CYS J 88 -50.21 28.94 -7.57
N GLN J 89 -48.97 28.91 -7.09
CA GLN J 89 -47.85 29.54 -7.77
C GLN J 89 -46.66 28.59 -7.82
N GLN J 90 -46.18 28.31 -9.03
CA GLN J 90 -44.99 27.49 -9.21
C GLN J 90 -43.76 28.39 -9.22
N HIS J 91 -42.60 27.80 -8.91
CA HIS J 91 -41.35 28.55 -8.88
C HIS J 91 -40.24 27.80 -9.61
N ASP J 92 -40.53 27.31 -10.82
CA ASP J 92 -39.50 26.65 -11.61
C ASP J 92 -39.02 27.52 -12.77
N SER J 93 -39.94 27.89 -13.66
CA SER J 93 -39.56 28.69 -14.85
C SER J 93 -39.44 30.16 -14.47
N ARG J 94 -38.66 30.94 -15.24
CA ARG J 94 -38.54 32.39 -14.98
C ARG J 94 -39.23 33.13 -16.14
N PRO J 95 -40.18 34.04 -15.88
CA PRO J 95 -40.65 34.31 -14.52
C PRO J 95 -41.78 33.40 -14.03
N TRP J 96 -42.11 33.48 -12.74
CA TRP J 96 -43.21 32.65 -12.17
C TRP J 96 -44.57 33.15 -12.67
N THR J 97 -45.55 32.26 -12.80
CA THR J 97 -46.90 32.64 -13.33
C THR J 97 -47.96 32.45 -12.24
N PHE J 98 -49.21 32.82 -12.52
CA PHE J 98 -50.29 32.66 -11.56
C PHE J 98 -51.52 32.06 -12.24
N GLY J 99 -52.52 31.74 -11.42
CA GLY J 99 -53.78 31.26 -11.95
C GLY J 99 -54.71 32.39 -12.34
N GLN J 100 -55.95 32.01 -12.66
CA GLN J 100 -56.98 33.03 -12.91
C GLN J 100 -57.77 33.36 -11.66
N GLY J 101 -57.52 32.67 -10.55
CA GLY J 101 -58.21 32.95 -9.30
C GLY J 101 -59.45 32.12 -9.08
N THR J 102 -59.61 31.59 -7.87
CA THR J 102 -60.79 30.84 -7.49
C THR J 102 -61.49 31.58 -6.36
N LYS J 103 -62.75 31.93 -6.59
CA LYS J 103 -63.52 32.70 -5.62
C LYS J 103 -64.41 31.77 -4.81
N VAL J 104 -64.31 31.87 -3.48
CA VAL J 104 -65.21 31.18 -2.58
C VAL J 104 -65.97 32.23 -1.78
N ASP J 105 -67.25 31.97 -1.52
CA ASP J 105 -68.14 32.95 -0.92
C ASP J 105 -69.10 32.22 0.01
N ILE J 106 -69.64 32.95 0.98
CA ILE J 106 -70.60 32.39 1.93
C ILE J 106 -71.92 32.12 1.21
N LYS J 107 -72.44 30.92 1.39
CA LYS J 107 -73.69 30.52 0.74
C LYS J 107 -74.90 31.18 1.40
N GLN K 1 -10.33 -19.79 -54.56
CA GLN K 1 -10.90 -20.87 -53.77
C GLN K 1 -9.99 -22.10 -53.77
N VAL K 2 -10.30 -23.04 -52.88
CA VAL K 2 -9.48 -24.25 -52.76
C VAL K 2 -10.12 -25.36 -53.58
N GLN K 3 -9.33 -25.95 -54.48
CA GLN K 3 -9.77 -27.06 -55.30
C GLN K 3 -8.85 -28.25 -55.09
N LEU K 4 -9.45 -29.43 -55.01
CA LEU K 4 -8.72 -30.68 -54.82
C LEU K 4 -9.04 -31.62 -55.97
N GLN K 5 -8.04 -32.40 -56.41
CA GLN K 5 -8.24 -33.38 -57.48
C GLN K 5 -7.45 -34.64 -57.14
N GLU K 6 -8.15 -35.77 -57.09
CA GLU K 6 -7.52 -37.06 -56.85
C GLU K 6 -6.99 -37.63 -58.17
N SER K 7 -5.86 -38.34 -58.07
CA SER K 7 -5.22 -38.95 -59.27
C SER K 7 -4.45 -40.20 -58.86
N GLY K 8 -5.10 -41.36 -58.87
CA GLY K 8 -4.46 -42.62 -58.47
C GLY K 8 -4.79 -43.76 -59.42
N PRO K 9 -4.00 -44.85 -59.47
CA PRO K 9 -4.33 -46.00 -60.31
C PRO K 9 -5.65 -46.63 -59.86
N GLY K 10 -6.50 -47.06 -60.80
CA GLY K 10 -7.83 -47.57 -60.43
C GLY K 10 -7.84 -49.07 -60.15
N LEU K 11 -6.79 -49.80 -60.56
CA LEU K 11 -6.80 -51.25 -60.39
C LEU K 11 -5.43 -51.69 -59.90
N VAL K 12 -5.39 -52.12 -58.64
CA VAL K 12 -4.09 -52.53 -58.01
C VAL K 12 -4.20 -53.97 -57.52
N LYS K 13 -3.11 -54.73 -57.63
CA LYS K 13 -3.10 -56.14 -57.15
C LYS K 13 -3.13 -56.15 -55.62
N PRO K 14 -3.68 -57.20 -54.97
CA PRO K 14 -3.66 -57.30 -53.51
C PRO K 14 -2.24 -57.54 -53.00
N SER K 15 -1.97 -57.22 -51.72
CA SER K 15 -0.61 -57.36 -51.14
C SER K 15 0.38 -56.46 -51.89
N GLU K 16 -0.06 -55.28 -52.30
CA GLU K 16 0.82 -54.31 -53.01
C GLU K 16 0.69 -52.94 -52.36
N THR K 17 1.74 -52.11 -52.47
CA THR K 17 1.72 -50.76 -51.85
C THR K 17 0.85 -49.82 -52.70
N LEU K 18 -0.25 -49.32 -52.12
CA LEU K 18 -1.12 -48.39 -52.83
C LEU K 18 -0.64 -46.96 -52.63
N SER K 19 -0.43 -46.25 -53.74
CA SER K 19 0.02 -44.86 -53.71
C SER K 19 -0.99 -44.02 -54.47
N LEU K 20 -1.57 -43.03 -53.79
CA LEU K 20 -2.59 -42.16 -54.38
C LEU K 20 -2.20 -40.70 -54.15
N THR K 21 -2.59 -39.85 -55.12
CA THR K 21 -2.14 -38.47 -55.17
C THR K 21 -3.33 -37.52 -55.17
N CYS K 22 -3.26 -36.50 -54.31
CA CYS K 22 -4.19 -35.37 -54.32
C CYS K 22 -3.37 -34.08 -54.40
N ALA K 23 -3.59 -33.31 -55.45
CA ALA K 23 -2.92 -32.03 -55.62
C ALA K 23 -3.83 -30.91 -55.13
N VAL K 24 -3.22 -29.83 -54.63
CA VAL K 24 -3.93 -28.70 -54.05
C VAL K 24 -3.69 -27.48 -54.92
N SER K 25 -4.77 -26.80 -55.29
CA SER K 25 -4.69 -25.58 -56.07
C SER K 25 -5.50 -24.47 -55.41
N GLY K 26 -4.99 -23.24 -55.53
CA GLY K 26 -5.68 -22.07 -55.01
C GLY K 26 -5.29 -21.66 -53.61
N ASP K 27 -4.52 -22.48 -52.89
CA ASP K 27 -4.09 -22.14 -51.55
C ASP K 27 -2.80 -22.89 -51.25
N SER K 28 -2.05 -22.36 -50.27
CA SER K 28 -0.78 -22.97 -49.88
C SER K 28 -1.02 -24.24 -49.08
N ILE K 29 0.01 -25.08 -49.00
CA ILE K 29 -0.10 -26.39 -48.36
C ILE K 29 0.15 -26.33 -46.87
N SER K 30 0.82 -25.29 -46.38
CA SER K 30 1.40 -25.28 -45.05
C SER K 30 0.49 -24.70 -43.97
N ASN K 31 -0.72 -24.24 -44.30
CA ASN K 31 -1.57 -23.57 -43.32
C ASN K 31 -2.97 -24.17 -43.24
N ASN K 32 -3.11 -25.46 -43.53
CA ASN K 32 -4.42 -26.10 -43.45
C ASN K 32 -4.18 -27.59 -43.18
N TYR K 33 -5.19 -28.21 -42.58
CA TYR K 33 -5.17 -29.66 -42.34
C TYR K 33 -5.59 -30.39 -43.61
N TRP K 34 -4.93 -31.50 -43.88
CA TRP K 34 -5.12 -32.24 -45.11
C TRP K 34 -5.47 -33.69 -44.77
N THR K 35 -6.51 -34.21 -45.42
CA THR K 35 -7.23 -35.38 -44.92
C THR K 35 -7.57 -36.33 -46.06
N TRP K 36 -7.39 -37.63 -45.81
CA TRP K 36 -7.84 -38.70 -46.71
C TRP K 36 -9.07 -39.39 -46.11
N ILE K 37 -10.09 -39.64 -46.95
CA ILE K 37 -11.32 -40.29 -46.55
C ILE K 37 -11.66 -41.37 -47.56
N ARG K 38 -11.96 -42.58 -47.09
CA ARG K 38 -12.36 -43.70 -47.91
C ARG K 38 -13.87 -43.88 -47.86
N HIS K 39 -14.44 -44.58 -48.86
CA HIS K 39 -15.91 -44.79 -48.91
C HIS K 39 -16.22 -46.07 -49.70
N PHE K 40 -16.20 -47.23 -49.04
CA PHE K 40 -16.46 -48.52 -49.74
C PHE K 40 -17.89 -48.53 -50.28
N PRO K 41 -18.12 -49.00 -51.53
CA PRO K 41 -19.48 -49.12 -52.06
C PRO K 41 -20.29 -50.15 -51.27
N GLY K 42 -21.56 -49.85 -51.00
CA GLY K 42 -22.40 -50.76 -50.20
C GLY K 42 -22.13 -50.60 -48.72
N LYS K 43 -21.31 -49.61 -48.35
CA LYS K 43 -20.98 -49.37 -46.92
C LYS K 43 -20.99 -47.85 -46.68
N GLY K 44 -20.21 -47.37 -45.70
CA GLY K 44 -20.17 -45.96 -45.43
C GLY K 44 -18.75 -45.43 -45.41
N LEU K 45 -18.62 -44.16 -45.01
CA LEU K 45 -17.33 -43.48 -44.94
C LEU K 45 -16.54 -43.98 -43.73
N GLU K 46 -15.21 -43.90 -43.84
CA GLU K 46 -14.33 -44.30 -42.76
C GLU K 46 -13.10 -43.40 -42.78
N TRP K 47 -12.55 -43.13 -41.59
CA TRP K 47 -11.39 -42.26 -41.46
C TRP K 47 -10.13 -43.00 -41.90
N ILE K 48 -9.20 -42.27 -42.52
CA ILE K 48 -7.88 -42.81 -42.85
C ILE K 48 -6.79 -42.15 -42.01
N GLY K 49 -6.63 -40.84 -42.13
CA GLY K 49 -5.59 -40.14 -41.42
C GLY K 49 -5.55 -38.69 -41.86
N ARG K 50 -4.64 -37.94 -41.23
CA ARG K 50 -4.48 -36.53 -41.58
C ARG K 50 -3.04 -36.11 -41.37
N ILE K 51 -2.67 -34.99 -42.00
CA ILE K 51 -1.36 -34.39 -41.85
C ILE K 51 -1.55 -32.89 -41.71
N TYR K 52 -0.63 -32.23 -41.00
CA TYR K 52 -0.57 -30.78 -40.93
C TYR K 52 0.55 -30.31 -41.85
N GLY K 53 0.42 -29.08 -42.36
CA GLY K 53 1.26 -28.66 -43.48
C GLY K 53 2.69 -28.37 -43.08
N ASP K 54 2.90 -27.31 -42.29
CA ASP K 54 4.25 -26.87 -41.96
C ASP K 54 4.90 -27.66 -40.83
N ALA K 55 4.16 -28.57 -40.20
CA ALA K 55 4.67 -29.34 -39.08
C ALA K 55 4.90 -30.82 -39.41
N GLY K 56 4.11 -31.39 -40.31
CA GLY K 56 4.26 -32.80 -40.65
C GLY K 56 3.73 -33.74 -39.59
N SER K 57 2.90 -33.23 -38.69
CA SER K 57 2.30 -34.07 -37.66
C SER K 57 1.21 -34.93 -38.26
N THR K 58 1.24 -36.22 -37.94
CA THR K 58 0.30 -37.18 -38.49
C THR K 58 -0.45 -37.89 -37.36
N ASP K 59 -1.79 -37.93 -37.49
CA ASP K 59 -2.64 -38.75 -36.64
C ASP K 59 -3.42 -39.71 -37.52
N TYR K 60 -3.39 -41.00 -37.18
CA TYR K 60 -4.05 -42.00 -38.06
C TYR K 60 -5.00 -42.90 -37.25
N ASN K 61 -5.90 -43.59 -37.94
CA ASN K 61 -6.82 -44.54 -37.26
C ASN K 61 -5.98 -45.65 -36.64
N PRO K 62 -6.26 -46.11 -35.40
CA PRO K 62 -5.43 -47.12 -34.74
C PRO K 62 -5.43 -48.45 -35.53
N SER K 63 -6.58 -48.83 -36.07
CA SER K 63 -6.69 -50.11 -36.83
C SER K 63 -5.77 -50.08 -38.05
N LEU K 64 -5.68 -48.94 -38.73
CA LEU K 64 -4.88 -48.87 -39.98
C LEU K 64 -3.53 -48.18 -39.72
N LYS K 65 -3.22 -47.86 -38.46
CA LYS K 65 -1.99 -47.13 -38.18
C LYS K 65 -0.75 -47.86 -38.71
N SER K 66 -0.77 -49.19 -38.68
CA SER K 66 0.40 -49.96 -39.09
C SER K 66 0.61 -50.00 -40.60
N ARG K 67 -0.35 -49.55 -41.40
CA ARG K 67 -0.26 -49.63 -42.84
C ARG K 67 -0.52 -48.31 -43.57
N VAL K 68 -0.68 -47.21 -42.86
CA VAL K 68 -0.91 -45.90 -43.47
C VAL K 68 0.23 -44.97 -43.06
N THR K 69 0.91 -44.40 -44.06
CA THR K 69 1.95 -43.40 -43.84
C THR K 69 1.70 -42.25 -44.79
N ILE K 70 1.72 -41.02 -44.25
CA ILE K 70 1.40 -39.81 -45.00
C ILE K 70 2.64 -38.94 -45.09
N SER K 71 2.99 -38.53 -46.30
CA SER K 71 4.06 -37.57 -46.54
C SER K 71 3.50 -36.42 -47.36
N MET K 72 4.18 -35.28 -47.29
CA MET K 72 3.78 -34.10 -48.03
C MET K 72 4.96 -33.53 -48.79
N ASP K 73 4.67 -32.86 -49.91
CA ASP K 73 5.67 -32.21 -50.74
C ASP K 73 5.26 -30.75 -50.90
N LEU K 74 6.01 -29.85 -50.26
CA LEU K 74 5.68 -28.43 -50.31
C LEU K 74 6.04 -27.81 -51.66
N SER K 75 7.03 -28.38 -52.36
CA SER K 75 7.43 -27.83 -53.65
C SER K 75 6.39 -28.09 -54.74
N LYS K 76 5.72 -29.24 -54.68
CA LYS K 76 4.72 -29.60 -55.66
C LYS K 76 3.30 -29.29 -55.23
N ASN K 77 3.12 -28.59 -54.10
CA ASN K 77 1.83 -28.36 -53.44
C ASN K 77 1.10 -29.70 -53.22
N GLN K 78 1.82 -30.65 -52.64
CA GLN K 78 1.46 -32.06 -52.72
C GLN K 78 1.43 -32.69 -51.35
N PHE K 79 0.43 -33.55 -51.14
CA PHE K 79 0.38 -34.50 -50.03
C PHE K 79 -0.11 -35.84 -50.58
N SER K 80 0.40 -36.93 -50.02
CA SER K 80 0.26 -38.25 -50.63
C SER K 80 -0.24 -39.28 -49.63
N LEU K 81 -0.64 -40.42 -50.17
CA LEU K 81 -1.15 -41.57 -49.41
C LEU K 81 -0.33 -42.81 -49.74
N ASP K 82 0.09 -43.54 -48.72
CA ASP K 82 0.75 -44.84 -48.89
C ASP K 82 0.02 -45.89 -48.06
N LEU K 83 -0.49 -46.92 -48.73
CA LEU K 83 -1.18 -48.02 -48.08
C LEU K 83 -0.50 -49.34 -48.47
N THR K 84 0.14 -49.97 -47.50
CA THR K 84 0.95 -51.17 -47.73
C THR K 84 0.13 -52.43 -47.50
N SER K 85 0.33 -53.42 -48.38
CA SER K 85 -0.29 -54.75 -48.33
C SER K 85 -1.81 -54.68 -48.35
N VAL K 86 -2.34 -54.21 -49.49
CA VAL K 86 -3.78 -54.02 -49.64
C VAL K 86 -4.48 -55.37 -49.75
N THR K 87 -5.73 -55.40 -49.31
CA THR K 87 -6.57 -56.59 -49.36
C THR K 87 -7.83 -56.28 -50.16
N VAL K 88 -8.69 -57.29 -50.29
CA VAL K 88 -9.95 -57.14 -51.02
C VAL K 88 -10.93 -56.26 -50.25
N ALA K 89 -10.76 -56.14 -48.93
CA ALA K 89 -11.60 -55.24 -48.14
C ALA K 89 -11.18 -53.79 -48.28
N ASP K 90 -10.04 -53.51 -48.90
CA ASP K 90 -9.56 -52.15 -49.10
C ASP K 90 -10.08 -51.51 -50.38
N THR K 91 -10.94 -52.21 -51.12
CA THR K 91 -11.58 -51.63 -52.29
C THR K 91 -12.58 -50.56 -51.85
N ALA K 92 -12.29 -49.31 -52.19
CA ALA K 92 -13.10 -48.20 -51.71
C ALA K 92 -12.94 -47.01 -52.65
N LEU K 93 -13.89 -46.09 -52.55
CA LEU K 93 -13.80 -44.80 -53.24
C LEU K 93 -13.07 -43.82 -52.34
N TYR K 94 -12.05 -43.16 -52.86
CA TYR K 94 -11.11 -42.42 -52.03
C TYR K 94 -11.27 -40.93 -52.24
N TYR K 95 -11.40 -40.19 -51.15
CA TYR K 95 -11.56 -38.74 -51.16
C TYR K 95 -10.39 -38.09 -50.43
N CYS K 96 -9.90 -36.98 -50.96
CA CYS K 96 -8.99 -36.11 -50.23
C CYS K 96 -9.74 -34.89 -49.74
N ALA K 97 -9.54 -34.48 -48.48
CA ALA K 97 -10.39 -33.38 -47.94
C ALA K 97 -9.56 -32.22 -47.35
N SER K 98 -10.10 -31.00 -47.41
CA SER K 98 -9.44 -29.81 -46.82
C SER K 98 -10.54 -28.92 -46.23
N ARG K 99 -10.20 -28.01 -45.32
CA ARG K 99 -11.26 -27.20 -44.66
C ARG K 99 -10.90 -25.71 -44.65
N THR K 100 -11.90 -24.83 -44.66
CA THR K 100 -11.64 -23.37 -44.55
C THR K 100 -10.98 -23.10 -43.20
N THR K 101 -11.46 -23.76 -42.13
CA THR K 101 -10.81 -23.64 -40.80
C THR K 101 -9.43 -24.30 -40.90
N VAL K 102 -8.44 -23.78 -40.18
CA VAL K 102 -7.06 -24.33 -40.33
C VAL K 102 -7.07 -25.82 -39.96
N ALA K 103 -7.72 -26.17 -38.85
CA ALA K 103 -7.86 -27.61 -38.51
C ALA K 103 -9.29 -27.91 -38.05
N ASP K 104 -10.00 -28.78 -38.77
CA ASP K 104 -11.36 -29.20 -38.32
C ASP K 104 -11.60 -30.62 -38.83
N ASN K 105 -12.32 -31.45 -38.06
CA ASN K 105 -12.67 -32.81 -38.59
C ASN K 105 -13.59 -32.62 -39.79
N TRP K 106 -14.55 -31.69 -39.70
CA TRP K 106 -15.44 -31.40 -40.85
C TRP K 106 -14.60 -30.73 -41.95
N PHE K 107 -14.82 -31.11 -43.21
CA PHE K 107 -14.00 -30.55 -44.30
C PHE K 107 -14.87 -29.70 -45.23
N ASP K 108 -14.55 -28.40 -45.34
CA ASP K 108 -15.30 -27.51 -46.26
C ASP K 108 -15.05 -27.94 -47.71
N VAL K 109 -13.81 -28.32 -48.03
CA VAL K 109 -13.47 -28.67 -49.44
C VAL K 109 -13.41 -30.20 -49.60
N TRP K 110 -13.43 -30.67 -50.86
CA TRP K 110 -13.41 -32.13 -51.15
C TRP K 110 -13.16 -32.37 -52.65
N GLY K 111 -12.14 -33.18 -52.98
CA GLY K 111 -11.89 -33.56 -54.39
C GLY K 111 -13.03 -34.39 -54.95
N PRO K 112 -13.15 -34.54 -56.29
CA PRO K 112 -14.17 -35.39 -56.89
C PRO K 112 -13.97 -36.84 -56.38
N GLY K 113 -12.71 -37.25 -56.25
CA GLY K 113 -12.41 -38.60 -55.71
C GLY K 113 -12.05 -39.58 -56.81
N VAL K 114 -11.34 -40.65 -56.45
CA VAL K 114 -10.91 -41.68 -57.45
C VAL K 114 -11.34 -43.06 -56.94
N LEU K 115 -11.70 -43.96 -57.85
CA LEU K 115 -12.12 -45.30 -57.44
C LEU K 115 -10.94 -46.26 -57.52
N VAL K 116 -10.75 -47.05 -56.47
CA VAL K 116 -9.68 -48.04 -56.40
C VAL K 116 -10.31 -49.41 -56.19
N THR K 117 -10.02 -50.33 -57.09
CA THR K 117 -10.53 -51.70 -57.02
C THR K 117 -9.37 -52.66 -56.82
N VAL K 118 -9.44 -53.47 -55.76
CA VAL K 118 -8.42 -54.47 -55.46
C VAL K 118 -8.99 -55.83 -55.82
N SER K 119 -8.42 -56.45 -56.86
CA SER K 119 -8.86 -57.75 -57.32
C SER K 119 -7.73 -58.43 -58.07
N SER K 120 -7.87 -59.72 -58.30
CA SER K 120 -6.87 -60.49 -59.02
C SER K 120 -7.26 -60.66 -60.48
N ASP L 1 -13.76 -46.61 -28.54
CA ASP L 1 -14.32 -45.93 -29.70
C ASP L 1 -15.83 -45.78 -29.57
N ILE L 2 -16.34 -44.60 -29.92
CA ILE L 2 -17.77 -44.33 -29.85
C ILE L 2 -18.42 -44.79 -31.15
N GLN L 3 -19.36 -45.73 -31.05
CA GLN L 3 -19.97 -46.33 -32.22
C GLN L 3 -21.32 -45.70 -32.50
N MET L 4 -21.83 -45.94 -33.70
CA MET L 4 -23.00 -45.24 -34.22
C MET L 4 -24.11 -46.21 -34.64
N THR L 5 -25.35 -45.83 -34.34
CA THR L 5 -26.52 -46.62 -34.80
C THR L 5 -27.44 -45.66 -35.56
N GLN L 6 -27.26 -45.56 -36.89
CA GLN L 6 -28.05 -44.57 -37.70
C GLN L 6 -29.55 -44.91 -37.67
N SER L 7 -30.40 -43.88 -37.60
CA SER L 7 -31.87 -44.08 -37.58
C SER L 7 -32.53 -43.15 -38.59
N PRO L 8 -33.71 -43.49 -39.16
CA PRO L 8 -33.98 -44.86 -39.65
C PRO L 8 -33.16 -45.21 -40.90
N SER L 9 -33.00 -46.51 -41.19
CA SER L 9 -32.19 -46.94 -42.35
C SER L 9 -32.81 -46.44 -43.66
N SER L 10 -34.14 -46.51 -43.78
CA SER L 10 -34.81 -46.11 -45.04
C SER L 10 -36.14 -45.40 -44.74
N LEU L 11 -36.61 -44.55 -45.67
CA LEU L 11 -37.91 -43.83 -45.50
C LEU L 11 -38.32 -43.24 -46.85
N SER L 12 -39.47 -43.66 -47.40
CA SER L 12 -39.92 -43.08 -48.65
C SER L 12 -40.95 -41.99 -48.37
N ALA L 13 -40.74 -40.81 -48.95
CA ALA L 13 -41.63 -39.68 -48.73
C ALA L 13 -41.74 -38.88 -50.03
N SER L 14 -42.83 -38.11 -50.13
CA SER L 14 -43.12 -37.31 -51.30
C SER L 14 -42.66 -35.87 -51.08
N VAL L 15 -42.91 -35.03 -52.08
CA VAL L 15 -42.49 -33.63 -52.03
C VAL L 15 -43.39 -32.85 -51.08
N GLY L 16 -42.78 -32.17 -50.11
CA GLY L 16 -43.50 -31.35 -49.16
C GLY L 16 -43.68 -31.96 -47.79
N ASP L 17 -43.35 -33.24 -47.63
CA ASP L 17 -43.53 -33.90 -46.35
C ASP L 17 -42.39 -33.56 -45.39
N THR L 18 -42.57 -33.94 -44.14
CA THR L 18 -41.56 -33.74 -43.10
C THR L 18 -41.06 -35.09 -42.61
N VAL L 19 -39.74 -35.28 -42.67
CA VAL L 19 -39.10 -36.52 -42.24
C VAL L 19 -38.11 -36.18 -41.13
N THR L 20 -38.04 -37.04 -40.12
CA THR L 20 -37.13 -36.86 -38.99
C THR L 20 -36.17 -38.04 -38.93
N ILE L 21 -34.88 -37.73 -38.85
CA ILE L 21 -33.83 -38.75 -38.79
C ILE L 21 -33.04 -38.52 -37.51
N THR L 22 -32.92 -39.56 -36.69
CA THR L 22 -32.29 -39.43 -35.39
C THR L 22 -30.83 -39.91 -35.44
N CYS L 23 -30.05 -39.41 -34.50
CA CYS L 23 -28.62 -39.66 -34.42
C CYS L 23 -28.28 -39.98 -32.98
N ARG L 24 -28.01 -41.25 -32.67
CA ARG L 24 -27.79 -41.71 -31.31
C ARG L 24 -26.35 -42.18 -31.15
N ALA L 25 -25.66 -41.61 -30.17
CA ALA L 25 -24.28 -41.97 -29.86
C ALA L 25 -24.22 -42.81 -28.58
N THR L 26 -23.23 -43.70 -28.54
CA THR L 26 -23.08 -44.59 -27.39
C THR L 26 -22.51 -43.87 -26.17
N GLN L 27 -21.91 -42.70 -26.35
CA GLN L 27 -21.31 -41.94 -25.25
C GLN L 27 -21.72 -40.49 -25.40
N SER L 28 -21.69 -39.76 -24.28
CA SER L 28 -22.05 -38.35 -24.28
C SER L 28 -20.99 -37.53 -25.03
N ILE L 29 -21.40 -36.96 -26.16
CA ILE L 29 -20.47 -36.25 -27.05
C ILE L 29 -20.79 -34.76 -27.06
N SER L 30 -21.54 -34.30 -26.05
CA SER L 30 -22.04 -32.92 -25.88
C SER L 30 -22.85 -32.55 -27.12
N SER L 31 -22.54 -31.45 -27.81
CA SER L 31 -23.25 -31.07 -29.03
C SER L 31 -22.31 -30.88 -30.22
N LEU L 32 -21.16 -31.55 -30.23
CA LEU L 32 -20.23 -31.49 -31.36
C LEU L 32 -20.57 -32.57 -32.38
N LEU L 33 -21.42 -32.20 -33.33
CA LEU L 33 -21.91 -33.10 -34.36
C LEU L 33 -22.03 -32.33 -35.67
N ALA L 34 -21.77 -33.03 -36.78
CA ALA L 34 -21.90 -32.45 -38.11
C ALA L 34 -22.60 -33.43 -39.04
N TRP L 35 -23.47 -32.92 -39.91
CA TRP L 35 -24.26 -33.78 -40.78
C TRP L 35 -23.88 -33.54 -42.23
N TYR L 36 -24.04 -34.58 -43.06
CA TYR L 36 -23.64 -34.52 -44.47
C TYR L 36 -24.77 -35.01 -45.37
N GLN L 37 -24.77 -34.52 -46.61
CA GLN L 37 -25.75 -34.89 -47.62
C GLN L 37 -25.05 -35.51 -48.82
N TYR L 38 -25.17 -36.82 -48.99
CA TYR L 38 -24.41 -37.52 -50.07
C TYR L 38 -25.20 -37.55 -51.37
N LYS L 39 -24.66 -36.93 -52.42
CA LYS L 39 -25.31 -36.97 -53.76
C LYS L 39 -24.57 -38.01 -54.59
N PRO L 40 -25.26 -38.95 -55.27
CA PRO L 40 -24.57 -40.02 -56.00
C PRO L 40 -23.68 -39.47 -57.12
N GLY L 41 -22.47 -40.02 -57.26
CA GLY L 41 -21.54 -39.56 -58.31
C GLY L 41 -20.91 -38.22 -57.96
N LYS L 42 -21.00 -37.80 -56.69
CA LYS L 42 -20.45 -36.48 -56.27
C LYS L 42 -20.01 -36.53 -54.81
N ALA L 43 -19.12 -35.63 -54.40
CA ALA L 43 -18.66 -35.58 -52.99
C ALA L 43 -19.80 -35.11 -52.08
N PRO L 44 -19.95 -35.65 -50.85
CA PRO L 44 -20.98 -35.19 -49.92
C PRO L 44 -20.73 -33.75 -49.44
N LYS L 45 -21.80 -32.99 -49.20
CA LYS L 45 -21.65 -31.57 -48.77
C LYS L 45 -22.15 -31.42 -47.33
N LEU L 46 -21.50 -30.56 -46.54
CA LEU L 46 -21.94 -30.32 -45.17
C LEU L 46 -23.20 -29.47 -45.16
N LEU L 47 -24.16 -29.85 -44.33
CA LEU L 47 -25.39 -29.08 -44.15
C LEU L 47 -25.47 -28.42 -42.78
N ILE L 48 -25.28 -29.20 -41.72
CA ILE L 48 -25.36 -28.70 -40.35
C ILE L 48 -24.02 -28.99 -39.69
N TYR L 49 -23.44 -27.97 -39.06
CA TYR L 49 -22.31 -28.16 -38.16
C TYR L 49 -22.80 -27.80 -36.76
N GLN L 50 -22.09 -28.33 -35.76
CA GLN L 50 -22.24 -27.98 -34.33
C GLN L 50 -23.62 -28.39 -33.79
N ALA L 51 -24.30 -29.29 -34.52
CA ALA L 51 -25.56 -29.97 -34.19
C ALA L 51 -26.79 -29.05 -34.15
N SER L 52 -26.60 -27.73 -34.31
CA SER L 52 -27.71 -26.81 -34.44
C SER L 52 -27.45 -25.66 -35.40
N SER L 53 -26.27 -25.56 -35.98
CA SER L 53 -25.86 -24.36 -36.71
C SER L 53 -25.81 -24.63 -38.21
N LEU L 54 -26.21 -23.63 -38.99
CA LEU L 54 -26.33 -23.79 -40.43
C LEU L 54 -25.04 -23.35 -41.13
N HIS L 55 -24.58 -24.18 -42.07
CA HIS L 55 -23.54 -23.77 -42.99
C HIS L 55 -24.14 -22.73 -43.93
N ILE L 56 -23.33 -21.74 -44.31
CA ILE L 56 -23.76 -20.75 -45.29
C ILE L 56 -24.03 -21.43 -46.63
N GLY L 57 -25.13 -21.03 -47.28
CA GLY L 57 -25.54 -21.68 -48.54
C GLY L 57 -26.61 -22.74 -48.29
N VAL L 58 -26.56 -23.41 -47.14
CA VAL L 58 -27.55 -24.48 -46.81
C VAL L 58 -28.93 -23.86 -46.58
N PRO L 59 -30.04 -24.54 -46.97
CA PRO L 59 -31.39 -24.02 -46.75
C PRO L 59 -31.79 -23.90 -45.27
N SER L 60 -32.54 -22.85 -44.91
CA SER L 60 -33.01 -22.68 -43.51
C SER L 60 -33.99 -23.80 -43.16
N ARG L 61 -34.79 -24.25 -44.14
CA ARG L 61 -35.71 -25.35 -43.92
C ARG L 61 -35.05 -26.53 -43.23
N PHE L 62 -33.73 -26.64 -43.29
CA PHE L 62 -33.01 -27.73 -42.63
C PHE L 62 -32.66 -27.31 -41.22
N SER L 63 -33.13 -28.09 -40.24
CA SER L 63 -32.96 -27.71 -38.84
C SER L 63 -32.66 -28.94 -38.01
N GLY L 64 -31.49 -28.95 -37.37
CA GLY L 64 -31.06 -30.04 -36.51
C GLY L 64 -31.03 -29.62 -35.06
N SER L 65 -31.16 -30.59 -34.17
CA SER L 65 -31.19 -30.32 -32.74
C SER L 65 -30.72 -31.54 -31.97
N GLY L 66 -30.45 -31.34 -30.69
CA GLY L 66 -30.04 -32.41 -29.81
C GLY L 66 -28.77 -32.14 -29.04
N SER L 67 -28.59 -32.84 -27.92
CA SER L 67 -27.39 -32.70 -27.11
C SER L 67 -27.15 -34.00 -26.36
N GLY L 68 -25.92 -34.20 -25.93
CA GLY L 68 -25.56 -35.40 -25.20
C GLY L 68 -25.42 -36.61 -26.08
N THR L 69 -26.40 -37.52 -26.02
CA THR L 69 -26.38 -38.72 -26.84
C THR L 69 -27.47 -38.77 -27.90
N ASP L 70 -28.58 -38.04 -27.73
CA ASP L 70 -29.71 -38.10 -28.66
C ASP L 70 -29.73 -36.83 -29.50
N PHE L 71 -29.81 -37.01 -30.82
CA PHE L 71 -29.80 -35.91 -31.77
C PHE L 71 -30.83 -36.18 -32.86
N THR L 72 -31.38 -35.09 -33.42
CA THR L 72 -32.37 -35.18 -34.49
C THR L 72 -32.07 -34.18 -35.60
N LEU L 73 -32.45 -34.53 -36.82
CA LEU L 73 -32.55 -33.58 -37.91
C LEU L 73 -33.98 -33.61 -38.44
N THR L 74 -34.56 -32.43 -38.60
CA THR L 74 -35.89 -32.28 -39.17
C THR L 74 -35.76 -31.69 -40.56
N ILE L 75 -36.32 -32.39 -41.54
CA ILE L 75 -36.30 -31.94 -42.94
C ILE L 75 -37.72 -31.50 -43.27
N SER L 76 -37.97 -30.19 -43.16
CA SER L 76 -39.29 -29.64 -43.42
C SER L 76 -39.37 -29.14 -44.86
N SER L 77 -40.55 -29.33 -45.48
CA SER L 77 -40.84 -28.95 -46.87
C SER L 77 -39.85 -29.61 -47.84
N LEU L 78 -39.96 -30.93 -47.89
CA LEU L 78 -39.06 -31.77 -48.68
C LEU L 78 -39.22 -31.49 -50.17
N GLN L 79 -38.10 -31.42 -50.89
CA GLN L 79 -38.08 -31.16 -52.32
C GLN L 79 -37.53 -32.36 -53.08
N SER L 80 -37.30 -32.13 -54.38
CA SER L 80 -36.76 -33.19 -55.23
C SER L 80 -35.25 -33.26 -55.19
N GLU L 81 -34.58 -32.12 -54.98
CA GLU L 81 -33.12 -32.07 -55.04
C GLU L 81 -32.43 -32.66 -53.82
N ASP L 82 -33.15 -32.85 -52.71
CA ASP L 82 -32.52 -33.33 -51.49
C ASP L 82 -32.87 -34.78 -51.13
N PHE L 83 -33.33 -35.59 -52.08
CA PHE L 83 -33.35 -37.04 -51.88
C PHE L 83 -31.90 -37.54 -51.92
N ALA L 84 -31.38 -37.95 -50.77
CA ALA L 84 -29.95 -38.22 -50.65
C ALA L 84 -29.71 -39.17 -49.48
N THR L 85 -28.45 -39.31 -49.11
CA THR L 85 -28.04 -40.13 -47.99
C THR L 85 -27.59 -39.24 -46.83
N TYR L 86 -28.10 -39.52 -45.64
CA TYR L 86 -27.90 -38.68 -44.48
C TYR L 86 -26.87 -39.31 -43.55
N TYR L 87 -25.91 -38.50 -43.11
CA TYR L 87 -24.75 -38.99 -42.36
C TYR L 87 -24.36 -37.98 -41.29
N CYS L 88 -24.62 -38.30 -40.02
CA CYS L 88 -24.18 -37.45 -38.93
C CYS L 88 -22.80 -37.91 -38.45
N GLN L 89 -21.94 -36.94 -38.17
CA GLN L 89 -20.53 -37.19 -37.88
C GLN L 89 -20.11 -36.40 -36.66
N GLN L 90 -19.60 -37.09 -35.65
CA GLN L 90 -19.05 -36.46 -34.45
C GLN L 90 -17.57 -36.18 -34.66
N HIS L 91 -17.04 -35.21 -33.91
CA HIS L 91 -15.63 -34.85 -34.00
C HIS L 91 -15.01 -34.72 -32.62
N ASP L 92 -15.23 -35.71 -31.76
CA ASP L 92 -14.60 -35.70 -30.44
C ASP L 92 -13.46 -36.71 -30.35
N SER L 93 -13.77 -37.98 -30.55
CA SER L 93 -12.75 -39.06 -30.43
C SER L 93 -11.92 -39.14 -31.71
N ARG L 94 -10.69 -39.66 -31.61
CA ARG L 94 -9.85 -39.84 -32.82
C ARG L 94 -9.71 -41.34 -33.08
N PRO L 95 -10.03 -41.84 -34.30
CA PRO L 95 -10.56 -41.00 -35.37
C PRO L 95 -12.08 -40.82 -35.35
N TRP L 96 -12.61 -39.93 -36.18
CA TRP L 96 -14.08 -39.70 -36.26
C TRP L 96 -14.77 -40.89 -36.93
N THR L 97 -16.02 -41.17 -36.57
CA THR L 97 -16.76 -42.34 -37.13
C THR L 97 -17.96 -41.85 -37.96
N PHE L 98 -18.69 -42.78 -38.58
CA PHE L 98 -19.86 -42.42 -39.37
C PHE L 98 -21.02 -43.36 -39.05
N GLY L 99 -22.19 -43.04 -39.60
CA GLY L 99 -23.34 -43.91 -39.47
C GLY L 99 -23.36 -45.00 -40.51
N GLN L 100 -24.49 -45.72 -40.54
CA GLN L 100 -24.68 -46.71 -41.60
C GLN L 100 -25.43 -46.13 -42.81
N GLY L 101 -25.87 -44.87 -42.73
CA GLY L 101 -26.54 -44.23 -43.84
C GLY L 101 -28.04 -44.36 -43.79
N THR L 102 -28.75 -43.26 -44.05
CA THR L 102 -30.20 -43.25 -44.12
C THR L 102 -30.61 -42.86 -45.53
N LYS L 103 -31.37 -43.73 -46.19
CA LYS L 103 -31.78 -43.52 -47.56
C LYS L 103 -33.19 -42.94 -47.60
N VAL L 104 -33.36 -41.84 -48.31
CA VAL L 104 -34.68 -41.27 -48.58
C VAL L 104 -34.88 -41.27 -50.10
N ASP L 105 -36.11 -41.56 -50.52
CA ASP L 105 -36.41 -41.77 -51.93
C ASP L 105 -37.80 -41.20 -52.21
N ILE L 106 -38.04 -40.86 -53.47
CA ILE L 106 -39.34 -40.33 -53.88
C ILE L 106 -40.37 -41.46 -53.84
N LYS L 107 -41.51 -41.18 -53.20
CA LYS L 107 -42.57 -42.17 -53.06
C LYS L 107 -43.32 -42.37 -54.38
#